data_7X5K
#
_entry.id   7X5K
#
_cell.length_a   1.00
_cell.length_b   1.00
_cell.length_c   1.00
_cell.angle_alpha   90.00
_cell.angle_beta   90.00
_cell.angle_gamma   90.00
#
_symmetry.space_group_name_H-M   'P 1'
#
loop_
_entity.id
_entity.type
_entity.pdbx_description
1 polymer 'DNA (43-MER)'
2 polymer 'DNA (43-MER)'
3 polymer 'Flax rust resistance protein'
#
loop_
_entity_poly.entity_id
_entity_poly.type
_entity_poly.pdbx_seq_one_letter_code
_entity_poly.pdbx_strand_id
1 'polydeoxyribonucleotide'
;(DT)(DT)(DA)(DA)(DT)(DT)(DA)(DA)(DT)(DT)(DA)(DT)(DA)(DA)(DT)(DT)(DA)(DA)(DT)(DT)
(DA)(DT)(DT)(DA)(DA)(DT)(DT)(DA)(DA)(DT)(DT)(DA)(DT)(DT)(DA)(DA)(DT)(DT)(DA)(DA)
(DT)(DT)(DA)
;
B,Q
2 'polydeoxyribonucleotide'
;(DT)(DA)(DA)(DT)(DT)(DA)(DA)(DT)(DT)(DA)(DA)(DT)(DA)(DA)(DT)(DT)(DA)(DA)(DT)(DT)
(DA)(DA)(DT)(DA)(DA)(DT)(DT)(DA)(DA)(DT)(DT)(DA)(DT)(DA)(DA)(DT)(DT)(DA)(DA)(DT)
(DT)(DA)(DA)
;
E,S
3 'polypeptide(L)'
;NSKDSIVNDDDDSTSEVDAIPDSTNPSGSFPSVEYDVFLSFRGPDTRKQFTDFLYHFLCYYKIHTFRDDDELRKGKEIGP
NLLRAIDQSKIYVPIISSGYADSKWCLMELAEIVRRQEEDPRRIILPIFYMVDPSDVRHQTGCYKKAFRKHANKFDGQTI
QNWKDALKKVGDLKGWHIGKDDEQGAIADKVSADIWSHISKENL
;
C,A,I,D,M,F,J,P,N,G,K,R,O,H,L,T
#
# COMPACT_ATOMS: atom_id res chain seq x y z
N VAL E 33 -33.97 -30.74 27.52
CA VAL E 33 -32.55 -30.94 27.67
C VAL E 33 -31.95 -31.29 26.31
N GLU E 34 -32.79 -31.80 25.41
CA GLU E 34 -32.41 -32.09 24.04
C GLU E 34 -32.98 -31.01 23.11
N TYR E 35 -32.63 -31.11 21.84
CA TYR E 35 -33.01 -30.11 20.85
C TYR E 35 -34.34 -30.50 20.22
N ASP E 36 -35.24 -29.53 20.10
CA ASP E 36 -36.53 -29.75 19.45
C ASP E 36 -36.65 -29.06 18.10
N VAL E 37 -35.68 -28.23 17.72
CA VAL E 37 -35.71 -27.49 16.47
C VAL E 37 -34.28 -27.31 15.98
N PHE E 38 -34.06 -27.61 14.70
CA PHE E 38 -32.72 -27.51 14.12
C PHE E 38 -32.82 -26.68 12.84
N LEU E 39 -31.97 -25.67 12.71
CA LEU E 39 -32.00 -24.75 11.59
C LEU E 39 -30.93 -25.11 10.56
N SER E 40 -30.92 -24.38 9.45
CA SER E 40 -29.93 -24.53 8.40
C SER E 40 -30.08 -23.39 7.41
N PHE E 41 -28.99 -22.76 7.00
CA PHE E 41 -29.07 -21.53 6.21
C PHE E 41 -27.76 -21.32 5.48
N ARG E 42 -27.63 -20.16 4.86
CA ARG E 42 -26.42 -19.75 4.15
C ARG E 42 -25.51 -19.07 5.15
N GLY E 43 -24.22 -18.96 4.79
CA GLY E 43 -23.28 -18.27 5.64
C GLY E 43 -23.47 -16.78 5.67
N PRO E 44 -22.84 -16.07 4.74
CA PRO E 44 -22.79 -14.60 4.85
C PRO E 44 -24.10 -13.91 4.54
N ASP E 45 -25.06 -14.60 3.94
CA ASP E 45 -26.26 -13.94 3.43
C ASP E 45 -27.23 -13.56 4.55
N THR E 46 -27.76 -14.55 5.26
CA THR E 46 -28.82 -14.33 6.24
C THR E 46 -28.41 -14.71 7.65
N ARG E 47 -27.11 -14.72 7.96
CA ARG E 47 -26.67 -15.11 9.30
C ARG E 47 -26.94 -14.00 10.31
N LYS E 48 -26.88 -12.74 9.87
CA LYS E 48 -27.01 -11.62 10.78
C LYS E 48 -28.21 -10.74 10.50
N GLN E 49 -29.03 -11.07 9.50
CA GLN E 49 -30.11 -10.16 9.12
C GLN E 49 -31.47 -10.65 9.61
N PHE E 50 -31.94 -11.78 9.10
CA PHE E 50 -33.27 -12.26 9.45
C PHE E 50 -33.25 -13.48 10.35
N THR E 51 -32.34 -14.42 10.09
CA THR E 51 -32.32 -15.69 10.87
C THR E 51 -31.90 -15.41 12.31
N ASP E 52 -31.20 -14.30 12.57
CA ASP E 52 -30.71 -14.07 13.96
C ASP E 52 -31.91 -13.96 14.90
N PHE E 53 -32.96 -13.25 14.49
CA PHE E 53 -34.17 -13.08 15.34
C PHE E 53 -34.92 -14.40 15.43
N LEU E 54 -34.73 -15.28 14.45
CA LEU E 54 -35.38 -16.62 14.51
C LEU E 54 -34.83 -17.33 15.76
N TYR E 55 -33.63 -16.92 16.19
CA TYR E 55 -33.03 -17.50 17.42
C TYR E 55 -33.39 -16.66 18.66
N HIS E 56 -33.58 -15.34 18.52
CA HIS E 56 -33.80 -14.55 19.76
C HIS E 56 -35.30 -14.46 20.07
N PHE E 57 -36.15 -14.32 19.04
CA PHE E 57 -37.58 -14.31 19.26
C PHE E 57 -38.08 -15.69 19.70
N LEU E 58 -37.51 -16.75 19.13
CA LEU E 58 -37.98 -18.08 19.44
C LEU E 58 -37.68 -18.46 20.88
N CYS E 59 -36.53 -18.05 21.40
CA CYS E 59 -36.16 -18.38 22.77
C CYS E 59 -37.12 -17.76 23.78
N TYR E 60 -37.97 -16.84 23.35
CA TYR E 60 -38.95 -16.25 24.25
C TYR E 60 -40.18 -17.11 24.41
N TYR E 61 -40.29 -18.22 23.67
CA TYR E 61 -41.38 -19.17 23.84
C TYR E 61 -40.95 -20.41 24.60
N LYS E 62 -39.83 -20.34 25.34
CA LYS E 62 -39.38 -21.41 26.22
C LYS E 62 -39.16 -22.72 25.48
N ILE E 63 -38.44 -22.66 24.36
CA ILE E 63 -38.03 -23.86 23.64
C ILE E 63 -36.57 -23.71 23.26
N HIS E 64 -35.84 -24.83 23.32
CA HIS E 64 -34.40 -24.83 23.08
C HIS E 64 -34.14 -24.95 21.57
N THR E 65 -33.40 -23.98 21.03
CA THR E 65 -33.14 -23.92 19.59
C THR E 65 -31.66 -24.11 19.33
N PHE E 66 -31.34 -24.76 18.21
CA PHE E 66 -29.96 -25.03 17.83
C PHE E 66 -29.65 -24.27 16.54
N ARG E 67 -28.61 -23.44 16.58
CA ARG E 67 -28.02 -22.86 15.39
C ARG E 67 -26.52 -22.93 15.53
N ASP E 68 -25.82 -23.12 14.42
CA ASP E 68 -24.37 -23.28 14.45
C ASP E 68 -23.70 -22.40 13.40
N ASP E 69 -22.52 -21.90 13.75
CA ASP E 69 -21.75 -21.03 12.87
C ASP E 69 -20.36 -21.57 12.55
N ASP E 70 -19.87 -22.57 13.27
CA ASP E 70 -18.57 -23.14 12.99
C ASP E 70 -18.50 -23.66 11.55
N GLU E 71 -17.46 -23.24 10.84
CA GLU E 71 -17.29 -23.57 9.43
C GLU E 71 -16.94 -25.02 9.20
N LEU E 72 -16.82 -25.84 10.26
CA LEU E 72 -16.47 -27.26 10.17
C LEU E 72 -15.17 -27.36 9.37
N ARG E 73 -15.17 -27.96 8.18
CA ARG E 73 -14.00 -28.23 7.35
C ARG E 73 -13.00 -29.15 8.02
N LYS E 74 -13.15 -29.44 9.31
CA LYS E 74 -12.25 -30.35 10.01
C LYS E 74 -12.57 -31.79 9.60
N GLY E 75 -12.16 -32.10 8.37
CA GLY E 75 -12.53 -33.36 7.74
C GLY E 75 -13.49 -33.11 6.60
N LYS E 76 -14.51 -33.95 6.48
CA LYS E 76 -15.57 -33.74 5.49
C LYS E 76 -16.96 -33.77 6.07
N GLU E 77 -17.18 -34.44 7.21
CA GLU E 77 -18.47 -34.41 7.90
C GLU E 77 -18.23 -34.77 9.36
N ILE E 78 -18.58 -33.87 10.26
CA ILE E 78 -18.29 -34.03 11.68
C ILE E 78 -19.42 -34.85 12.29
N GLY E 79 -19.08 -35.68 13.27
CA GLY E 79 -20.03 -36.58 13.88
C GLY E 79 -20.67 -36.01 15.13
N PRO E 80 -19.88 -35.86 16.20
CA PRO E 80 -20.47 -35.46 17.49
C PRO E 80 -21.15 -34.10 17.46
N ASN E 81 -20.99 -33.33 16.40
CA ASN E 81 -21.66 -32.04 16.31
C ASN E 81 -22.93 -32.15 15.49
N LEU E 82 -22.81 -32.11 14.16
CA LEU E 82 -23.99 -32.11 13.31
C LEU E 82 -24.74 -33.42 13.37
N LEU E 83 -24.03 -34.54 13.16
CA LEU E 83 -24.70 -35.84 13.11
C LEU E 83 -25.43 -36.15 14.41
N ARG E 84 -24.91 -35.67 15.54
CA ARG E 84 -25.60 -35.89 16.80
C ARG E 84 -26.94 -35.16 16.84
N ALA E 85 -26.92 -33.85 16.60
CA ALA E 85 -28.13 -33.05 16.72
C ALA E 85 -29.16 -33.38 15.66
N ILE E 86 -28.72 -33.87 14.50
CA ILE E 86 -29.66 -34.21 13.43
C ILE E 86 -30.66 -35.24 13.93
N ASP E 87 -30.17 -36.35 14.48
CA ASP E 87 -31.06 -37.37 15.03
C ASP E 87 -31.76 -36.90 16.30
N GLN E 88 -31.22 -35.89 16.98
CA GLN E 88 -31.83 -35.37 18.19
C GLN E 88 -32.92 -34.36 17.92
N SER E 89 -32.94 -33.74 16.75
CA SER E 89 -33.91 -32.69 16.44
C SER E 89 -35.31 -33.27 16.33
N LYS E 90 -36.29 -32.38 16.28
CA LYS E 90 -37.69 -32.80 16.19
C LYS E 90 -38.43 -32.18 15.02
N ILE E 91 -38.17 -30.92 14.68
CA ILE E 91 -38.78 -30.27 13.52
C ILE E 91 -37.65 -29.62 12.73
N TYR E 92 -37.17 -30.30 11.70
CA TYR E 92 -36.15 -29.72 10.84
C TYR E 92 -36.74 -28.57 10.03
N VAL E 93 -36.22 -27.37 10.23
CA VAL E 93 -36.76 -26.19 9.57
C VAL E 93 -35.67 -25.48 8.77
N PRO E 94 -35.42 -25.86 7.53
CA PRO E 94 -34.44 -25.15 6.71
C PRO E 94 -34.93 -23.76 6.36
N ILE E 95 -34.02 -22.96 5.81
CA ILE E 95 -34.32 -21.60 5.35
C ILE E 95 -33.56 -21.42 4.05
N ILE E 96 -34.18 -21.77 2.93
CA ILE E 96 -33.53 -21.65 1.63
C ILE E 96 -33.41 -20.18 1.26
N SER E 97 -32.22 -19.78 0.83
CA SER E 97 -31.95 -18.40 0.45
C SER E 97 -31.72 -18.30 -1.06
N SER E 98 -31.05 -17.22 -1.46
CA SER E 98 -30.80 -17.00 -2.89
C SER E 98 -29.53 -17.72 -3.34
N GLY E 99 -28.50 -17.73 -2.49
CA GLY E 99 -27.26 -18.40 -2.82
C GLY E 99 -27.02 -19.62 -1.96
N TYR E 100 -28.09 -20.39 -1.70
CA TYR E 100 -27.99 -21.59 -0.90
C TYR E 100 -27.44 -22.78 -1.66
N ALA E 101 -27.12 -22.63 -2.94
CA ALA E 101 -26.71 -23.75 -3.76
C ALA E 101 -25.23 -23.74 -4.10
N ASP E 102 -24.42 -22.93 -3.42
CA ASP E 102 -23.01 -22.82 -3.74
C ASP E 102 -22.12 -23.48 -2.70
N SER E 103 -22.43 -23.33 -1.41
CA SER E 103 -21.59 -23.88 -0.36
C SER E 103 -21.59 -25.40 -0.42
N LYS E 104 -20.40 -25.98 -0.58
CA LYS E 104 -20.24 -27.42 -0.71
C LYS E 104 -20.71 -28.18 0.52
N TRP E 105 -20.87 -27.50 1.66
CA TRP E 105 -21.32 -28.18 2.88
C TRP E 105 -22.84 -28.23 3.00
N CYS E 106 -23.53 -27.15 2.60
CA CYS E 106 -24.96 -27.06 2.88
C CYS E 106 -25.74 -28.14 2.13
N LEU E 107 -25.56 -28.23 0.81
CA LEU E 107 -26.36 -29.14 0.01
C LEU E 107 -26.24 -30.57 0.51
N MET E 108 -25.01 -31.08 0.59
CA MET E 108 -24.81 -32.45 1.03
C MET E 108 -25.31 -32.67 2.45
N GLU E 109 -25.40 -31.60 3.24
CA GLU E 109 -26.02 -31.71 4.54
C GLU E 109 -27.54 -31.79 4.42
N LEU E 110 -28.12 -31.00 3.52
CA LEU E 110 -29.56 -31.07 3.28
C LEU E 110 -29.94 -32.44 2.76
N ALA E 111 -29.05 -33.07 1.98
CA ALA E 111 -29.31 -34.43 1.51
C ALA E 111 -29.43 -35.40 2.66
N GLU E 112 -28.88 -35.06 3.83
CA GLU E 112 -29.04 -35.90 5.00
C GLU E 112 -30.30 -35.58 5.80
N ILE E 113 -30.85 -34.38 5.62
CA ILE E 113 -32.10 -34.04 6.30
C ILE E 113 -33.24 -34.79 5.63
N VAL E 114 -33.51 -34.49 4.37
CA VAL E 114 -34.69 -35.02 3.71
C VAL E 114 -34.60 -36.53 3.56
N ARG E 115 -33.39 -37.09 3.64
CA ARG E 115 -33.26 -38.54 3.56
C ARG E 115 -33.66 -39.20 4.87
N ARG E 116 -33.20 -38.65 6.00
CA ARG E 116 -33.61 -39.19 7.30
C ARG E 116 -35.10 -38.98 7.52
N GLN E 117 -35.68 -37.94 6.93
CA GLN E 117 -37.10 -37.68 7.10
C GLN E 117 -37.95 -38.75 6.42
N GLU E 118 -37.51 -39.22 5.24
CA GLU E 118 -38.31 -40.17 4.49
C GLU E 118 -38.36 -41.54 5.14
N GLU E 119 -37.45 -41.84 6.06
CA GLU E 119 -37.46 -43.15 6.72
C GLU E 119 -38.47 -43.15 7.86
N ASP E 120 -38.48 -42.10 8.68
CA ASP E 120 -39.48 -41.97 9.75
C ASP E 120 -40.30 -40.72 9.49
N PRO E 121 -41.57 -40.85 9.11
CA PRO E 121 -42.39 -39.65 8.85
C PRO E 121 -43.00 -39.07 10.11
N ARG E 122 -42.50 -39.47 11.28
CA ARG E 122 -42.99 -38.88 12.52
C ARG E 122 -42.66 -37.39 12.61
N ARG E 123 -41.57 -36.97 11.99
CA ARG E 123 -41.15 -35.58 11.96
C ARG E 123 -41.55 -34.93 10.64
N ILE E 124 -41.35 -33.61 10.56
CA ILE E 124 -41.87 -32.81 9.46
C ILE E 124 -40.79 -31.84 9.00
N ILE E 125 -41.14 -31.04 7.98
CA ILE E 125 -40.26 -30.05 7.40
C ILE E 125 -41.11 -28.84 7.00
N LEU E 126 -40.69 -27.65 7.41
CA LEU E 126 -41.44 -26.42 7.16
C LEU E 126 -40.53 -25.39 6.48
N PRO E 127 -40.22 -25.60 5.21
CA PRO E 127 -39.28 -24.69 4.52
C PRO E 127 -39.82 -23.28 4.44
N ILE E 128 -38.91 -22.33 4.29
CA ILE E 128 -39.26 -20.92 4.20
C ILE E 128 -38.45 -20.30 3.07
N PHE E 129 -39.08 -20.11 1.91
CA PHE E 129 -38.41 -19.48 0.79
C PHE E 129 -38.08 -18.03 1.16
N TYR E 130 -37.14 -17.45 0.43
CA TYR E 130 -36.58 -16.16 0.82
C TYR E 130 -36.04 -15.46 -0.41
N MET E 131 -36.67 -14.34 -0.79
CA MET E 131 -36.16 -13.47 -1.86
C MET E 131 -35.96 -14.23 -3.16
N VAL E 132 -36.63 -15.37 -3.29
CA VAL E 132 -36.48 -16.20 -4.49
C VAL E 132 -37.84 -16.74 -4.86
N ASP E 133 -37.99 -17.16 -6.11
CA ASP E 133 -39.24 -17.72 -6.56
C ASP E 133 -39.38 -19.16 -6.07
N PRO E 134 -40.60 -19.62 -5.86
CA PRO E 134 -40.80 -21.04 -5.59
C PRO E 134 -40.83 -21.86 -6.86
N SER E 135 -40.12 -21.39 -7.87
CA SER E 135 -39.95 -22.12 -9.13
C SER E 135 -38.50 -22.40 -9.47
N ASP E 136 -37.56 -21.59 -8.97
CA ASP E 136 -36.14 -21.82 -9.15
C ASP E 136 -35.59 -22.83 -8.16
N VAL E 137 -36.46 -23.57 -7.48
CA VAL E 137 -36.02 -24.54 -6.48
C VAL E 137 -36.36 -25.97 -6.88
N ARG E 138 -37.26 -26.12 -7.86
CA ARG E 138 -37.72 -27.47 -8.26
C ARG E 138 -36.91 -27.96 -9.49
N HIS E 139 -36.19 -27.05 -10.16
CA HIS E 139 -35.47 -27.42 -11.38
C HIS E 139 -34.07 -26.81 -11.44
N GLN E 140 -33.61 -26.17 -10.36
CA GLN E 140 -32.24 -25.69 -10.22
C GLN E 140 -31.82 -24.76 -11.35
N THR E 141 -32.78 -24.18 -12.06
CA THR E 141 -32.47 -23.24 -13.13
C THR E 141 -32.55 -21.81 -12.60
N GLY E 142 -32.19 -20.86 -13.45
CA GLY E 142 -32.26 -19.45 -13.08
C GLY E 142 -30.97 -18.97 -12.40
N CYS E 143 -31.02 -18.83 -11.07
CA CYS E 143 -29.89 -18.37 -10.28
C CYS E 143 -29.01 -19.50 -9.76
N TYR E 144 -29.34 -20.74 -10.08
CA TYR E 144 -28.55 -21.88 -9.68
C TYR E 144 -27.76 -22.50 -10.82
N LYS E 145 -28.06 -22.11 -12.06
CA LYS E 145 -27.39 -22.71 -13.22
C LYS E 145 -25.88 -22.46 -13.17
N LYS E 146 -25.48 -21.24 -12.84
CA LYS E 146 -24.06 -20.97 -12.68
C LYS E 146 -23.46 -21.81 -11.57
N ALA E 147 -24.24 -22.12 -10.54
CA ALA E 147 -23.73 -22.89 -9.41
C ALA E 147 -23.35 -24.30 -9.83
N PHE E 148 -24.27 -25.01 -10.48
CA PHE E 148 -23.99 -26.36 -10.91
C PHE E 148 -23.23 -26.41 -12.24
N ARG E 149 -22.89 -25.26 -12.81
CA ARG E 149 -22.05 -25.24 -14.01
C ARG E 149 -20.60 -25.54 -13.66
N LYS E 150 -20.18 -25.16 -12.44
CA LYS E 150 -18.82 -25.42 -11.98
C LYS E 150 -18.74 -26.55 -10.97
N HIS E 151 -19.84 -26.89 -10.30
CA HIS E 151 -19.84 -28.01 -9.37
C HIS E 151 -19.72 -29.36 -10.06
N ALA E 152 -19.91 -29.41 -11.38
CA ALA E 152 -19.87 -30.66 -12.11
C ALA E 152 -18.47 -31.04 -12.59
N ASN E 153 -17.47 -30.22 -12.30
CA ASN E 153 -16.11 -30.50 -12.72
C ASN E 153 -15.26 -31.10 -11.60
N LYS E 154 -15.83 -31.30 -10.42
CA LYS E 154 -15.09 -31.83 -9.27
C LYS E 154 -15.61 -33.17 -8.80
N PHE E 155 -16.90 -33.29 -8.51
CA PHE E 155 -17.45 -34.44 -7.83
C PHE E 155 -17.90 -35.51 -8.82
N ASP E 156 -18.58 -36.54 -8.32
CA ASP E 156 -19.02 -37.65 -9.14
C ASP E 156 -20.17 -37.20 -10.04
N GLY E 157 -20.49 -38.02 -11.03
CA GLY E 157 -21.62 -37.75 -11.90
C GLY E 157 -22.91 -38.31 -11.36
N GLN E 158 -22.84 -38.95 -10.20
CA GLN E 158 -24.04 -39.45 -9.52
C GLN E 158 -24.34 -38.71 -8.23
N THR E 159 -23.32 -38.21 -7.52
CA THR E 159 -23.57 -37.44 -6.31
C THR E 159 -24.35 -36.17 -6.62
N ILE E 160 -24.10 -35.57 -7.78
CA ILE E 160 -24.84 -34.36 -8.14
C ILE E 160 -26.29 -34.68 -8.39
N GLN E 161 -26.58 -35.78 -9.08
CA GLN E 161 -27.96 -36.21 -9.26
C GLN E 161 -28.62 -36.55 -7.93
N ASN E 162 -27.84 -36.89 -6.91
CA ASN E 162 -28.41 -37.13 -5.60
C ASN E 162 -28.89 -35.84 -4.95
N TRP E 163 -28.16 -34.75 -5.15
CA TRP E 163 -28.59 -33.46 -4.61
C TRP E 163 -29.84 -32.96 -5.32
N LYS E 164 -29.81 -32.93 -6.64
CA LYS E 164 -30.95 -32.41 -7.40
C LYS E 164 -32.21 -33.23 -7.15
N ASP E 165 -32.07 -34.48 -6.73
CA ASP E 165 -33.24 -35.27 -6.38
C ASP E 165 -33.75 -34.91 -4.99
N ALA E 166 -32.86 -34.52 -4.08
CA ALA E 166 -33.28 -34.14 -2.74
C ALA E 166 -33.71 -32.69 -2.69
N LEU E 167 -32.98 -31.80 -3.36
CA LEU E 167 -33.35 -30.39 -3.34
C LEU E 167 -34.71 -30.15 -3.98
N LYS E 168 -35.11 -31.01 -4.91
CA LYS E 168 -36.38 -30.83 -5.59
C LYS E 168 -37.55 -31.05 -4.64
N LYS E 169 -37.54 -32.16 -3.91
CA LYS E 169 -38.71 -32.52 -3.10
C LYS E 169 -38.94 -31.51 -1.98
N VAL E 170 -37.90 -30.77 -1.59
CA VAL E 170 -38.10 -29.73 -0.58
C VAL E 170 -39.03 -28.64 -1.11
N GLY E 171 -38.93 -28.32 -2.40
CA GLY E 171 -39.72 -27.27 -2.98
C GLY E 171 -41.13 -27.67 -3.35
N ASP E 172 -41.68 -28.67 -2.68
CA ASP E 172 -43.07 -29.07 -2.87
C ASP E 172 -43.91 -28.99 -1.60
N LEU E 173 -43.31 -28.93 -0.43
CA LEU E 173 -44.07 -28.83 0.80
C LEU E 173 -44.56 -27.41 1.00
N LYS E 174 -45.28 -27.21 2.12
CA LYS E 174 -45.84 -25.86 2.43
C LYS E 174 -44.71 -24.91 2.81
N GLY E 175 -44.89 -23.62 2.57
CA GLY E 175 -43.86 -22.63 2.88
C GLY E 175 -44.27 -21.18 2.72
N TRP E 176 -43.95 -20.37 3.73
CA TRP E 176 -44.22 -18.94 3.68
C TRP E 176 -43.24 -18.26 2.74
N HIS E 177 -43.72 -17.77 1.60
CA HIS E 177 -42.90 -16.95 0.74
C HIS E 177 -42.80 -15.55 1.31
N ILE E 178 -41.60 -14.98 1.28
CA ILE E 178 -41.34 -13.64 1.79
C ILE E 178 -40.95 -12.77 0.61
N GLY E 179 -41.89 -11.94 0.16
CA GLY E 179 -41.59 -11.05 -0.96
C GLY E 179 -40.81 -9.83 -0.54
N LYS E 180 -40.56 -8.95 -1.51
CA LYS E 180 -39.76 -7.75 -1.29
C LYS E 180 -40.40 -6.79 -0.30
N ASP E 181 -41.71 -6.87 -0.09
CA ASP E 181 -42.40 -5.90 0.75
C ASP E 181 -42.92 -6.47 2.06
N ASP E 182 -43.04 -7.80 2.17
CA ASP E 182 -43.60 -8.38 3.39
C ASP E 182 -42.74 -8.00 4.59
N GLU E 183 -43.40 -7.81 5.72
CA GLU E 183 -42.72 -7.38 6.95
C GLU E 183 -41.83 -8.49 7.47
N GLN E 184 -40.53 -8.22 7.59
CA GLN E 184 -39.61 -9.19 8.15
C GLN E 184 -39.88 -9.47 9.62
N GLY E 185 -40.84 -8.77 10.21
CA GLY E 185 -41.12 -8.94 11.66
C GLY E 185 -42.41 -9.70 11.90
N ALA E 186 -43.49 -9.33 11.21
CA ALA E 186 -44.80 -9.98 11.43
C ALA E 186 -44.72 -11.46 11.01
N ILE E 187 -43.98 -11.75 9.93
CA ILE E 187 -43.83 -13.16 9.47
C ILE E 187 -43.24 -13.99 10.62
N ALA E 188 -42.18 -13.50 11.26
CA ALA E 188 -41.53 -14.23 12.38
C ALA E 188 -42.57 -14.65 13.41
N ASP E 189 -43.39 -13.71 13.88
CA ASP E 189 -44.37 -14.03 14.96
C ASP E 189 -45.35 -15.08 14.45
N LYS E 190 -45.82 -14.93 13.20
CA LYS E 190 -46.79 -15.88 12.62
C LYS E 190 -46.16 -17.27 12.50
N VAL E 191 -44.90 -17.34 12.07
CA VAL E 191 -44.28 -18.67 11.84
C VAL E 191 -43.87 -19.29 13.18
N SER E 192 -43.53 -18.47 14.17
CA SER E 192 -43.07 -19.04 15.43
C SER E 192 -44.18 -19.82 16.12
N ALA E 193 -45.39 -19.24 16.18
CA ALA E 193 -46.50 -19.89 16.85
C ALA E 193 -46.84 -21.23 16.18
N ASP E 194 -46.68 -21.30 14.86
CA ASP E 194 -46.92 -22.57 14.16
C ASP E 194 -45.90 -23.61 14.56
N ILE E 195 -44.73 -23.19 15.04
CA ILE E 195 -43.78 -24.14 15.62
C ILE E 195 -44.13 -24.41 17.07
N TRP E 196 -44.74 -23.43 17.75
CA TRP E 196 -45.14 -23.62 19.13
C TRP E 196 -46.48 -24.32 19.27
N SER E 197 -47.30 -24.32 18.21
CA SER E 197 -48.57 -25.02 18.28
C SER E 197 -48.38 -26.53 18.25
N HIS E 198 -47.35 -27.01 17.55
CA HIS E 198 -47.09 -28.43 17.46
C HIS E 198 -46.34 -28.97 18.67
N ILE E 199 -46.10 -28.14 19.69
CA ILE E 199 -45.39 -28.56 20.89
C ILE E 199 -46.32 -28.61 22.10
N SER E 200 -47.11 -27.55 22.30
CA SER E 200 -48.03 -27.53 23.44
C SER E 200 -49.13 -28.56 23.29
N LYS E 201 -49.81 -28.57 22.15
CA LYS E 201 -50.86 -29.55 21.90
C LYS E 201 -50.32 -30.93 21.61
N GLU E 202 -49.07 -31.03 21.15
CA GLU E 202 -48.43 -32.31 20.83
C GLU E 202 -49.24 -33.12 19.83
N VAL F 33 -53.98 0.83 28.64
CA VAL F 33 -54.98 1.33 27.72
C VAL F 33 -54.40 2.50 26.93
N GLU F 34 -53.37 3.13 27.50
CA GLU F 34 -52.64 4.21 26.84
C GLU F 34 -51.29 3.67 26.35
N TYR F 35 -50.56 4.53 25.66
CA TYR F 35 -49.30 4.14 25.04
C TYR F 35 -48.16 4.40 26.01
N ASP F 36 -47.26 3.44 26.14
CA ASP F 36 -46.09 3.58 26.98
C ASP F 36 -44.78 3.71 26.21
N VAL F 37 -44.83 3.54 24.88
CA VAL F 37 -43.63 3.60 24.04
C VAL F 37 -44.05 4.13 22.67
N PHE F 38 -43.30 5.11 22.17
CA PHE F 38 -43.60 5.72 20.88
C PHE F 38 -42.33 5.72 20.04
N LEU F 39 -42.44 5.23 18.81
CA LEU F 39 -41.30 5.09 17.92
C LEU F 39 -41.26 6.22 16.91
N SER F 40 -40.20 6.23 16.10
CA SER F 40 -40.02 7.20 15.02
C SER F 40 -38.85 6.77 14.16
N PHE F 41 -39.01 6.80 12.84
CA PHE F 41 -38.00 6.22 11.96
C PHE F 41 -38.14 6.83 10.57
N ARG F 42 -37.41 6.26 9.62
CA ARG F 42 -37.45 6.66 8.21
C ARG F 42 -38.55 5.86 7.54
N GLY F 43 -38.99 6.32 6.37
CA GLY F 43 -39.99 5.61 5.61
C GLY F 43 -39.46 4.34 4.98
N PRO F 44 -38.91 4.46 3.78
CA PRO F 44 -38.59 3.24 3.00
C PRO F 44 -37.40 2.48 3.52
N ASP F 45 -36.58 3.07 4.38
CA ASP F 45 -35.31 2.47 4.75
C ASP F 45 -35.48 1.28 5.71
N THR F 46 -35.99 1.55 6.91
CA THR F 46 -36.05 0.54 7.95
C THR F 46 -37.47 0.21 8.39
N ARG F 47 -38.46 0.43 7.52
CA ARG F 47 -39.85 0.16 7.91
C ARG F 47 -40.13 -1.34 7.91
N LYS F 48 -39.39 -2.10 7.10
CA LYS F 48 -39.55 -3.57 7.15
C LYS F 48 -38.19 -4.22 7.44
N GLN F 49 -37.10 -3.47 7.27
CA GLN F 49 -35.74 -4.06 7.41
C GLN F 49 -35.46 -4.56 8.84
N PHE F 50 -35.85 -3.81 9.87
CA PHE F 50 -35.50 -4.22 11.26
C PHE F 50 -36.54 -3.71 12.26
N THR F 51 -37.02 -2.47 12.15
CA THR F 51 -37.96 -1.95 13.20
C THR F 51 -39.20 -2.85 13.31
N ASP F 52 -39.59 -3.50 12.21
CA ASP F 52 -40.82 -4.33 12.22
C ASP F 52 -40.67 -5.50 13.20
N PHE F 53 -39.49 -6.14 13.21
CA PHE F 53 -39.26 -7.28 14.12
C PHE F 53 -39.36 -6.78 15.56
N LEU F 54 -38.78 -5.62 15.83
CA LEU F 54 -38.79 -5.05 17.20
C LEU F 54 -40.24 -4.81 17.63
N TYR F 55 -41.08 -4.29 16.73
CA TYR F 55 -42.51 -4.12 17.09
C TYR F 55 -43.16 -5.46 17.48
N HIS F 56 -42.88 -6.56 16.78
CA HIS F 56 -43.47 -7.91 16.99
C HIS F 56 -42.78 -8.57 18.19
N PHE F 57 -41.48 -8.38 18.38
CA PHE F 57 -40.80 -8.92 19.56
C PHE F 57 -41.25 -8.20 20.82
N LEU F 58 -41.46 -6.89 20.73
CA LEU F 58 -41.81 -6.13 21.92
C LEU F 58 -43.19 -6.51 22.44
N CYS F 59 -44.13 -6.77 21.53
CA CYS F 59 -45.48 -7.13 21.95
C CYS F 59 -45.51 -8.43 22.74
N TYR F 60 -44.42 -9.19 22.73
CA TYR F 60 -44.35 -10.42 23.49
C TYR F 60 -44.01 -10.17 24.96
N TYR F 61 -43.71 -8.94 25.33
CA TYR F 61 -43.49 -8.59 26.73
C TYR F 61 -44.68 -7.86 27.36
N LYS F 62 -45.86 -7.99 26.74
CA LYS F 62 -47.11 -7.48 27.31
C LYS F 62 -47.06 -5.98 27.56
N ILE F 63 -46.62 -5.22 26.56
CA ILE F 63 -46.66 -3.77 26.60
C ILE F 63 -47.18 -3.26 25.27
N HIS F 64 -47.97 -2.18 25.33
CA HIS F 64 -48.63 -1.65 24.14
C HIS F 64 -47.67 -0.69 23.44
N THR F 65 -47.42 -0.94 22.17
CA THR F 65 -46.46 -0.16 21.39
C THR F 65 -47.19 0.57 20.26
N PHE F 66 -46.71 1.77 19.94
CA PHE F 66 -47.29 2.59 18.88
C PHE F 66 -46.30 2.76 17.76
N ARG F 67 -46.68 2.37 16.55
CA ARG F 67 -45.94 2.72 15.34
C ARG F 67 -46.95 3.13 14.29
N ASP F 68 -46.57 4.07 13.43
CA ASP F 68 -47.49 4.59 12.44
C ASP F 68 -46.82 4.65 11.07
N ASP F 69 -47.63 4.42 10.04
CA ASP F 69 -47.16 4.41 8.67
C ASP F 69 -47.88 5.41 7.77
N ASP F 70 -49.01 5.97 8.20
CA ASP F 70 -49.73 6.96 7.40
C ASP F 70 -48.83 8.14 7.08
N GLU F 71 -48.77 8.49 5.80
CA GLU F 71 -47.90 9.55 5.31
C GLU F 71 -48.36 10.94 5.73
N LEU F 72 -49.46 11.05 6.47
CA LEU F 72 -50.01 12.34 6.92
C LEU F 72 -50.20 13.22 5.69
N ARG F 73 -49.47 14.32 5.56
CA ARG F 73 -49.59 15.31 4.49
C ARG F 73 -50.97 15.99 4.47
N LYS F 74 -51.94 15.49 5.23
CA LYS F 74 -53.27 16.10 5.30
C LYS F 74 -53.18 17.37 6.13
N GLY F 75 -52.58 18.39 5.53
CA GLY F 75 -52.26 19.61 6.23
C GLY F 75 -50.76 19.74 6.39
N LYS F 76 -50.31 20.19 7.57
CA LYS F 76 -48.89 20.24 7.88
C LYS F 76 -48.53 19.55 9.19
N GLU F 77 -49.46 19.41 10.14
CA GLU F 77 -49.22 18.65 11.35
C GLU F 77 -50.57 18.25 11.92
N ILE F 78 -50.79 16.94 12.06
CA ILE F 78 -52.08 16.39 12.46
C ILE F 78 -52.13 16.40 13.98
N GLY F 79 -53.31 16.64 14.54
CA GLY F 79 -53.48 16.75 15.97
C GLY F 79 -53.88 15.45 16.62
N PRO F 80 -55.11 15.00 16.35
CA PRO F 80 -55.63 13.82 17.07
C PRO F 80 -54.82 12.56 16.87
N ASN F 81 -53.87 12.56 15.92
CA ASN F 81 -53.04 11.38 15.71
C ASN F 81 -51.71 11.54 16.44
N LEU F 82 -50.76 12.25 15.82
CA LEU F 82 -49.42 12.35 16.38
C LEU F 82 -49.43 13.15 17.68
N LEU F 83 -50.01 14.36 17.65
CA LEU F 83 -49.96 15.22 18.83
C LEU F 83 -50.60 14.57 20.04
N ARG F 84 -51.62 13.74 19.81
CA ARG F 84 -52.24 13.05 20.94
C ARG F 84 -51.28 12.06 21.57
N ALA F 85 -50.72 11.15 20.78
CA ALA F 85 -49.88 10.09 21.33
C ALA F 85 -48.57 10.62 21.88
N ILE F 86 -48.09 11.74 21.37
CA ILE F 86 -46.83 12.32 21.85
C ILE F 86 -46.92 12.59 23.34
N ASP F 87 -47.95 13.32 23.77
CA ASP F 87 -48.16 13.58 25.19
C ASP F 87 -48.56 12.33 25.95
N GLN F 88 -49.10 11.32 25.26
CA GLN F 88 -49.52 10.09 25.92
C GLN F 88 -48.38 9.10 26.10
N SER F 89 -47.29 9.23 25.35
CA SER F 89 -46.19 8.28 25.41
C SER F 89 -45.46 8.39 26.74
N LYS F 90 -44.58 7.43 26.99
CA LYS F 90 -43.83 7.41 28.24
C LYS F 90 -42.32 7.32 28.03
N ILE F 91 -41.85 6.57 27.04
CA ILE F 91 -40.43 6.50 26.72
C ILE F 91 -40.30 6.72 25.21
N TYR F 92 -40.00 7.95 24.82
CA TYR F 92 -39.77 8.24 23.41
C TYR F 92 -38.48 7.57 22.95
N VAL F 93 -38.58 6.66 21.98
CA VAL F 93 -37.41 5.92 21.53
C VAL F 93 -37.24 6.09 20.02
N PRO F 94 -36.55 7.14 19.57
CA PRO F 94 -36.30 7.28 18.13
C PRO F 94 -35.34 6.21 17.63
N ILE F 95 -35.22 6.13 16.31
CA ILE F 95 -34.30 5.21 15.64
C ILE F 95 -33.70 5.98 14.47
N ILE F 96 -32.59 6.67 14.71
CA ILE F 96 -31.96 7.45 13.66
C ILE F 96 -31.32 6.52 12.65
N SER F 97 -31.56 6.77 11.36
CA SER F 97 -31.03 5.94 10.29
C SER F 97 -30.00 6.73 9.49
N SER F 98 -29.76 6.29 8.26
CA SER F 98 -28.77 6.94 7.41
C SER F 98 -29.37 8.11 6.66
N GLY F 99 -30.61 7.98 6.21
CA GLY F 99 -31.29 9.04 5.49
C GLY F 99 -32.44 9.63 6.29
N TYR F 100 -32.23 9.79 7.59
CA TYR F 100 -33.25 10.35 8.47
C TYR F 100 -33.34 11.87 8.39
N ALA F 101 -32.52 12.51 7.57
CA ALA F 101 -32.46 13.97 7.54
C ALA F 101 -33.06 14.57 6.28
N ASP F 102 -33.81 13.79 5.50
CA ASP F 102 -34.37 14.28 4.26
C ASP F 102 -35.87 14.51 4.32
N SER F 103 -36.61 13.62 4.97
CA SER F 103 -38.06 13.74 5.02
C SER F 103 -38.47 14.99 5.80
N LYS F 104 -39.19 15.90 5.15
CA LYS F 104 -39.55 17.19 5.81
C LYS F 104 -40.62 16.96 6.89
N TRP F 105 -40.92 15.69 7.20
CA TRP F 105 -41.98 15.37 8.20
C TRP F 105 -41.34 14.78 9.46
N CYS F 106 -40.14 14.22 9.36
CA CYS F 106 -39.48 13.59 10.49
C CYS F 106 -38.77 14.61 11.37
N LEU F 107 -37.91 15.43 10.78
CA LEU F 107 -37.09 16.35 11.57
C LEU F 107 -37.97 17.26 12.42
N MET F 108 -38.89 17.99 11.78
CA MET F 108 -39.75 18.91 12.54
C MET F 108 -40.60 18.18 13.56
N GLU F 109 -40.83 16.88 13.36
CA GLU F 109 -41.49 16.09 14.39
C GLU F 109 -40.53 15.78 15.54
N LEU F 110 -39.27 15.46 15.21
CA LEU F 110 -38.29 15.23 16.26
C LEU F 110 -38.07 16.50 17.08
N ALA F 111 -38.17 17.66 16.44
CA ALA F 111 -38.06 18.92 17.17
C ALA F 111 -39.15 19.05 18.22
N GLU F 112 -40.26 18.31 18.06
CA GLU F 112 -41.30 18.32 19.07
C GLU F 112 -41.08 17.27 20.15
N ILE F 113 -40.27 16.24 19.88
CA ILE F 113 -39.96 15.26 20.90
C ILE F 113 -39.01 15.88 21.91
N VAL F 114 -37.80 16.23 21.47
CA VAL F 114 -36.77 16.67 22.40
C VAL F 114 -37.15 17.98 23.08
N ARG F 115 -38.07 18.73 22.49
CA ARG F 115 -38.53 19.97 23.12
C ARG F 115 -39.47 19.67 24.28
N ARG F 116 -40.43 18.78 24.07
CA ARG F 116 -41.33 18.40 25.15
C ARG F 116 -40.57 17.69 26.26
N GLN F 117 -39.49 16.99 25.92
CA GLN F 117 -38.71 16.28 26.93
C GLN F 117 -38.02 17.25 27.87
N GLU F 118 -37.51 18.38 27.35
CA GLU F 118 -36.75 19.31 28.17
C GLU F 118 -37.62 20.04 29.18
N GLU F 119 -38.94 20.06 28.99
CA GLU F 119 -39.81 20.74 29.94
C GLU F 119 -40.08 19.85 31.16
N ASP F 120 -40.39 18.57 30.92
CA ASP F 120 -40.59 17.61 32.00
C ASP F 120 -39.54 16.51 31.88
N PRO F 121 -38.56 16.45 32.75
CA PRO F 121 -37.54 15.39 32.64
C PRO F 121 -37.96 14.08 33.28
N ARG F 122 -39.26 13.92 33.56
CA ARG F 122 -39.74 12.65 34.08
C ARG F 122 -39.56 11.52 33.08
N ARG F 123 -39.60 11.83 31.80
CA ARG F 123 -39.42 10.85 30.73
C ARG F 123 -37.99 10.93 30.19
N ILE F 124 -37.67 9.98 29.32
CA ILE F 124 -36.29 9.77 28.87
C ILE F 124 -36.28 9.55 27.36
N ILE F 125 -35.08 9.37 26.82
CA ILE F 125 -34.86 9.13 25.40
C ILE F 125 -33.71 8.14 25.26
N LEU F 126 -33.91 7.09 24.46
CA LEU F 126 -32.93 6.02 24.28
C LEU F 126 -32.64 5.83 22.80
N PRO F 127 -31.92 6.76 22.18
CA PRO F 127 -31.69 6.67 20.73
C PRO F 127 -30.89 5.43 20.37
N ILE F 128 -31.04 5.02 19.11
CA ILE F 128 -30.35 3.85 18.59
C ILE F 128 -29.78 4.20 17.23
N PHE F 129 -28.49 4.46 17.17
CA PHE F 129 -27.84 4.75 15.89
C PHE F 129 -27.89 3.51 15.01
N TYR F 130 -27.71 3.71 13.72
CA TYR F 130 -27.95 2.62 12.77
C TYR F 130 -27.13 2.88 11.51
N MET F 131 -26.16 2.00 11.25
CA MET F 131 -25.38 2.03 10.01
C MET F 131 -24.73 3.38 9.77
N VAL F 132 -24.58 4.17 10.83
CA VAL F 132 -24.00 5.51 10.70
C VAL F 132 -23.08 5.74 11.88
N ASP F 133 -22.18 6.69 11.72
CA ASP F 133 -21.26 7.01 12.80
C ASP F 133 -21.98 7.86 13.85
N PRO F 134 -21.57 7.77 15.11
CA PRO F 134 -22.07 8.70 16.12
C PRO F 134 -21.33 10.01 16.09
N SER F 135 -20.83 10.38 14.91
CA SER F 135 -20.19 11.68 14.69
C SER F 135 -20.87 12.50 13.62
N ASP F 136 -21.55 11.86 12.67
CA ASP F 136 -22.31 12.55 11.64
C ASP F 136 -23.68 12.99 12.13
N VAL F 137 -23.91 12.96 13.44
CA VAL F 137 -25.20 13.34 14.00
C VAL F 137 -25.12 14.58 14.85
N ARG F 138 -23.90 14.97 15.26
CA ARG F 138 -23.71 16.13 16.16
C ARG F 138 -23.41 17.39 15.34
N HIS F 139 -23.04 17.25 14.06
CA HIS F 139 -22.66 18.39 13.24
C HIS F 139 -23.25 18.34 11.84
N GLN F 140 -24.15 17.40 11.56
CA GLN F 140 -24.91 17.35 10.32
C GLN F 140 -24.03 17.31 9.07
N THR F 141 -22.76 16.95 9.23
CA THR F 141 -21.85 16.85 8.10
C THR F 141 -21.80 15.42 7.60
N GLY F 142 -21.08 15.21 6.50
CA GLY F 142 -20.91 13.86 5.95
C GLY F 142 -22.04 13.50 4.97
N CYS F 143 -22.98 12.68 5.45
CA CYS F 143 -24.09 12.21 4.63
C CYS F 143 -25.32 13.10 4.76
N TYR F 144 -25.26 14.15 5.56
CA TYR F 144 -26.36 15.09 5.71
C TYR F 144 -26.13 16.41 5.00
N LYS F 145 -24.86 16.71 4.68
CA LYS F 145 -24.49 18.02 4.10
C LYS F 145 -25.44 18.40 2.95
N LYS F 146 -25.47 17.59 1.90
CA LYS F 146 -26.31 17.93 0.72
C LYS F 146 -27.80 17.91 1.10
N ALA F 147 -28.20 17.11 2.08
CA ALA F 147 -29.61 17.17 2.55
C ALA F 147 -29.96 18.61 2.94
N PHE F 148 -29.15 19.23 3.81
CA PHE F 148 -29.39 20.63 4.15
C PHE F 148 -28.85 21.59 3.10
N ARG F 149 -28.27 21.08 2.01
CA ARG F 149 -27.85 21.94 0.91
C ARG F 149 -29.05 22.40 0.10
N LYS F 150 -30.11 21.59 0.05
CA LYS F 150 -31.32 21.93 -0.67
C LYS F 150 -32.47 22.32 0.24
N HIS F 151 -32.44 21.92 1.51
CA HIS F 151 -33.47 22.32 2.46
C HIS F 151 -33.41 23.80 2.81
N ALA F 152 -32.31 24.48 2.48
CA ALA F 152 -32.15 25.89 2.84
C ALA F 152 -32.71 26.84 1.80
N ASN F 153 -33.27 26.33 0.71
CA ASN F 153 -33.83 27.17 -0.33
C ASN F 153 -35.35 27.30 -0.23
N LYS F 154 -35.97 26.66 0.76
CA LYS F 154 -37.42 26.69 0.91
C LYS F 154 -37.87 27.36 2.20
N PHE F 155 -37.37 26.93 3.34
CA PHE F 155 -37.92 27.32 4.63
C PHE F 155 -37.21 28.57 5.15
N ASP F 156 -37.49 28.92 6.41
CA ASP F 156 -36.94 30.12 7.02
C ASP F 156 -35.45 29.90 7.31
N GLY F 157 -34.76 30.99 7.62
CA GLY F 157 -33.36 30.91 8.00
C GLY F 157 -33.17 30.69 9.48
N GLN F 158 -34.28 30.61 10.22
CA GLN F 158 -34.25 30.30 11.64
C GLN F 158 -34.85 28.94 11.96
N THR F 159 -35.82 28.47 11.19
CA THR F 159 -36.37 27.14 11.44
C THR F 159 -35.31 26.07 11.24
N ILE F 160 -34.40 26.26 10.29
CA ILE F 160 -33.35 25.28 10.07
C ILE F 160 -32.39 25.24 11.27
N GLN F 161 -32.03 26.41 11.79
CA GLN F 161 -31.21 26.45 13.00
C GLN F 161 -31.94 25.82 14.18
N ASN F 162 -33.27 25.78 14.15
CA ASN F 162 -34.00 25.11 15.22
C ASN F 162 -33.82 23.60 15.14
N TRP F 163 -33.79 23.04 13.93
CA TRP F 163 -33.57 21.61 13.78
C TRP F 163 -32.16 21.22 14.20
N LYS F 164 -31.15 21.91 13.66
CA LYS F 164 -29.77 21.56 13.97
C LYS F 164 -29.45 21.71 15.45
N ASP F 165 -30.22 22.53 16.16
CA ASP F 165 -30.04 22.64 17.60
C ASP F 165 -30.68 21.46 18.33
N ALA F 166 -31.78 20.93 17.79
CA ALA F 166 -32.44 19.80 18.42
C ALA F 166 -31.80 18.49 18.01
N LEU F 167 -31.46 18.34 16.72
CA LEU F 167 -30.85 17.10 16.25
C LEU F 167 -29.51 16.86 16.91
N LYS F 168 -28.82 17.92 17.33
CA LYS F 168 -27.50 17.76 17.94
C LYS F 168 -27.61 17.10 19.30
N LYS F 169 -28.50 17.60 20.16
CA LYS F 169 -28.54 17.12 21.54
C LYS F 169 -28.95 15.66 21.61
N VAL F 170 -29.63 15.15 20.58
CA VAL F 170 -29.98 13.74 20.56
C VAL F 170 -28.73 12.88 20.49
N GLY F 171 -27.71 13.34 19.76
CA GLY F 171 -26.49 12.57 19.58
C GLY F 171 -25.50 12.69 20.72
N ASP F 172 -26.00 12.97 21.93
CA ASP F 172 -25.16 12.99 23.11
C ASP F 172 -25.60 12.01 24.19
N LEU F 173 -26.82 11.51 24.15
CA LEU F 173 -27.28 10.55 25.15
C LEU F 173 -26.74 9.16 24.84
N LYS F 174 -27.09 8.22 25.70
CA LYS F 174 -26.61 6.82 25.53
C LYS F 174 -27.29 6.19 24.32
N GLY F 175 -26.62 5.23 23.68
CA GLY F 175 -27.17 4.58 22.50
C GLY F 175 -26.38 3.39 21.97
N TRP F 176 -27.09 2.30 21.70
CA TRP F 176 -26.48 1.11 21.12
C TRP F 176 -26.14 1.36 19.65
N HIS F 177 -24.86 1.42 19.33
CA HIS F 177 -24.44 1.47 17.94
C HIS F 177 -24.52 0.07 17.35
N ILE F 178 -25.03 -0.01 16.11
CA ILE F 178 -25.18 -1.29 15.41
C ILE F 178 -24.25 -1.23 14.20
N GLY F 179 -23.13 -1.92 14.29
CA GLY F 179 -22.18 -1.94 13.19
C GLY F 179 -22.60 -2.92 12.11
N LYS F 180 -21.75 -3.03 11.08
CA LYS F 180 -22.05 -3.87 9.93
C LYS F 180 -22.14 -5.35 10.28
N ASP F 181 -21.56 -5.79 11.39
CA ASP F 181 -21.51 -7.20 11.73
C ASP F 181 -22.37 -7.58 12.92
N ASP F 182 -22.76 -6.63 13.76
CA ASP F 182 -23.54 -6.96 14.95
C ASP F 182 -24.83 -7.66 14.56
N GLU F 183 -25.26 -8.60 15.38
CA GLU F 183 -26.44 -9.40 15.10
C GLU F 183 -27.68 -8.52 15.21
N GLN F 184 -28.46 -8.44 14.12
CA GLN F 184 -29.71 -7.69 14.16
C GLN F 184 -30.74 -8.31 15.08
N GLY F 185 -30.43 -9.48 15.65
CA GLY F 185 -31.40 -10.19 16.50
C GLY F 185 -31.06 -10.09 17.98
N ALA F 186 -29.80 -10.33 18.33
CA ALA F 186 -29.39 -10.31 19.76
C ALA F 186 -29.56 -8.88 20.32
N ILE F 187 -29.26 -7.87 19.50
CA ILE F 187 -29.41 -6.45 19.96
C ILE F 187 -30.86 -6.23 20.39
N ALA F 188 -31.83 -6.66 19.57
CA ALA F 188 -33.26 -6.47 19.88
C ALA F 188 -33.56 -6.99 21.29
N ASP F 189 -33.17 -8.23 21.59
CA ASP F 189 -33.50 -8.83 22.92
C ASP F 189 -32.84 -8.00 24.03
N LYS F 190 -31.59 -7.61 23.82
CA LYS F 190 -30.86 -6.82 24.85
C LYS F 190 -31.55 -5.47 25.05
N VAL F 191 -31.97 -4.82 23.97
CA VAL F 191 -32.55 -3.44 24.12
C VAL F 191 -33.98 -3.56 24.66
N SER F 192 -34.69 -4.64 24.33
CA SER F 192 -36.08 -4.71 24.76
C SER F 192 -36.18 -4.78 26.28
N ALA F 193 -35.36 -5.62 26.91
CA ALA F 193 -35.41 -5.78 28.35
C ALA F 193 -35.09 -4.46 29.06
N ASP F 194 -34.20 -3.66 28.48
CA ASP F 194 -33.91 -2.35 29.06
C ASP F 194 -35.13 -1.43 29.00
N ILE F 195 -36.04 -1.68 28.07
CA ILE F 195 -37.30 -0.95 28.07
C ILE F 195 -38.29 -1.61 29.02
N TRP F 196 -38.16 -2.92 29.23
CA TRP F 196 -39.03 -3.63 30.15
C TRP F 196 -38.55 -3.54 31.60
N SER F 197 -37.27 -3.20 31.82
CA SER F 197 -36.78 -3.06 33.18
C SER F 197 -37.31 -1.78 33.82
N HIS F 198 -37.52 -0.73 33.03
CA HIS F 198 -38.03 0.52 33.55
C HIS F 198 -39.54 0.53 33.72
N ILE F 199 -40.20 -0.60 33.49
CA ILE F 199 -41.66 -0.69 33.64
C ILE F 199 -42.04 -1.58 34.83
N SER F 200 -41.43 -2.75 34.94
CA SER F 200 -41.76 -3.64 36.06
C SER F 200 -41.30 -3.06 37.38
N LYS F 201 -40.03 -2.64 37.46
CA LYS F 201 -39.52 -2.03 38.69
C LYS F 201 -40.02 -0.61 38.89
N GLU F 202 -40.43 0.07 37.82
CA GLU F 202 -40.94 1.44 37.90
C GLU F 202 -39.94 2.38 38.57
N VAL G 33 -43.07 -54.11 -15.89
CA VAL G 33 -41.64 -53.80 -15.82
C VAL G 33 -41.25 -53.09 -17.11
N GLU G 34 -42.02 -53.29 -18.17
CA GLU G 34 -41.83 -52.60 -19.44
C GLU G 34 -42.89 -51.51 -19.58
N TYR G 35 -42.77 -50.74 -20.67
CA TYR G 35 -43.65 -49.61 -20.91
C TYR G 35 -44.87 -50.04 -21.70
N ASP G 36 -46.03 -49.59 -21.27
CA ASP G 36 -47.28 -49.89 -21.96
C ASP G 36 -47.87 -48.68 -22.68
N VAL G 37 -47.32 -47.49 -22.46
CA VAL G 37 -47.83 -46.25 -23.05
C VAL G 37 -46.66 -45.32 -23.29
N PHE G 38 -46.60 -44.74 -24.49
CA PHE G 38 -45.51 -43.84 -24.85
C PHE G 38 -46.11 -42.57 -25.41
N LEU G 39 -45.68 -41.41 -24.89
CA LEU G 39 -46.22 -40.13 -25.28
C LEU G 39 -45.31 -39.43 -26.27
N SER G 40 -45.75 -38.27 -26.76
CA SER G 40 -44.98 -37.42 -27.65
C SER G 40 -45.69 -36.09 -27.80
N PHE G 41 -44.95 -34.98 -27.71
CA PHE G 41 -45.58 -33.67 -27.65
C PHE G 41 -44.58 -32.61 -28.07
N ARG G 42 -44.95 -31.35 -27.89
CA ARG G 42 -44.11 -30.20 -28.19
C ARG G 42 -43.29 -29.90 -26.94
N GLY G 43 -42.21 -29.13 -27.11
CA GLY G 43 -41.39 -28.74 -25.99
C GLY G 43 -42.07 -27.71 -25.10
N PRO G 44 -41.89 -26.43 -25.42
CA PRO G 44 -42.30 -25.39 -24.48
C PRO G 44 -43.80 -25.19 -24.38
N ASP G 45 -44.58 -25.75 -25.31
CA ASP G 45 -46.00 -25.42 -25.38
C ASP G 45 -46.81 -26.12 -24.29
N THR G 46 -46.84 -27.44 -24.32
CA THR G 46 -47.71 -28.21 -23.43
C THR G 46 -46.93 -29.13 -22.49
N ARG G 47 -45.67 -28.81 -22.19
CA ARG G 47 -44.89 -29.68 -21.31
C ARG G 47 -45.32 -29.51 -19.86
N LYS G 48 -45.74 -28.31 -19.48
CA LYS G 48 -46.07 -28.02 -18.09
C LYS G 48 -47.52 -27.66 -17.86
N GLN G 49 -48.36 -27.67 -18.89
CA GLN G 49 -49.74 -27.19 -18.73
C GLN G 49 -50.74 -28.34 -18.66
N PHE G 50 -50.89 -29.08 -19.75
CA PHE G 50 -51.91 -30.12 -19.81
C PHE G 50 -51.31 -31.53 -19.79
N THR G 51 -50.21 -31.73 -20.50
CA THR G 51 -49.63 -33.10 -20.60
C THR G 51 -49.05 -33.53 -19.25
N ASP G 52 -48.74 -32.59 -18.35
CA ASP G 52 -48.11 -32.97 -17.06
C ASP G 52 -49.16 -33.68 -16.20
N PHE G 53 -50.35 -33.07 -16.11
CA PHE G 53 -51.45 -33.68 -15.33
C PHE G 53 -51.82 -35.03 -15.94
N LEU G 54 -51.82 -35.12 -17.27
CA LEU G 54 -52.21 -36.38 -17.95
C LEU G 54 -51.23 -37.48 -17.53
N TYR G 55 -49.94 -37.17 -17.48
CA TYR G 55 -48.92 -38.15 -17.03
C TYR G 55 -49.16 -38.52 -15.56
N HIS G 56 -49.46 -37.52 -14.70
CA HIS G 56 -49.61 -37.82 -13.26
C HIS G 56 -50.90 -38.60 -12.98
N PHE G 57 -52.07 -38.03 -13.32
CA PHE G 57 -53.36 -38.69 -13.20
C PHE G 57 -53.28 -40.14 -13.66
N LEU G 58 -52.52 -40.40 -14.72
CA LEU G 58 -52.46 -41.74 -15.26
C LEU G 58 -51.78 -42.71 -14.29
N CYS G 59 -50.75 -42.24 -13.59
CA CYS G 59 -50.05 -43.11 -12.65
C CYS G 59 -50.95 -43.57 -11.51
N TYR G 60 -52.12 -42.96 -11.35
CA TYR G 60 -53.05 -43.39 -10.33
C TYR G 60 -53.88 -44.59 -10.75
N TYR G 61 -53.75 -45.03 -11.99
CA TYR G 61 -54.41 -46.25 -12.44
C TYR G 61 -53.46 -47.43 -12.53
N LYS G 62 -52.32 -47.37 -11.85
CA LYS G 62 -51.38 -48.48 -11.73
C LYS G 62 -50.89 -48.97 -13.09
N ILE G 63 -50.45 -48.04 -13.94
CA ILE G 63 -49.81 -48.38 -15.20
C ILE G 63 -48.58 -47.51 -15.37
N HIS G 64 -47.52 -48.09 -15.94
CA HIS G 64 -46.24 -47.42 -16.07
C HIS G 64 -46.26 -46.59 -17.35
N THR G 65 -45.99 -45.29 -17.21
CA THR G 65 -46.03 -44.35 -18.33
C THR G 65 -44.64 -43.79 -18.59
N PHE G 66 -44.34 -43.54 -19.87
CA PHE G 66 -43.06 -43.00 -20.28
C PHE G 66 -43.26 -41.62 -20.88
N ARG G 67 -42.57 -40.62 -20.32
CA ARG G 67 -42.44 -39.31 -20.92
C ARG G 67 -41.00 -38.87 -20.79
N ASP G 68 -40.50 -38.13 -21.77
CA ASP G 68 -39.11 -37.74 -21.77
C ASP G 68 -38.97 -36.25 -22.09
N ASP G 69 -37.97 -35.62 -21.48
CA ASP G 69 -37.72 -34.21 -21.66
C ASP G 69 -36.32 -33.90 -22.17
N ASP G 70 -35.39 -34.86 -22.15
CA ASP G 70 -34.04 -34.64 -22.66
C ASP G 70 -34.09 -34.21 -24.12
N GLU G 71 -33.41 -33.10 -24.41
CA GLU G 71 -33.40 -32.51 -25.74
C GLU G 71 -32.64 -33.33 -26.77
N LEU G 72 -32.07 -34.48 -26.38
CA LEU G 72 -31.29 -35.35 -27.26
C LEU G 72 -30.21 -34.51 -27.91
N ARG G 73 -30.24 -34.30 -29.23
CA ARG G 73 -29.23 -33.59 -30.01
C ARG G 73 -27.86 -34.27 -29.96
N LYS G 74 -27.67 -35.26 -29.09
CA LYS G 74 -26.40 -35.98 -29.01
C LYS G 74 -26.30 -36.94 -30.20
N GLY G 75 -26.06 -36.35 -31.35
CA GLY G 75 -26.10 -37.07 -32.61
C GLY G 75 -27.29 -36.62 -33.44
N LYS G 76 -27.98 -37.56 -34.07
CA LYS G 76 -29.21 -37.26 -34.78
C LYS G 76 -30.39 -38.14 -34.38
N GLU G 77 -30.15 -39.33 -33.86
CA GLU G 77 -31.22 -40.17 -33.34
C GLU G 77 -30.60 -41.16 -32.36
N ILE G 78 -31.05 -41.12 -31.11
CA ILE G 78 -30.47 -41.92 -30.04
C ILE G 78 -31.12 -43.29 -30.06
N GLY G 79 -30.35 -44.32 -29.74
CA GLY G 79 -30.83 -45.68 -29.80
C GLY G 79 -31.37 -46.19 -28.48
N PRO G 80 -30.48 -46.37 -27.49
CA PRO G 80 -30.91 -47.00 -26.23
C PRO G 80 -32.00 -46.24 -25.49
N ASN G 81 -32.29 -45.01 -25.91
CA ASN G 81 -33.36 -44.26 -25.26
C ASN G 81 -34.66 -44.37 -26.04
N LEU G 82 -34.81 -43.57 -27.09
CA LEU G 82 -36.06 -43.52 -27.83
C LEU G 82 -36.32 -44.83 -28.57
N LEU G 83 -35.33 -45.28 -29.37
CA LEU G 83 -35.54 -46.46 -30.18
C LEU G 83 -35.87 -47.69 -29.34
N ARG G 84 -35.33 -47.76 -28.11
CA ARG G 84 -35.65 -48.88 -27.25
C ARG G 84 -37.12 -48.86 -26.85
N ALA G 85 -37.58 -47.74 -26.28
CA ALA G 85 -38.94 -47.68 -25.76
C ALA G 85 -39.98 -47.73 -26.87
N ILE G 86 -39.64 -47.28 -28.07
CA ILE G 86 -40.60 -47.30 -29.17
C ILE G 86 -41.10 -48.72 -29.42
N ASP G 87 -40.16 -49.67 -29.59
CA ASP G 87 -40.55 -51.06 -29.77
C ASP G 87 -41.11 -51.67 -28.50
N GLN G 88 -40.82 -51.09 -27.33
CA GLN G 88 -41.32 -51.61 -26.07
C GLN G 88 -42.72 -51.12 -25.74
N SER G 89 -43.16 -50.01 -26.35
CA SER G 89 -44.45 -49.43 -26.02
C SER G 89 -45.59 -50.34 -26.50
N LYS G 90 -46.80 -50.01 -26.06
CA LYS G 90 -47.97 -50.79 -26.44
C LYS G 90 -49.08 -49.97 -27.07
N ILE G 91 -49.32 -48.75 -26.59
CA ILE G 91 -50.32 -47.85 -27.19
C ILE G 91 -49.62 -46.51 -27.40
N TYR G 92 -49.15 -46.26 -28.62
CA TYR G 92 -48.57 -44.97 -28.93
C TYR G 92 -49.64 -43.90 -28.94
N VAL G 93 -49.51 -42.92 -28.06
CA VAL G 93 -50.54 -41.88 -27.94
C VAL G 93 -49.91 -40.50 -28.13
N PRO G 94 -49.78 -40.01 -29.36
CA PRO G 94 -49.27 -38.65 -29.56
C PRO G 94 -50.24 -37.61 -29.06
N ILE G 95 -49.77 -36.37 -29.00
CA ILE G 95 -50.59 -35.21 -28.61
C ILE G 95 -50.18 -34.06 -29.53
N ILE G 96 -50.86 -33.96 -30.66
CA ILE G 96 -50.53 -32.91 -31.62
C ILE G 96 -50.97 -31.56 -31.06
N SER G 97 -50.09 -30.58 -31.14
CA SER G 97 -50.36 -29.24 -30.63
C SER G 97 -50.47 -28.26 -31.79
N SER G 98 -50.28 -26.97 -31.47
CA SER G 98 -50.39 -25.93 -32.48
C SER G 98 -49.06 -25.73 -33.21
N GLY G 99 -47.95 -25.82 -32.50
CA GLY G 99 -46.64 -25.67 -33.10
C GLY G 99 -45.86 -26.96 -33.10
N TYR G 100 -46.54 -28.08 -33.38
CA TYR G 100 -45.91 -29.38 -33.42
C TYR G 100 -45.16 -29.64 -34.71
N ALA G 101 -45.14 -28.70 -35.64
CA ALA G 101 -44.56 -28.92 -36.96
C ALA G 101 -43.25 -28.17 -37.17
N ASP G 102 -42.65 -27.64 -36.11
CA ASP G 102 -41.44 -26.85 -36.23
C ASP G 102 -40.19 -27.58 -35.74
N SER G 103 -40.29 -28.29 -34.62
CA SER G 103 -39.13 -28.96 -34.06
C SER G 103 -38.64 -30.07 -34.99
N LYS G 104 -37.38 -29.96 -35.40
CA LYS G 104 -36.79 -30.90 -36.34
C LYS G 104 -36.73 -32.32 -35.80
N TRP G 105 -36.89 -32.52 -34.49
CA TRP G 105 -36.86 -33.85 -33.92
C TRP G 105 -38.22 -34.52 -33.91
N CYS G 106 -39.28 -33.77 -33.63
CA CYS G 106 -40.59 -34.38 -33.41
C CYS G 106 -41.10 -35.07 -34.68
N LEU G 107 -41.16 -34.34 -35.79
CA LEU G 107 -41.75 -34.89 -37.01
C LEU G 107 -41.07 -36.18 -37.43
N MET G 108 -39.75 -36.14 -37.61
CA MET G 108 -39.02 -37.33 -38.05
C MET G 108 -39.15 -38.46 -37.03
N GLU G 109 -39.43 -38.13 -35.77
CA GLU G 109 -39.74 -39.17 -34.80
C GLU G 109 -41.13 -39.74 -35.01
N LEU G 110 -42.10 -38.86 -35.31
CA LEU G 110 -43.45 -39.34 -35.59
C LEU G 110 -43.45 -40.21 -36.84
N ALA G 111 -42.57 -39.91 -37.80
CA ALA G 111 -42.45 -40.75 -38.98
C ALA G 111 -42.03 -42.17 -38.61
N GLU G 112 -41.41 -42.35 -37.45
CA GLU G 112 -41.05 -43.67 -36.98
C GLU G 112 -42.18 -44.35 -36.20
N ILE G 113 -43.12 -43.57 -35.66
CA ILE G 113 -44.25 -44.16 -34.98
C ILE G 113 -45.19 -44.79 -36.00
N VAL G 114 -45.78 -43.96 -36.86
CA VAL G 114 -46.83 -44.45 -37.76
C VAL G 114 -46.27 -45.45 -38.75
N ARG G 115 -44.96 -45.46 -38.96
CA ARG G 115 -44.37 -46.44 -39.86
C ARG G 115 -44.29 -47.81 -39.20
N ARG G 116 -43.81 -47.85 -37.95
CA ARG G 116 -43.78 -49.12 -37.22
C ARG G 116 -45.18 -49.65 -36.97
N GLN G 117 -46.17 -48.77 -36.87
CA GLN G 117 -47.54 -49.20 -36.64
C GLN G 117 -48.09 -49.94 -37.85
N GLU G 118 -47.76 -49.47 -39.06
CA GLU G 118 -48.33 -50.06 -40.26
C GLU G 118 -47.80 -51.47 -40.53
N GLU G 119 -46.68 -51.85 -39.92
CA GLU G 119 -46.15 -53.19 -40.14
C GLU G 119 -46.87 -54.21 -39.26
N ASP G 120 -47.06 -53.89 -37.99
CA ASP G 120 -47.83 -54.75 -37.08
C ASP G 120 -49.05 -53.99 -36.60
N PRO G 121 -50.26 -54.34 -37.03
CA PRO G 121 -51.45 -53.62 -36.58
C PRO G 121 -51.98 -54.11 -35.24
N ARG G 122 -51.16 -54.86 -34.49
CA ARG G 122 -51.57 -55.30 -33.16
C ARG G 122 -51.73 -54.11 -32.21
N ARG G 123 -50.98 -53.05 -32.44
CA ARG G 123 -51.06 -51.84 -31.62
C ARG G 123 -51.89 -50.78 -32.34
N ILE G 124 -52.15 -49.68 -31.64
CA ILE G 124 -53.11 -48.67 -32.08
C ILE G 124 -52.53 -47.29 -31.85
N ILE G 125 -53.30 -46.27 -32.23
CA ILE G 125 -52.92 -44.86 -32.10
C ILE G 125 -54.17 -44.08 -31.75
N LEU G 126 -54.10 -43.25 -30.70
CA LEU G 126 -55.24 -42.48 -30.22
C LEU G 126 -54.87 -41.01 -30.15
N PRO G 127 -54.75 -40.33 -31.29
CA PRO G 127 -54.31 -38.93 -31.27
C PRO G 127 -55.29 -38.04 -30.53
N ILE G 128 -54.78 -36.90 -30.08
CA ILE G 128 -55.59 -35.93 -29.34
C ILE G 128 -55.26 -34.55 -29.88
N PHE G 129 -56.13 -34.01 -30.73
CA PHE G 129 -55.92 -32.67 -31.23
C PHE G 129 -56.02 -31.67 -30.09
N TYR G 130 -55.48 -30.47 -30.31
CA TYR G 130 -55.32 -29.52 -29.21
C TYR G 130 -55.28 -28.12 -29.78
N MET G 131 -56.30 -27.31 -29.47
CA MET G 131 -56.32 -25.89 -29.81
C MET G 131 -56.13 -25.65 -31.31
N VAL G 132 -56.40 -26.69 -32.11
CA VAL G 132 -56.21 -26.59 -33.55
C VAL G 132 -57.37 -27.31 -34.23
N ASP G 133 -57.60 -26.97 -35.48
CA ASP G 133 -58.66 -27.62 -36.22
C ASP G 133 -58.22 -29.01 -36.68
N PRO G 134 -59.16 -29.93 -36.82
CA PRO G 134 -58.83 -31.22 -37.43
C PRO G 134 -58.83 -31.13 -38.95
N SER G 135 -58.51 -29.96 -39.47
CA SER G 135 -58.36 -29.74 -40.90
C SER G 135 -56.98 -29.22 -41.28
N ASP G 136 -56.29 -28.53 -40.37
CA ASP G 136 -54.93 -28.07 -40.59
C ASP G 136 -53.90 -29.17 -40.35
N VAL G 137 -54.34 -30.42 -40.25
CA VAL G 137 -53.43 -31.52 -40.00
C VAL G 137 -53.34 -32.49 -41.16
N ARG G 138 -54.31 -32.41 -42.09
CA ARG G 138 -54.37 -33.37 -43.22
C ARG G 138 -53.69 -32.74 -44.45
N HIS G 139 -53.45 -31.43 -44.46
CA HIS G 139 -52.89 -30.77 -45.63
C HIS G 139 -51.81 -29.75 -45.26
N GLN G 140 -51.39 -29.69 -44.00
CA GLN G 140 -50.25 -28.90 -43.56
C GLN G 140 -50.38 -27.42 -43.92
N THR G 141 -51.59 -26.96 -44.19
CA THR G 141 -51.82 -25.56 -44.50
C THR G 141 -52.26 -24.81 -43.25
N GLY G 142 -52.40 -23.51 -43.36
CA GLY G 142 -52.86 -22.68 -42.25
C GLY G 142 -51.70 -22.21 -41.36
N CYS G 143 -51.53 -22.87 -40.21
CA CYS G 143 -50.49 -22.52 -39.25
C CYS G 143 -49.21 -23.32 -39.45
N TYR G 144 -49.18 -24.20 -40.46
CA TYR G 144 -47.98 -24.97 -40.75
C TYR G 144 -47.27 -24.49 -42.01
N LYS G 145 -47.91 -23.63 -42.81
CA LYS G 145 -47.31 -23.19 -44.06
C LYS G 145 -45.99 -22.47 -43.82
N LYS G 146 -45.96 -21.59 -42.82
CA LYS G 146 -44.70 -20.94 -42.47
C LYS G 146 -43.65 -21.95 -42.03
N ALA G 147 -44.09 -23.05 -41.41
CA ALA G 147 -43.14 -24.04 -40.92
C ALA G 147 -42.42 -24.72 -42.07
N PHE G 148 -43.15 -25.24 -43.05
CA PHE G 148 -42.53 -25.90 -44.19
C PHE G 148 -42.06 -24.93 -45.25
N ARG G 149 -42.23 -23.63 -45.03
CA ARG G 149 -41.69 -22.64 -45.96
C ARG G 149 -40.18 -22.50 -45.78
N LYS G 150 -39.68 -22.74 -44.57
CA LYS G 150 -38.26 -22.67 -44.28
C LYS G 150 -37.62 -24.03 -44.11
N HIS G 151 -38.40 -25.07 -43.81
CA HIS G 151 -37.85 -26.41 -43.70
C HIS G 151 -37.43 -27.00 -45.06
N ALA G 152 -37.84 -26.38 -46.16
CA ALA G 152 -37.53 -26.89 -47.49
C ALA G 152 -36.20 -26.39 -48.03
N ASN G 153 -35.49 -25.55 -47.29
CA ASN G 153 -34.21 -25.02 -47.73
C ASN G 153 -33.02 -25.76 -47.13
N LYS G 154 -33.26 -26.78 -46.31
CA LYS G 154 -32.19 -27.53 -45.66
C LYS G 154 -32.13 -28.98 -46.08
N PHE G 155 -33.23 -29.71 -45.96
CA PHE G 155 -33.23 -31.16 -46.09
C PHE G 155 -33.48 -31.57 -47.55
N ASP G 156 -33.69 -32.86 -47.76
CA ASP G 156 -33.89 -33.41 -49.09
C ASP G 156 -35.27 -33.01 -49.60
N GLY G 157 -35.48 -33.21 -50.90
CA GLY G 157 -36.78 -32.94 -51.50
C GLY G 157 -37.70 -34.14 -51.44
N GLN G 158 -37.21 -35.24 -50.87
CA GLN G 158 -38.01 -36.43 -50.65
C GLN G 158 -38.28 -36.70 -49.18
N THR G 159 -37.37 -36.34 -48.29
CA THR G 159 -37.62 -36.53 -46.86
C THR G 159 -38.82 -35.71 -46.40
N ILE G 160 -39.01 -34.52 -46.97
CA ILE G 160 -40.16 -33.70 -46.60
C ILE G 160 -41.46 -34.36 -47.05
N GLN G 161 -41.48 -34.90 -48.26
CA GLN G 161 -42.66 -35.64 -48.71
C GLN G 161 -42.90 -36.87 -47.87
N ASN G 162 -41.87 -37.40 -47.20
CA ASN G 162 -42.07 -38.52 -46.29
C ASN G 162 -42.82 -38.10 -45.04
N TRP G 163 -42.54 -36.89 -44.54
CA TRP G 163 -43.25 -36.40 -43.36
C TRP G 163 -44.71 -36.11 -43.69
N LYS G 164 -44.96 -35.34 -44.76
CA LYS G 164 -46.32 -34.97 -45.11
C LYS G 164 -47.17 -36.19 -45.43
N ASP G 165 -46.55 -37.30 -45.82
CA ASP G 165 -47.31 -38.52 -46.04
C ASP G 165 -47.63 -39.21 -44.72
N ALA G 166 -46.76 -39.09 -43.72
CA ALA G 166 -47.02 -39.70 -42.44
C ALA G 166 -47.90 -38.81 -41.56
N LEU G 167 -47.64 -37.50 -41.56
CA LEU G 167 -48.43 -36.60 -40.74
C LEU G 167 -49.89 -36.58 -41.18
N LYS G 168 -50.15 -36.87 -42.45
CA LYS G 168 -51.52 -36.84 -42.94
C LYS G 168 -52.35 -37.96 -42.34
N LYS G 169 -51.84 -39.20 -42.40
CA LYS G 169 -52.64 -40.34 -41.99
C LYS G 169 -52.98 -40.30 -40.51
N VAL G 170 -52.19 -39.56 -39.71
CA VAL G 170 -52.53 -39.43 -38.30
C VAL G 170 -53.84 -38.67 -38.13
N GLY G 171 -54.10 -37.69 -38.99
CA GLY G 171 -55.29 -36.88 -38.88
C GLY G 171 -56.53 -37.50 -39.49
N ASP G 172 -56.58 -38.83 -39.54
CA ASP G 172 -57.77 -39.55 -39.98
C ASP G 172 -58.34 -40.50 -38.94
N LEU G 173 -57.58 -40.88 -37.93
CA LEU G 173 -58.08 -41.76 -36.90
C LEU G 173 -58.97 -41.00 -35.92
N LYS G 174 -59.49 -41.74 -34.93
CA LYS G 174 -60.40 -41.12 -33.92
C LYS G 174 -59.58 -40.20 -33.02
N GLY G 175 -60.22 -39.17 -32.46
CA GLY G 175 -59.54 -38.23 -31.60
C GLY G 175 -60.41 -37.21 -30.90
N TRP G 176 -60.20 -37.04 -29.60
CA TRP G 176 -60.93 -36.05 -28.82
C TRP G 176 -60.42 -34.65 -29.15
N HIS G 177 -61.25 -33.84 -29.81
CA HIS G 177 -60.91 -32.44 -30.00
C HIS G 177 -61.18 -31.68 -28.71
N ILE G 178 -60.26 -30.79 -28.36
CA ILE G 178 -60.36 -29.97 -27.15
C ILE G 178 -60.51 -28.52 -27.59
N GLY G 179 -61.74 -28.01 -27.51
CA GLY G 179 -61.97 -26.63 -27.90
C GLY G 179 -61.57 -25.65 -26.81
N LYS G 180 -61.81 -24.36 -27.08
CA LYS G 180 -61.42 -23.30 -26.16
C LYS G 180 -62.14 -23.37 -24.82
N ASP G 181 -63.28 -24.04 -24.75
CA ASP G 181 -64.09 -24.04 -23.54
C ASP G 181 -64.13 -25.38 -22.83
N ASP G 182 -63.79 -26.48 -23.52
CA ASP G 182 -63.87 -27.80 -22.89
C ASP G 182 -62.99 -27.84 -21.66
N GLU G 183 -63.44 -28.58 -20.65
CA GLU G 183 -62.72 -28.67 -19.38
C GLU G 183 -61.43 -29.46 -19.58
N GLN G 184 -60.30 -28.82 -19.26
CA GLN G 184 -59.02 -29.51 -19.33
C GLN G 184 -58.90 -30.64 -18.32
N GLY G 185 -59.91 -30.80 -17.46
CA GLY G 185 -59.84 -31.83 -16.40
C GLY G 185 -60.74 -33.02 -16.70
N ALA G 186 -61.99 -32.76 -17.08
CA ALA G 186 -62.95 -33.87 -17.34
C ALA G 186 -62.46 -34.71 -18.53
N ILE G 187 -61.89 -34.05 -19.54
CA ILE G 187 -61.37 -34.78 -20.73
C ILE G 187 -60.34 -35.81 -20.26
N ALA G 188 -59.40 -35.40 -19.41
CA ALA G 188 -58.34 -36.32 -18.90
C ALA G 188 -58.97 -37.60 -18.35
N ASP G 189 -59.95 -37.47 -17.44
CA ASP G 189 -60.55 -38.67 -16.80
C ASP G 189 -61.21 -39.53 -17.88
N LYS G 190 -61.93 -38.90 -18.80
CA LYS G 190 -62.63 -39.66 -19.87
C LYS G 190 -61.61 -40.39 -20.75
N VAL G 191 -60.50 -39.73 -21.09
CA VAL G 191 -59.53 -40.37 -22.03
C VAL G 191 -58.70 -41.42 -21.28
N SER G 192 -58.47 -41.22 -19.98
CA SER G 192 -57.61 -42.17 -19.27
C SER G 192 -58.26 -43.54 -19.21
N ALA G 193 -59.55 -43.60 -18.88
CA ALA G 193 -60.24 -44.88 -18.76
C ALA G 193 -60.25 -45.62 -20.09
N ASP G 194 -60.32 -44.89 -21.21
CA ASP G 194 -60.25 -45.54 -22.51
C ASP G 194 -58.89 -46.16 -22.75
N ILE G 195 -57.86 -45.66 -22.07
CA ILE G 195 -56.56 -46.33 -22.12
C ILE G 195 -56.52 -47.47 -21.11
N TRP G 196 -57.27 -47.34 -20.01
CA TRP G 196 -57.32 -48.39 -19.01
C TRP G 196 -58.31 -49.50 -19.36
N SER G 197 -59.26 -49.23 -20.26
CA SER G 197 -60.20 -50.25 -20.66
C SER G 197 -59.53 -51.29 -21.56
N HIS G 198 -58.56 -50.87 -22.36
CA HIS G 198 -57.86 -51.79 -23.24
C HIS G 198 -56.76 -52.57 -22.55
N ILE G 199 -56.63 -52.43 -21.24
CA ILE G 199 -55.60 -53.15 -20.47
C ILE G 199 -56.22 -54.19 -19.56
N SER G 200 -57.26 -53.82 -18.80
CA SER G 200 -57.90 -54.77 -17.90
C SER G 200 -58.61 -55.88 -18.67
N LYS G 201 -59.45 -55.50 -19.63
CA LYS G 201 -60.15 -56.48 -20.45
C LYS G 201 -59.24 -57.16 -21.47
N GLU G 202 -58.14 -56.50 -21.85
CA GLU G 202 -57.19 -57.03 -22.81
C GLU G 202 -57.86 -57.40 -24.14
N VAL H 33 -71.15 -38.77 3.34
CA VAL H 33 -72.43 -38.28 2.88
C VAL H 33 -72.44 -36.76 2.92
N GLU H 34 -71.57 -36.19 3.77
CA GLU H 34 -71.38 -34.76 3.88
C GLU H 34 -70.07 -34.37 3.19
N TYR H 35 -69.81 -33.07 3.12
CA TYR H 35 -68.65 -32.54 2.43
C TYR H 35 -67.48 -32.43 3.38
N ASP H 36 -66.31 -32.88 2.94
CA ASP H 36 -65.10 -32.78 3.73
C ASP H 36 -64.11 -31.75 3.19
N VAL H 37 -64.36 -31.19 2.01
CA VAL H 37 -63.47 -30.22 1.38
C VAL H 37 -64.31 -29.25 0.57
N PHE H 38 -64.04 -27.95 0.75
CA PHE H 38 -64.80 -26.91 0.06
C PHE H 38 -63.81 -25.98 -0.61
N LEU H 39 -64.01 -25.71 -1.90
CA LEU H 39 -63.09 -24.90 -2.68
C LEU H 39 -63.64 -23.48 -2.84
N SER H 40 -62.83 -22.63 -3.47
CA SER H 40 -63.21 -21.25 -3.79
C SER H 40 -62.17 -20.65 -4.73
N PHE H 41 -62.61 -19.97 -5.78
CA PHE H 41 -61.68 -19.55 -6.82
C PHE H 41 -62.30 -18.39 -7.60
N ARG H 42 -61.64 -18.02 -8.69
CA ARG H 42 -62.11 -16.97 -9.59
C ARG H 42 -63.01 -17.62 -10.63
N GLY H 43 -63.81 -16.81 -11.31
CA GLY H 43 -64.67 -17.31 -12.36
C GLY H 43 -63.91 -17.72 -13.60
N PRO H 44 -63.69 -16.77 -14.51
CA PRO H 44 -63.17 -17.14 -15.84
C PRO H 44 -61.71 -17.52 -15.85
N ASP H 45 -60.97 -17.24 -14.78
CA ASP H 45 -59.52 -17.39 -14.82
C ASP H 45 -59.10 -18.87 -14.74
N THR H 46 -59.40 -19.52 -13.62
CA THR H 46 -58.92 -20.86 -13.35
C THR H 46 -60.03 -21.88 -13.20
N ARG H 47 -61.20 -21.64 -13.80
CA ARG H 47 -62.30 -22.58 -13.67
C ARG H 47 -62.09 -23.81 -14.55
N LYS H 48 -61.43 -23.63 -15.69
CA LYS H 48 -61.26 -24.72 -16.64
C LYS H 48 -59.82 -25.12 -16.87
N GLN H 49 -58.86 -24.50 -16.19
CA GLN H 49 -57.45 -24.77 -16.50
C GLN H 49 -56.81 -25.67 -15.46
N PHE H 50 -56.67 -25.18 -14.23
CA PHE H 50 -55.96 -25.93 -13.19
C PHE H 50 -56.89 -26.49 -12.13
N THR H 51 -57.97 -25.79 -11.76
CA THR H 51 -58.84 -26.29 -10.64
C THR H 51 -59.73 -27.45 -11.10
N ASP H 52 -60.17 -27.43 -12.36
CA ASP H 52 -61.06 -28.50 -12.88
C ASP H 52 -60.31 -29.83 -12.82
N PHE H 53 -59.02 -29.81 -13.18
CA PHE H 53 -58.19 -31.03 -13.17
C PHE H 53 -58.08 -31.57 -11.74
N LEU H 54 -57.89 -30.67 -10.76
CA LEU H 54 -57.80 -31.08 -9.34
C LEU H 54 -59.12 -31.73 -8.91
N TYR H 55 -60.27 -31.16 -9.31
CA TYR H 55 -61.56 -31.73 -8.85
C TYR H 55 -61.72 -33.18 -9.34
N HIS H 56 -61.06 -33.57 -10.43
CA HIS H 56 -61.12 -34.92 -11.04
C HIS H 56 -60.03 -35.82 -10.44
N PHE H 57 -58.85 -35.26 -10.17
CA PHE H 57 -57.80 -36.05 -9.52
C PHE H 57 -58.17 -36.37 -8.08
N LEU H 58 -58.81 -35.42 -7.39
CA LEU H 58 -59.11 -35.63 -5.98
C LEU H 58 -60.16 -36.72 -5.81
N CYS H 59 -61.14 -36.80 -6.70
CA CYS H 59 -62.18 -37.82 -6.60
C CYS H 59 -61.61 -39.23 -6.72
N TYR H 60 -60.37 -39.36 -7.15
CA TYR H 60 -59.75 -40.68 -7.24
C TYR H 60 -59.20 -41.15 -5.91
N TYR H 61 -59.24 -40.32 -4.88
CA TYR H 61 -58.85 -40.73 -3.53
C TYR H 61 -60.04 -40.99 -2.63
N LYS H 62 -61.23 -41.21 -3.21
CA LYS H 62 -62.42 -41.61 -2.47
C LYS H 62 -62.81 -40.60 -1.39
N ILE H 63 -62.86 -39.33 -1.76
CA ILE H 63 -63.36 -38.28 -0.88
C ILE H 63 -64.28 -37.38 -1.67
N HIS H 64 -65.35 -36.92 -1.01
CA HIS H 64 -66.38 -36.12 -1.67
C HIS H 64 -65.95 -34.66 -1.66
N THR H 65 -65.90 -34.05 -2.84
CA THR H 65 -65.44 -32.68 -3.01
C THR H 65 -66.57 -31.80 -3.51
N PHE H 66 -66.60 -30.55 -3.06
CA PHE H 66 -67.63 -29.60 -3.45
C PHE H 66 -66.99 -28.46 -4.25
N ARG H 67 -67.48 -28.24 -5.47
CA ARG H 67 -67.17 -27.05 -6.24
C ARG H 67 -68.46 -26.56 -6.86
N ASP H 68 -68.59 -25.24 -7.01
CA ASP H 68 -69.82 -24.67 -7.52
C ASP H 68 -69.51 -23.63 -8.58
N ASP H 69 -70.40 -23.55 -9.58
CA ASP H 69 -70.26 -22.62 -10.69
C ASP H 69 -71.43 -21.67 -10.85
N ASP H 70 -72.56 -21.93 -10.18
CA ASP H 70 -73.71 -21.04 -10.26
C ASP H 70 -73.33 -19.63 -9.83
N GLU H 71 -73.66 -18.64 -10.67
CA GLU H 71 -73.30 -17.25 -10.44
C GLU H 71 -74.07 -16.63 -9.29
N LEU H 72 -74.98 -17.36 -8.64
CA LEU H 72 -75.80 -16.86 -7.54
C LEU H 72 -76.52 -15.61 -8.02
N ARG H 73 -76.23 -14.43 -7.47
CA ARG H 73 -76.89 -13.16 -7.77
C ARG H 73 -78.37 -13.17 -7.40
N LYS H 74 -78.95 -14.33 -7.10
CA LYS H 74 -80.35 -14.42 -6.71
C LYS H 74 -80.51 -13.89 -5.28
N GLY H 75 -80.41 -12.57 -5.16
CA GLY H 75 -80.36 -11.91 -3.88
C GLY H 75 -78.98 -11.33 -3.65
N LYS H 76 -78.46 -11.47 -2.43
CA LYS H 76 -77.09 -11.06 -2.13
C LYS H 76 -76.26 -12.14 -1.46
N GLU H 77 -76.88 -13.11 -0.78
CA GLU H 77 -76.15 -14.25 -0.23
C GLU H 77 -77.15 -15.39 -0.03
N ILE H 78 -76.90 -16.51 -0.68
CA ILE H 78 -77.83 -17.63 -0.70
C ILE H 78 -77.56 -18.48 0.54
N GLY H 79 -78.60 -19.05 1.11
CA GLY H 79 -78.49 -19.81 2.34
C GLY H 79 -78.32 -21.29 2.11
N PRO H 80 -79.35 -21.96 1.60
CA PRO H 80 -79.31 -23.43 1.50
C PRO H 80 -78.19 -23.94 0.61
N ASN H 81 -77.52 -23.07 -0.14
CA ASN H 81 -76.42 -23.51 -0.98
C ASN H 81 -75.08 -23.28 -0.29
N LEU H 82 -74.57 -22.05 -0.37
CA LEU H 82 -73.25 -21.76 0.17
C LEU H 82 -73.23 -21.87 1.69
N LEU H 83 -74.16 -21.18 2.36
CA LEU H 83 -74.14 -21.15 3.82
C LEU H 83 -74.27 -22.55 4.41
N ARG H 84 -74.98 -23.44 3.74
CA ARG H 84 -75.11 -24.80 4.23
C ARG H 84 -73.77 -25.52 4.20
N ALA H 85 -73.12 -25.54 3.02
CA ALA H 85 -71.90 -26.31 2.87
C ALA H 85 -70.73 -25.72 3.65
N ILE H 86 -70.76 -24.40 3.89
CA ILE H 86 -69.68 -23.76 4.63
C ILE H 86 -69.54 -24.41 6.01
N ASP H 87 -70.63 -24.48 6.76
CA ASP H 87 -70.60 -25.13 8.06
C ASP H 87 -70.41 -26.64 7.95
N GLN H 88 -70.73 -27.22 6.79
CA GLN H 88 -70.58 -28.66 6.60
C GLN H 88 -69.17 -29.06 6.19
N SER H 89 -68.38 -28.13 5.67
CA SER H 89 -67.04 -28.45 5.18
C SER H 89 -66.12 -28.82 6.35
N LYS H 90 -64.95 -29.35 6.00
CA LYS H 90 -63.97 -29.74 7.01
C LYS H 90 -62.61 -29.11 6.81
N ILE H 91 -62.14 -28.95 5.58
CA ILE H 91 -60.87 -28.29 5.29
C ILE H 91 -61.15 -27.25 4.21
N TYR H 92 -61.34 -26.00 4.61
CA TYR H 92 -61.52 -24.93 3.63
C TYR H 92 -60.21 -24.68 2.89
N VAL H 93 -60.22 -24.88 1.58
CA VAL H 93 -59.01 -24.74 0.79
C VAL H 93 -59.21 -23.73 -0.33
N PRO H 94 -59.02 -22.43 -0.09
CA PRO H 94 -59.14 -21.46 -1.17
C PRO H 94 -58.01 -21.61 -2.16
N ILE H 95 -58.16 -20.91 -3.29
CA ILE H 95 -57.16 -20.88 -4.35
C ILE H 95 -57.10 -19.43 -4.86
N ILE H 96 -56.25 -18.62 -4.24
CA ILE H 96 -56.14 -17.22 -4.63
C ILE H 96 -55.45 -17.13 -5.99
N SER H 97 -56.03 -16.34 -6.88
CA SER H 97 -55.52 -16.16 -8.23
C SER H 97 -54.99 -14.75 -8.40
N SER H 98 -54.88 -14.31 -9.65
CA SER H 98 -54.36 -12.99 -9.95
C SER H 98 -55.45 -11.93 -9.89
N GLY H 99 -56.65 -12.27 -10.36
CA GLY H 99 -57.77 -11.35 -10.33
C GLY H 99 -58.84 -11.78 -9.36
N TYR H 100 -58.44 -12.29 -8.20
CA TYR H 100 -59.37 -12.74 -7.18
C TYR H 100 -59.94 -11.60 -6.36
N ALA H 101 -59.57 -10.36 -6.63
CA ALA H 101 -59.99 -9.23 -5.80
C ALA H 101 -61.01 -8.33 -6.49
N ASP H 102 -61.61 -8.78 -7.58
CA ASP H 102 -62.55 -7.95 -8.33
C ASP H 102 -63.99 -8.39 -8.16
N SER H 103 -64.26 -9.69 -8.16
CA SER H 103 -65.62 -10.18 -8.07
C SER H 103 -66.23 -9.84 -6.71
N LYS H 104 -67.34 -9.10 -6.75
CA LYS H 104 -68.00 -8.64 -5.53
C LYS H 104 -68.49 -9.78 -4.66
N TRP H 105 -68.59 -10.99 -5.20
CA TRP H 105 -69.07 -12.13 -4.41
C TRP H 105 -67.94 -12.84 -3.67
N CYS H 106 -66.77 -12.97 -4.31
CA CYS H 106 -65.72 -13.82 -3.74
C CYS H 106 -65.21 -13.25 -2.42
N LEU H 107 -64.80 -11.99 -2.41
CA LEU H 107 -64.18 -11.42 -1.21
C LEU H 107 -65.10 -11.54 -0.01
N MET H 108 -66.32 -11.01 -0.11
CA MET H 108 -67.24 -11.06 1.01
C MET H 108 -67.57 -12.49 1.41
N GLU H 109 -67.41 -13.43 0.49
CA GLU H 109 -67.55 -14.83 0.86
C GLU H 109 -66.32 -15.31 1.62
N LEU H 110 -65.13 -14.90 1.19
CA LEU H 110 -63.93 -15.26 1.92
C LEU H 110 -63.95 -14.67 3.33
N ALA H 111 -64.56 -13.50 3.48
CA ALA H 111 -64.70 -12.92 4.82
C ALA H 111 -65.53 -13.80 5.72
N GLU H 112 -66.34 -14.70 5.15
CA GLU H 112 -67.10 -15.64 5.96
C GLU H 112 -66.32 -16.92 6.23
N ILE H 113 -65.31 -17.23 5.43
CA ILE H 113 -64.48 -18.40 5.68
C ILE H 113 -63.58 -18.12 6.88
N VAL H 114 -62.68 -17.16 6.75
CA VAL H 114 -61.67 -16.94 7.78
C VAL H 114 -62.30 -16.48 9.08
N ARG H 115 -63.52 -15.95 9.03
CA ARG H 115 -64.19 -15.54 10.26
C ARG H 115 -64.73 -16.76 11.01
N ARG H 116 -65.38 -17.67 10.30
CA ARG H 116 -65.85 -18.90 10.94
C ARG H 116 -64.69 -19.74 11.44
N GLN H 117 -63.53 -19.65 10.78
CA GLN H 117 -62.38 -20.43 11.20
C GLN H 117 -61.85 -19.95 12.54
N GLU H 118 -61.86 -18.63 12.77
CA GLU H 118 -61.28 -18.10 14.00
C GLU H 118 -62.10 -18.44 15.23
N GLU H 119 -63.36 -18.82 15.07
CA GLU H 119 -64.18 -19.17 16.23
C GLU H 119 -63.89 -20.59 16.69
N ASP H 120 -63.82 -21.53 15.75
CA ASP H 120 -63.46 -22.92 16.06
C ASP H 120 -62.17 -23.27 15.33
N PRO H 121 -61.04 -23.41 16.03
CA PRO H 121 -59.80 -23.75 15.34
C PRO H 121 -59.63 -25.23 15.09
N ARG H 122 -60.71 -26.01 15.20
CA ARG H 122 -60.63 -27.43 14.88
C ARG H 122 -60.33 -27.66 13.41
N ARG H 123 -60.74 -26.74 12.54
CA ARG H 123 -60.49 -26.82 11.11
C ARG H 123 -59.31 -25.93 10.74
N ILE H 124 -58.88 -26.03 9.48
CA ILE H 124 -57.64 -25.42 9.02
C ILE H 124 -57.88 -24.75 7.66
N ILE H 125 -56.83 -24.14 7.13
CA ILE H 125 -56.85 -23.45 5.84
C ILE H 125 -55.50 -23.68 5.17
N LEU H 126 -55.52 -24.10 3.91
CA LEU H 126 -54.31 -24.43 3.15
C LEU H 126 -54.30 -23.66 1.84
N PRO H 127 -54.06 -22.35 1.89
CA PRO H 127 -54.13 -21.54 0.67
C PRO H 127 -53.08 -21.96 -0.34
N ILE H 128 -53.35 -21.64 -1.60
CA ILE H 128 -52.45 -21.98 -2.69
C ILE H 128 -52.32 -20.75 -3.60
N PHE H 129 -51.22 -20.02 -3.46
CA PHE H 129 -51.00 -18.87 -4.32
C PHE H 129 -50.83 -19.34 -5.76
N TYR H 130 -51.00 -18.42 -6.70
CA TYR H 130 -51.08 -18.81 -8.10
C TYR H 130 -50.68 -17.62 -8.97
N MET H 131 -49.55 -17.75 -9.66
CA MET H 131 -49.11 -16.76 -10.65
C MET H 131 -48.99 -15.37 -10.05
N VAL H 132 -48.87 -15.29 -8.73
CA VAL H 132 -48.81 -14.01 -8.05
C VAL H 132 -47.78 -14.12 -6.94
N ASP H 133 -47.28 -12.98 -6.49
CA ASP H 133 -46.31 -12.98 -5.41
C ASP H 133 -47.01 -13.18 -4.07
N PRO H 134 -46.34 -13.78 -3.11
CA PRO H 134 -46.88 -13.84 -1.75
C PRO H 134 -46.63 -12.54 -1.00
N SER H 135 -46.54 -11.44 -1.72
CA SER H 135 -46.41 -10.11 -1.14
C SER H 135 -47.53 -9.17 -1.55
N ASP H 136 -48.15 -9.38 -2.71
CA ASP H 136 -49.30 -8.61 -3.15
C ASP H 136 -50.60 -9.08 -2.51
N VAL H 137 -50.52 -9.90 -1.47
CA VAL H 137 -51.72 -10.41 -0.82
C VAL H 137 -51.85 -9.92 0.61
N ARG H 138 -50.77 -9.38 1.17
CA ARG H 138 -50.78 -8.93 2.59
C ARG H 138 -51.08 -7.43 2.66
N HIS H 139 -50.97 -6.70 1.54
CA HIS H 139 -51.15 -5.25 1.55
C HIS H 139 -51.98 -4.75 0.38
N GLN H 140 -52.56 -5.66 -0.42
CA GLN H 140 -53.51 -5.31 -1.46
C GLN H 140 -52.96 -4.32 -2.47
N THR H 141 -51.64 -4.19 -2.55
CA THR H 141 -51.01 -3.30 -3.51
C THR H 141 -50.60 -4.08 -4.75
N GLY H 142 -50.11 -3.36 -5.75
CA GLY H 142 -49.64 -4.00 -6.98
C GLY H 142 -50.76 -4.17 -8.00
N CYS H 143 -51.27 -5.40 -8.12
CA CYS H 143 -52.32 -5.74 -9.07
C CYS H 143 -53.72 -5.63 -8.46
N TYR H 144 -53.82 -5.24 -7.19
CA TYR H 144 -55.12 -5.05 -6.55
C TYR H 144 -55.47 -3.59 -6.35
N LYS H 145 -54.52 -2.68 -6.55
CA LYS H 145 -54.78 -1.27 -6.30
C LYS H 145 -55.89 -0.75 -7.21
N LYS H 146 -55.85 -1.12 -8.49
CA LYS H 146 -56.94 -0.74 -9.38
C LYS H 146 -58.27 -1.33 -8.92
N ALA H 147 -58.23 -2.51 -8.30
CA ALA H 147 -59.46 -3.15 -7.87
C ALA H 147 -60.16 -2.35 -6.77
N PHE H 148 -59.42 -2.00 -5.72
CA PHE H 148 -60.01 -1.24 -4.63
C PHE H 148 -60.05 0.26 -4.92
N ARG H 149 -59.58 0.69 -6.09
CA ARG H 149 -59.70 2.09 -6.48
C ARG H 149 -61.12 2.42 -6.88
N LYS H 150 -61.85 1.43 -7.42
CA LYS H 150 -63.24 1.61 -7.82
C LYS H 150 -64.23 0.97 -6.86
N HIS H 151 -63.81 0.00 -6.06
CA HIS H 151 -64.68 -0.61 -5.08
C HIS H 151 -65.02 0.31 -3.93
N ALA H 152 -64.31 1.42 -3.78
CA ALA H 152 -64.52 2.34 -2.67
C ALA H 152 -65.57 3.40 -2.97
N ASN H 153 -66.16 3.40 -4.16
CA ASN H 153 -67.17 4.37 -4.52
C ASN H 153 -68.58 3.82 -4.40
N LYS H 154 -68.74 2.58 -3.97
CA LYS H 154 -70.07 1.96 -3.85
C LYS H 154 -70.42 1.59 -2.42
N PHE H 155 -69.57 0.83 -1.74
CA PHE H 155 -69.92 0.22 -0.47
C PHE H 155 -69.56 1.14 0.69
N ASP H 156 -69.67 0.61 1.91
CA ASP H 156 -69.41 1.38 3.12
C ASP H 156 -67.91 1.63 3.25
N GLY H 157 -67.55 2.55 4.14
CA GLY H 157 -66.15 2.83 4.42
C GLY H 157 -65.60 1.93 5.51
N GLN H 158 -66.44 1.04 6.03
CA GLN H 158 -66.01 0.05 7.01
C GLN H 158 -66.05 -1.37 6.48
N THR H 159 -66.97 -1.68 5.56
CA THR H 159 -66.99 -3.02 4.98
C THR H 159 -65.72 -3.31 4.21
N ILE H 160 -65.14 -2.30 3.56
CA ILE H 160 -63.90 -2.50 2.83
C ILE H 160 -62.76 -2.81 3.78
N GLN H 161 -62.68 -2.08 4.90
CA GLN H 161 -61.68 -2.40 5.91
C GLN H 161 -61.90 -3.78 6.51
N ASN H 162 -63.12 -4.31 6.44
CA ASN H 162 -63.36 -5.68 6.90
C ASN H 162 -62.73 -6.69 5.97
N TRP H 163 -62.76 -6.44 4.65
CA TRP H 163 -62.14 -7.35 3.70
C TRP H 163 -60.62 -7.32 3.83
N LYS H 164 -60.03 -6.12 3.82
CA LYS H 164 -58.57 -6.01 3.88
C LYS H 164 -58.02 -6.58 5.17
N ASP H 165 -58.84 -6.65 6.22
CA ASP H 165 -58.40 -7.29 7.46
C ASP H 165 -58.46 -8.81 7.35
N ALA H 166 -59.42 -9.33 6.59
CA ALA H 166 -59.53 -10.78 6.43
C ALA H 166 -58.61 -11.28 5.33
N LEU H 167 -58.52 -10.56 4.21
CA LEU H 167 -57.66 -11.00 3.13
C LEU H 167 -56.20 -11.02 3.54
N LYS H 168 -55.82 -10.19 4.51
CA LYS H 168 -54.42 -10.13 4.93
C LYS H 168 -54.02 -11.42 5.65
N LYS H 169 -54.81 -11.84 6.63
CA LYS H 169 -54.40 -12.97 7.46
C LYS H 169 -54.31 -14.26 6.66
N VAL H 170 -54.99 -14.34 5.52
CA VAL H 170 -54.86 -15.52 4.68
C VAL H 170 -53.44 -15.63 4.14
N GLY H 171 -52.81 -14.50 3.83
CA GLY H 171 -51.48 -14.51 3.25
C GLY H 171 -50.36 -14.66 4.27
N ASP H 172 -50.65 -15.30 5.40
CA ASP H 172 -49.62 -15.61 6.39
C ASP H 172 -49.49 -17.09 6.68
N LEU H 173 -50.47 -17.92 6.35
CA LEU H 173 -50.38 -19.35 6.59
C LEU H 173 -49.49 -20.01 5.53
N LYS H 174 -49.33 -21.32 5.67
CA LYS H 174 -48.47 -22.10 4.74
C LYS H 174 -49.15 -22.15 3.37
N GLY H 175 -48.36 -22.27 2.30
CA GLY H 175 -48.91 -22.32 0.96
C GLY H 175 -47.93 -22.62 -0.15
N TRP H 176 -48.29 -23.56 -1.03
CA TRP H 176 -47.46 -23.90 -2.17
C TRP H 176 -47.54 -22.80 -3.22
N HIS H 177 -46.44 -22.07 -3.42
CA HIS H 177 -46.37 -21.12 -4.52
C HIS H 177 -46.12 -21.88 -5.82
N ILE H 178 -46.82 -21.47 -6.87
CA ILE H 178 -46.70 -22.09 -8.19
C ILE H 178 -46.12 -21.04 -9.13
N GLY H 179 -44.84 -21.18 -9.44
CA GLY H 179 -44.20 -20.23 -10.34
C GLY H 179 -44.51 -20.53 -11.79
N LYS H 180 -43.90 -19.73 -12.68
CA LYS H 180 -44.15 -19.85 -14.11
C LYS H 180 -43.68 -21.17 -14.69
N ASP H 181 -42.77 -21.88 -14.02
CA ASP H 181 -42.20 -23.09 -14.58
C ASP H 181 -42.62 -24.36 -13.84
N ASP H 182 -43.11 -24.26 -12.61
CA ASP H 182 -43.46 -25.44 -11.85
C ASP H 182 -44.52 -26.25 -12.60
N GLU H 183 -44.43 -27.57 -12.48
CA GLU H 183 -45.34 -28.47 -13.19
C GLU H 183 -46.74 -28.35 -12.61
N GLN H 184 -47.71 -27.99 -13.45
CA GLN H 184 -49.10 -27.93 -13.02
C GLN H 184 -49.66 -29.29 -12.65
N GLY H 185 -48.87 -30.36 -12.85
CA GLY H 185 -49.36 -31.73 -12.59
C GLY H 185 -48.77 -32.32 -11.32
N ALA H 186 -47.44 -32.21 -11.16
CA ALA H 186 -46.77 -32.80 -9.98
C ALA H 186 -47.26 -32.11 -8.70
N ILE H 187 -47.48 -30.80 -8.77
CA ILE H 187 -47.98 -30.05 -7.58
C ILE H 187 -49.30 -30.67 -7.12
N ALA H 188 -50.23 -30.92 -8.05
CA ALA H 188 -51.55 -31.50 -7.71
C ALA H 188 -51.36 -32.77 -6.87
N ASP H 189 -50.53 -33.71 -7.34
CA ASP H 189 -50.38 -35.00 -6.62
C ASP H 189 -49.80 -34.73 -5.23
N LYS H 190 -48.81 -33.84 -5.14
CA LYS H 190 -48.16 -33.53 -3.84
C LYS H 190 -49.19 -32.89 -2.90
N VAL H 191 -50.02 -31.98 -3.40
CA VAL H 191 -50.96 -31.26 -2.49
C VAL H 191 -52.14 -32.19 -2.14
N SER H 192 -52.51 -33.10 -3.04
CA SER H 192 -53.68 -33.92 -2.77
C SER H 192 -53.43 -34.83 -1.57
N ALA H 193 -52.26 -35.49 -1.53
CA ALA H 193 -51.96 -36.41 -0.46
C ALA H 193 -51.93 -35.68 0.89
N ASP H 194 -51.49 -34.43 0.91
CA ASP H 194 -51.52 -33.66 2.14
C ASP H 194 -52.94 -33.40 2.61
N ILE H 195 -53.92 -33.43 1.69
CA ILE H 195 -55.31 -33.38 2.10
C ILE H 195 -55.81 -34.77 2.48
N TRP H 196 -55.21 -35.81 1.88
CA TRP H 196 -55.60 -37.17 2.21
C TRP H 196 -54.88 -37.70 3.44
N SER H 197 -53.76 -37.08 3.84
CA SER H 197 -53.07 -37.52 5.03
C SER H 197 -53.82 -37.12 6.29
N HIS H 198 -54.53 -35.99 6.24
CA HIS H 198 -55.29 -35.53 7.40
C HIS H 198 -56.64 -36.20 7.52
N ILE H 199 -56.95 -37.18 6.67
CA ILE H 199 -58.22 -37.89 6.71
C ILE H 199 -58.04 -39.33 7.16
N SER H 200 -57.08 -40.04 6.57
CA SER H 200 -56.85 -41.43 6.95
C SER H 200 -56.34 -41.54 8.38
N LYS H 201 -55.29 -40.79 8.71
CA LYS H 201 -54.75 -40.79 10.07
C LYS H 201 -55.62 -40.05 11.05
N GLU H 202 -56.44 -39.11 10.58
CA GLU H 202 -57.34 -38.33 11.42
C GLU H 202 -56.58 -37.60 12.53
N VAL I 33 17.00 47.47 52.79
CA VAL I 33 18.00 46.98 53.74
C VAL I 33 17.87 45.47 53.84
N GLU I 34 16.70 44.95 53.50
CA GLU I 34 16.44 43.51 53.44
C GLU I 34 16.42 43.06 51.99
N TYR I 35 16.29 41.74 51.80
CA TYR I 35 16.34 41.14 50.48
C TYR I 35 14.94 41.08 49.89
N ASP I 36 14.83 41.46 48.63
CA ASP I 36 13.56 41.39 47.92
C ASP I 36 13.53 40.31 46.84
N VAL I 37 14.66 39.67 46.57
CA VAL I 37 14.75 38.63 45.53
C VAL I 37 15.82 37.62 45.96
N PHE I 38 15.47 36.34 45.86
CA PHE I 38 16.37 35.27 46.26
C PHE I 38 16.46 34.27 45.14
N LEU I 39 17.67 33.91 44.73
CA LEU I 39 17.91 33.03 43.60
C LEU I 39 18.23 31.62 44.09
N SER I 40 18.38 30.71 43.13
CA SER I 40 18.76 29.32 43.40
C SER I 40 19.08 28.64 42.07
N PHE I 41 20.17 27.90 42.01
CA PHE I 41 20.65 27.37 40.73
C PHE I 41 21.57 26.18 40.99
N ARG I 42 22.20 25.71 39.93
CA ARG I 42 23.17 24.62 39.98
C ARG I 42 24.53 25.22 40.26
N GLY I 43 25.48 24.39 40.71
CA GLY I 43 26.81 24.83 40.97
C GLY I 43 27.58 25.13 39.69
N PRO I 44 28.24 24.12 39.13
CA PRO I 44 29.21 24.37 38.05
C PRO I 44 28.56 24.72 36.72
N ASP I 45 27.25 24.50 36.57
CA ASP I 45 26.62 24.62 35.26
C ASP I 45 26.42 26.08 34.84
N THR I 46 25.61 26.82 35.60
CA THR I 46 25.22 28.17 35.22
C THR I 46 25.66 29.22 36.21
N ARG I 47 26.72 28.96 36.99
CA ARG I 47 27.16 29.94 37.98
C ARG I 47 27.89 31.09 37.32
N LYS I 48 28.59 30.82 36.23
CA LYS I 48 29.41 31.84 35.58
C LYS I 48 28.97 32.20 34.16
N GLN I 49 27.90 31.59 33.66
CA GLN I 49 27.52 31.81 32.27
C GLN I 49 26.35 32.76 32.11
N PHE I 50 25.17 32.36 32.60
CA PHE I 50 23.96 33.17 32.40
C PHE I 50 23.49 33.82 33.69
N THR I 51 23.53 33.08 34.80
CA THR I 51 22.98 33.63 36.07
C THR I 51 23.85 34.79 36.57
N ASP I 52 25.13 34.80 36.20
CA ASP I 52 26.06 35.85 36.73
C ASP I 52 25.61 37.22 36.22
N PHE I 53 25.22 37.28 34.95
CA PHE I 53 24.72 38.55 34.36
C PHE I 53 23.46 38.99 35.08
N LEU I 54 22.61 38.04 35.46
CA LEU I 54 21.31 38.41 36.09
C LEU I 54 21.65 39.20 37.36
N TYR I 55 22.68 38.79 38.10
CA TYR I 55 23.10 39.53 39.32
C TYR I 55 23.66 40.92 38.97
N HIS I 56 24.27 41.09 37.78
CA HIS I 56 24.91 42.40 37.48
C HIS I 56 23.93 43.30 36.74
N PHE I 57 23.10 42.75 35.85
CA PHE I 57 22.08 43.55 35.18
C PHE I 57 21.00 43.99 36.15
N LEU I 58 20.62 43.10 37.09
CA LEU I 58 19.54 43.42 38.00
C LEU I 58 19.93 44.54 38.95
N CYS I 59 21.18 44.57 39.40
CA CYS I 59 21.61 45.62 40.32
C CYS I 59 21.54 47.00 39.69
N TYR I 60 21.35 47.09 38.37
CA TYR I 60 21.20 48.37 37.71
C TYR I 60 19.79 48.92 37.81
N TYR I 61 18.85 48.16 38.37
CA TYR I 61 17.51 48.65 38.62
C TYR I 61 17.28 49.01 40.08
N LYS I 62 18.35 49.22 40.85
CA LYS I 62 18.27 49.70 42.23
C LYS I 62 17.44 48.78 43.11
N ILE I 63 17.73 47.47 43.06
CA ILE I 63 17.12 46.51 43.97
C ILE I 63 18.20 45.58 44.47
N HIS I 64 18.08 45.18 45.74
CA HIS I 64 19.11 44.37 46.39
C HIS I 64 18.83 42.91 46.10
N THR I 65 19.81 42.21 45.53
CA THR I 65 19.68 40.83 45.13
C THR I 65 20.61 39.95 45.95
N PHE I 66 20.15 38.72 46.25
CA PHE I 66 20.92 37.77 47.02
C PHE I 66 21.28 36.57 46.15
N ARG I 67 22.57 36.27 46.04
CA ARG I 67 23.04 35.03 45.47
C ARG I 67 24.17 34.53 46.35
N ASP I 68 24.29 33.21 46.47
CA ASP I 68 25.29 32.62 47.36
C ASP I 68 26.04 31.51 46.65
N ASP I 69 27.32 31.38 46.99
CA ASP I 69 28.19 30.38 46.40
C ASP I 69 28.82 29.44 47.42
N ASP I 70 28.78 29.77 48.71
CA ASP I 70 29.34 28.89 49.74
C ASP I 70 28.70 27.51 49.68
N GLU I 71 29.54 26.49 49.64
CA GLU I 71 29.10 25.11 49.50
C GLU I 71 28.42 24.58 50.74
N LEU I 72 28.29 25.38 51.81
CA LEU I 72 27.67 24.98 53.06
C LEU I 72 28.36 23.71 53.55
N ARG I 73 27.69 22.56 53.61
CA ARG I 73 28.18 21.30 54.12
C ARG I 73 28.55 21.37 55.60
N LYS I 74 28.61 22.55 56.19
CA LYS I 74 28.91 22.70 57.62
C LYS I 74 27.70 22.28 58.43
N GLY I 75 27.48 20.97 58.47
CA GLY I 75 26.29 20.41 59.05
C GLY I 75 25.41 19.80 57.96
N LYS I 76 24.10 20.01 58.06
CA LYS I 76 23.19 19.59 57.01
C LYS I 76 22.25 20.71 56.52
N GLU I 77 22.00 21.73 57.33
CA GLU I 77 21.24 22.89 56.87
C GLU I 77 21.58 24.06 57.79
N ILE I 78 22.09 25.13 57.22
CA ILE I 78 22.59 26.27 57.97
C ILE I 78 21.41 27.19 58.25
N GLY I 79 21.42 27.83 59.41
CA GLY I 79 20.32 28.67 59.84
C GLY I 79 20.51 30.13 59.50
N PRO I 80 21.49 30.78 60.15
CA PRO I 80 21.63 32.23 59.98
C PRO I 80 21.93 32.66 58.55
N ASN I 81 22.24 31.73 57.67
CA ASN I 81 22.50 32.08 56.28
C ASN I 81 21.26 31.87 55.43
N LEU I 82 21.02 30.62 55.00
CA LEU I 82 19.91 30.33 54.09
C LEU I 82 18.57 30.55 54.76
N LEU I 83 18.37 29.94 55.94
CA LEU I 83 17.07 30.00 56.59
C LEU I 83 16.67 31.44 56.91
N ARG I 84 17.65 32.31 57.18
CA ARG I 84 17.33 33.70 57.45
C ARG I 84 16.78 34.37 56.20
N ALA I 85 17.53 34.31 55.09
CA ALA I 85 17.14 35.03 53.89
C ALA I 85 15.88 34.47 53.25
N ILE I 86 15.61 33.17 53.45
CA ILE I 86 14.41 32.56 52.87
C ILE I 86 13.17 33.30 53.34
N ASP I 87 13.01 33.45 54.66
CA ASP I 87 11.88 34.20 55.19
C ASP I 87 11.97 35.68 54.89
N GLN I 88 13.17 36.20 54.61
CA GLN I 88 13.33 37.61 54.31
C GLN I 88 13.07 37.94 52.86
N SER I 89 13.12 36.96 51.97
CA SER I 89 12.95 37.22 50.54
C SER I 89 11.52 37.64 50.23
N LYS I 90 11.31 38.11 49.01
CA LYS I 90 9.99 38.56 48.58
C LYS I 90 9.50 37.88 47.32
N ILE I 91 10.36 37.63 46.34
CA ILE I 91 9.99 36.91 45.12
C ILE I 91 11.03 35.81 44.92
N TYR I 92 10.70 34.60 45.34
CA TYR I 92 11.60 33.48 45.12
C TYR I 92 11.63 33.15 43.64
N VAL I 93 12.80 33.24 43.03
CA VAL I 93 12.94 33.02 41.59
C VAL I 93 13.98 31.94 41.32
N PRO I 94 13.60 30.66 41.32
CA PRO I 94 14.57 29.61 40.99
C PRO I 94 14.94 29.66 39.51
N ILE I 95 15.96 28.89 39.17
CA ILE I 95 16.44 28.76 37.79
C ILE I 95 16.78 27.29 37.58
N ILE I 96 15.80 26.50 37.16
CA ILE I 96 16.02 25.08 36.96
C ILE I 96 16.90 24.87 35.74
N SER I 97 17.94 24.04 35.88
CA SER I 97 18.87 23.76 34.80
C SER I 97 18.70 22.32 34.34
N SER I 98 19.74 21.81 33.69
CA SER I 98 19.69 20.44 33.16
C SER I 98 20.10 19.42 34.21
N GLY I 99 21.08 19.75 35.04
CA GLY I 99 21.52 18.86 36.09
C GLY I 99 21.19 19.38 37.47
N TYR I 100 19.99 19.96 37.61
CA TYR I 100 19.54 20.50 38.88
C TYR I 100 19.03 19.44 39.83
N ALA I 101 19.03 18.17 39.45
CA ALA I 101 18.44 17.12 40.25
C ALA I 101 19.46 16.19 40.88
N ASP I 102 20.74 16.58 40.90
CA ASP I 102 21.79 15.73 41.43
C ASP I 102 22.33 16.20 42.76
N SER I 103 22.53 17.51 42.93
CA SER I 103 23.10 18.04 44.16
C SER I 103 22.16 17.80 45.34
N LYS I 104 22.67 17.09 46.34
CA LYS I 104 21.87 16.73 47.51
C LYS I 104 21.38 17.94 48.30
N TRP I 105 21.97 19.12 48.07
CA TRP I 105 21.54 20.32 48.79
C TRP I 105 20.41 21.05 48.09
N CYS I 106 20.43 21.12 46.76
CA CYS I 106 19.49 21.96 46.04
C CYS I 106 18.06 21.49 46.22
N LEU I 107 17.79 20.21 45.93
CA LEU I 107 16.42 19.72 45.96
C LEU I 107 15.78 19.94 47.32
N MET I 108 16.42 19.43 48.39
CA MET I 108 15.84 19.58 49.72
C MET I 108 15.72 21.04 50.12
N GLU I 109 16.51 21.92 49.51
CA GLU I 109 16.32 23.35 49.72
C GLU I 109 15.10 23.85 48.96
N LEU I 110 14.91 23.38 47.72
CA LEU I 110 13.72 23.76 46.97
C LEU I 110 12.46 23.28 47.67
N ALA I 111 12.55 22.12 48.35
CA ALA I 111 11.41 21.64 49.11
C ALA I 111 11.02 22.61 50.22
N GLU I 112 11.95 23.48 50.63
CA GLU I 112 11.64 24.50 51.62
C GLU I 112 11.10 25.77 50.99
N ILE I 113 11.36 26.00 49.71
CA ILE I 113 10.81 27.16 49.03
C ILE I 113 9.33 26.95 48.81
N VAL I 114 8.97 25.96 47.99
CA VAL I 114 7.59 25.79 47.57
C VAL I 114 6.70 25.44 48.76
N ARG I 115 7.28 24.94 49.85
CA ARG I 115 6.49 24.63 51.03
C ARG I 115 6.12 25.90 51.78
N ARG I 116 7.10 26.79 51.99
CA ARG I 116 6.81 28.06 52.63
C ARG I 116 5.88 28.92 51.79
N GLN I 117 5.93 28.75 50.48
CA GLN I 117 5.06 29.53 49.59
C GLN I 117 3.60 29.12 49.77
N GLU I 118 3.34 27.84 49.95
CA GLU I 118 1.95 27.37 50.03
C GLU I 118 1.25 27.81 51.31
N GLU I 119 2.01 28.22 52.33
CA GLU I 119 1.37 28.66 53.57
C GLU I 119 0.91 30.11 53.46
N ASP I 120 1.76 30.98 52.90
CA ASP I 120 1.38 32.37 52.65
C ASP I 120 1.45 32.64 51.15
N PRO I 121 0.33 32.80 50.47
CA PRO I 121 0.37 33.06 49.03
C PRO I 121 0.59 34.52 48.69
N ARG I 122 1.03 35.32 49.66
CA ARG I 122 1.35 36.72 49.38
C ARG I 122 2.52 36.84 48.40
N ARG I 123 3.44 35.87 48.42
CA ARG I 123 4.59 35.85 47.53
C ARG I 123 4.33 34.90 46.37
N ILE I 124 5.25 34.91 45.41
CA ILE I 124 5.06 34.23 44.13
C ILE I 124 6.34 33.49 43.75
N ILE I 125 6.28 32.81 42.61
CA ILE I 125 7.40 32.04 42.07
C ILE I 125 7.39 32.19 40.56
N LEU I 126 8.54 32.52 39.98
CA LEU I 126 8.66 32.77 38.53
C LEU I 126 9.78 31.90 37.96
N PRO I 127 9.56 30.60 37.85
CA PRO I 127 10.63 29.71 37.38
C PRO I 127 11.06 30.03 35.97
N ILE I 128 12.28 29.63 35.65
CA ILE I 128 12.85 29.87 34.32
C ILE I 128 13.53 28.59 33.86
N PHE I 129 12.86 27.83 32.99
CA PHE I 129 13.46 26.63 32.45
C PHE I 129 14.68 26.98 31.62
N TYR I 130 15.55 26.00 31.38
CA TYR I 130 16.84 26.29 30.79
C TYR I 130 17.36 25.05 30.10
N MET I 131 17.46 25.10 28.77
CA MET I 131 18.08 24.04 27.98
C MET I 131 17.43 22.69 28.22
N VAL I 132 16.20 22.69 28.73
CA VAL I 132 15.50 21.46 29.06
C VAL I 132 14.05 21.62 28.64
N ASP I 133 13.37 20.51 28.47
CA ASP I 133 11.96 20.55 28.11
C ASP I 133 11.11 20.87 29.34
N PRO I 134 9.97 21.53 29.14
CA PRO I 134 9.03 21.68 30.26
C PRO I 134 8.17 20.44 30.44
N SER I 135 8.73 19.28 30.09
CA SER I 135 8.08 18.00 30.32
C SER I 135 8.91 17.05 31.17
N ASP I 136 10.23 17.21 31.18
CA ASP I 136 11.12 16.43 32.02
C ASP I 136 11.18 16.97 33.45
N VAL I 137 10.27 17.86 33.81
CA VAL I 137 10.26 18.45 35.15
C VAL I 137 9.03 18.06 35.96
N ARG I 138 8.01 17.54 35.28
CA ARG I 138 6.73 17.19 35.97
C ARG I 138 6.73 15.70 36.34
N HIS I 139 7.63 14.90 35.77
CA HIS I 139 7.64 13.46 36.01
C HIS I 139 9.04 12.90 36.23
N GLN I 140 10.05 13.76 36.34
CA GLN I 140 11.41 13.37 36.71
C GLN I 140 12.00 12.29 35.80
N THR I 141 11.44 12.12 34.61
CA THR I 141 11.95 11.15 33.66
C THR I 141 12.91 11.82 32.68
N GLY I 142 13.53 11.04 31.83
CA GLY I 142 14.44 11.57 30.81
C GLY I 142 15.87 11.70 31.33
N CYS I 143 16.26 12.93 31.66
CA CYS I 143 17.61 13.22 32.14
C CYS I 143 17.71 13.20 33.66
N TYR I 144 16.61 12.90 34.35
CA TYR I 144 16.63 12.79 35.81
C TYR I 144 16.54 11.35 36.30
N LYS I 145 16.23 10.40 35.41
CA LYS I 145 16.07 9.01 35.84
C LYS I 145 17.36 8.46 36.42
N LYS I 146 18.48 8.77 35.78
CA LYS I 146 19.80 8.34 36.33
C LYS I 146 19.99 8.97 37.71
N ALA I 147 19.49 10.20 37.90
CA ALA I 147 19.71 10.90 39.16
C ALA I 147 19.02 10.19 40.31
N PHE I 148 17.73 9.90 40.17
CA PHE I 148 17.00 9.22 41.23
C PHE I 148 17.19 7.71 41.22
N ARG I 149 17.99 7.19 40.28
CA ARG I 149 18.32 5.78 40.28
C ARG I 149 19.33 5.45 41.38
N LYS I 150 20.18 6.42 41.73
CA LYS I 150 21.17 6.24 42.79
C LYS I 150 20.82 6.97 44.07
N HIS I 151 19.95 7.99 43.99
CA HIS I 151 19.53 8.69 45.21
C HIS I 151 18.61 7.85 46.08
N ALA I 152 18.10 6.73 45.57
CA ALA I 152 17.17 5.90 46.32
C ALA I 152 17.86 4.85 47.17
N ASN I 153 19.19 4.79 47.14
CA ASN I 153 19.93 3.81 47.93
C ASN I 153 20.50 4.40 49.22
N LYS I 154 20.25 5.68 49.49
CA LYS I 154 20.80 6.33 50.67
C LYS I 154 19.71 6.81 51.63
N PHE I 155 18.76 7.59 51.15
CA PHE I 155 17.83 8.30 52.02
C PHE I 155 16.58 7.45 52.27
N ASP I 156 15.58 8.07 52.90
CA ASP I 156 14.36 7.37 53.27
C ASP I 156 13.53 7.10 52.01
N GLY I 157 12.53 6.24 52.15
CA GLY I 157 11.62 5.95 51.06
C GLY I 157 10.45 6.91 51.02
N GLN I 158 10.41 7.84 51.96
CA GLN I 158 9.40 8.90 51.98
C GLN I 158 9.97 10.28 51.69
N THR I 159 11.21 10.54 52.06
CA THR I 159 11.81 11.84 51.75
C THR I 159 11.92 12.05 50.25
N ILE I 160 12.17 10.98 49.49
CA ILE I 160 12.26 11.10 48.05
C ILE I 160 10.89 11.44 47.46
N GLN I 161 9.84 10.80 47.94
CA GLN I 161 8.49 11.16 47.50
C GLN I 161 8.14 12.58 47.89
N ASN I 162 8.79 13.14 48.91
CA ASN I 162 8.56 14.54 49.26
C ASN I 162 9.16 15.47 48.22
N TRP I 163 10.32 15.12 47.67
CA TRP I 163 10.92 15.95 46.62
C TRP I 163 10.10 15.89 45.34
N LYS I 164 9.78 14.69 44.87
CA LYS I 164 9.05 14.55 43.62
C LYS I 164 7.67 15.20 43.70
N ASP I 165 7.12 15.36 44.90
CA ASP I 165 5.86 16.07 45.04
C ASP I 165 6.07 17.58 44.97
N ALA I 166 7.21 18.07 45.45
CA ALA I 166 7.48 19.50 45.39
C ALA I 166 8.04 19.91 44.04
N LEU I 167 8.96 19.10 43.49
CA LEU I 167 9.54 19.45 42.20
C LEU I 167 8.51 19.47 41.09
N LYS I 168 7.43 18.69 41.24
CA LYS I 168 6.41 18.64 40.21
C LYS I 168 5.65 19.95 40.11
N LYS I 169 5.17 20.47 41.24
CA LYS I 169 4.30 21.64 41.20
C LYS I 169 5.03 22.87 40.69
N VAL I 170 6.36 22.88 40.75
CA VAL I 170 7.11 24.00 40.19
C VAL I 170 6.94 24.04 38.67
N GLY I 171 6.86 22.88 38.04
CA GLY I 171 6.75 22.82 36.59
C GLY I 171 5.35 23.01 36.06
N ASP I 172 4.51 23.74 36.80
CA ASP I 172 3.18 24.08 36.33
C ASP I 172 2.93 25.58 36.27
N LEU I 173 3.72 26.40 36.94
CA LEU I 173 3.54 27.84 36.89
C LEU I 173 4.09 28.40 35.58
N LYS I 174 3.96 29.73 35.45
CA LYS I 174 4.44 30.41 34.21
C LYS I 174 5.97 30.39 34.18
N GLY I 175 6.55 30.41 32.99
CA GLY I 175 8.00 30.39 32.85
C GLY I 175 8.54 30.59 31.44
N TRP I 176 9.53 31.46 31.32
CA TRP I 176 10.19 31.71 30.04
C TRP I 176 11.09 30.53 29.68
N HIS I 177 10.72 29.77 28.66
CA HIS I 177 11.62 28.75 28.14
C HIS I 177 12.69 29.40 27.29
N ILE I 178 13.92 28.94 27.44
CA ILE I 178 15.07 29.46 26.70
C ILE I 178 15.58 28.34 25.81
N GLY I 179 15.26 28.42 24.52
CA GLY I 179 15.71 27.40 23.59
C GLY I 179 17.16 27.61 23.17
N LYS I 180 17.62 26.73 22.27
CA LYS I 180 19.02 26.75 21.83
C LYS I 180 19.38 28.03 21.08
N ASP I 181 18.40 28.75 20.54
CA ASP I 181 18.69 29.91 19.72
C ASP I 181 18.31 31.24 20.36
N ASP I 182 17.42 31.23 21.37
CA ASP I 182 16.99 32.47 21.97
C ASP I 182 18.17 33.26 22.52
N GLU I 183 18.10 34.58 22.43
CA GLU I 183 19.19 35.44 22.85
C GLU I 183 19.32 35.41 24.36
N GLN I 184 20.49 35.00 24.85
CA GLN I 184 20.74 35.01 26.29
C GLN I 184 20.75 36.41 26.88
N GLY I 185 20.62 37.43 26.03
CA GLY I 185 20.69 38.82 26.51
C GLY I 185 19.32 39.50 26.55
N ALA I 186 18.56 39.37 25.45
CA ALA I 186 17.23 40.02 25.37
C ALA I 186 16.29 39.44 26.43
N ILE I 187 16.38 38.12 26.66
CA ILE I 187 15.52 37.47 27.70
C ILE I 187 15.76 38.16 29.04
N ALA I 188 17.03 38.36 29.42
CA ALA I 188 17.35 38.99 30.72
C ALA I 188 16.59 40.32 30.87
N ASP I 189 16.67 41.20 29.87
CA ASP I 189 16.03 42.54 29.98
C ASP I 189 14.52 42.34 30.13
N LYS I 190 13.95 41.44 29.34
CA LYS I 190 12.48 41.21 29.38
C LYS I 190 12.08 40.67 30.76
N VAL I 191 12.87 39.75 31.31
CA VAL I 191 12.46 39.11 32.60
C VAL I 191 12.74 40.08 33.75
N SER I 192 13.76 40.94 33.63
CA SER I 192 14.09 41.81 34.75
C SER I 192 12.96 42.79 35.03
N ALA I 193 12.43 43.42 33.97
CA ALA I 193 11.37 44.40 34.16
C ALA I 193 10.14 43.78 34.79
N ASP I 194 9.85 42.51 34.47
CA ASP I 194 8.74 41.83 35.11
C ASP I 194 8.97 41.64 36.59
N ILE I 195 10.23 41.63 37.03
CA ILE I 195 10.51 41.64 38.45
C ILE I 195 10.48 43.06 38.99
N TRP I 196 10.78 44.04 38.15
CA TRP I 196 10.74 45.44 38.57
C TRP I 196 9.35 46.03 38.46
N SER I 197 8.45 45.42 37.69
CA SER I 197 7.09 45.92 37.61
C SER I 197 6.30 45.63 38.87
N HIS I 198 6.61 44.51 39.54
CA HIS I 198 5.92 44.15 40.76
C HIS I 198 6.47 44.86 41.99
N ILE I 199 7.42 45.78 41.82
CA ILE I 199 8.01 46.53 42.92
C ILE I 199 7.60 47.99 42.90
N SER I 200 7.71 48.64 41.73
CA SER I 200 7.34 50.04 41.63
C SER I 200 5.84 50.23 41.83
N LYS I 201 5.02 49.48 41.09
CA LYS I 201 3.57 49.58 41.23
C LYS I 201 3.07 48.92 42.50
N GLU I 202 3.82 47.97 43.06
CA GLU I 202 3.46 47.27 44.28
C GLU I 202 2.08 46.61 44.16
N VAL J 33 21.80 60.63 18.05
CA VAL J 33 21.08 60.28 16.82
C VAL J 33 22.00 59.44 15.94
N GLU J 34 23.30 59.59 16.14
CA GLU J 34 24.31 58.79 15.45
C GLU J 34 24.86 57.73 16.39
N TYR J 35 25.72 56.88 15.85
CA TYR J 35 26.28 55.75 16.60
C TYR J 35 27.56 56.17 17.30
N ASP J 36 27.69 55.80 18.57
CA ASP J 36 28.90 56.08 19.33
C ASP J 36 29.72 54.84 19.62
N VAL J 37 29.21 53.65 19.31
CA VAL J 37 29.90 52.40 19.57
C VAL J 37 29.52 51.39 18.49
N PHE J 38 30.52 50.72 17.93
CA PHE J 38 30.30 49.76 16.87
C PHE J 38 31.00 48.47 17.23
N LEU J 39 30.28 47.35 17.16
CA LEU J 39 30.80 46.06 17.56
C LEU J 39 31.23 45.25 16.35
N SER J 40 31.79 44.06 16.61
CA SER J 40 32.19 43.12 15.57
C SER J 40 32.57 41.80 16.22
N PHE J 41 32.10 40.68 15.68
CA PHE J 41 32.25 39.41 16.36
C PHE J 41 32.12 38.28 15.35
N ARG J 42 32.06 37.05 15.85
CA ARG J 42 31.88 35.86 15.05
C ARG J 42 30.37 35.62 14.91
N GLY J 43 29.98 34.81 13.93
CA GLY J 43 28.60 34.48 13.73
C GLY J 43 28.06 33.55 14.80
N PRO J 44 28.20 32.25 14.59
CA PRO J 44 27.49 31.29 15.46
C PRO J 44 28.07 31.16 16.85
N ASP J 45 29.28 31.66 17.08
CA ASP J 45 29.98 31.39 18.33
C ASP J 45 29.42 32.20 19.49
N THR J 46 29.53 33.52 19.42
CA THR J 46 29.18 34.39 20.54
C THR J 46 28.04 35.35 20.22
N ARG J 47 27.19 35.01 19.26
CA ARG J 47 26.10 35.92 18.90
C ARG J 47 24.99 35.89 19.94
N LYS J 48 24.85 34.76 20.65
CA LYS J 48 23.86 34.73 21.76
C LYS J 48 24.56 34.39 23.07
N GLN J 49 25.75 33.78 23.02
CA GLN J 49 26.41 33.30 24.26
C GLN J 49 26.76 34.43 25.24
N PHE J 50 27.25 35.57 24.76
CA PHE J 50 27.71 36.63 25.70
C PHE J 50 27.51 38.02 25.10
N THR J 51 27.92 38.22 23.85
CA THR J 51 27.82 39.55 23.20
C THR J 51 26.38 40.08 23.26
N ASP J 52 25.40 39.17 23.37
CA ASP J 52 23.97 39.59 23.33
C ASP J 52 23.63 40.38 24.61
N PHE J 53 24.06 39.88 25.76
CA PHE J 53 23.76 40.56 27.04
C PHE J 53 24.41 41.95 27.03
N LEU J 54 25.61 42.06 26.45
CA LEU J 54 26.34 43.34 26.46
C LEU J 54 25.49 44.39 25.74
N TYR J 55 24.87 44.00 24.62
CA TYR J 55 23.99 44.93 23.86
C TYR J 55 22.79 45.36 24.73
N HIS J 56 22.33 44.48 25.63
CA HIS J 56 21.15 44.78 26.47
C HIS J 56 21.59 45.52 27.74
N PHE J 57 22.74 45.15 28.32
CA PHE J 57 23.26 45.86 29.48
C PHE J 57 23.71 47.26 29.11
N LEU J 58 24.31 47.41 27.93
CA LEU J 58 24.85 48.70 27.54
C LEU J 58 23.73 49.71 27.30
N CYS J 59 22.61 49.27 26.73
CA CYS J 59 21.51 50.19 26.47
C CYS J 59 20.93 50.76 27.75
N TYR J 60 21.29 50.21 28.92
CA TYR J 60 20.82 50.76 30.18
C TYR J 60 21.65 51.95 30.64
N TYR J 61 22.71 52.28 29.94
CA TYR J 61 23.49 53.48 30.24
C TYR J 61 23.20 54.63 29.26
N LYS J 62 22.07 54.57 28.56
CA LYS J 62 21.60 55.66 27.71
C LYS J 62 22.61 56.02 26.62
N ILE J 63 23.10 55.00 25.91
CA ILE J 63 23.95 55.22 24.74
C ILE J 63 23.49 54.29 23.63
N HIS J 64 23.55 54.80 22.40
CA HIS J 64 23.04 54.06 21.24
C HIS J 64 24.14 53.12 20.73
N THR J 65 23.82 51.84 20.65
CA THR J 65 24.77 50.82 20.25
C THR J 65 24.35 50.19 18.94
N PHE J 66 25.33 49.82 18.11
CA PHE J 66 25.08 49.20 16.82
C PHE J 66 25.62 47.79 16.82
N ARG J 67 24.76 46.82 16.52
CA ARG J 67 25.17 45.46 16.23
C ARG J 67 24.37 44.98 15.04
N ASP J 68 24.97 44.14 14.20
CA ASP J 68 24.31 43.70 12.98
C ASP J 68 24.45 42.19 12.83
N ASP J 69 23.41 41.58 12.25
CA ASP J 69 23.38 40.14 12.04
C ASP J 69 23.17 39.74 10.59
N ASP J 70 22.79 40.66 9.71
CA ASP J 70 22.62 40.36 8.30
C ASP J 70 23.91 39.80 7.70
N GLU J 71 23.80 38.67 7.04
CA GLU J 71 24.94 37.96 6.48
C GLU J 71 25.55 38.68 5.29
N LEU J 72 25.00 39.82 4.87
CA LEU J 72 25.48 40.60 3.72
C LEU J 72 25.52 39.67 2.52
N ARG J 73 26.69 39.35 1.96
CA ARG J 73 26.89 38.54 0.76
C ARG J 73 26.26 39.17 -0.48
N LYS J 74 25.45 40.22 -0.33
CA LYS J 74 24.84 40.91 -1.46
C LYS J 74 25.90 41.76 -2.16
N GLY J 75 26.79 41.07 -2.86
CA GLY J 75 27.96 41.69 -3.43
C GLY J 75 29.21 41.21 -2.71
N LYS J 76 30.14 42.13 -2.46
CA LYS J 76 31.32 41.81 -1.66
C LYS J 76 31.55 42.77 -0.51
N GLU J 77 31.05 44.00 -0.56
CA GLU J 77 31.11 44.91 0.58
C GLU J 77 30.03 45.96 0.40
N ILE J 78 29.12 46.03 1.37
CA ILE J 78 27.93 46.88 1.28
C ILE J 78 28.33 48.27 1.76
N GLY J 79 27.75 49.30 1.14
CA GLY J 79 28.10 50.66 1.45
C GLY J 79 27.20 51.30 2.49
N PRO J 80 25.94 51.52 2.13
CA PRO J 80 25.04 52.27 3.05
C PRO J 80 24.85 51.61 4.40
N ASN J 81 25.27 50.36 4.56
CA ASN J 81 25.15 49.70 5.85
C ASN J 81 26.44 49.80 6.65
N LEU J 82 27.39 48.92 6.36
CA LEU J 82 28.62 48.86 7.14
C LEU J 82 29.46 50.12 6.94
N LEU J 83 29.74 50.46 5.68
CA LEU J 83 30.64 51.59 5.40
C LEU J 83 30.11 52.88 6.00
N ARG J 84 28.78 53.03 6.07
CA ARG J 84 28.22 54.23 6.67
C ARG J 84 28.53 54.30 8.16
N ALA J 85 28.17 53.24 8.90
CA ALA J 85 28.33 53.28 10.35
C ALA J 85 29.79 53.28 10.78
N ILE J 86 30.68 52.72 9.96
CA ILE J 86 32.10 52.68 10.30
C ILE J 86 32.62 54.10 10.54
N ASP J 87 32.40 54.99 9.57
CA ASP J 87 32.81 56.37 9.73
C ASP J 87 31.97 57.10 10.77
N GLN J 88 30.77 56.61 11.08
CA GLN J 88 29.91 57.25 12.06
C GLN J 88 30.22 56.83 13.48
N SER J 89 30.90 55.70 13.67
CA SER J 89 31.18 55.19 15.00
C SER J 89 32.17 56.10 15.74
N LYS J 90 32.31 55.85 17.04
CA LYS J 90 33.22 56.64 17.86
C LYS J 90 34.25 55.81 18.61
N ILE J 91 33.87 54.65 19.12
CA ILE J 91 34.79 53.74 19.80
C ILE J 91 34.60 52.36 19.18
N TYR J 92 35.45 52.00 18.23
CA TYR J 92 35.39 50.66 17.66
C TYR J 92 35.83 49.64 18.69
N VAL J 93 34.94 48.73 19.04
CA VAL J 93 35.24 47.74 20.08
C VAL J 93 35.04 46.33 19.52
N PRO J 94 36.05 45.73 18.89
CA PRO J 94 35.91 44.35 18.43
C PRO J 94 35.86 43.39 19.61
N ILE J 95 35.53 42.13 19.29
CA ILE J 95 35.48 41.05 20.28
C ILE J 95 36.05 39.82 19.57
N ILE J 96 37.37 39.64 19.67
CA ILE J 96 38.00 38.51 19.02
C ILE J 96 37.64 37.22 19.76
N SER J 97 37.24 36.21 19.01
CA SER J 97 36.85 34.92 19.58
C SER J 97 37.86 33.86 19.20
N SER J 98 37.42 32.60 19.27
CA SER J 98 38.32 31.48 18.99
C SER J 98 38.35 31.18 17.48
N GLY J 99 37.21 31.28 16.82
CA GLY J 99 37.14 31.03 15.39
C GLY J 99 36.85 32.30 14.61
N TYR J 100 37.48 33.40 15.01
CA TYR J 100 37.30 34.68 14.34
C TYR J 100 38.11 34.80 13.07
N ALA J 101 38.88 33.79 12.69
CA ALA J 101 39.79 33.89 11.56
C ALA J 101 39.33 33.07 10.37
N ASP J 102 38.09 32.61 10.35
CA ASP J 102 37.61 31.77 9.26
C ASP J 102 36.64 32.49 8.33
N SER J 103 35.74 33.30 8.88
CA SER J 103 34.74 33.97 8.06
C SER J 103 35.40 34.98 7.11
N LYS J 104 35.19 34.78 5.81
CA LYS J 104 35.81 35.63 4.81
C LYS J 104 35.39 37.08 4.90
N TRP J 105 34.30 37.39 5.62
CA TRP J 105 33.85 38.77 5.76
C TRP J 105 34.50 39.48 6.92
N CYS J 106 34.70 38.79 8.05
CA CYS J 106 35.14 39.47 9.26
C CYS J 106 36.53 40.07 9.11
N LEU J 107 37.50 39.26 8.71
CA LEU J 107 38.89 39.73 8.64
C LEU J 107 39.02 40.95 7.76
N MET J 108 38.58 40.85 6.49
CA MET J 108 38.70 41.97 5.59
C MET J 108 37.92 43.19 6.07
N GLU J 109 36.91 42.98 6.92
CA GLU J 109 36.24 44.10 7.55
C GLU J 109 37.10 44.69 8.66
N LEU J 110 37.75 43.83 9.45
CA LEU J 110 38.65 44.34 10.48
C LEU J 110 39.81 45.10 9.86
N ALA J 111 40.24 44.70 8.66
CA ALA J 111 41.28 45.43 7.97
C ALA J 111 40.85 46.85 7.66
N GLU J 112 39.53 47.10 7.62
CA GLU J 112 39.04 48.46 7.43
C GLU J 112 38.89 49.23 8.73
N ILE J 113 38.81 48.54 9.86
CA ILE J 113 38.74 49.22 11.15
C ILE J 113 40.11 49.79 11.47
N VAL J 114 41.10 48.92 11.67
CA VAL J 114 42.39 49.36 12.15
C VAL J 114 43.08 50.27 11.14
N ARG J 115 42.68 50.21 9.88
CA ARG J 115 43.26 51.09 8.88
C ARG J 115 42.70 52.50 9.01
N ARG J 116 41.39 52.63 9.15
CA ARG J 116 40.79 53.95 9.36
C ARG J 116 41.25 54.56 10.68
N GLN J 117 41.55 53.72 11.67
CA GLN J 117 42.00 54.23 12.96
C GLN J 117 43.37 54.87 12.85
N GLU J 118 44.26 54.30 12.04
CA GLU J 118 45.63 54.82 11.96
C GLU J 118 45.70 56.18 11.28
N GLU J 119 44.67 56.57 10.54
CA GLU J 119 44.70 57.86 9.86
C GLU J 119 44.30 58.98 10.84
N ASP J 120 43.24 58.77 11.61
CA ASP J 120 42.83 59.72 12.64
C ASP J 120 42.92 59.05 14.00
N PRO J 121 43.87 59.41 14.85
CA PRO J 121 43.98 58.77 16.16
C PRO J 121 43.05 59.39 17.20
N ARG J 122 42.06 60.17 16.76
CA ARG J 122 41.09 60.72 17.70
C ARG J 122 40.26 59.62 18.35
N ARG J 123 40.05 58.51 17.66
CA ARG J 123 39.30 57.38 18.18
C ARG J 123 40.25 56.29 18.67
N ILE J 124 39.70 55.27 19.29
CA ILE J 124 40.46 54.27 20.01
C ILE J 124 39.92 52.88 19.70
N ILE J 125 40.55 51.86 20.27
CA ILE J 125 40.18 50.46 20.10
C ILE J 125 40.40 49.75 21.43
N LEU J 126 39.39 49.01 21.89
CA LEU J 126 39.44 48.32 23.18
C LEU J 126 39.12 46.84 22.99
N PRO J 127 40.04 46.07 22.41
CA PRO J 127 39.75 44.67 22.12
C PRO J 127 39.50 43.87 23.38
N ILE J 128 38.79 42.76 23.22
CA ILE J 128 38.46 41.88 24.34
C ILE J 128 38.70 40.45 23.90
N PHE J 129 39.82 39.88 24.32
CA PHE J 129 40.11 38.49 24.00
C PHE J 129 39.08 37.59 24.67
N TYR J 130 38.96 36.37 24.18
CA TYR J 130 37.87 35.50 24.60
C TYR J 130 38.27 34.05 24.40
N MET J 131 38.41 33.31 25.50
CA MET J 131 38.65 31.87 25.47
C MET J 131 39.88 31.52 24.65
N VAL J 132 40.77 32.49 24.45
CA VAL J 132 41.96 32.26 23.63
C VAL J 132 43.13 32.96 24.30
N ASP J 133 44.33 32.54 23.96
CA ASP J 133 45.51 33.15 24.53
C ASP J 133 45.79 34.49 23.84
N PRO J 134 46.39 35.43 24.54
CA PRO J 134 46.86 36.65 23.89
C PRO J 134 48.20 36.44 23.20
N SER J 135 48.45 35.22 22.77
CA SER J 135 49.64 34.88 21.99
C SER J 135 49.32 34.29 20.63
N ASP J 136 48.16 33.65 20.48
CA ASP J 136 47.71 33.13 19.21
C ASP J 136 47.08 34.19 18.33
N VAL J 137 47.27 35.46 18.67
CA VAL J 137 46.69 36.55 17.90
C VAL J 137 47.74 37.42 17.23
N ARG J 138 48.99 37.30 17.68
CA ARG J 138 50.08 38.16 17.14
C ARG J 138 50.84 37.42 16.04
N HIS J 139 50.65 36.10 15.90
CA HIS J 139 51.40 35.32 14.92
C HIS J 139 50.53 34.30 14.20
N GLN J 140 49.21 34.33 14.40
CA GLN J 140 48.25 33.53 13.64
C GLN J 140 48.55 32.05 13.70
N THR J 141 49.32 31.60 14.69
CA THR J 141 49.62 30.19 14.84
C THR J 141 48.67 29.57 15.85
N GLY J 142 48.76 28.26 16.01
CA GLY J 142 47.93 27.54 16.99
C GLY J 142 46.59 27.11 16.39
N CYS J 143 45.53 27.84 16.72
CA CYS J 143 44.19 27.54 16.25
C CYS J 143 43.83 28.28 14.96
N TYR J 144 44.74 29.07 14.42
CA TYR J 144 44.50 29.77 13.16
C TYR J 144 45.27 29.16 12.00
N LYS J 145 46.30 28.36 12.30
CA LYS J 145 47.14 27.78 11.23
C LYS J 145 46.23 27.01 10.27
N LYS J 146 45.22 26.34 10.81
CA LYS J 146 44.25 25.59 9.98
C LYS J 146 43.49 26.55 9.07
N ALA J 147 43.12 27.72 9.59
CA ALA J 147 42.33 28.70 8.81
C ALA J 147 43.13 29.18 7.60
N PHE J 148 44.35 29.67 7.82
CA PHE J 148 45.12 30.22 6.71
C PHE J 148 45.79 29.15 5.87
N ARG J 149 45.57 27.88 6.22
CA ARG J 149 46.11 26.76 5.40
C ARG J 149 45.24 26.64 4.15
N LYS J 150 43.95 26.97 4.26
CA LYS J 150 43.02 26.83 3.12
C LYS J 150 42.77 28.20 2.47
N HIS J 151 42.86 29.28 3.25
CA HIS J 151 42.58 30.61 2.72
C HIS J 151 43.62 31.05 1.71
N ALA J 152 44.76 30.36 1.61
CA ALA J 152 45.82 30.76 0.70
C ALA J 152 45.67 30.16 -0.70
N ASN J 153 44.63 29.37 -0.93
CA ASN J 153 44.42 28.75 -2.24
C ASN J 153 43.38 29.50 -3.07
N LYS J 154 42.82 30.59 -2.56
CA LYS J 154 41.79 31.35 -3.27
C LYS J 154 42.23 32.76 -3.61
N PHE J 155 42.66 33.53 -2.63
CA PHE J 155 42.86 34.96 -2.78
C PHE J 155 44.29 35.26 -3.25
N ASP J 156 44.64 36.55 -3.26
CA ASP J 156 45.94 36.99 -3.72
C ASP J 156 47.01 36.60 -2.70
N GLY J 157 48.27 36.69 -3.10
CA GLY J 157 49.38 36.43 -2.21
C GLY J 157 49.81 37.67 -1.45
N GLN J 158 49.14 38.79 -1.70
CA GLN J 158 49.37 40.02 -0.98
C GLN J 158 48.21 40.43 -0.09
N THR J 159 46.98 40.10 -0.46
CA THR J 159 45.85 40.42 0.40
C THR J 159 45.94 39.68 1.73
N ILE J 160 46.47 38.46 1.72
CA ILE J 160 46.61 37.71 2.96
C ILE J 160 47.63 38.37 3.87
N GLN J 161 48.76 38.81 3.30
CA GLN J 161 49.73 39.57 4.09
C GLN J 161 49.16 40.87 4.61
N ASN J 162 48.13 41.40 3.95
CA ASN J 162 47.48 42.61 4.47
C ASN J 162 46.69 42.30 5.73
N TRP J 163 46.04 41.14 5.80
CA TRP J 163 45.30 40.77 6.99
C TRP J 163 46.24 40.51 8.16
N LYS J 164 47.26 39.67 7.95
CA LYS J 164 48.17 39.31 9.02
C LYS J 164 48.91 40.53 9.56
N ASP J 165 49.03 41.58 8.75
CA ASP J 165 49.65 42.81 9.24
C ASP J 165 48.67 43.61 10.08
N ALA J 166 47.37 43.55 9.76
CA ALA J 166 46.38 44.27 10.53
C ALA J 166 45.95 43.49 11.77
N LEU J 167 45.76 42.18 11.63
CA LEU J 167 45.34 41.37 12.78
C LEU J 167 46.40 41.36 13.87
N LYS J 168 47.66 41.56 13.51
CA LYS J 168 48.73 41.54 14.51
C LYS J 168 48.64 42.74 15.43
N LYS J 169 48.52 43.94 14.87
CA LYS J 169 48.59 45.14 15.69
C LYS J 169 47.42 45.23 16.66
N VAL J 170 46.32 44.54 16.38
CA VAL J 170 45.21 44.53 17.32
C VAL J 170 45.62 43.84 18.62
N GLY J 171 46.45 42.80 18.52
CA GLY J 171 46.84 42.05 19.69
C GLY J 171 47.99 42.67 20.48
N ASP J 172 48.12 43.99 20.40
CA ASP J 172 49.09 44.71 21.21
C ASP J 172 48.49 45.75 22.13
N LEU J 173 47.26 46.19 21.88
CA LEU J 173 46.63 47.18 22.73
C LEU J 173 46.12 46.52 24.02
N LYS J 174 45.52 47.35 24.88
CA LYS J 174 45.01 46.85 26.18
C LYS J 174 43.78 45.98 25.93
N GLY J 175 43.53 45.02 26.82
CA GLY J 175 42.39 44.12 26.67
C GLY J 175 42.12 43.20 27.83
N TRP J 176 40.86 43.13 28.25
CA TRP J 176 40.44 42.24 29.32
C TRP J 176 40.42 40.80 28.81
N HIS J 177 41.34 39.97 29.31
CA HIS J 177 41.28 38.55 29.01
C HIS J 177 40.21 37.90 29.89
N ILE J 178 39.43 37.00 29.29
CA ILE J 178 38.36 36.30 29.99
C ILE J 178 38.74 34.83 30.02
N GLY J 179 39.20 34.35 31.18
CA GLY J 179 39.58 32.96 31.31
C GLY J 179 38.37 32.07 31.50
N LYS J 180 38.65 30.77 31.69
CA LYS J 180 37.60 29.78 31.83
C LYS J 180 36.75 29.98 33.07
N ASP J 181 37.24 30.68 34.08
CA ASP J 181 36.52 30.81 35.34
C ASP J 181 35.99 32.21 35.60
N ASP J 182 36.51 33.24 34.92
CA ASP J 182 36.06 34.59 35.19
C ASP J 182 34.56 34.72 34.95
N GLU J 183 33.92 35.55 35.76
CA GLU J 183 32.47 35.72 35.69
C GLU J 183 32.09 36.43 34.40
N GLN J 184 31.25 35.79 33.58
CA GLN J 184 30.78 36.42 32.36
C GLN J 184 29.88 37.62 32.64
N GLY J 185 29.59 37.89 33.92
CA GLY J 185 28.68 38.99 34.26
C GLY J 185 29.41 40.19 34.85
N ALA J 186 30.31 39.96 35.80
CA ALA J 186 31.04 41.06 36.46
C ALA J 186 31.92 41.78 35.43
N ILE J 187 32.53 41.03 34.51
CA ILE J 187 33.38 41.64 33.46
C ILE J 187 32.56 42.67 32.68
N ALA J 188 31.34 42.30 32.26
CA ALA J 188 30.47 43.21 31.49
C ALA J 188 30.33 44.55 32.22
N ASP J 189 29.97 44.53 33.51
CA ASP J 189 29.73 45.80 34.24
C ASP J 189 31.04 46.61 34.28
N LYS J 190 32.16 45.93 34.53
CA LYS J 190 33.48 46.62 34.64
C LYS J 190 33.83 47.24 33.27
N VAL J 191 33.59 46.51 32.17
CA VAL J 191 34.01 47.03 30.85
C VAL J 191 33.03 48.10 30.38
N SER J 192 31.75 48.01 30.77
CA SER J 192 30.79 48.98 30.27
C SER J 192 31.10 50.38 30.77
N ALA J 193 31.40 50.51 32.07
CA ALA J 193 31.68 51.81 32.65
C ALA J 193 32.91 52.45 31.99
N ASP J 194 33.89 51.64 31.61
CA ASP J 194 35.06 52.17 30.92
C ASP J 194 34.68 52.73 29.55
N ILE J 195 33.58 52.24 28.97
CA ILE J 195 33.07 52.86 27.75
C ILE J 195 32.21 54.07 28.10
N TRP J 196 31.58 54.06 29.27
CA TRP J 196 30.77 55.20 29.69
C TRP J 196 31.59 56.30 30.34
N SER J 197 32.81 55.99 30.80
CA SER J 197 33.65 57.02 31.38
C SER J 197 34.20 57.96 30.31
N HIS J 198 34.44 57.43 29.11
CA HIS J 198 34.96 58.25 28.02
C HIS J 198 33.88 59.05 27.31
N ILE J 199 32.65 59.01 27.79
CA ILE J 199 31.54 59.74 27.18
C ILE J 199 31.06 60.88 28.07
N SER J 200 30.85 60.61 29.36
CA SER J 200 30.39 61.66 30.27
C SER J 200 31.46 62.72 30.48
N LYS J 201 32.69 62.29 30.82
CA LYS J 201 33.78 63.24 31.00
C LYS J 201 34.31 63.79 29.69
N GLU J 202 34.11 63.07 28.59
CA GLU J 202 34.56 63.49 27.26
C GLU J 202 36.06 63.77 27.24
N VAL K 33 -15.46 9.31 51.58
CA VAL K 33 -14.20 8.79 52.09
C VAL K 33 -13.82 7.55 51.28
N GLU K 34 -14.81 6.91 50.68
CA GLU K 34 -14.61 5.77 49.80
C GLU K 34 -14.77 6.22 48.35
N TYR K 35 -14.52 5.30 47.43
CA TYR K 35 -14.54 5.58 46.00
C TYR K 35 -15.94 5.34 45.44
N ASP K 36 -16.42 6.28 44.65
CA ASP K 36 -17.72 6.15 44.00
C ASP K 36 -17.62 5.91 42.49
N VAL K 37 -16.42 6.01 41.92
CA VAL K 37 -16.22 5.84 40.48
C VAL K 37 -14.84 5.24 40.26
N PHE K 38 -14.77 4.20 39.43
CA PHE K 38 -13.51 3.53 39.15
C PHE K 38 -13.33 3.43 37.65
N LEU K 39 -12.18 3.84 37.15
CA LEU K 39 -11.91 3.88 35.72
C LEU K 39 -11.07 2.69 35.30
N SER K 40 -10.84 2.58 33.99
CA SER K 40 -9.99 1.54 33.40
C SER K 40 -9.74 1.87 31.94
N PHE K 41 -8.50 1.76 31.48
CA PHE K 41 -8.16 2.25 30.14
C PHE K 41 -6.89 1.56 29.68
N ARG K 42 -6.35 2.03 28.56
CA ARG K 42 -5.10 1.55 27.99
C ARG K 42 -3.97 2.35 28.60
N GLY K 43 -2.75 1.83 28.50
CA GLY K 43 -1.60 2.53 28.99
C GLY K 43 -1.23 3.74 28.15
N PRO K 44 -0.41 3.52 27.12
CA PRO K 44 0.18 4.68 26.41
C PRO K 44 -0.79 5.43 25.53
N ASP K 45 -1.97 4.86 25.25
CA ASP K 45 -2.85 5.43 24.24
C ASP K 45 -3.58 6.67 24.74
N THR K 46 -4.40 6.51 25.77
CA THR K 46 -5.27 7.58 26.24
C THR K 46 -5.01 7.99 27.68
N ARG K 47 -3.79 7.75 28.17
CA ARG K 47 -3.49 8.10 29.56
C ARG K 47 -3.30 9.61 29.72
N LYS K 48 -2.79 10.28 28.69
CA LYS K 48 -2.47 11.70 28.78
C LYS K 48 -3.28 12.56 27.83
N GLN K 49 -4.19 11.99 27.04
CA GLN K 49 -4.88 12.79 26.02
C GLN K 49 -6.30 13.14 26.44
N PHE K 50 -7.17 12.14 26.56
CA PHE K 50 -8.57 12.40 26.84
C PHE K 50 -8.98 12.00 28.26
N THR K 51 -8.48 10.86 28.73
CA THR K 51 -8.90 10.36 30.07
C THR K 51 -8.36 11.28 31.18
N ASP K 52 -7.27 12.01 30.90
CA ASP K 52 -6.64 12.84 31.97
C ASP K 52 -7.61 13.96 32.34
N PHE K 53 -8.26 14.57 31.35
CA PHE K 53 -9.25 15.64 31.62
C PHE K 53 -10.41 15.08 32.42
N LEU K 54 -10.79 13.83 32.13
CA LEU K 54 -11.97 13.25 32.82
C LEU K 54 -11.67 13.28 34.33
N TYR K 55 -10.43 13.00 34.71
CA TYR K 55 -10.05 13.04 36.14
C TYR K 55 -10.03 14.48 36.68
N HIS K 56 -9.72 15.48 35.86
CA HIS K 56 -9.60 16.87 36.39
C HIS K 56 -10.94 17.58 36.29
N PHE K 57 -11.72 17.35 35.22
CA PHE K 57 -13.05 17.94 35.12
C PHE K 57 -13.99 17.31 36.14
N LEU K 58 -13.87 16.01 36.38
CA LEU K 58 -14.80 15.33 37.27
C LEU K 58 -14.61 15.80 38.71
N CYS K 59 -13.36 16.05 39.12
CA CYS K 59 -13.11 16.49 40.49
C CYS K 59 -13.74 17.84 40.79
N TYR K 60 -14.21 18.54 39.76
CA TYR K 60 -14.87 19.82 39.98
C TYR K 60 -16.34 19.65 40.35
N TYR K 61 -16.85 18.43 40.33
CA TYR K 61 -18.21 18.15 40.79
C TYR K 61 -18.25 17.53 42.18
N LYS K 62 -17.16 17.66 42.94
CA LYS K 62 -17.12 17.24 44.35
C LYS K 62 -17.42 15.76 44.50
N ILE K 63 -16.76 14.92 43.70
CA ILE K 63 -16.82 13.47 43.86
C ILE K 63 -15.42 12.89 43.74
N HIS K 64 -15.16 11.87 44.55
CA HIS K 64 -13.82 11.28 44.63
C HIS K 64 -13.68 10.24 43.53
N THR K 65 -12.65 10.40 42.69
CA THR K 65 -12.42 9.54 41.54
C THR K 65 -11.12 8.77 41.72
N PHE K 66 -11.09 7.54 41.23
CA PHE K 66 -9.92 6.68 41.33
C PHE K 66 -9.40 6.40 39.92
N ARG K 67 -8.13 6.71 39.70
CA ARG K 67 -7.41 6.27 38.52
C ARG K 67 -6.02 5.83 38.96
N ASP K 68 -5.47 4.82 38.29
CA ASP K 68 -4.19 4.27 38.69
C ASP K 68 -3.28 4.11 37.48
N ASP K 69 -1.98 4.30 37.73
CA ASP K 69 -0.98 4.21 36.67
C ASP K 69 0.11 3.18 36.97
N ASP K 70 0.22 2.70 38.20
CA ASP K 70 1.22 1.68 38.54
C ASP K 70 1.06 0.45 37.68
N GLU K 71 2.15 0.03 37.06
CA GLU K 71 2.15 -1.10 36.13
C GLU K 71 1.94 -2.43 36.82
N LEU K 72 1.78 -2.47 38.14
CA LEU K 72 1.58 -3.70 38.92
C LEU K 72 2.73 -4.65 38.59
N ARG K 73 2.46 -5.79 37.95
CA ARG K 73 3.44 -6.83 37.64
C ARG K 73 4.05 -7.45 38.89
N LYS K 74 3.84 -6.87 40.06
CA LYS K 74 4.37 -7.42 41.31
C LYS K 74 3.53 -8.64 41.70
N GLY K 75 3.76 -9.72 40.96
CA GLY K 75 2.94 -10.91 41.07
C GLY K 75 2.10 -11.09 39.82
N LYS K 76 0.84 -11.47 39.99
CA LYS K 76 -0.09 -11.55 38.87
C LYS K 76 -1.39 -10.80 39.10
N GLU K 77 -1.81 -10.58 40.35
CA GLU K 77 -2.97 -9.75 40.64
C GLU K 77 -2.83 -9.25 42.07
N ILE K 78 -2.80 -7.93 42.24
CA ILE K 78 -2.55 -7.32 43.54
C ILE K 78 -3.89 -7.22 44.27
N GLY K 79 -3.84 -7.38 45.59
CA GLY K 79 -5.04 -7.39 46.39
C GLY K 79 -5.39 -6.04 46.97
N PRO K 80 -4.57 -5.56 47.91
CA PRO K 80 -4.93 -4.32 48.63
C PRO K 80 -5.07 -3.10 47.72
N ASN K 81 -4.66 -3.20 46.46
CA ASN K 81 -4.81 -2.07 45.55
C ASN K 81 -6.07 -2.23 44.70
N LEU K 82 -5.97 -3.01 43.63
CA LEU K 82 -7.09 -3.13 42.70
C LEU K 82 -8.27 -3.85 43.34
N LEU K 83 -8.03 -5.03 43.92
CA LEU K 83 -9.13 -5.82 44.46
C LEU K 83 -9.89 -5.07 45.55
N ARG K 84 -9.20 -4.22 46.31
CA ARG K 84 -9.88 -3.43 47.33
C ARG K 84 -10.85 -2.44 46.69
N ALA K 85 -10.36 -1.61 45.78
CA ALA K 85 -11.20 -0.55 45.21
C ALA K 85 -12.31 -1.10 44.34
N ILE K 86 -12.11 -2.27 43.74
CA ILE K 86 -13.15 -2.86 42.89
C ILE K 86 -14.44 -3.04 43.66
N ASP K 87 -14.37 -3.69 44.82
CA ASP K 87 -15.55 -3.86 45.65
C ASP K 87 -15.99 -2.55 46.29
N GLN K 88 -15.10 -1.56 46.38
CA GLN K 88 -15.44 -0.28 46.98
C GLN K 88 -16.09 0.68 45.98
N SER K 89 -15.92 0.44 44.69
CA SER K 89 -16.44 1.36 43.67
C SER K 89 -17.96 1.31 43.64
N LYS K 90 -18.55 2.25 42.92
CA LYS K 90 -20.00 2.32 42.80
C LYS K 90 -20.50 2.33 41.36
N ILE K 91 -19.81 3.00 40.45
CA ILE K 91 -20.17 3.00 39.03
C ILE K 91 -18.90 2.68 38.25
N TYR K 92 -18.74 1.41 37.88
CA TYR K 92 -17.60 1.03 37.05
C TYR K 92 -17.76 1.61 35.66
N VAL K 93 -16.82 2.45 35.26
CA VAL K 93 -16.92 3.13 33.96
C VAL K 93 -15.67 2.85 33.13
N PRO K 94 -15.62 1.76 32.39
CA PRO K 94 -14.46 1.51 31.52
C PRO K 94 -14.42 2.50 30.36
N ILE K 95 -13.29 2.50 29.65
CA ILE K 95 -13.10 3.34 28.47
C ILE K 95 -12.35 2.48 27.46
N ILE K 96 -13.09 1.76 26.62
CA ILE K 96 -12.48 0.88 25.63
C ILE K 96 -11.84 1.74 24.55
N SER K 97 -10.60 1.41 24.20
CA SER K 97 -9.86 2.13 23.18
C SER K 97 -9.66 1.26 21.95
N SER K 98 -8.65 1.62 21.15
CA SER K 98 -8.37 0.87 19.93
C SER K 98 -7.47 -0.31 20.19
N GLY K 99 -6.50 -0.16 21.08
CA GLY K 99 -5.59 -1.24 21.43
C GLY K 99 -5.79 -1.73 22.84
N TYR K 100 -7.05 -1.82 23.27
CA TYR K 100 -7.39 -2.28 24.61
C TYR K 100 -7.33 -3.79 24.75
N ALA K 101 -7.01 -4.52 23.69
CA ALA K 101 -7.07 -5.98 23.71
C ALA K 101 -5.70 -6.63 23.71
N ASP K 102 -4.63 -5.88 23.97
CA ASP K 102 -3.29 -6.41 23.93
C ASP K 102 -2.66 -6.59 25.31
N SER K 103 -2.82 -5.57 26.16
CA SER K 103 -2.23 -5.62 27.53
C SER K 103 -2.87 -6.76 28.31
N LYS K 104 -2.07 -7.78 28.67
CA LYS K 104 -2.60 -8.96 29.37
C LYS K 104 -3.32 -8.53 30.65
N TRP K 105 -2.85 -7.45 31.32
CA TRP K 105 -3.48 -7.11 32.58
C TRP K 105 -4.91 -6.60 32.42
N CYS K 106 -5.17 -5.81 31.38
CA CYS K 106 -6.46 -5.13 31.27
C CYS K 106 -7.60 -6.13 31.11
N LEU K 107 -7.51 -7.02 30.11
CA LEU K 107 -8.61 -7.92 29.81
C LEU K 107 -9.01 -8.74 31.04
N MET K 108 -8.04 -9.47 31.62
CA MET K 108 -8.35 -10.31 32.78
C MET K 108 -8.85 -9.48 33.95
N GLU K 109 -8.52 -8.18 33.98
CA GLU K 109 -9.10 -7.31 34.98
C GLU K 109 -10.54 -6.96 34.64
N LEU K 110 -10.82 -6.71 33.35
CA LEU K 110 -12.19 -6.46 32.94
C LEU K 110 -13.07 -7.68 33.18
N ALA K 111 -12.49 -8.88 33.08
CA ALA K 111 -13.24 -10.09 33.38
C ALA K 111 -13.68 -10.11 34.83
N GLU K 112 -13.01 -9.34 35.70
CA GLU K 112 -13.42 -9.24 37.09
C GLU K 112 -14.45 -8.14 37.31
N ILE K 113 -14.54 -7.16 36.41
CA ILE K 113 -15.55 -6.13 36.53
C ILE K 113 -16.91 -6.72 36.19
N VAL K 114 -17.08 -7.14 34.94
CA VAL K 114 -18.40 -7.56 34.47
C VAL K 114 -18.87 -8.81 35.21
N ARG K 115 -17.95 -9.56 35.80
CA ARG K 115 -18.36 -10.73 36.57
C ARG K 115 -18.95 -10.34 37.92
N ARG K 116 -18.28 -9.42 38.62
CA ARG K 116 -18.82 -8.94 39.88
C ARG K 116 -20.12 -8.18 39.67
N GLN K 117 -20.29 -7.56 38.51
CA GLN K 117 -21.53 -6.82 38.24
C GLN K 117 -22.71 -7.76 38.10
N GLU K 118 -22.51 -8.93 37.49
CA GLU K 118 -23.62 -9.84 37.25
C GLU K 118 -24.16 -10.46 38.53
N GLU K 119 -23.38 -10.45 39.61
CA GLU K 119 -23.86 -11.02 40.86
C GLU K 119 -24.78 -10.05 41.60
N ASP K 120 -24.38 -8.79 41.69
CA ASP K 120 -25.22 -7.75 42.29
C ASP K 120 -25.54 -6.70 41.23
N PRO K 121 -26.77 -6.62 40.75
CA PRO K 121 -27.10 -5.62 39.72
C PRO K 121 -27.42 -4.25 40.31
N ARG K 122 -27.07 -4.02 41.57
CA ARG K 122 -27.27 -2.70 42.17
C ARG K 122 -26.42 -1.65 41.48
N ARG K 123 -25.26 -2.04 40.95
CA ARG K 123 -24.37 -1.13 40.25
C ARG K 123 -24.54 -1.30 38.74
N ILE K 124 -23.87 -0.43 37.98
CA ILE K 124 -24.10 -0.30 36.55
C ILE K 124 -22.76 -0.17 35.83
N ILE K 125 -22.82 -0.07 34.51
CA ILE K 125 -21.65 0.06 33.65
C ILE K 125 -22.01 1.00 32.51
N LEU K 126 -21.17 2.00 32.25
CA LEU K 126 -21.42 3.02 31.23
C LEU K 126 -20.23 3.10 30.30
N PRO K 127 -20.04 2.11 29.43
CA PRO K 127 -18.85 2.10 28.56
C PRO K 127 -18.85 3.28 27.61
N ILE K 128 -17.65 3.62 27.14
CA ILE K 128 -17.46 4.72 26.22
C ILE K 128 -16.53 4.28 25.11
N PHE K 129 -17.08 3.94 23.95
CA PHE K 129 -16.25 3.56 22.82
C PHE K 129 -15.40 4.74 22.38
N TYR K 130 -14.34 4.46 21.65
CA TYR K 130 -13.33 5.49 21.36
C TYR K 130 -12.61 5.12 20.08
N MET K 131 -12.80 5.93 19.04
CA MET K 131 -12.04 5.80 17.79
C MET K 131 -12.17 4.41 17.18
N VAL K 132 -13.22 3.69 17.57
CA VAL K 132 -13.42 2.32 17.10
C VAL K 132 -14.89 2.13 16.83
N ASP K 133 -15.21 1.13 16.01
CA ASP K 133 -16.59 0.85 15.72
C ASP K 133 -17.24 0.10 16.89
N PRO K 134 -18.54 0.25 17.07
CA PRO K 134 -19.24 -0.58 18.04
C PRO K 134 -19.60 -1.94 17.46
N SER K 135 -18.79 -2.41 16.51
CA SER K 135 -18.94 -3.72 15.93
C SER K 135 -17.70 -4.59 16.09
N ASP K 136 -16.53 -3.99 16.21
CA ASP K 136 -15.29 -4.70 16.47
C ASP K 136 -15.12 -5.06 17.94
N VAL K 137 -16.18 -4.93 18.74
CA VAL K 137 -16.10 -5.23 20.16
C VAL K 137 -16.95 -6.42 20.56
N ARG K 138 -17.87 -6.82 19.68
CA ARG K 138 -18.81 -7.94 20.00
C ARG K 138 -18.26 -9.26 19.43
N HIS K 139 -17.29 -9.21 18.53
CA HIS K 139 -16.78 -10.41 17.88
C HIS K 139 -15.26 -10.43 17.77
N GLN K 140 -14.57 -9.48 18.37
CA GLN K 140 -13.11 -9.46 18.48
C GLN K 140 -12.41 -9.55 17.14
N THR K 141 -13.11 -9.23 16.06
CA THR K 141 -12.52 -9.25 14.73
C THR K 141 -12.05 -7.84 14.36
N GLY K 142 -11.39 -7.73 13.22
CA GLY K 142 -10.93 -6.44 12.71
C GLY K 142 -9.54 -6.09 13.26
N CYS K 143 -9.49 -5.20 14.25
CA CYS K 143 -8.24 -4.74 14.84
C CYS K 143 -7.82 -5.56 16.05
N TYR K 144 -8.61 -6.58 16.42
CA TYR K 144 -8.27 -7.45 17.53
C TYR K 144 -7.79 -8.82 17.09
N LYS K 145 -7.97 -9.16 15.81
CA LYS K 145 -7.60 -10.50 15.34
C LYS K 145 -6.11 -10.75 15.52
N LYS K 146 -5.29 -9.75 15.22
CA LYS K 146 -3.81 -9.88 15.40
C LYS K 146 -3.52 -10.09 16.89
N ALA K 147 -4.30 -9.44 17.77
CA ALA K 147 -4.09 -9.57 19.23
C ALA K 147 -4.27 -11.02 19.66
N PHE K 148 -5.46 -11.60 19.42
CA PHE K 148 -5.71 -12.96 19.86
C PHE K 148 -5.06 -14.00 18.97
N ARG K 149 -4.34 -13.58 17.94
CA ARG K 149 -3.59 -14.52 17.11
C ARG K 149 -2.33 -14.99 17.83
N LYS K 150 -1.77 -14.14 18.70
CA LYS K 150 -0.59 -14.49 19.48
C LYS K 150 -0.89 -14.77 20.93
N HIS K 151 -2.03 -14.30 21.45
CA HIS K 151 -2.41 -14.59 22.83
C HIS K 151 -2.81 -16.05 23.03
N ALA K 152 -3.04 -16.79 21.95
CA ALA K 152 -3.49 -18.17 22.06
C ALA K 152 -2.34 -19.17 22.15
N ASN K 153 -1.09 -18.70 22.12
CA ASN K 153 0.06 -19.58 22.20
C ASN K 153 0.65 -19.64 23.60
N LYS K 154 0.08 -18.93 24.56
CA LYS K 154 0.61 -18.88 25.92
C LYS K 154 -0.35 -19.46 26.95
N PHE K 155 -1.58 -18.97 27.00
CA PHE K 155 -2.49 -19.27 28.08
C PHE K 155 -3.32 -20.50 27.78
N ASP K 156 -4.32 -20.76 28.62
CA ASP K 156 -5.16 -21.94 28.49
C ASP K 156 -6.10 -21.76 27.29
N GLY K 157 -6.74 -22.85 26.88
CA GLY K 157 -7.70 -22.81 25.80
C GLY K 157 -9.09 -22.50 26.30
N GLN K 158 -9.24 -22.33 27.62
CA GLN K 158 -10.50 -21.94 28.22
C GLN K 158 -10.48 -20.53 28.80
N THR K 159 -9.32 -20.07 29.28
CA THR K 159 -9.23 -18.71 29.80
C THR K 159 -9.51 -17.69 28.71
N ILE K 160 -9.09 -17.98 27.47
CA ILE K 160 -9.34 -17.06 26.37
C ILE K 160 -10.83 -16.99 26.07
N GLN K 161 -11.51 -18.13 26.06
CA GLN K 161 -12.96 -18.13 25.89
C GLN K 161 -13.66 -17.41 27.02
N ASN K 162 -13.01 -17.30 28.19
CA ASN K 162 -13.60 -16.54 29.29
C ASN K 162 -13.56 -15.05 29.00
N TRP K 163 -12.48 -14.58 28.37
CA TRP K 163 -12.39 -13.16 28.03
C TRP K 163 -13.39 -12.80 26.94
N LYS K 164 -13.40 -13.56 25.85
CA LYS K 164 -14.29 -13.25 24.73
C LYS K 164 -15.75 -13.31 25.14
N ASP K 165 -16.08 -14.07 26.20
CA ASP K 165 -17.44 -14.08 26.69
C ASP K 165 -17.74 -12.84 27.52
N ALA K 166 -16.74 -12.31 28.22
CA ALA K 166 -16.96 -11.11 29.01
C ALA K 166 -16.83 -9.85 28.18
N LEU K 167 -15.84 -9.80 27.28
CA LEU K 167 -15.66 -8.62 26.44
C LEU K 167 -16.85 -8.39 25.54
N LYS K 168 -17.57 -9.46 25.18
CA LYS K 168 -18.71 -9.31 24.28
C LYS K 168 -19.85 -8.56 24.96
N LYS K 169 -20.23 -8.96 26.16
CA LYS K 169 -21.41 -8.40 26.79
C LYS K 169 -21.23 -6.92 27.10
N VAL K 170 -19.99 -6.45 27.21
CA VAL K 170 -19.76 -5.03 27.41
C VAL K 170 -20.23 -4.23 26.21
N GLY K 171 -20.06 -4.78 25.01
CA GLY K 171 -20.44 -4.07 23.80
C GLY K 171 -21.91 -4.16 23.45
N ASP K 172 -22.76 -4.33 24.45
CA ASP K 172 -24.20 -4.32 24.25
C ASP K 172 -24.92 -3.25 25.06
N LEU K 173 -24.31 -2.70 26.11
CA LEU K 173 -24.94 -1.67 26.90
C LEU K 173 -24.87 -0.33 26.18
N LYS K 174 -25.44 0.69 26.83
CA LYS K 174 -25.46 2.06 26.25
C LYS K 174 -24.03 2.63 26.25
N GLY K 175 -23.75 3.52 25.30
CA GLY K 175 -22.43 4.12 25.22
C GLY K 175 -22.26 5.24 24.21
N TRP K 176 -21.65 6.33 24.63
CA TRP K 176 -21.38 7.46 23.75
C TRP K 176 -20.24 7.12 22.81
N HIS K 177 -20.54 6.97 21.52
CA HIS K 177 -19.50 6.82 20.52
C HIS K 177 -18.88 8.18 20.23
N ILE K 178 -17.56 8.21 20.12
CA ILE K 178 -16.81 9.43 19.85
C ILE K 178 -16.16 9.28 18.48
N GLY K 179 -16.73 9.93 17.47
CA GLY K 179 -16.18 9.84 16.14
C GLY K 179 -14.99 10.76 15.95
N LYS K 180 -14.46 10.77 14.73
CA LYS K 180 -13.28 11.56 14.42
C LYS K 180 -13.48 13.05 14.55
N ASP K 181 -14.72 13.53 14.52
CA ASP K 181 -14.99 14.96 14.53
C ASP K 181 -15.64 15.45 15.81
N ASP K 182 -16.25 14.57 16.61
CA ASP K 182 -16.94 15.01 17.82
C ASP K 182 -15.96 15.73 18.74
N GLU K 183 -16.47 16.74 19.44
CA GLU K 183 -15.65 17.56 20.32
C GLU K 183 -15.21 16.75 21.52
N GLN K 184 -13.90 16.62 21.72
CA GLN K 184 -13.38 15.93 22.88
C GLN K 184 -13.69 16.65 24.18
N GLY K 185 -14.30 17.84 24.10
CA GLY K 185 -14.59 18.64 25.31
C GLY K 185 -16.06 18.61 25.68
N ALA K 186 -16.95 18.84 24.71
CA ALA K 186 -18.40 18.88 24.99
C ALA K 186 -18.87 17.50 25.49
N ILE K 187 -18.33 16.42 24.92
CA ILE K 187 -18.72 15.06 25.35
C ILE K 187 -18.44 14.91 26.85
N ALA K 188 -17.25 15.33 27.30
CA ALA K 188 -16.89 15.22 28.73
C ALA K 188 -17.98 15.83 29.60
N ASP K 189 -18.38 17.08 29.31
CA ASP K 189 -19.38 17.76 30.18
C ASP K 189 -20.70 16.98 30.15
N LYS K 190 -21.11 16.52 28.96
CA LYS K 190 -22.38 15.77 28.83
C LYS K 190 -22.30 14.47 29.62
N VAL K 191 -21.17 13.77 29.55
CA VAL K 191 -21.09 12.43 30.22
C VAL K 191 -20.91 12.63 31.73
N SER K 192 -20.25 13.73 32.14
CA SER K 192 -19.99 13.89 33.57
C SER K 192 -21.30 14.05 34.35
N ALA K 193 -22.19 14.89 33.84
CA ALA K 193 -23.46 15.14 34.54
C ALA K 193 -24.28 13.86 34.66
N ASP K 194 -24.20 12.99 33.65
CA ASP K 194 -24.90 11.71 33.74
C ASP K 194 -24.32 10.84 34.85
N ILE K 195 -23.07 11.06 35.22
CA ILE K 195 -22.52 10.39 36.40
C ILE K 195 -22.89 11.14 37.67
N TRP K 196 -23.08 12.46 37.55
CA TRP K 196 -23.48 13.25 38.71
C TRP K 196 -24.99 13.23 38.94
N SER K 197 -25.77 12.87 37.94
CA SER K 197 -27.22 12.78 38.12
C SER K 197 -27.60 11.57 38.97
N HIS K 198 -26.82 10.49 38.86
CA HIS K 198 -27.11 9.28 39.63
C HIS K 198 -26.57 9.36 41.05
N ILE K 199 -26.03 10.49 41.47
CA ILE K 199 -25.49 10.65 42.81
C ILE K 199 -26.33 11.61 43.63
N SER K 200 -26.67 12.77 43.08
CA SER K 200 -27.48 13.75 43.81
C SER K 200 -28.89 13.22 44.05
N LYS K 201 -29.56 12.76 42.98
CA LYS K 201 -30.90 12.21 43.13
C LYS K 201 -30.91 10.83 43.76
N GLU K 202 -29.80 10.10 43.67
CA GLU K 202 -29.68 8.76 44.24
C GLU K 202 -30.77 7.83 43.73
N VAL L 33 -22.15 40.14 31.30
CA VAL L 33 -22.94 40.30 30.07
C VAL L 33 -21.99 40.50 28.90
N GLU L 34 -20.78 40.97 29.19
CA GLU L 34 -19.73 41.13 28.20
C GLU L 34 -18.70 40.01 28.36
N TYR L 35 -17.74 39.99 27.45
CA TYR L 35 -16.73 38.94 27.41
C TYR L 35 -15.54 39.33 28.27
N ASP L 36 -15.05 38.40 29.08
CA ASP L 36 -13.88 38.63 29.90
C ASP L 36 -12.66 37.84 29.44
N VAL L 37 -12.82 36.93 28.48
CA VAL L 37 -11.73 36.09 27.99
C VAL L 37 -11.98 35.81 26.51
N PHE L 38 -10.94 35.99 25.70
CA PHE L 38 -11.05 35.79 24.26
C PHE L 38 -9.92 34.87 23.82
N LEU L 39 -10.25 33.81 23.09
CA LEU L 39 -9.28 32.81 22.67
C LEU L 39 -8.86 33.03 21.22
N SER L 40 -7.91 32.22 20.76
CA SER L 40 -7.44 32.24 19.38
C SER L 40 -6.55 31.02 19.15
N PHE L 41 -6.74 30.31 18.05
CA PHE L 41 -6.06 29.04 17.85
C PHE L 41 -6.04 28.72 16.37
N ARG L 42 -5.60 27.49 16.06
CA ARG L 42 -5.55 26.97 14.70
C ARG L 42 -6.90 26.34 14.39
N GLY L 43 -7.20 26.13 13.12
CA GLY L 43 -8.42 25.49 12.72
C GLY L 43 -8.43 24.00 13.02
N PRO L 44 -7.94 23.19 12.09
CA PRO L 44 -8.12 21.73 12.21
C PRO L 44 -7.28 21.08 13.28
N ASP L 45 -6.27 21.77 13.80
CA ASP L 45 -5.29 21.13 14.68
C ASP L 45 -5.85 20.88 16.07
N THR L 46 -6.18 21.95 16.80
CA THR L 46 -6.56 21.85 18.20
C THR L 46 -7.99 22.33 18.46
N ARG L 47 -8.86 22.30 17.45
CA ARG L 47 -10.22 22.78 17.66
C ARG L 47 -11.05 21.77 18.45
N LYS L 48 -10.69 20.49 18.36
CA LYS L 48 -11.39 19.49 19.20
C LYS L 48 -10.37 18.76 20.08
N GLN L 49 -9.08 18.80 19.72
CA GLN L 49 -8.05 18.00 20.44
C GLN L 49 -7.91 18.41 21.92
N PHE L 50 -7.92 19.70 22.23
CA PHE L 50 -7.66 20.12 23.64
C PHE L 50 -8.39 21.42 23.97
N THR L 51 -8.31 22.42 23.08
CA THR L 51 -8.95 23.73 23.33
C THR L 51 -10.44 23.56 23.64
N ASP L 52 -11.05 22.46 23.16
CA ASP L 52 -12.52 22.28 23.33
C ASP L 52 -12.84 22.05 24.81
N PHE L 53 -12.07 21.18 25.47
CA PHE L 53 -12.32 20.87 26.89
C PHE L 53 -12.16 22.15 27.72
N LEU L 54 -11.17 22.99 27.35
CA LEU L 54 -10.90 24.22 28.15
C LEU L 54 -12.15 25.09 28.13
N TYR L 55 -12.82 25.19 26.98
CA TYR L 55 -14.08 25.99 26.89
C TYR L 55 -15.16 25.38 27.80
N HIS L 56 -15.15 24.07 28.00
CA HIS L 56 -16.19 23.39 28.83
C HIS L 56 -15.76 23.38 30.29
N PHE L 57 -14.47 23.21 30.58
CA PHE L 57 -13.99 23.29 31.96
C PHE L 57 -14.07 24.71 32.48
N LEU L 58 -13.79 25.69 31.64
CA LEU L 58 -13.78 27.08 32.10
C LEU L 58 -15.17 27.55 32.47
N CYS L 59 -16.18 27.13 31.71
CA CYS L 59 -17.55 27.56 32.00
C CYS L 59 -18.03 27.07 33.36
N TYR L 60 -17.30 26.14 33.98
CA TYR L 60 -17.66 25.67 35.31
C TYR L 60 -17.18 26.60 36.41
N TYR L 61 -16.43 27.65 36.08
CA TYR L 61 -16.03 28.66 37.04
C TYR L 61 -16.84 29.94 36.91
N LYS L 62 -18.01 29.88 36.27
CA LYS L 62 -18.95 30.99 36.21
C LYS L 62 -18.33 32.23 35.57
N ILE L 63 -17.68 32.06 34.41
CA ILE L 63 -17.18 33.17 33.63
C ILE L 63 -17.53 32.93 32.16
N HIS L 64 -17.86 34.01 31.47
CA HIS L 64 -18.32 33.92 30.08
C HIS L 64 -17.10 33.90 29.15
N THR L 65 -17.01 32.87 28.33
CA THR L 65 -15.87 32.68 27.43
C THR L 65 -16.32 32.78 25.98
N PHE L 66 -15.45 33.32 25.13
CA PHE L 66 -15.74 33.50 23.72
C PHE L 66 -14.79 32.62 22.91
N ARG L 67 -15.34 31.75 22.08
CA ARG L 67 -14.58 31.04 21.05
C ARG L 67 -15.41 31.05 19.78
N ASP L 68 -14.75 31.11 18.63
CA ASP L 68 -15.44 31.22 17.37
C ASP L 68 -14.87 30.24 16.36
N ASP L 69 -15.75 29.71 15.50
CA ASP L 69 -15.38 28.74 14.49
C ASP L 69 -15.71 29.18 13.08
N ASP L 70 -16.53 30.21 12.89
CA ASP L 70 -16.85 30.71 11.56
C ASP L 70 -15.60 31.10 10.80
N GLU L 71 -15.47 30.57 9.59
CA GLU L 71 -14.29 30.78 8.76
C GLU L 71 -14.17 32.20 8.24
N LEU L 72 -15.12 33.08 8.55
CA LEU L 72 -15.13 34.47 8.09
C LEU L 72 -15.03 34.46 6.57
N ARG L 73 -13.95 34.97 5.98
CA ARG L 73 -13.74 35.10 4.54
C ARG L 73 -14.76 36.02 3.88
N LYS L 74 -15.81 36.43 4.58
CA LYS L 74 -16.81 37.35 4.05
C LYS L 74 -16.22 38.76 4.03
N GLY L 75 -15.31 38.96 3.07
CA GLY L 75 -14.52 40.17 3.01
C GLY L 75 -13.08 39.88 3.36
N LYS L 76 -12.45 40.76 4.14
CA LYS L 76 -11.10 40.50 4.64
C LYS L 76 -10.96 40.66 6.14
N GLU L 77 -11.83 41.42 6.80
CA GLU L 77 -11.85 41.50 8.25
C GLU L 77 -13.22 41.97 8.68
N ILE L 78 -13.90 41.17 9.48
CA ILE L 78 -15.28 41.43 9.87
C ILE L 78 -15.27 42.34 11.09
N GLY L 79 -16.24 43.24 11.17
CA GLY L 79 -16.29 44.22 12.22
C GLY L 79 -17.13 43.78 13.41
N PRO L 80 -18.45 43.68 13.22
CA PRO L 80 -19.34 43.42 14.36
C PRO L 80 -19.06 42.10 15.06
N ASN L 81 -18.23 41.24 14.48
CA ASN L 81 -17.91 39.97 15.13
C ASN L 81 -16.59 40.08 15.88
N LEU L 82 -15.47 39.93 15.16
CA LEU L 82 -14.17 39.90 15.80
C LEU L 82 -13.81 41.25 16.39
N LEU L 83 -13.90 42.32 15.59
CA LEU L 83 -13.47 43.64 16.06
C LEU L 83 -14.26 44.08 17.28
N ARG L 84 -15.53 43.67 17.38
CA ARG L 84 -16.32 44.02 18.56
C ARG L 84 -15.77 43.37 19.81
N ALA L 85 -15.62 42.03 19.78
CA ALA L 85 -15.21 41.31 20.97
C ALA L 85 -13.78 41.60 21.37
N ILE L 86 -12.93 41.97 20.40
CA ILE L 86 -11.54 42.27 20.71
C ILE L 86 -11.45 43.38 21.75
N ASP L 87 -12.12 44.50 21.48
CA ASP L 87 -12.14 45.60 22.44
C ASP L 87 -12.96 45.27 23.68
N GLN L 88 -13.85 44.29 23.60
CA GLN L 88 -14.67 43.91 24.73
C GLN L 88 -13.97 42.92 25.66
N SER L 89 -12.95 42.21 25.17
CA SER L 89 -12.29 41.19 25.97
C SER L 89 -11.51 41.82 27.12
N LYS L 90 -11.05 40.97 28.03
CA LYS L 90 -10.31 41.45 29.19
C LYS L 90 -8.95 40.78 29.35
N ILE L 91 -8.84 39.48 29.07
CA ILE L 91 -7.56 38.77 29.12
C ILE L 91 -7.42 38.01 27.81
N TYR L 92 -6.70 38.58 26.85
CA TYR L 92 -6.44 37.88 25.60
C TYR L 92 -5.52 36.70 25.85
N VAL L 93 -5.99 35.49 25.56
CA VAL L 93 -5.21 34.29 25.83
C VAL L 93 -5.06 33.47 24.56
N PRO L 94 -4.05 33.75 23.73
CA PRO L 94 -3.83 32.92 22.54
C PRO L 94 -3.35 31.53 22.92
N ILE L 95 -3.33 30.64 21.93
CA ILE L 95 -2.85 29.27 22.09
C ILE L 95 -2.07 28.94 20.82
N ILE L 96 -0.76 29.24 20.83
CA ILE L 96 0.06 28.99 19.67
C ILE L 96 0.26 27.49 19.50
N SER L 97 0.08 27.00 18.28
CA SER L 97 0.22 25.58 17.98
C SER L 97 1.43 25.36 17.10
N SER L 98 1.43 24.22 16.40
CA SER L 98 2.56 23.88 15.53
C SER L 98 2.40 24.49 14.15
N GLY L 99 1.18 24.52 13.63
CA GLY L 99 0.92 25.10 12.33
C GLY L 99 0.11 26.38 12.42
N TYR L 100 0.42 27.21 13.42
CA TYR L 100 -0.27 28.47 13.62
C TYR L 100 0.20 29.57 12.68
N ALA L 101 1.17 29.30 11.82
CA ALA L 101 1.77 30.34 10.99
C ALA L 101 1.38 30.23 9.52
N ASP L 102 0.36 29.43 9.19
CA ASP L 102 -0.03 29.23 7.80
C ASP L 102 -1.33 29.94 7.45
N SER L 103 -2.32 29.90 8.33
CA SER L 103 -3.62 30.50 8.03
C SER L 103 -3.49 32.01 7.87
N LYS L 104 -3.87 32.52 6.70
CA LYS L 104 -3.76 33.93 6.39
C LYS L 104 -4.59 34.81 7.31
N TRP L 105 -5.56 34.25 8.04
CA TRP L 105 -6.39 35.03 8.94
C TRP L 105 -5.78 35.16 10.34
N CYS L 106 -5.17 34.09 10.85
CA CYS L 106 -4.74 34.08 12.24
C CYS L 106 -3.67 35.13 12.51
N LEU L 107 -2.59 35.10 11.74
CA LEU L 107 -1.46 35.99 12.01
C LEU L 107 -1.89 37.45 12.02
N MET L 108 -2.50 37.91 10.93
CA MET L 108 -2.92 39.31 10.84
C MET L 108 -3.93 39.65 11.92
N GLU L 109 -4.64 38.65 12.44
CA GLU L 109 -5.50 38.90 13.60
C GLU L 109 -4.68 39.03 14.87
N LEU L 110 -3.65 38.19 15.02
CA LEU L 110 -2.78 38.33 16.19
C LEU L 110 -2.06 39.67 16.17
N ALA L 111 -1.75 40.19 14.98
CA ALA L 111 -1.15 41.50 14.89
C ALA L 111 -2.06 42.58 15.45
N GLU L 112 -3.37 42.30 15.53
CA GLU L 112 -4.30 43.24 16.14
C GLU L 112 -4.43 43.04 17.64
N ILE L 113 -4.07 41.87 18.15
CA ILE L 113 -4.10 41.63 19.59
C ILE L 113 -2.95 42.38 20.24
N VAL L 114 -1.72 41.98 19.91
CA VAL L 114 -0.56 42.52 20.61
C VAL L 114 -0.40 44.01 20.35
N ARG L 115 -1.00 44.52 19.28
CA ARG L 115 -0.91 45.95 19.00
C ARG L 115 -1.85 46.72 19.92
N ARG L 116 -3.09 46.26 20.07
CA ARG L 116 -4.02 46.91 20.99
C ARG L 116 -3.54 46.79 22.43
N GLN L 117 -2.80 45.73 22.74
CA GLN L 117 -2.30 45.56 24.10
C GLN L 117 -1.25 46.61 24.44
N GLU L 118 -0.39 46.95 23.48
CA GLU L 118 0.69 47.88 23.76
C GLU L 118 0.21 49.30 24.01
N GLU L 119 -1.02 49.64 23.59
CA GLU L 119 -1.52 50.99 23.82
C GLU L 119 -2.06 51.14 25.23
N ASP L 120 -2.83 50.15 25.70
CA ASP L 120 -3.32 50.15 27.09
C ASP L 120 -2.77 48.92 27.80
N PRO L 121 -1.84 49.07 28.73
CA PRO L 121 -1.30 47.90 29.42
C PRO L 121 -2.15 47.45 30.60
N ARG L 122 -3.40 47.91 30.66
CA ARG L 122 -4.30 47.45 31.71
C ARG L 122 -4.60 45.96 31.58
N ARG L 123 -4.57 45.44 30.36
CA ARG L 123 -4.82 44.03 30.09
C ARG L 123 -3.50 43.30 29.88
N ILE L 124 -3.58 41.98 29.77
CA ILE L 124 -2.41 41.11 29.78
C ILE L 124 -2.55 40.06 28.69
N ILE L 125 -1.53 39.20 28.59
CA ILE L 125 -1.48 38.12 27.62
C ILE L 125 -0.78 36.93 28.28
N LEU L 126 -1.40 35.75 28.19
CA LEU L 126 -0.90 34.54 28.83
C LEU L 126 -0.77 33.43 27.81
N PRO L 127 0.22 33.52 26.92
CA PRO L 127 0.34 32.51 25.85
C PRO L 127 0.59 31.13 26.40
N ILE L 128 0.25 30.13 25.60
CA ILE L 128 0.43 28.73 25.97
C ILE L 128 1.02 27.98 24.78
N PHE L 129 2.33 27.73 24.83
CA PHE L 129 2.97 26.99 23.77
C PHE L 129 2.43 25.56 23.75
N TYR L 130 2.61 24.88 22.63
CA TYR L 130 1.93 23.60 22.43
C TYR L 130 2.73 22.77 21.43
N MET L 131 3.30 21.67 21.89
CA MET L 131 3.97 20.69 21.03
C MET L 131 5.07 21.33 20.19
N VAL L 132 5.56 22.49 20.63
CA VAL L 132 6.57 23.21 19.88
C VAL L 132 7.57 23.78 20.88
N ASP L 133 8.76 24.09 20.38
CA ASP L 133 9.77 24.67 21.25
C ASP L 133 9.47 26.16 21.48
N PRO L 134 9.88 26.68 22.62
CA PRO L 134 9.80 28.14 22.82
C PRO L 134 10.99 28.85 22.19
N SER L 135 11.52 28.27 21.13
CA SER L 135 12.59 28.88 20.34
C SER L 135 12.22 29.07 18.88
N ASP L 136 11.32 28.26 18.35
CA ASP L 136 10.81 28.41 16.99
C ASP L 136 9.74 29.47 16.89
N VAL L 137 9.58 30.30 17.91
CA VAL L 137 8.55 31.33 17.91
C VAL L 137 9.12 32.73 17.90
N ARG L 138 10.42 32.85 18.24
CA ARG L 138 11.06 34.19 18.35
C ARG L 138 11.78 34.52 17.04
N HIS L 139 12.00 33.54 16.16
CA HIS L 139 12.75 33.78 14.93
C HIS L 139 12.12 33.10 13.71
N GLN L 140 10.92 32.53 13.86
CA GLN L 140 10.14 32.01 12.75
C GLN L 140 10.90 30.96 11.92
N THR L 141 11.94 30.37 12.49
CA THR L 141 12.69 29.34 11.80
C THR L 141 12.19 27.97 12.22
N GLY L 142 12.73 26.93 11.59
CA GLY L 142 12.35 25.55 11.94
C GLY L 142 11.13 25.07 11.15
N CYS L 143 9.98 25.05 11.81
CA CYS L 143 8.74 24.59 11.21
C CYS L 143 7.93 25.72 10.59
N TYR L 144 8.43 26.95 10.64
CA TYR L 144 7.75 28.08 10.02
C TYR L 144 8.44 28.56 8.76
N LYS L 145 9.67 28.11 8.49
CA LYS L 145 10.45 28.64 7.35
C LYS L 145 9.72 28.54 6.00
N LYS L 146 9.35 27.34 5.57
CA LYS L 146 8.75 27.18 4.21
C LYS L 146 7.45 27.97 4.07
N ALA L 147 6.60 27.96 5.11
CA ALA L 147 5.31 28.67 5.04
C ALA L 147 5.57 30.17 4.85
N PHE L 148 6.52 30.72 5.62
CA PHE L 148 6.85 32.17 5.49
C PHE L 148 7.41 32.44 4.10
N ARG L 149 8.24 31.52 3.58
CA ARG L 149 8.82 31.71 2.23
C ARG L 149 7.69 31.78 1.19
N LYS L 150 6.69 30.89 1.30
CA LYS L 150 5.54 30.92 0.36
C LYS L 150 4.74 32.21 0.53
N HIS L 151 4.54 32.67 1.78
CA HIS L 151 3.68 33.87 2.00
C HIS L 151 4.33 35.12 1.40
N ALA L 152 5.61 35.04 1.02
CA ALA L 152 6.30 36.24 0.55
C ALA L 152 6.09 36.50 -0.93
N ASN L 153 5.33 35.67 -1.62
CA ASN L 153 5.08 35.85 -3.05
C ASN L 153 3.72 36.50 -3.31
N LYS L 154 2.95 36.82 -2.28
CA LYS L 154 1.63 37.40 -2.45
C LYS L 154 1.52 38.80 -1.88
N PHE L 155 1.87 39.00 -0.61
CA PHE L 155 1.57 40.23 0.10
C PHE L 155 2.72 41.23 -0.05
N ASP L 156 2.64 42.32 0.71
CA ASP L 156 3.63 43.39 0.64
C ASP L 156 4.94 42.92 1.27
N GLY L 157 6.00 43.67 1.03
CA GLY L 157 7.29 43.38 1.64
C GLY L 157 7.45 44.04 2.99
N GLN L 158 6.42 44.77 3.43
CA GLN L 158 6.39 45.38 4.75
C GLN L 158 5.35 44.77 5.67
N THR L 159 4.23 44.28 5.13
CA THR L 159 3.24 43.62 5.97
C THR L 159 3.81 42.37 6.62
N ILE L 160 4.68 41.66 5.91
CA ILE L 160 5.28 40.46 6.49
C ILE L 160 6.20 40.82 7.65
N GLN L 161 7.00 41.87 7.48
CA GLN L 161 7.82 42.35 8.58
C GLN L 161 6.98 42.83 9.75
N ASN L 162 5.72 43.22 9.51
CA ASN L 162 4.84 43.60 10.60
C ASN L 162 4.43 42.38 11.42
N TRP L 163 4.22 41.23 10.77
CA TRP L 163 3.87 40.02 11.50
C TRP L 163 5.05 39.53 12.33
N LYS L 164 6.22 39.38 11.69
CA LYS L 164 7.38 38.86 12.39
C LYS L 164 7.79 39.75 13.56
N ASP L 165 7.42 41.02 13.52
CA ASP L 165 7.70 41.89 14.65
C ASP L 165 6.69 41.67 15.77
N ALA L 166 5.45 41.31 15.43
CA ALA L 166 4.44 41.07 16.45
C ALA L 166 4.53 39.64 16.98
N LEU L 167 4.73 38.66 16.09
CA LEU L 167 4.81 37.28 16.53
C LEU L 167 6.00 37.05 17.45
N LYS L 168 7.05 37.86 17.31
CA LYS L 168 8.23 37.68 18.14
C LYS L 168 7.95 38.02 19.60
N LYS L 169 7.35 39.19 19.84
CA LYS L 169 7.20 39.67 21.21
C LYS L 169 6.27 38.77 22.02
N VAL L 170 5.40 38.00 21.34
CA VAL L 170 4.56 37.06 22.06
C VAL L 170 5.40 35.98 22.71
N GLY L 171 6.47 35.56 22.06
CA GLY L 171 7.30 34.50 22.58
C GLY L 171 8.32 34.93 23.62
N ASP L 172 8.02 36.01 24.34
CA ASP L 172 8.86 36.46 25.45
C ASP L 172 8.14 36.51 26.78
N LEU L 173 6.80 36.53 26.80
CA LEU L 173 6.06 36.56 28.05
C LEU L 173 6.04 35.17 28.69
N LYS L 174 5.39 35.10 29.84
CA LYS L 174 5.30 33.81 30.59
C LYS L 174 4.39 32.85 29.84
N GLY L 175 4.63 31.55 29.99
CA GLY L 175 3.83 30.55 29.31
C GLY L 175 4.08 29.11 29.70
N TRP L 176 3.00 28.36 29.95
CA TRP L 176 3.10 26.95 30.28
C TRP L 176 3.44 26.15 29.03
N HIS L 177 4.65 25.59 28.97
CA HIS L 177 4.98 24.67 27.90
C HIS L 177 4.36 23.31 28.19
N ILE L 178 3.80 22.69 27.16
CA ILE L 178 3.16 21.38 27.28
C ILE L 178 3.99 20.41 26.45
N GLY L 179 4.78 19.57 27.13
CA GLY L 179 5.58 18.60 26.43
C GLY L 179 4.79 17.38 26.02
N LYS L 180 5.49 16.41 25.43
CA LYS L 180 4.85 15.20 24.91
C LYS L 180 4.22 14.35 26.01
N ASP L 181 4.65 14.50 27.27
CA ASP L 181 4.19 13.64 28.34
C ASP L 181 3.30 14.35 29.35
N ASP L 182 3.33 15.68 29.41
CA ASP L 182 2.54 16.38 30.41
C ASP L 182 1.06 16.06 30.24
N GLU L 183 0.35 16.00 31.36
CA GLU L 183 -1.06 15.63 31.36
C GLU L 183 -1.88 16.74 30.72
N GLN L 184 -2.61 16.41 29.65
CA GLN L 184 -3.49 17.38 29.01
C GLN L 184 -4.63 17.80 29.91
N GLY L 185 -4.76 17.18 31.09
CA GLY L 185 -5.89 17.48 31.99
C GLY L 185 -5.47 18.33 33.19
N ALA L 186 -4.38 17.95 33.85
CA ALA L 186 -3.92 18.68 35.05
C ALA L 186 -3.53 20.10 34.68
N ILE L 187 -2.90 20.27 33.51
CA ILE L 187 -2.49 21.64 33.05
C ILE L 187 -3.73 22.53 32.99
N ALA L 188 -4.83 22.04 32.39
CA ALA L 188 -6.07 22.84 32.27
C ALA L 188 -6.48 23.38 33.64
N ASP L 189 -6.56 22.52 34.66
CA ASP L 189 -7.04 22.97 36.00
C ASP L 189 -6.07 24.02 36.55
N LYS L 190 -4.77 23.79 36.39
CA LYS L 190 -3.75 24.73 36.91
C LYS L 190 -3.87 26.08 36.18
N VAL L 191 -4.08 26.05 34.86
CA VAL L 191 -4.09 27.34 34.11
C VAL L 191 -5.43 28.04 34.33
N SER L 192 -6.52 27.29 34.55
CA SER L 192 -7.82 27.94 34.67
C SER L 192 -7.87 28.82 35.91
N ALA L 193 -7.39 28.30 37.05
CA ALA L 193 -7.43 29.06 38.29
C ALA L 193 -6.61 30.35 38.17
N ASP L 194 -5.51 30.30 37.42
CA ASP L 194 -4.73 31.51 37.21
C ASP L 194 -5.51 32.55 36.41
N ILE L 195 -6.49 32.11 35.63
CA ILE L 195 -7.40 33.06 34.98
C ILE L 195 -8.51 33.47 35.94
N TRP L 196 -8.87 32.58 36.87
CA TRP L 196 -9.90 32.89 37.84
C TRP L 196 -9.36 33.66 39.04
N SER L 197 -8.05 33.62 39.28
CA SER L 197 -7.47 34.38 40.38
C SER L 197 -7.45 35.86 40.08
N HIS L 198 -7.29 36.23 38.81
CA HIS L 198 -7.27 37.63 38.43
C HIS L 198 -8.66 38.23 38.28
N ILE L 199 -9.71 37.49 38.61
CA ILE L 199 -11.09 37.97 38.50
C ILE L 199 -11.71 38.16 39.88
N SER L 200 -11.59 37.15 40.75
CA SER L 200 -12.16 37.25 42.09
C SER L 200 -11.46 38.33 42.91
N LYS L 201 -10.13 38.28 42.98
CA LYS L 201 -9.37 39.28 43.72
C LYS L 201 -9.30 40.61 42.99
N GLU L 202 -9.47 40.61 41.67
CA GLU L 202 -9.43 41.83 40.86
C GLU L 202 -8.13 42.59 41.05
N VAL M 33 23.32 18.52 -46.47
CA VAL M 33 24.11 19.22 -45.46
C VAL M 33 23.17 20.00 -44.56
N GLU M 34 21.98 20.31 -45.05
CA GLU M 34 20.94 20.97 -44.29
C GLU M 34 19.87 19.95 -43.90
N TYR M 35 18.91 20.39 -43.12
CA TYR M 35 17.87 19.52 -42.58
C TYR M 35 16.69 19.50 -43.54
N ASP M 36 16.17 18.30 -43.80
CA ASP M 36 15.00 18.13 -44.65
C ASP M 36 13.76 17.71 -43.89
N VAL M 37 13.89 17.39 -42.60
CA VAL M 37 12.77 16.93 -41.77
C VAL M 37 13.01 17.40 -40.35
N PHE M 38 11.98 17.98 -39.74
CA PHE M 38 12.08 18.50 -38.38
C PHE M 38 10.91 17.95 -37.58
N LEU M 39 11.21 17.37 -36.41
CA LEU M 39 10.21 16.74 -35.57
C LEU M 39 9.80 17.65 -34.43
N SER M 40 8.82 17.20 -33.65
CA SER M 40 8.35 17.90 -32.46
C SER M 40 7.42 16.98 -31.68
N PHE M 41 7.58 16.90 -30.37
CA PHE M 41 6.86 15.90 -29.59
C PHE M 41 6.81 16.35 -28.13
N ARG M 42 6.35 15.45 -27.27
CA ARG M 42 6.28 15.66 -25.84
C ARG M 42 7.61 15.21 -25.24
N GLY M 43 7.88 15.64 -24.01
CA GLY M 43 9.09 15.23 -23.33
C GLY M 43 9.04 13.79 -22.87
N PRO M 44 8.52 13.56 -21.67
CA PRO M 44 8.66 12.22 -21.07
C PRO M 44 7.78 11.16 -21.69
N ASP M 45 6.80 11.54 -22.50
CA ASP M 45 5.81 10.58 -22.97
C ASP M 45 6.35 9.66 -24.06
N THR M 46 6.72 10.23 -25.21
CA THR M 46 7.10 9.45 -26.37
C THR M 46 8.53 9.69 -26.81
N ARG M 47 9.41 10.13 -25.90
CA ARG M 47 10.78 10.41 -26.29
C ARG M 47 11.57 9.11 -26.48
N LYS M 48 11.24 8.08 -25.71
CA LYS M 48 11.99 6.84 -25.73
C LYS M 48 11.20 5.64 -26.21
N GLN M 49 9.93 5.81 -26.57
CA GLN M 49 9.10 4.65 -26.90
C GLN M 49 8.90 4.49 -28.40
N PHE M 50 8.22 5.44 -29.04
CA PHE M 50 7.89 5.30 -30.45
C PHE M 50 8.69 6.26 -31.33
N THR M 51 8.87 7.50 -30.88
CA THR M 51 9.55 8.51 -31.73
C THR M 51 11.04 8.17 -31.89
N ASP M 52 11.63 7.44 -30.94
CA ASP M 52 13.09 7.16 -31.06
C ASP M 52 13.28 6.28 -32.29
N PHE M 53 12.43 5.26 -32.40
CA PHE M 53 12.48 4.33 -33.56
C PHE M 53 12.22 5.11 -34.86
N LEU M 54 11.27 6.05 -34.82
CA LEU M 54 10.92 6.82 -36.04
C LEU M 54 12.17 7.58 -36.50
N TYR M 55 12.90 8.18 -35.56
CA TYR M 55 14.16 8.90 -35.92
C TYR M 55 15.21 7.92 -36.46
N HIS M 56 15.34 6.75 -35.84
CA HIS M 56 16.41 5.79 -36.26
C HIS M 56 16.09 5.16 -37.62
N PHE M 57 15.03 4.34 -37.71
CA PHE M 57 14.56 3.75 -38.96
C PHE M 57 14.70 4.73 -40.11
N LEU M 58 14.45 6.01 -39.85
CA LEU M 58 14.48 7.00 -40.93
C LEU M 58 15.90 7.19 -41.46
N CYS M 59 16.90 7.15 -40.58
CA CYS M 59 18.27 7.34 -41.02
C CYS M 59 18.73 6.24 -41.95
N TYR M 60 17.97 5.15 -42.06
CA TYR M 60 18.32 4.08 -42.98
C TYR M 60 17.87 4.37 -44.41
N TYR M 61 17.16 5.46 -44.63
CA TYR M 61 16.78 5.88 -45.98
C TYR M 61 17.64 7.05 -46.48
N LYS M 62 18.81 7.27 -45.87
CA LYS M 62 19.80 8.24 -46.34
C LYS M 62 19.22 9.66 -46.40
N ILE M 63 18.56 10.08 -45.32
CA ILE M 63 18.10 11.45 -45.17
C ILE M 63 18.45 11.95 -43.78
N HIS M 64 18.81 13.22 -43.68
CA HIS M 64 19.27 13.80 -42.43
C HIS M 64 18.06 14.28 -41.64
N THR M 65 17.93 13.79 -40.42
CA THR M 65 16.79 14.09 -39.56
C THR M 65 17.24 14.87 -38.33
N PHE M 66 16.39 15.79 -37.88
CA PHE M 66 16.68 16.61 -36.71
C PHE M 66 15.70 16.29 -35.60
N ARG M 67 16.22 15.91 -34.44
CA ARG M 67 15.44 15.82 -33.21
C ARG M 67 16.27 16.42 -32.10
N ASP M 68 15.61 17.06 -31.14
CA ASP M 68 16.31 17.75 -30.06
C ASP M 68 15.70 17.39 -28.72
N ASP M 69 16.56 17.33 -27.70
CA ASP M 69 16.15 16.99 -26.35
C ASP M 69 16.51 18.05 -25.32
N ASP M 70 17.36 19.02 -25.66
CA ASP M 70 17.71 20.09 -24.72
C ASP M 70 16.46 20.83 -24.28
N GLU M 71 16.32 20.98 -22.97
CA GLU M 71 15.15 21.61 -22.37
C GLU M 71 15.08 23.10 -22.59
N LEU M 72 16.06 23.69 -23.29
CA LEU M 72 16.12 25.13 -23.56
C LEU M 72 16.02 25.86 -22.23
N ARG M 73 14.95 26.62 -21.97
CA ARG M 73 14.76 27.44 -20.80
C ARG M 73 15.81 28.54 -20.66
N LYS M 74 16.87 28.52 -21.45
CA LYS M 74 17.90 29.55 -21.41
C LYS M 74 17.37 30.81 -22.08
N GLY M 75 16.47 31.47 -21.37
CA GLY M 75 15.72 32.59 -21.92
C GLY M 75 14.26 32.21 -22.11
N LYS M 76 13.67 32.61 -23.22
CA LYS M 76 12.32 32.20 -23.56
C LYS M 76 12.18 31.60 -24.96
N GLU M 77 13.07 31.92 -25.88
CA GLU M 77 13.09 31.28 -27.19
C GLU M 77 14.48 31.44 -27.77
N ILE M 78 15.13 30.31 -28.06
CA ILE M 78 16.52 30.31 -28.51
C ILE M 78 16.54 30.52 -30.02
N GLY M 79 17.54 31.22 -30.51
CA GLY M 79 17.63 31.56 -31.91
C GLY M 79 18.45 30.58 -32.72
N PRO M 80 19.76 30.55 -32.47
CA PRO M 80 20.64 29.72 -33.33
C PRO M 80 20.32 28.24 -33.30
N ASN M 81 19.46 27.79 -32.39
CA ASN M 81 19.09 26.39 -32.35
C ASN M 81 17.77 26.16 -33.08
N LEU M 82 16.65 26.42 -32.38
CA LEU M 82 15.35 26.12 -32.95
C LEU M 82 15.04 27.02 -34.15
N LEU M 83 15.16 28.34 -33.96
CA LEU M 83 14.79 29.27 -35.02
C LEU M 83 15.59 29.04 -36.29
N ARG M 84 16.85 28.60 -36.15
CA ARG M 84 17.64 28.31 -37.33
C ARG M 84 17.07 27.13 -38.11
N ALA M 85 16.88 26.00 -37.44
CA ALA M 85 16.44 24.80 -38.14
C ALA M 85 15.01 24.90 -38.66
N ILE M 86 14.18 25.72 -38.00
CA ILE M 86 12.79 25.87 -38.45
C ILE M 86 12.75 26.34 -39.89
N ASP M 87 13.46 27.43 -40.19
CA ASP M 87 13.52 27.92 -41.57
C ASP M 87 14.33 27.00 -42.48
N GLN M 88 15.18 26.15 -41.91
CA GLN M 88 15.98 25.24 -42.70
C GLN M 88 15.26 23.94 -43.04
N SER M 89 14.22 23.60 -42.28
CA SER M 89 13.51 22.35 -42.49
C SER M 89 12.76 22.35 -43.82
N LYS M 90 12.26 21.18 -44.21
CA LYS M 90 11.53 21.05 -45.47
C LYS M 90 10.15 20.43 -45.30
N ILE M 91 10.00 19.45 -44.42
CA ILE M 91 8.70 18.84 -44.14
C ILE M 91 8.53 18.83 -42.63
N TYR M 92 7.83 19.81 -42.09
CA TYR M 92 7.55 19.82 -40.66
C TYR M 92 6.58 18.70 -40.32
N VAL M 93 7.02 17.77 -39.46
CA VAL M 93 6.19 16.61 -39.13
C VAL M 93 6.00 16.53 -37.62
N PRO M 94 5.01 17.21 -37.05
CA PRO M 94 4.76 17.07 -35.61
C PRO M 94 4.23 15.68 -35.28
N ILE M 95 4.18 15.40 -33.98
CA ILE M 95 3.65 14.14 -33.46
C ILE M 95 2.85 14.50 -32.21
N ILE M 96 1.56 14.79 -32.38
CA ILE M 96 0.73 15.17 -31.25
C ILE M 96 0.48 13.95 -30.38
N SER M 97 0.65 14.10 -29.08
CA SER M 97 0.46 13.03 -28.12
C SER M 97 -0.76 13.30 -27.25
N SER M 98 -0.80 12.65 -26.09
CA SER M 98 -1.94 12.80 -25.19
C SER M 98 -1.77 14.01 -24.28
N GLY M 99 -0.54 14.26 -23.82
CA GLY M 99 -0.26 15.39 -22.96
C GLY M 99 0.59 16.43 -23.65
N TYR M 100 0.32 16.68 -24.93
CA TYR M 100 1.06 17.66 -25.71
C TYR M 100 0.62 19.09 -25.44
N ALA M 101 -0.36 19.31 -24.56
CA ALA M 101 -0.92 20.63 -24.35
C ALA M 101 -0.53 21.24 -23.02
N ASP M 102 0.46 20.68 -22.33
CA ASP M 102 0.84 21.17 -21.01
C ASP M 102 2.17 21.91 -21.02
N SER M 103 3.16 21.43 -21.76
CA SER M 103 4.47 22.05 -21.76
C SER M 103 4.41 23.45 -22.37
N LYS M 104 4.81 24.45 -21.59
CA LYS M 104 4.74 25.84 -22.01
C LYS M 104 5.61 26.13 -23.24
N TRP M 105 6.54 25.25 -23.56
CA TRP M 105 7.40 25.46 -24.73
C TRP M 105 6.81 24.92 -26.02
N CYS M 106 6.15 23.76 -25.96
CA CYS M 106 5.72 23.08 -27.18
C CYS M 106 4.69 23.89 -27.94
N LEU M 107 3.60 24.29 -27.26
CA LEU M 107 2.51 24.96 -27.95
C LEU M 107 2.99 26.22 -28.66
N MET M 108 3.63 27.14 -27.93
CA MET M 108 4.09 28.38 -28.52
C MET M 108 5.11 28.12 -29.62
N GLU M 109 5.78 26.97 -29.58
CA GLU M 109 6.65 26.60 -30.69
C GLU M 109 5.83 26.12 -31.88
N LEU M 110 4.78 25.34 -31.63
CA LEU M 110 3.91 24.92 -32.72
C LEU M 110 3.24 26.12 -33.37
N ALA M 111 2.96 27.16 -32.59
CA ALA M 111 2.39 28.38 -33.16
C ALA M 111 3.35 29.02 -34.17
N GLU M 112 4.64 28.68 -34.08
CA GLU M 112 5.59 29.19 -35.05
C GLU M 112 5.72 28.27 -36.26
N ILE M 113 5.32 27.00 -36.14
CA ILE M 113 5.35 26.10 -37.29
C ILE M 113 4.22 26.48 -38.24
N VAL M 114 2.98 26.33 -37.77
CA VAL M 114 1.84 26.49 -38.66
C VAL M 114 1.73 27.92 -39.16
N ARG M 115 2.35 28.87 -38.47
CA ARG M 115 2.32 30.25 -38.93
C ARG M 115 3.28 30.46 -40.09
N ARG M 116 4.51 29.93 -39.97
CA ARG M 116 5.45 30.02 -41.07
C ARG M 116 4.97 29.24 -42.28
N GLN M 117 4.20 28.17 -42.06
CA GLN M 117 3.68 27.38 -43.16
C GLN M 117 2.67 28.16 -43.99
N GLU M 118 1.83 28.96 -43.33
CA GLU M 118 0.78 29.66 -44.05
C GLU M 118 1.31 30.77 -44.95
N GLU M 119 2.55 31.22 -44.73
CA GLU M 119 3.10 32.27 -45.57
C GLU M 119 3.64 31.69 -46.88
N ASP M 120 4.38 30.59 -46.80
CA ASP M 120 4.87 29.89 -47.99
C ASP M 120 4.27 28.50 -48.02
N PRO M 121 3.34 28.20 -48.92
CA PRO M 121 2.75 26.86 -48.96
C PRO M 121 3.59 25.86 -49.76
N ARG M 122 4.86 26.19 -50.02
CA ARG M 122 5.74 25.25 -50.69
C ARG M 122 5.99 24.02 -49.84
N ARG M 123 5.96 24.16 -48.53
CA ARG M 123 6.15 23.05 -47.60
C ARG M 123 4.80 22.55 -47.09
N ILE M 124 4.83 21.45 -46.34
CA ILE M 124 3.64 20.73 -45.95
C ILE M 124 3.73 20.32 -44.48
N ILE M 125 2.68 19.68 -43.99
CA ILE M 125 2.58 19.20 -42.62
C ILE M 125 1.86 17.86 -42.64
N LEU M 126 2.43 16.86 -41.96
CA LEU M 126 1.88 15.50 -41.95
C LEU M 126 1.72 15.04 -40.50
N PRO M 127 0.73 15.58 -39.79
CA PRO M 127 0.58 15.23 -38.37
C PRO M 127 0.27 13.76 -38.18
N ILE M 128 0.58 13.27 -36.98
CA ILE M 128 0.35 11.88 -36.64
C ILE M 128 -0.27 11.83 -35.25
N PHE M 129 -1.58 11.62 -35.18
CA PHE M 129 -2.25 11.51 -33.90
C PHE M 129 -1.76 10.26 -33.18
N TYR M 130 -1.96 10.21 -31.87
CA TYR M 130 -1.33 9.18 -31.06
C TYR M 130 -2.16 8.98 -29.80
N MET M 131 -2.77 7.79 -29.68
CA MET M 131 -3.47 7.39 -28.46
C MET M 131 -4.55 8.39 -28.05
N VAL M 132 -4.99 9.20 -29.01
CA VAL M 132 -5.98 10.23 -28.73
C VAL M 132 -6.95 10.27 -29.89
N ASP M 133 -8.14 10.83 -29.64
CA ASP M 133 -9.13 10.94 -30.69
C ASP M 133 -8.78 12.11 -31.61
N PRO M 134 -9.16 12.03 -32.87
CA PRO M 134 -9.03 13.20 -33.75
C PRO M 134 -10.19 14.16 -33.57
N SER M 135 -10.75 14.19 -32.36
CA SER M 135 -11.79 15.14 -32.00
C SER M 135 -11.42 16.01 -30.81
N ASP M 136 -10.54 15.53 -29.93
CA ASP M 136 -10.03 16.31 -28.81
C ASP M 136 -8.92 17.25 -29.22
N VAL M 137 -8.72 17.47 -30.52
CA VAL M 137 -7.66 18.34 -30.99
C VAL M 137 -8.19 19.58 -31.70
N ARG M 138 -9.47 19.56 -32.07
CA ARG M 138 -10.06 20.69 -32.82
C ARG M 138 -10.78 21.65 -31.86
N HIS M 139 -11.04 21.23 -30.61
CA HIS M 139 -11.78 22.06 -29.66
C HIS M 139 -11.17 22.04 -28.27
N GLN M 140 -10.00 21.44 -28.09
CA GLN M 140 -9.23 21.50 -26.85
C GLN M 140 -10.02 21.01 -25.64
N THR M 141 -11.09 20.25 -25.86
CA THR M 141 -11.87 19.71 -24.77
C THR M 141 -11.43 18.29 -24.46
N GLY M 142 -11.99 17.71 -23.41
CA GLY M 142 -11.67 16.33 -23.04
C GLY M 142 -10.47 16.26 -22.09
N CYS M 143 -9.32 15.88 -22.64
CA CYS M 143 -8.09 15.73 -21.86
C CYS M 143 -7.24 16.99 -21.86
N TYR M 144 -7.69 18.07 -22.52
CA TYR M 144 -6.98 19.33 -22.53
C TYR M 144 -7.64 20.39 -21.66
N LYS M 145 -8.88 20.15 -21.21
CA LYS M 145 -9.58 21.16 -20.44
C LYS M 145 -8.85 21.50 -19.14
N LYS M 146 -8.35 20.47 -18.44
CA LYS M 146 -7.54 20.73 -17.26
C LYS M 146 -6.29 21.52 -17.62
N ALA M 147 -5.74 21.31 -18.82
CA ALA M 147 -4.52 22.01 -19.19
C ALA M 147 -4.74 23.51 -19.31
N PHE M 148 -5.75 23.92 -20.06
CA PHE M 148 -6.03 25.34 -20.23
C PHE M 148 -6.84 25.91 -19.07
N ARG M 149 -7.18 25.10 -18.07
CA ARG M 149 -7.84 25.62 -16.88
C ARG M 149 -6.87 26.36 -15.99
N LYS M 150 -5.59 25.97 -16.02
CA LYS M 150 -4.56 26.62 -15.23
C LYS M 150 -3.63 27.49 -16.07
N HIS M 151 -3.56 27.27 -17.38
CA HIS M 151 -2.75 28.11 -18.24
C HIS M 151 -3.33 29.51 -18.41
N ALA M 152 -4.58 29.73 -18.03
CA ALA M 152 -5.23 31.01 -18.21
C ALA M 152 -5.01 31.96 -17.05
N ASN M 153 -4.28 31.56 -16.01
CA ASN M 153 -4.02 32.40 -14.86
C ASN M 153 -2.65 33.05 -14.92
N LYS M 154 -1.87 32.80 -15.97
CA LYS M 154 -0.52 33.35 -16.08
C LYS M 154 -0.35 34.29 -17.25
N PHE M 155 -0.70 33.86 -18.46
CA PHE M 155 -0.36 34.57 -19.68
C PHE M 155 -1.47 35.55 -20.06
N ASP M 156 -1.36 36.14 -21.25
CA ASP M 156 -2.30 37.13 -21.72
C ASP M 156 -3.62 36.46 -22.07
N GLY M 157 -4.67 37.26 -22.25
CA GLY M 157 -5.96 36.75 -22.66
C GLY M 157 -6.09 36.67 -24.16
N GLN M 158 -5.04 37.06 -24.88
CA GLN M 158 -4.99 36.95 -26.33
C GLN M 158 -3.98 35.93 -26.82
N THR M 159 -2.87 35.73 -26.09
CA THR M 159 -1.91 34.72 -26.49
C THR M 159 -2.53 33.33 -26.45
N ILE M 160 -3.42 33.07 -25.50
CA ILE M 160 -4.07 31.77 -25.43
C ILE M 160 -4.97 31.56 -26.64
N GLN M 161 -5.73 32.58 -27.02
CA GLN M 161 -6.54 32.49 -28.23
C GLN M 161 -5.67 32.30 -29.47
N ASN M 162 -4.41 32.72 -29.41
CA ASN M 162 -3.51 32.48 -30.54
C ASN M 162 -3.15 31.01 -30.67
N TRP M 163 -2.98 30.33 -29.53
CA TRP M 163 -2.67 28.90 -29.57
C TRP M 163 -3.87 28.10 -30.07
N LYS M 164 -5.04 28.33 -29.46
CA LYS M 164 -6.22 27.56 -29.83
C LYS M 164 -6.61 27.78 -31.29
N ASP M 165 -6.18 28.90 -31.88
CA ASP M 165 -6.42 29.12 -33.30
C ASP M 165 -5.43 28.34 -34.15
N ALA M 166 -4.21 28.16 -33.66
CA ALA M 166 -3.21 27.41 -34.42
C ALA M 166 -3.34 25.91 -34.17
N LEU M 167 -3.58 25.50 -32.93
CA LEU M 167 -3.71 24.08 -32.64
C LEU M 167 -4.91 23.47 -33.36
N LYS M 168 -5.93 24.28 -33.64
CA LYS M 168 -7.12 23.75 -34.30
C LYS M 168 -6.83 23.34 -35.74
N LYS M 169 -6.19 24.22 -36.50
CA LYS M 169 -6.02 23.95 -37.93
C LYS M 169 -5.12 22.75 -38.17
N VAL M 170 -4.28 22.38 -37.20
CA VAL M 170 -3.47 21.18 -37.36
C VAL M 170 -4.35 19.94 -37.41
N GLY M 171 -5.44 19.93 -36.66
CA GLY M 171 -6.31 18.77 -36.60
C GLY M 171 -7.31 18.68 -37.74
N ASP M 172 -6.97 19.26 -38.89
CA ASP M 172 -7.79 19.15 -40.09
C ASP M 172 -7.07 18.51 -41.26
N LEU M 173 -5.74 18.47 -41.26
CA LEU M 173 -5.01 17.87 -42.36
C LEU M 173 -5.03 16.35 -42.23
N LYS M 174 -4.38 15.69 -43.21
CA LYS M 174 -4.34 14.20 -43.22
C LYS M 174 -3.47 13.71 -42.08
N GLY M 175 -3.74 12.51 -41.58
CA GLY M 175 -2.97 11.94 -40.49
C GLY M 175 -3.28 10.50 -40.13
N TRP M 176 -2.24 9.69 -39.97
CA TRP M 176 -2.38 8.30 -39.57
C TRP M 176 -2.75 8.23 -38.10
N HIS M 177 -3.97 7.82 -37.79
CA HIS M 177 -4.35 7.54 -36.41
C HIS M 177 -3.78 6.19 -35.99
N ILE M 178 -3.24 6.13 -34.77
CA ILE M 178 -2.64 4.91 -34.23
C ILE M 178 -3.50 4.49 -33.05
N GLY M 179 -4.32 3.47 -33.24
CA GLY M 179 -5.17 2.99 -32.17
C GLY M 179 -4.41 2.09 -31.21
N LYS M 180 -5.14 1.55 -30.23
CA LYS M 180 -4.55 0.74 -29.19
C LYS M 180 -3.95 -0.57 -29.71
N ASP M 181 -4.38 -1.03 -30.89
CA ASP M 181 -3.95 -2.32 -31.40
C ASP M 181 -3.03 -2.23 -32.61
N ASP M 182 -3.02 -1.10 -33.32
CA ASP M 182 -2.20 -0.99 -34.52
C ASP M 182 -0.74 -1.24 -34.19
N GLU M 183 -0.03 -1.87 -35.12
CA GLU M 183 1.36 -2.23 -34.91
C GLU M 183 2.23 -0.97 -34.88
N GLN M 184 2.94 -0.76 -33.78
CA GLN M 184 3.85 0.37 -33.68
C GLN M 184 5.02 0.26 -34.65
N GLY M 185 5.12 -0.86 -35.38
CA GLY M 185 6.26 -1.07 -36.30
C GLY M 185 5.87 -0.91 -37.75
N ALA M 186 4.76 -1.53 -38.17
CA ALA M 186 4.33 -1.47 -39.59
C ALA M 186 3.99 -0.02 -39.96
N ILE M 187 3.37 0.72 -39.02
CA ILE M 187 3.02 2.14 -39.30
C ILE M 187 4.29 2.90 -39.66
N ALA M 188 5.36 2.74 -38.89
CA ALA M 188 6.63 3.45 -39.14
C ALA M 188 7.06 3.25 -40.60
N ASP M 189 7.12 1.99 -41.06
CA ASP M 189 7.60 1.73 -42.44
C ASP M 189 6.67 2.41 -43.45
N LYS M 190 5.36 2.31 -43.23
CA LYS M 190 4.38 2.92 -44.16
C LYS M 190 4.56 4.44 -44.18
N VAL M 191 4.75 5.05 -43.01
CA VAL M 191 4.81 6.55 -42.97
C VAL M 191 6.18 7.01 -43.49
N SER M 192 7.24 6.21 -43.30
CA SER M 192 8.56 6.67 -43.70
C SER M 192 8.64 6.84 -45.21
N ALA M 193 8.14 5.85 -45.96
CA ALA M 193 8.21 5.91 -47.41
C ALA M 193 7.43 7.10 -47.95
N ASP M 194 6.33 7.47 -47.30
CA ASP M 194 5.59 8.66 -47.71
C ASP M 194 6.41 9.93 -47.51
N ILE M 195 7.38 9.89 -46.60
CA ILE M 195 8.32 11.00 -46.48
C ILE M 195 9.44 10.86 -47.50
N TRP M 196 9.77 9.61 -47.85
CA TRP M 196 10.81 9.39 -48.85
C TRP M 196 10.30 9.48 -50.28
N SER M 197 8.98 9.37 -50.49
CA SER M 197 8.43 9.51 -51.83
C SER M 197 8.47 10.96 -52.29
N HIS M 198 8.33 11.90 -51.36
CA HIS M 198 8.36 13.32 -51.72
C HIS M 198 9.77 13.86 -51.85
N ILE M 199 10.79 13.02 -51.75
CA ILE M 199 12.18 13.45 -51.88
C ILE M 199 12.82 12.92 -53.16
N SER M 200 12.65 11.62 -53.44
CA SER M 200 13.23 11.05 -54.65
C SER M 200 12.57 11.60 -55.90
N LYS M 201 11.24 11.57 -55.95
CA LYS M 201 10.52 12.10 -57.10
C LYS M 201 10.49 13.63 -57.12
N GLU M 202 10.66 14.26 -55.97
CA GLU M 202 10.66 15.72 -55.85
C GLU M 202 9.39 16.34 -56.42
N VAL N 33 15.70 -17.90 -49.49
CA VAL N 33 14.43 -18.56 -49.70
C VAL N 33 13.99 -19.25 -48.41
N GLU N 34 14.96 -19.54 -47.55
CA GLU N 34 14.71 -20.11 -46.23
C GLU N 34 14.88 -19.02 -45.17
N TYR N 35 14.60 -19.38 -43.94
CA TYR N 35 14.62 -18.45 -42.82
C TYR N 35 16.00 -18.42 -42.19
N ASP N 36 16.51 -17.23 -41.92
CA ASP N 36 17.80 -17.07 -41.27
C ASP N 36 17.68 -16.55 -39.84
N VAL N 37 16.49 -16.15 -39.40
CA VAL N 37 16.27 -15.61 -38.07
C VAL N 37 14.87 -15.99 -37.62
N PHE N 38 14.77 -16.49 -36.39
CA PHE N 38 13.48 -16.93 -35.84
C PHE N 38 13.30 -16.28 -34.49
N LEU N 39 12.14 -15.65 -34.27
CA LEU N 39 11.87 -14.92 -33.04
C LEU N 39 11.00 -15.75 -32.11
N SER N 40 10.75 -15.20 -30.92
CA SER N 40 9.87 -15.81 -29.93
C SER N 40 9.62 -14.81 -28.80
N PHE N 41 8.38 -14.65 -28.38
CA PHE N 41 8.04 -13.58 -27.45
C PHE N 41 6.75 -13.92 -26.74
N ARG N 42 6.22 -12.96 -25.99
CA ARG N 42 4.95 -13.08 -25.28
C ARG N 42 3.84 -12.64 -26.23
N GLY N 43 2.61 -13.01 -25.92
CA GLY N 43 1.48 -12.61 -26.72
C GLY N 43 1.15 -11.14 -26.57
N PRO N 44 0.31 -10.81 -25.57
CA PRO N 44 -0.24 -9.44 -25.52
C PRO N 44 0.76 -8.39 -25.08
N ASP N 45 1.90 -8.78 -24.53
CA ASP N 45 2.80 -7.81 -23.91
C ASP N 45 3.57 -6.98 -24.94
N THR N 46 4.41 -7.64 -25.74
CA THR N 46 5.31 -6.95 -26.65
C THR N 46 5.06 -7.28 -28.11
N ARG N 47 3.84 -7.69 -28.46
CA ARG N 47 3.56 -8.04 -29.85
C ARG N 47 3.42 -6.79 -30.71
N LYS N 48 2.92 -5.71 -30.14
CA LYS N 48 2.65 -4.50 -30.91
C LYS N 48 3.48 -3.30 -30.48
N GLN N 49 4.37 -3.44 -29.50
CA GLN N 49 5.07 -2.28 -28.97
C GLN N 49 6.51 -2.20 -29.47
N PHE N 50 7.32 -3.25 -29.28
CA PHE N 50 8.77 -3.19 -29.66
C PHE N 50 9.16 -4.27 -30.71
N THR N 51 8.70 -5.49 -30.50
CA THR N 51 9.07 -6.61 -31.42
C THR N 51 8.52 -6.36 -32.82
N ASP N 52 7.30 -5.80 -32.91
CA ASP N 52 6.71 -5.49 -34.24
C ASP N 52 7.61 -4.47 -34.94
N PHE N 53 8.09 -3.48 -34.19
CA PHE N 53 8.99 -2.43 -34.75
C PHE N 53 10.27 -3.09 -35.26
N LEU N 54 10.83 -4.05 -34.51
CA LEU N 54 12.03 -4.77 -35.03
C LEU N 54 11.75 -5.40 -36.40
N TYR N 55 10.75 -6.27 -36.55
CA TYR N 55 10.36 -7.01 -37.78
C TYR N 55 10.37 -6.06 -38.98
N HIS N 56 10.07 -4.77 -38.78
CA HIS N 56 9.99 -3.81 -39.92
C HIS N 56 11.36 -3.17 -40.16
N PHE N 57 12.12 -2.88 -39.09
CA PHE N 57 13.47 -2.36 -39.26
C PHE N 57 14.40 -3.41 -39.83
N LEU N 58 14.23 -4.66 -39.40
CA LEU N 58 15.14 -5.71 -39.85
C LEU N 58 14.97 -5.99 -41.34
N CYS N 59 13.74 -5.94 -41.84
CA CYS N 59 13.51 -6.20 -43.26
C CYS N 59 14.19 -5.18 -44.16
N TYR N 60 14.67 -4.07 -43.59
CA TYR N 60 15.38 -3.08 -44.37
C TYR N 60 16.84 -3.44 -44.59
N TYR N 61 17.32 -4.52 -43.98
CA TYR N 61 18.67 -5.02 -44.22
C TYR N 61 18.69 -6.23 -45.13
N LYS N 62 17.62 -6.46 -45.89
CA LYS N 62 17.56 -7.50 -46.92
C LYS N 62 17.82 -8.89 -46.33
N ILE N 63 17.12 -9.22 -45.25
CA ILE N 63 17.15 -10.56 -44.69
C ILE N 63 15.72 -10.98 -44.34
N HIS N 64 15.43 -12.25 -44.56
CA HIS N 64 14.09 -12.78 -44.37
C HIS N 64 13.89 -13.15 -42.90
N THR N 65 12.88 -12.58 -42.27
CA THR N 65 12.61 -12.78 -40.86
C THR N 65 11.28 -13.51 -40.68
N PHE N 66 11.21 -14.35 -39.65
CA PHE N 66 10.01 -15.12 -39.34
C PHE N 66 9.47 -14.68 -38.00
N ARG N 67 8.20 -14.26 -37.98
CA ARG N 67 7.46 -14.06 -36.74
C ARG N 67 6.07 -14.62 -36.95
N ASP N 68 5.48 -15.17 -35.89
CA ASP N 68 4.18 -15.82 -36.00
C ASP N 68 3.27 -15.35 -34.88
N ASP N 69 1.97 -15.27 -35.21
CA ASP N 69 0.97 -14.82 -34.26
C ASP N 69 -0.16 -15.83 -34.06
N ASP N 70 -0.27 -16.85 -34.91
CA ASP N 70 -1.31 -17.87 -34.74
C ASP N 70 -1.19 -18.53 -33.38
N GLU N 71 -2.29 -18.59 -32.66
CA GLU N 71 -2.33 -19.14 -31.30
C GLU N 71 -2.16 -20.64 -31.26
N LEU N 72 -2.00 -21.31 -32.40
CA LEU N 72 -1.83 -22.75 -32.49
C LEU N 72 -3.01 -23.40 -31.76
N ARG N 73 -2.79 -24.10 -30.66
CA ARG N 73 -3.80 -24.84 -29.89
C ARG N 73 -4.42 -25.96 -30.70
N LYS N 74 -4.19 -26.03 -32.01
CA LYS N 74 -4.73 -27.11 -32.85
C LYS N 74 -3.93 -28.38 -32.59
N GLY N 75 -4.20 -28.96 -31.42
CA GLY N 75 -3.41 -30.08 -30.93
C GLY N 75 -2.59 -29.66 -29.74
N LYS N 76 -1.34 -30.11 -29.66
CA LYS N 76 -0.42 -29.66 -28.64
C LYS N 76 0.91 -29.14 -29.17
N GLU N 77 1.33 -29.56 -30.36
CA GLU N 77 2.52 -29.00 -31.00
C GLU N 77 2.42 -29.26 -32.49
N ILE N 78 2.42 -28.18 -33.27
CA ILE N 78 2.20 -28.26 -34.72
C ILE N 78 3.55 -28.56 -35.38
N GLY N 79 3.50 -29.33 -36.45
CA GLY N 79 4.71 -29.77 -37.13
C GLY N 79 5.10 -28.86 -38.28
N PRO N 80 4.30 -28.86 -39.34
CA PRO N 80 4.70 -28.13 -40.57
C PRO N 80 4.89 -26.64 -40.36
N ASN N 81 4.47 -26.11 -39.22
CA ASN N 81 4.65 -24.69 -38.95
C ASN N 81 5.90 -24.46 -38.10
N LEU N 82 5.77 -24.62 -36.79
CA LEU N 82 6.88 -24.31 -35.89
C LEU N 82 8.04 -25.27 -36.09
N LEU N 83 7.76 -26.58 -36.03
CA LEU N 83 8.83 -27.57 -36.11
C LEU N 83 9.62 -27.44 -37.40
N ARG N 84 8.97 -27.04 -38.49
CA ARG N 84 9.68 -26.86 -39.75
C ARG N 84 10.68 -25.71 -39.65
N ALA N 85 10.21 -24.53 -39.25
CA ALA N 85 11.07 -23.35 -39.26
C ALA N 85 12.17 -23.44 -38.19
N ILE N 86 11.93 -24.19 -37.11
CA ILE N 86 12.93 -24.30 -36.06
C ILE N 86 14.23 -24.87 -36.63
N ASP N 87 14.14 -26.00 -37.33
CA ASP N 87 15.32 -26.58 -37.96
C ASP N 87 15.80 -25.75 -39.14
N GLN N 88 14.95 -24.91 -39.71
CA GLN N 88 15.34 -24.07 -40.84
C GLN N 88 16.01 -22.78 -40.42
N SER N 89 15.82 -22.35 -39.18
CA SER N 89 16.37 -21.07 -38.71
C SER N 89 17.90 -21.15 -38.62
N LYS N 90 18.50 -19.98 -38.44
CA LYS N 90 19.96 -19.90 -38.34
C LYS N 90 20.44 -19.22 -37.07
N ILE N 91 19.77 -18.17 -36.60
CA ILE N 91 20.12 -17.50 -35.35
C ILE N 91 18.84 -17.38 -34.54
N TYR N 92 18.63 -18.30 -33.61
CA TYR N 92 17.48 -18.21 -32.73
C TYR N 92 17.65 -17.04 -31.77
N VAL N 93 16.73 -16.07 -31.85
CA VAL N 93 16.85 -14.86 -31.03
C VAL N 93 15.58 -14.67 -30.21
N PRO N 94 15.49 -15.28 -29.02
CA PRO N 94 14.33 -15.03 -28.17
C PRO N 94 14.31 -13.62 -27.64
N ILE N 95 13.18 -13.25 -27.03
CA ILE N 95 13.00 -11.95 -26.41
C ILE N 95 12.22 -12.19 -25.11
N ILE N 96 12.94 -12.44 -24.02
CA ILE N 96 12.29 -12.72 -22.75
C ILE N 96 11.67 -11.43 -22.21
N SER N 97 10.42 -11.51 -21.78
CA SER N 97 9.70 -10.37 -21.26
C SER N 97 9.45 -10.55 -19.76
N SER N 98 8.46 -9.82 -19.26
CA SER N 98 8.15 -9.87 -17.83
C SER N 98 7.21 -11.02 -17.51
N GLY N 99 6.25 -11.29 -18.39
CA GLY N 99 5.31 -12.37 -18.18
C GLY N 99 5.50 -13.49 -19.19
N TYR N 100 6.77 -13.81 -19.49
CA TYR N 100 7.09 -14.86 -20.43
C TYR N 100 6.99 -16.25 -19.83
N ALA N 101 6.64 -16.38 -18.56
CA ALA N 101 6.64 -17.66 -17.88
C ALA N 101 5.25 -18.20 -17.60
N ASP N 102 4.22 -17.64 -18.21
CA ASP N 102 2.85 -18.05 -17.95
C ASP N 102 2.23 -18.85 -19.08
N SER N 103 2.47 -18.45 -20.32
CA SER N 103 1.87 -19.13 -21.47
C SER N 103 2.38 -20.56 -21.59
N LYS N 104 1.46 -21.52 -21.54
CA LYS N 104 1.82 -22.92 -21.58
C LYS N 104 2.52 -23.33 -22.88
N TRP N 105 2.42 -22.51 -23.92
CA TRP N 105 3.08 -22.83 -25.18
C TRP N 105 4.52 -22.35 -25.26
N CYS N 106 4.80 -21.16 -24.71
CA CYS N 106 6.10 -20.54 -24.92
C CYS N 106 7.22 -21.37 -24.28
N LEU N 107 7.09 -21.66 -22.98
CA LEU N 107 8.16 -22.35 -22.27
C LEU N 107 8.54 -23.66 -22.93
N MET N 108 7.56 -24.55 -23.11
CA MET N 108 7.84 -25.85 -23.72
C MET N 108 8.37 -25.70 -25.14
N GLU N 109 8.08 -24.57 -25.79
CA GLU N 109 8.70 -24.31 -27.08
C GLU N 109 10.15 -23.87 -26.91
N LEU N 110 10.42 -23.04 -25.91
CA LEU N 110 11.80 -22.66 -25.63
C LEU N 110 12.64 -23.87 -25.25
N ALA N 111 12.03 -24.84 -24.58
CA ALA N 111 12.74 -26.08 -24.26
C ALA N 111 13.19 -26.80 -25.51
N GLU N 112 12.55 -26.53 -26.65
CA GLU N 112 12.97 -27.12 -27.91
C GLU N 112 14.03 -26.29 -28.61
N ILE N 113 14.15 -25.00 -28.28
CA ILE N 113 15.20 -24.18 -28.87
C ILE N 113 16.54 -24.57 -28.26
N VAL N 114 16.69 -24.34 -26.95
CA VAL N 114 17.99 -24.51 -26.32
C VAL N 114 18.42 -25.98 -26.34
N ARG N 115 17.49 -26.89 -26.53
CA ARG N 115 17.85 -28.31 -26.63
C ARG N 115 18.46 -28.61 -27.99
N ARG N 116 17.83 -28.14 -29.06
CA ARG N 116 18.39 -28.33 -30.40
C ARG N 116 19.72 -27.60 -30.54
N GLN N 117 19.90 -26.51 -29.82
CA GLN N 117 21.15 -25.75 -29.91
C GLN N 117 22.31 -26.54 -29.31
N GLU N 118 22.07 -27.27 -28.22
CA GLU N 118 23.15 -27.98 -27.55
C GLU N 118 23.68 -29.15 -28.36
N GLU N 119 22.90 -29.64 -29.34
CA GLU N 119 23.37 -30.77 -30.14
C GLU N 119 24.33 -30.29 -31.24
N ASP N 120 23.96 -29.21 -31.94
CA ASP N 120 24.84 -28.62 -32.93
C ASP N 120 25.18 -27.20 -32.51
N PRO N 121 26.42 -26.92 -32.10
CA PRO N 121 26.77 -25.56 -31.68
C PRO N 121 27.14 -24.65 -32.83
N ARG N 122 26.80 -25.06 -34.06
CA ARG N 122 27.06 -24.19 -35.21
C ARG N 122 26.23 -22.91 -35.14
N ARG N 123 25.06 -22.97 -34.50
CA ARG N 123 24.19 -21.81 -34.34
C ARG N 123 24.35 -21.24 -32.94
N ILE N 124 23.71 -20.08 -32.71
CA ILE N 124 23.93 -19.29 -31.50
C ILE N 124 22.58 -18.81 -30.97
N ILE N 125 22.64 -18.09 -29.85
CA ILE N 125 21.47 -17.52 -29.19
C ILE N 125 21.86 -16.16 -28.64
N LEU N 126 21.05 -15.14 -28.91
CA LEU N 126 21.32 -13.76 -28.50
C LEU N 126 20.14 -13.20 -27.74
N PRO N 127 19.91 -13.66 -26.50
CA PRO N 127 18.73 -13.22 -25.76
C PRO N 127 18.75 -11.72 -25.50
N ILE N 128 17.55 -11.17 -25.27
CA ILE N 128 17.40 -9.76 -25.00
C ILE N 128 16.44 -9.59 -23.84
N PHE N 129 16.97 -9.34 -22.65
CA PHE N 129 16.13 -9.11 -21.49
C PHE N 129 15.32 -7.84 -21.70
N TYR N 130 14.24 -7.71 -20.94
CA TYR N 130 13.27 -6.64 -21.20
C TYR N 130 12.52 -6.33 -19.92
N MET N 131 12.72 -5.13 -19.39
CA MET N 131 11.96 -4.61 -18.25
C MET N 131 12.04 -5.55 -17.04
N VAL N 132 13.06 -6.40 -17.02
CA VAL N 132 13.22 -7.36 -15.94
C VAL N 132 14.68 -7.45 -15.58
N ASP N 133 14.97 -7.94 -14.38
CA ASP N 133 16.34 -8.08 -13.96
C ASP N 133 16.97 -9.31 -14.60
N PRO N 134 18.27 -9.30 -14.82
CA PRO N 134 18.95 -10.53 -15.25
C PRO N 134 19.27 -11.43 -14.07
N SER N 135 18.44 -11.37 -13.04
CA SER N 135 18.54 -12.25 -11.89
C SER N 135 17.28 -13.05 -11.65
N ASP N 136 16.12 -12.56 -12.06
CA ASP N 136 14.86 -13.28 -11.98
C ASP N 136 14.69 -14.29 -13.10
N VAL N 137 15.75 -14.59 -13.82
CA VAL N 137 15.67 -15.52 -14.93
C VAL N 137 16.49 -16.79 -14.70
N ARG N 138 17.39 -16.74 -13.72
CA ARG N 138 18.30 -17.89 -13.45
C ARG N 138 17.70 -18.77 -12.32
N HIS N 139 16.72 -18.26 -11.56
CA HIS N 139 16.17 -19.00 -10.43
C HIS N 139 14.65 -18.91 -10.36
N GLN N 140 14.00 -18.35 -11.37
CA GLN N 140 12.54 -18.36 -11.49
C GLN N 140 11.84 -17.77 -10.29
N THR N 141 12.53 -16.99 -9.48
CA THR N 141 11.93 -16.34 -8.32
C THR N 141 11.51 -14.93 -8.68
N GLY N 142 10.85 -14.26 -7.74
CA GLY N 142 10.42 -12.88 -7.94
C GLY N 142 9.04 -12.79 -8.61
N CYS N 143 9.04 -12.49 -9.91
CA CYS N 143 7.80 -12.34 -10.67
C CYS N 143 7.38 -13.63 -11.35
N TYR N 144 8.13 -14.72 -11.17
CA TYR N 144 7.76 -16.01 -11.74
C TYR N 144 7.24 -16.99 -10.69
N LYS N 145 7.50 -16.68 -9.42
CA LYS N 145 7.12 -17.58 -8.31
C LYS N 145 5.67 -18.04 -8.47
N LYS N 146 4.74 -17.09 -8.56
CA LYS N 146 3.30 -17.46 -8.68
C LYS N 146 3.07 -18.16 -10.02
N ALA N 147 3.81 -17.81 -11.07
CA ALA N 147 3.58 -18.56 -12.29
C ALA N 147 3.73 -20.06 -12.05
N PHE N 148 4.84 -20.48 -11.45
CA PHE N 148 5.04 -21.89 -11.18
C PHE N 148 4.35 -22.37 -9.91
N ARG N 149 3.64 -21.48 -9.22
CA ARG N 149 2.85 -21.89 -8.07
C ARG N 149 1.59 -22.62 -8.50
N LYS N 150 1.06 -22.27 -9.67
CA LYS N 150 -0.13 -22.92 -10.21
C LYS N 150 0.17 -23.87 -11.35
N HIS N 151 1.32 -23.74 -12.01
CA HIS N 151 1.69 -24.67 -13.06
C HIS N 151 2.06 -26.04 -12.54
N ALA N 152 2.25 -26.19 -11.23
CA ALA N 152 2.66 -27.47 -10.65
C ALA N 152 1.48 -28.35 -10.27
N ASN N 153 0.26 -27.90 -10.49
CA ASN N 153 -0.93 -28.68 -10.17
C ASN N 153 -1.52 -29.38 -11.38
N LYS N 154 -0.92 -29.23 -12.55
CA LYS N 154 -1.44 -29.84 -13.77
C LYS N 154 -0.49 -30.86 -14.38
N PHE N 155 0.76 -30.49 -14.63
CA PHE N 155 1.67 -31.29 -15.43
C PHE N 155 2.46 -32.25 -14.54
N ASP N 156 3.45 -32.91 -15.14
CA ASP N 156 4.25 -33.90 -14.44
C ASP N 156 5.19 -33.19 -13.45
N GLY N 157 5.78 -33.97 -12.55
CA GLY N 157 6.74 -33.43 -11.60
C GLY N 157 8.15 -33.44 -12.16
N GLN N 158 8.31 -33.92 -13.39
CA GLN N 158 9.59 -33.91 -14.08
C GLN N 158 9.60 -32.95 -15.28
N THR N 159 8.47 -32.75 -15.95
CA THR N 159 8.43 -31.81 -17.05
C THR N 159 8.74 -30.39 -16.58
N ILE N 160 8.29 -30.05 -15.37
CA ILE N 160 8.57 -28.72 -14.84
C ILE N 160 10.05 -28.55 -14.58
N GLN N 161 10.71 -29.55 -14.00
CA GLN N 161 12.15 -29.51 -13.82
C GLN N 161 12.88 -29.44 -15.16
N ASN N 162 12.26 -29.90 -16.24
CA ASN N 162 12.87 -29.77 -17.56
C ASN N 162 12.87 -28.32 -18.03
N TRP N 163 11.80 -27.58 -17.72
CA TRP N 163 11.77 -26.17 -18.10
C TRP N 163 12.77 -25.35 -17.30
N LYS N 164 12.75 -25.49 -15.97
CA LYS N 164 13.63 -24.71 -15.13
C LYS N 164 15.10 -25.00 -15.42
N ASP N 165 15.40 -26.18 -15.98
CA ASP N 165 16.76 -26.47 -16.38
C ASP N 165 17.11 -25.79 -17.70
N ALA N 166 16.13 -25.63 -18.58
CA ALA N 166 16.39 -24.97 -19.86
C ALA N 166 16.30 -23.45 -19.73
N LEU N 167 15.31 -22.96 -18.99
CA LEU N 167 15.16 -21.52 -18.83
C LEU N 167 16.36 -20.91 -18.11
N LYS N 168 17.05 -21.68 -17.28
CA LYS N 168 18.18 -21.16 -16.54
C LYS N 168 19.34 -20.84 -17.47
N LYS N 169 19.71 -21.80 -18.32
CA LYS N 169 20.93 -21.63 -19.11
C LYS N 169 20.79 -20.48 -20.11
N VAL N 170 19.56 -20.09 -20.45
CA VAL N 170 19.39 -18.94 -21.32
C VAL N 170 19.88 -17.67 -20.64
N GLY N 171 19.68 -17.57 -19.33
CA GLY N 171 20.07 -16.38 -18.60
C GLY N 171 21.54 -16.32 -18.21
N ASP N 172 22.39 -16.98 -18.99
CA ASP N 172 23.83 -16.90 -18.80
C ASP N 172 24.59 -16.37 -20.00
N LEU N 173 24.00 -16.39 -21.19
CA LEU N 173 24.67 -15.88 -22.37
C LEU N 173 24.64 -14.36 -22.39
N LYS N 174 25.24 -13.80 -23.45
CA LYS N 174 25.30 -12.31 -23.58
C LYS N 174 23.90 -11.78 -23.89
N GLY N 175 23.63 -10.54 -23.49
CA GLY N 175 22.33 -9.93 -23.72
C GLY N 175 22.20 -8.46 -23.39
N TRP N 176 21.62 -7.69 -24.30
CA TRP N 176 21.38 -6.27 -24.08
C TRP N 176 20.23 -6.09 -23.10
N HIS N 177 20.52 -5.60 -21.90
CA HIS N 177 19.46 -5.23 -20.97
C HIS N 177 18.89 -3.89 -21.39
N ILE N 178 17.56 -3.77 -21.33
CA ILE N 178 16.85 -2.55 -21.70
C ILE N 178 16.20 -2.02 -20.44
N GLY N 179 16.78 -0.97 -19.86
CA GLY N 179 16.22 -0.39 -18.65
C GLY N 179 15.06 0.53 -18.96
N LYS N 180 14.53 1.15 -17.89
CA LYS N 180 13.36 2.02 -18.02
C LYS N 180 13.62 3.25 -18.87
N ASP N 181 14.87 3.66 -19.04
CA ASP N 181 15.19 4.90 -19.73
C ASP N 181 15.86 4.70 -21.08
N ASP N 182 16.44 3.53 -21.34
CA ASP N 182 17.15 3.30 -22.59
C ASP N 182 16.21 3.52 -23.77
N GLU N 183 16.76 4.05 -24.85
CA GLU N 183 15.96 4.38 -26.04
C GLU N 183 15.51 3.09 -26.71
N GLN N 184 14.19 2.92 -26.85
CA GLN N 184 13.65 1.77 -27.55
C GLN N 184 14.01 1.77 -29.03
N GLY N 185 14.65 2.83 -29.51
CA GLY N 185 14.97 2.95 -30.94
C GLY N 185 16.44 2.71 -31.23
N ALA N 186 17.33 3.35 -30.47
CA ALA N 186 18.78 3.21 -30.71
C ALA N 186 19.22 1.76 -30.47
N ILE N 187 18.63 1.11 -29.47
CA ILE N 187 18.97 -0.32 -29.18
C ILE N 187 18.71 -1.15 -30.43
N ALA N 188 17.54 -0.98 -31.05
CA ALA N 188 17.17 -1.75 -32.26
C ALA N 188 18.30 -1.66 -33.30
N ASP N 189 18.73 -0.44 -33.64
CA ASP N 189 19.76 -0.28 -34.70
C ASP N 189 21.05 -0.99 -34.28
N LYS N 190 21.43 -0.83 -33.01
CA LYS N 190 22.69 -1.45 -32.50
C LYS N 190 22.57 -2.98 -32.56
N VAL N 191 21.41 -3.53 -32.19
CA VAL N 191 21.29 -5.01 -32.14
C VAL N 191 21.12 -5.56 -33.56
N SER N 192 20.51 -4.79 -34.47
CA SER N 192 20.26 -5.34 -35.80
C SER N 192 21.58 -5.59 -36.53
N ALA N 193 22.50 -4.63 -36.48
CA ALA N 193 23.77 -4.79 -37.18
C ALA N 193 24.55 -5.98 -36.65
N ASP N 194 24.45 -6.26 -35.35
CA ASP N 194 25.09 -7.45 -34.81
C ASP N 194 24.50 -8.73 -35.36
N ILE N 195 23.26 -8.68 -35.82
CA ILE N 195 22.69 -9.82 -36.54
C ILE N 195 23.10 -9.78 -38.01
N TRP N 196 23.33 -8.57 -38.55
CA TRP N 196 23.76 -8.44 -39.93
C TRP N 196 25.27 -8.61 -40.09
N SER N 197 26.04 -8.47 -39.01
CA SER N 197 27.48 -8.68 -39.11
C SER N 197 27.83 -10.15 -39.26
N HIS N 198 27.02 -11.03 -38.65
CA HIS N 198 27.27 -12.46 -38.75
C HIS N 198 26.75 -13.07 -40.04
N ILE N 199 26.24 -12.26 -40.96
CA ILE N 199 25.71 -12.75 -42.23
C ILE N 199 26.59 -12.32 -43.41
N SER N 200 26.96 -11.05 -43.46
CA SER N 200 27.80 -10.57 -44.55
C SER N 200 29.20 -11.18 -44.48
N LYS N 201 29.85 -11.08 -43.31
CA LYS N 201 31.17 -11.67 -43.15
C LYS N 201 31.14 -13.19 -43.03
N GLU N 202 30.01 -13.76 -42.63
CA GLU N 202 29.85 -15.20 -42.50
C GLU N 202 30.89 -15.80 -41.56
N VAL O 33 -19.40 44.18 -45.49
CA VAL O 33 -18.70 44.43 -44.25
C VAL O 33 -19.65 44.19 -43.09
N GLU O 34 -20.95 44.28 -43.36
CA GLU O 34 -21.98 43.98 -42.38
C GLU O 34 -22.60 42.61 -42.70
N TYR O 35 -23.49 42.18 -41.82
CA TYR O 35 -24.11 40.86 -41.92
C TYR O 35 -25.37 40.94 -42.77
N ASP O 36 -25.53 39.99 -43.69
CA ASP O 36 -26.72 39.92 -44.51
C ASP O 36 -27.61 38.74 -44.18
N VAL O 37 -27.17 37.83 -43.30
CA VAL O 37 -27.92 36.64 -42.94
C VAL O 37 -27.58 36.29 -41.50
N PHE O 38 -28.61 36.03 -40.70
CA PHE O 38 -28.44 35.71 -39.29
C PHE O 38 -29.21 34.43 -38.98
N LEU O 39 -28.55 33.46 -38.36
CA LEU O 39 -29.13 32.16 -38.08
C LEU O 39 -29.59 32.09 -36.63
N SER O 40 -30.21 30.96 -36.29
CA SER O 40 -30.66 30.67 -34.93
C SER O 40 -31.10 29.21 -34.86
N PHE O 41 -30.69 28.49 -33.82
CA PHE O 41 -30.91 27.05 -33.79
C PHE O 41 -30.82 26.56 -32.35
N ARG O 42 -30.83 25.25 -32.18
CA ARG O 42 -30.69 24.59 -30.89
C ARG O 42 -29.21 24.40 -30.62
N GLY O 43 -28.86 24.16 -29.36
CA GLY O 43 -27.49 23.90 -29.00
C GLY O 43 -27.00 22.55 -29.47
N PRO O 44 -27.20 21.51 -28.63
CA PRO O 44 -26.55 20.23 -28.91
C PRO O 44 -27.15 19.46 -30.06
N ASP O 45 -28.34 19.84 -30.54
CA ASP O 45 -29.05 19.01 -31.50
C ASP O 45 -28.46 19.12 -32.91
N THR O 46 -28.49 20.31 -33.50
CA THR O 46 -28.11 20.50 -34.89
C THR O 46 -26.93 21.43 -35.05
N ARG O 47 -26.08 21.58 -34.04
CA ARG O 47 -24.95 22.49 -34.15
C ARG O 47 -23.84 21.89 -35.02
N LYS O 48 -23.69 20.57 -35.00
CA LYS O 48 -22.61 19.92 -35.72
C LYS O 48 -23.07 18.98 -36.82
N GLN O 49 -24.38 18.86 -37.06
CA GLN O 49 -24.86 17.87 -38.02
C GLN O 49 -25.26 18.51 -39.35
N PHE O 50 -26.30 19.32 -39.34
CA PHE O 50 -26.83 19.89 -40.59
C PHE O 50 -26.54 21.38 -40.73
N THR O 51 -26.67 22.13 -39.63
CA THR O 51 -26.51 23.60 -39.72
C THR O 51 -25.03 23.95 -40.00
N ASP O 52 -24.10 23.07 -39.65
CA ASP O 52 -22.67 23.40 -39.82
C ASP O 52 -22.35 23.51 -41.31
N PHE O 53 -22.90 22.60 -42.12
CA PHE O 53 -22.70 22.65 -43.59
C PHE O 53 -23.29 23.95 -44.14
N LEU O 54 -24.42 24.38 -43.58
CA LEU O 54 -25.09 25.59 -44.12
C LEU O 54 -24.10 26.75 -44.03
N TYR O 55 -23.31 26.81 -42.94
CA TYR O 55 -22.29 27.87 -42.79
C TYR O 55 -21.13 27.67 -43.77
N HIS O 56 -20.78 26.42 -44.15
CA HIS O 56 -19.59 26.22 -45.00
C HIS O 56 -20.00 26.25 -46.48
N PHE O 57 -21.18 25.70 -46.83
CA PHE O 57 -21.66 25.77 -48.20
C PHE O 57 -22.04 27.19 -48.56
N LEU O 58 -22.63 27.93 -47.63
CA LEU O 58 -23.10 29.27 -47.94
C LEU O 58 -21.93 30.22 -48.21
N CYS O 59 -20.83 30.06 -47.48
CA CYS O 59 -19.67 30.93 -47.68
C CYS O 59 -19.08 30.78 -49.07
N TYR O 60 -19.47 29.75 -49.81
CA TYR O 60 -18.99 29.57 -51.17
C TYR O 60 -19.75 30.41 -52.17
N TYR O 61 -20.80 31.11 -51.75
CA TYR O 61 -21.51 32.04 -52.61
C TYR O 61 -21.16 33.49 -52.32
N LYS O 62 -20.02 33.73 -51.67
CA LYS O 62 -19.50 35.08 -51.45
C LYS O 62 -20.48 35.97 -50.70
N ILE O 63 -21.03 35.47 -49.60
CA ILE O 63 -21.86 36.27 -48.70
C ILE O 63 -21.44 35.99 -47.26
N HIS O 64 -21.47 37.03 -46.44
CA HIS O 64 -21.00 36.95 -45.07
C HIS O 64 -22.14 36.44 -44.18
N THR O 65 -21.88 35.35 -43.48
CA THR O 65 -22.88 34.69 -42.64
C THR O 65 -22.48 34.78 -41.17
N PHE O 66 -23.47 34.91 -40.30
CA PHE O 66 -23.25 35.01 -38.86
C PHE O 66 -23.87 33.80 -38.18
N ARG O 67 -23.05 33.06 -37.42
CA ARG O 67 -23.53 32.05 -36.51
C ARG O 67 -22.74 32.18 -35.22
N ASP O 68 -23.37 31.89 -34.09
CA ASP O 68 -22.73 32.07 -32.80
C ASP O 68 -22.95 30.85 -31.93
N ASP O 69 -21.95 30.55 -31.11
CA ASP O 69 -21.98 29.41 -30.22
C ASP O 69 -21.79 29.77 -28.75
N ASP O 70 -21.36 30.98 -28.43
CA ASP O 70 -21.19 31.41 -27.05
C ASP O 70 -22.51 31.28 -26.28
N GLU O 71 -22.45 30.62 -25.14
CA GLU O 71 -23.63 30.33 -24.33
C GLU O 71 -24.19 31.57 -23.65
N LEU O 72 -23.58 32.74 -23.86
CA LEU O 72 -24.02 34.01 -23.24
C LEU O 72 -24.10 33.79 -21.73
N ARG O 73 -25.28 33.85 -21.12
CA ARG O 73 -25.51 33.75 -19.68
C ARG O 73 -24.84 34.88 -18.91
N LYS O 74 -23.98 35.67 -19.54
CA LYS O 74 -23.34 36.80 -18.86
C LYS O 74 -24.35 37.93 -18.71
N GLY O 75 -25.27 37.72 -17.78
CA GLY O 75 -26.40 38.60 -17.61
C GLY O 75 -27.68 37.90 -18.02
N LYS O 76 -28.56 38.60 -18.72
CA LYS O 76 -29.76 37.99 -19.27
C LYS O 76 -29.96 38.26 -20.76
N GLU O 77 -29.39 39.32 -21.30
CA GLU O 77 -29.41 39.56 -22.74
C GLU O 77 -28.26 40.50 -23.08
N ILE O 78 -27.36 40.05 -23.94
CA ILE O 78 -26.14 40.79 -24.26
C ILE O 78 -26.47 41.78 -25.37
N GLY O 79 -25.83 42.94 -25.33
CA GLY O 79 -26.11 43.99 -26.28
C GLY O 79 -25.18 43.99 -27.47
N PRO O 80 -23.91 44.30 -27.26
CA PRO O 80 -22.99 44.46 -28.40
C PRO O 80 -22.82 43.21 -29.24
N ASN O 81 -23.32 42.07 -28.78
CA ASN O 81 -23.23 40.85 -29.57
C ASN O 81 -24.52 40.60 -30.34
N LEU O 82 -25.52 40.02 -29.67
CA LEU O 82 -26.75 39.65 -30.35
C LEU O 82 -27.53 40.87 -30.81
N LEU O 83 -27.78 41.81 -29.89
CA LEU O 83 -28.62 42.96 -30.22
C LEU O 83 -28.02 43.78 -31.37
N ARG O 84 -26.70 43.80 -31.48
CA ARG O 84 -26.07 44.52 -32.58
C ARG O 84 -26.39 43.86 -33.91
N ALA O 85 -26.09 42.57 -34.03
CA ALA O 85 -26.25 41.88 -35.31
C ALA O 85 -27.71 41.74 -35.72
N ILE O 86 -28.63 41.70 -34.74
CA ILE O 86 -30.05 41.57 -35.07
C ILE O 86 -30.50 42.70 -35.97
N ASP O 87 -30.22 43.94 -35.56
CA ASP O 87 -30.57 45.09 -36.39
C ASP O 87 -29.70 45.18 -37.64
N GLN O 88 -28.53 44.54 -37.64
CA GLN O 88 -27.65 44.57 -38.78
C GLN O 88 -27.98 43.52 -39.83
N SER O 89 -28.72 42.47 -39.46
CA SER O 89 -29.03 41.39 -40.37
C SER O 89 -29.97 41.86 -41.47
N LYS O 90 -30.14 41.01 -42.48
CA LYS O 90 -31.01 41.34 -43.60
C LYS O 90 -32.07 40.29 -43.87
N ILE O 91 -31.76 39.00 -43.74
CA ILE O 91 -32.74 37.93 -43.90
C ILE O 91 -32.61 37.02 -42.68
N TYR O 92 -33.47 37.22 -41.69
CA TYR O 92 -33.48 36.34 -40.53
C TYR O 92 -33.97 34.96 -40.93
N VAL O 93 -33.13 33.95 -40.76
CA VAL O 93 -33.48 32.59 -41.18
C VAL O 93 -33.35 31.64 -40.01
N PRO O 94 -34.39 31.48 -39.18
CA PRO O 94 -34.32 30.50 -38.10
C PRO O 94 -34.32 29.08 -38.64
N ILE O 95 -34.05 28.13 -37.74
CA ILE O 95 -34.06 26.70 -38.07
C ILE O 95 -34.69 26.01 -36.86
N ILE O 96 -36.01 25.87 -36.88
CA ILE O 96 -36.71 25.23 -35.78
C ILE O 96 -36.41 23.73 -35.78
N SER O 97 -36.06 23.20 -34.61
CA SER O 97 -35.73 21.79 -34.47
C SER O 97 -36.80 21.09 -33.64
N SER O 98 -36.43 19.94 -33.08
CA SER O 98 -37.37 19.16 -32.29
C SER O 98 -37.42 19.62 -30.84
N GLY O 99 -36.26 20.00 -30.28
CA GLY O 99 -36.20 20.49 -28.92
C GLY O 99 -35.85 21.96 -28.86
N TYR O 100 -36.42 22.74 -29.76
CA TYR O 100 -36.17 24.18 -29.81
C TYR O 100 -36.98 24.95 -28.78
N ALA O 101 -37.79 24.29 -27.97
CA ALA O 101 -38.69 24.98 -27.05
C ALA O 101 -38.27 24.83 -25.59
N ASP O 102 -37.05 24.39 -25.33
CA ASP O 102 -36.60 24.17 -23.96
C ASP O 102 -35.60 25.21 -23.48
N SER O 103 -34.66 25.60 -24.34
CA SER O 103 -33.63 26.55 -23.94
C SER O 103 -34.23 27.91 -23.63
N LYS O 104 -34.02 28.37 -22.39
CA LYS O 104 -34.59 29.64 -21.94
C LYS O 104 -34.09 30.83 -22.74
N TRP O 105 -32.99 30.69 -23.49
CA TRP O 105 -32.48 31.80 -24.28
C TRP O 105 -33.10 31.88 -25.67
N CYS O 106 -33.34 30.74 -26.31
CA CYS O 106 -33.75 30.75 -27.71
C CYS O 106 -35.11 31.41 -27.90
N LEU O 107 -36.12 30.95 -27.16
CA LEU O 107 -37.48 31.44 -27.36
C LEU O 107 -37.54 32.96 -27.20
N MET O 108 -37.10 33.46 -26.05
CA MET O 108 -37.17 34.91 -25.81
C MET O 108 -36.32 35.68 -26.82
N GLU O 109 -35.33 35.03 -27.43
CA GLU O 109 -34.61 35.67 -28.52
C GLU O 109 -35.44 35.67 -29.79
N LEU O 110 -36.14 34.56 -30.07
CA LEU O 110 -37.01 34.53 -31.23
C LEU O 110 -38.13 35.56 -31.10
N ALA O 111 -38.58 35.81 -29.86
CA ALA O 111 -39.58 36.86 -29.64
C ALA O 111 -39.06 38.22 -30.06
N GLU O 112 -37.75 38.38 -30.14
CA GLU O 112 -37.17 39.64 -30.61
C GLU O 112 -37.00 39.65 -32.13
N ILE O 113 -36.95 38.49 -32.77
CA ILE O 113 -36.86 38.45 -34.22
C ILE O 113 -38.21 38.85 -34.82
N VAL O 114 -39.23 38.05 -34.57
CA VAL O 114 -40.52 38.26 -35.24
C VAL O 114 -41.15 39.57 -34.82
N ARG O 115 -40.74 40.12 -33.69
CA ARG O 115 -41.27 41.41 -33.26
C ARG O 115 -40.65 42.55 -34.07
N ARG O 116 -39.32 42.52 -34.22
CA ARG O 116 -38.66 43.53 -35.04
C ARG O 116 -39.09 43.43 -36.50
N GLN O 117 -39.45 42.22 -36.96
CA GLN O 117 -39.87 42.05 -38.34
C GLN O 117 -41.21 42.73 -38.59
N GLU O 118 -42.13 42.68 -37.63
CA GLU O 118 -43.46 43.24 -37.84
C GLU O 118 -43.46 44.75 -37.92
N GLU O 119 -42.41 45.42 -37.43
CA GLU O 119 -42.37 46.87 -37.49
C GLU O 119 -41.93 47.34 -38.87
N ASP O 120 -40.88 46.72 -39.42
CA ASP O 120 -40.43 47.02 -40.78
C ASP O 120 -40.55 45.77 -41.63
N PRO O 121 -41.49 45.71 -42.57
CA PRO O 121 -41.63 44.51 -43.39
C PRO O 121 -40.68 44.50 -44.58
N ARG O 122 -39.65 45.34 -44.57
CA ARG O 122 -38.66 45.32 -45.64
C ARG O 122 -37.89 44.00 -45.65
N ARG O 123 -37.74 43.37 -44.49
CA ARG O 123 -37.04 42.10 -44.38
C ARG O 123 -38.05 40.96 -44.29
N ILE O 124 -37.55 39.73 -44.31
CA ILE O 124 -38.38 38.54 -44.46
C ILE O 124 -37.90 37.46 -43.49
N ILE O 125 -38.58 36.33 -43.51
CA ILE O 125 -38.27 35.18 -42.65
C ILE O 125 -38.54 33.92 -43.47
N LEU O 126 -37.58 33.00 -43.48
CA LEU O 126 -37.67 31.76 -44.27
C LEU O 126 -37.43 30.56 -43.36
N PRO O 127 -38.38 30.22 -42.50
CA PRO O 127 -38.16 29.13 -41.55
C PRO O 127 -37.95 27.81 -42.25
N ILE O 128 -37.29 26.89 -41.55
CA ILE O 128 -37.02 25.56 -42.08
C ILE O 128 -37.33 24.54 -41.00
N PHE O 129 -38.48 23.89 -41.10
CA PHE O 129 -38.84 22.85 -40.15
C PHE O 129 -37.86 21.69 -40.27
N TYR O 130 -37.79 20.87 -39.23
CA TYR O 130 -36.74 19.86 -39.15
C TYR O 130 -37.23 18.72 -38.26
N MET O 131 -37.42 17.55 -38.87
CA MET O 131 -37.72 16.32 -38.13
C MET O 131 -38.96 16.46 -37.26
N VAL O 132 -39.80 17.44 -37.58
CA VAL O 132 -40.99 17.71 -36.79
C VAL O 132 -42.13 18.04 -37.74
N ASP O 133 -43.36 17.90 -37.26
CA ASP O 133 -44.50 18.21 -38.08
C ASP O 133 -44.71 19.72 -38.15
N PRO O 134 -45.26 20.22 -39.24
CA PRO O 134 -45.67 21.63 -39.27
C PRO O 134 -47.02 21.85 -38.61
N SER O 135 -47.33 21.01 -37.63
CA SER O 135 -48.53 21.16 -36.82
C SER O 135 -48.23 21.29 -35.33
N ASP O 136 -47.10 20.76 -34.86
CA ASP O 136 -46.66 20.91 -33.49
C ASP O 136 -45.99 22.24 -33.24
N VAL O 137 -46.12 23.18 -34.16
CA VAL O 137 -45.48 24.49 -34.02
C VAL O 137 -46.47 25.62 -33.89
N ARG O 138 -47.74 25.35 -34.25
CA ARG O 138 -48.78 26.41 -34.23
C ARG O 138 -49.56 26.35 -32.91
N HIS O 139 -49.45 25.26 -32.14
CA HIS O 139 -50.23 25.10 -30.92
C HIS O 139 -49.40 24.54 -29.77
N GLN O 140 -48.09 24.40 -29.93
CA GLN O 140 -47.17 24.04 -28.86
C GLN O 140 -47.54 22.73 -28.18
N THR O 141 -48.34 21.89 -28.83
CA THR O 141 -48.71 20.60 -28.28
C THR O 141 -47.79 19.51 -28.83
N GLY O 142 -47.95 18.30 -28.34
CA GLY O 142 -47.17 17.16 -28.81
C GLY O 142 -45.84 17.03 -28.04
N CYS O 143 -44.75 17.45 -28.67
CA CYS O 143 -43.42 17.35 -28.09
C CYS O 143 -43.01 18.61 -27.33
N TYR O 144 -43.89 19.61 -27.26
CA TYR O 144 -43.61 20.82 -26.51
C TYR O 144 -44.41 20.91 -25.22
N LYS O 145 -45.40 20.04 -25.03
CA LYS O 145 -46.23 20.13 -23.84
C LYS O 145 -45.42 19.93 -22.57
N LYS O 146 -44.51 18.95 -22.57
CA LYS O 146 -43.62 18.79 -21.42
C LYS O 146 -42.75 20.02 -21.22
N ALA O 147 -42.41 20.72 -22.30
CA ALA O 147 -41.54 21.89 -22.17
C ALA O 147 -42.24 23.01 -21.40
N PHE O 148 -43.44 23.37 -21.81
CA PHE O 148 -44.17 24.44 -21.13
C PHE O 148 -44.89 23.95 -19.88
N ARG O 149 -44.77 22.67 -19.55
CA ARG O 149 -45.34 22.16 -18.31
C ARG O 149 -44.50 22.58 -17.11
N LYS O 150 -43.19 22.75 -17.33
CA LYS O 150 -42.28 23.19 -16.27
C LYS O 150 -41.84 24.63 -16.42
N HIS O 151 -41.95 25.21 -17.61
CA HIS O 151 -41.60 26.61 -17.80
C HIS O 151 -42.60 27.56 -17.16
N ALA O 152 -43.77 27.06 -16.75
CA ALA O 152 -44.81 27.90 -16.18
C ALA O 152 -44.69 28.06 -14.68
N ASN O 153 -43.70 27.44 -14.05
CA ASN O 153 -43.50 27.54 -12.62
C ASN O 153 -42.43 28.55 -12.23
N LYS O 154 -41.81 29.22 -13.20
CA LYS O 154 -40.74 30.18 -12.93
C LYS O 154 -41.10 31.59 -13.35
N PHE O 155 -41.50 31.80 -14.59
CA PHE O 155 -41.63 33.13 -15.16
C PHE O 155 -43.03 33.69 -14.94
N ASP O 156 -43.33 34.82 -15.57
CA ASP O 156 -44.60 35.50 -15.41
C ASP O 156 -45.69 34.71 -16.14
N GLY O 157 -46.95 35.04 -15.85
CA GLY O 157 -48.06 34.42 -16.53
C GLY O 157 -48.44 35.14 -17.80
N GLN O 158 -47.71 36.20 -18.12
CA GLN O 158 -47.88 36.93 -19.36
C GLN O 158 -46.72 36.79 -20.32
N THR O 159 -45.49 36.63 -19.80
CA THR O 159 -44.35 36.44 -20.69
C THR O 159 -44.48 35.14 -21.48
N ILE O 160 -45.08 34.11 -20.88
CA ILE O 160 -45.26 32.86 -21.59
C ILE O 160 -46.26 33.03 -22.73
N GLN O 161 -47.36 33.75 -22.48
CA GLN O 161 -48.30 34.06 -23.55
C GLN O 161 -47.66 34.91 -24.64
N ASN O 162 -46.59 35.65 -24.31
CA ASN O 162 -45.89 36.41 -25.33
C ASN O 162 -45.12 35.48 -26.27
N TRP O 163 -44.54 34.41 -25.73
CA TRP O 163 -43.82 33.46 -26.58
C TRP O 163 -44.78 32.70 -27.49
N LYS O 164 -45.83 32.13 -26.90
CA LYS O 164 -46.77 31.33 -27.69
C LYS O 164 -47.45 32.16 -28.76
N ASP O 165 -47.52 33.48 -28.59
CA ASP O 165 -48.07 34.34 -29.63
C ASP O 165 -47.05 34.56 -30.74
N ALA O 166 -45.77 34.60 -30.39
CA ALA O 166 -44.74 34.80 -31.42
C ALA O 166 -44.36 33.50 -32.09
N LEU O 167 -44.23 32.42 -31.32
CA LEU O 167 -43.87 31.13 -31.90
C LEU O 167 -44.92 30.64 -32.89
N LYS O 168 -46.17 31.05 -32.68
CA LYS O 168 -47.24 30.58 -33.57
C LYS O 168 -47.09 31.16 -34.96
N LYS O 169 -46.91 32.49 -35.06
CA LYS O 169 -46.93 33.13 -36.36
C LYS O 169 -45.77 32.67 -37.24
N VAL O 170 -44.69 32.16 -36.62
CA VAL O 170 -43.59 31.63 -37.42
C VAL O 170 -44.04 30.41 -38.20
N GLY O 171 -44.92 29.59 -37.63
CA GLY O 171 -45.36 28.38 -38.29
C GLY O 171 -46.47 28.58 -39.30
N ASP O 172 -46.54 29.77 -39.89
CA ASP O 172 -47.49 30.05 -40.96
C ASP O 172 -46.83 30.48 -42.27
N LEU O 173 -45.58 30.92 -42.24
CA LEU O 173 -44.90 31.33 -43.46
C LEU O 173 -44.44 30.11 -44.25
N LYS O 174 -43.80 30.37 -45.39
CA LYS O 174 -43.31 29.28 -46.26
C LYS O 174 -42.13 28.58 -45.59
N GLY O 175 -41.93 27.30 -45.89
CA GLY O 175 -40.85 26.54 -45.30
C GLY O 175 -40.62 25.15 -45.84
N TRP O 176 -39.37 24.83 -46.15
CA TRP O 176 -39.00 23.50 -46.62
C TRP O 176 -39.05 22.50 -45.47
N HIS O 177 -40.01 21.58 -45.52
CA HIS O 177 -40.03 20.49 -44.56
C HIS O 177 -38.99 19.45 -44.97
N ILE O 178 -38.26 18.92 -44.01
CA ILE O 178 -37.23 17.91 -44.24
C ILE O 178 -37.68 16.64 -43.55
N GLY O 179 -38.17 15.68 -44.33
CA GLY O 179 -38.61 14.43 -43.76
C GLY O 179 -37.47 13.49 -43.47
N LYS O 180 -37.81 12.29 -43.00
CA LYS O 180 -36.80 11.30 -42.61
C LYS O 180 -35.95 10.82 -43.77
N ASP O 181 -36.41 10.97 -45.01
CA ASP O 181 -35.70 10.43 -46.16
C ASP O 181 -35.10 11.49 -47.06
N ASP O 182 -35.55 12.73 -46.99
CA ASP O 182 -35.04 13.76 -47.87
C ASP O 182 -33.54 13.91 -47.70
N GLU O 183 -32.86 14.22 -48.80
CA GLU O 183 -31.40 14.32 -48.79
C GLU O 183 -30.99 15.56 -48.02
N GLN O 184 -30.18 15.37 -46.97
CA GLN O 184 -29.66 16.50 -46.21
C GLN O 184 -28.71 17.37 -47.03
N GLY O 185 -28.41 16.95 -48.25
CA GLY O 185 -27.45 17.70 -49.09
C GLY O 185 -28.12 18.49 -50.19
N ALA O 186 -29.04 17.85 -50.93
CA ALA O 186 -29.72 18.52 -52.06
C ALA O 186 -30.55 19.69 -51.54
N ILE O 187 -31.18 19.53 -50.38
CA ILE O 187 -32.00 20.62 -49.79
C ILE O 187 -31.12 21.85 -49.60
N ALA O 188 -29.92 21.68 -49.03
CA ALA O 188 -29.01 22.82 -48.78
C ALA O 188 -28.81 23.62 -50.08
N ASP O 189 -28.45 22.95 -51.18
CA ASP O 189 -28.16 23.67 -52.44
C ASP O 189 -29.42 24.41 -52.90
N LYS O 190 -30.58 23.75 -52.81
CA LYS O 190 -31.85 24.36 -53.26
C LYS O 190 -32.17 25.59 -52.39
N VAL O 191 -31.96 25.49 -51.07
CA VAL O 191 -32.35 26.62 -50.18
C VAL O 191 -31.31 27.74 -50.29
N SER O 192 -30.04 27.40 -50.56
CA SER O 192 -29.02 28.44 -50.56
C SER O 192 -29.27 29.43 -51.71
N ALA O 193 -29.56 28.91 -52.91
CA ALA O 193 -29.79 29.78 -54.06
C ALA O 193 -30.98 30.71 -53.83
N ASP O 194 -32.00 30.23 -53.12
CA ASP O 194 -33.13 31.09 -52.80
C ASP O 194 -32.72 32.23 -51.87
N ILE O 195 -31.64 32.05 -51.11
CA ILE O 195 -31.09 33.16 -50.35
C ILE O 195 -30.17 34.00 -51.22
N TRP O 196 -29.55 33.39 -52.23
CA TRP O 196 -28.69 34.13 -53.14
C TRP O 196 -29.46 34.81 -54.25
N SER O 197 -30.69 34.37 -54.53
CA SER O 197 -31.48 35.01 -55.56
C SER O 197 -31.98 36.37 -55.10
N HIS O 198 -32.24 36.53 -53.81
CA HIS O 198 -32.72 37.80 -53.28
C HIS O 198 -31.59 38.80 -53.03
N ILE O 199 -30.36 38.46 -53.40
CA ILE O 199 -29.22 39.35 -53.21
C ILE O 199 -28.69 39.88 -54.54
N SER O 200 -28.50 39.00 -55.52
CA SER O 200 -28.00 39.43 -56.82
C SER O 200 -29.01 40.30 -57.54
N LYS O 201 -30.25 39.83 -57.65
CA LYS O 201 -31.30 40.61 -58.30
C LYS O 201 -31.79 41.76 -57.44
N GLU O 202 -31.62 41.66 -56.12
CA GLU O 202 -32.05 42.71 -55.18
C GLU O 202 -33.53 43.03 -55.34
N VAL P 33 -15.75 16.01 -69.38
CA VAL P 33 -16.77 15.16 -69.99
C VAL P 33 -16.69 13.78 -69.35
N GLU P 34 -15.53 13.45 -68.79
CA GLU P 34 -15.33 12.21 -68.06
C GLU P 34 -15.32 12.50 -66.56
N TYR P 35 -15.22 11.43 -65.77
CA TYR P 35 -15.29 11.53 -64.32
C TYR P 35 -13.90 11.72 -63.76
N ASP P 36 -13.76 12.66 -62.82
CA ASP P 36 -12.49 12.89 -62.15
C ASP P 36 -12.49 12.45 -60.70
N VAL P 37 -13.63 12.06 -60.15
CA VAL P 37 -13.75 11.65 -58.76
C VAL P 37 -14.84 10.59 -58.66
N PHE P 38 -14.54 9.50 -57.96
CA PHE P 38 -15.48 8.40 -57.81
C PHE P 38 -15.60 8.06 -56.33
N LEU P 39 -16.82 7.99 -55.82
CA LEU P 39 -17.08 7.76 -54.41
C LEU P 39 -17.45 6.30 -54.17
N SER P 40 -17.62 5.96 -52.90
CA SER P 40 -18.05 4.63 -52.47
C SER P 40 -18.39 4.67 -50.99
N PHE P 41 -19.50 4.09 -50.58
CA PHE P 41 -19.98 4.25 -49.21
C PHE P 41 -20.94 3.11 -48.88
N ARG P 42 -21.59 3.23 -47.73
CA ARG P 42 -22.59 2.28 -47.27
C ARG P 42 -23.94 2.71 -47.82
N GLY P 43 -24.90 1.80 -47.82
CA GLY P 43 -26.24 2.11 -48.26
C GLY P 43 -26.99 3.00 -47.30
N PRO P 44 -27.68 2.40 -46.33
CA PRO P 44 -28.61 3.18 -45.51
C PRO P 44 -27.95 4.09 -44.51
N ASP P 45 -26.65 3.93 -44.26
CA ASP P 45 -26.01 4.65 -43.16
C ASP P 45 -25.77 6.12 -43.49
N THR P 46 -24.93 6.38 -44.49
CA THR P 46 -24.49 7.73 -44.79
C THR P 46 -24.90 8.19 -46.18
N ARG P 47 -25.97 7.63 -46.74
CA ARG P 47 -26.38 8.03 -48.09
C ARG P 47 -27.08 9.38 -48.08
N LYS P 48 -27.69 9.74 -46.94
CA LYS P 48 -28.28 11.10 -46.83
C LYS P 48 -27.67 11.82 -45.63
N GLN P 49 -27.04 11.08 -44.71
CA GLN P 49 -26.52 11.69 -43.45
C GLN P 49 -25.44 12.75 -43.70
N PHE P 50 -24.49 12.49 -44.60
CA PHE P 50 -23.36 13.44 -44.78
C PHE P 50 -22.82 13.40 -46.22
N THR P 51 -22.64 12.19 -46.76
CA THR P 51 -22.07 12.04 -48.14
C THR P 51 -22.92 12.85 -49.15
N ASP P 52 -24.20 13.10 -48.83
CA ASP P 52 -25.09 13.78 -49.80
C ASP P 52 -24.66 15.24 -49.98
N PHE P 53 -24.37 15.93 -48.87
CA PHE P 53 -23.95 17.35 -48.94
C PHE P 53 -22.65 17.44 -49.72
N LEU P 54 -21.74 16.47 -49.54
CA LEU P 54 -20.42 16.55 -50.20
C LEU P 54 -20.65 16.56 -51.71
N TYR P 55 -21.59 15.75 -52.21
CA TYR P 55 -21.90 15.72 -53.66
C TYR P 55 -22.43 17.09 -54.11
N HIS P 56 -23.13 17.82 -53.23
CA HIS P 56 -23.73 19.13 -53.59
C HIS P 56 -22.70 20.25 -53.37
N PHE P 57 -21.90 20.16 -52.31
CA PHE P 57 -20.85 21.15 -52.09
C PHE P 57 -19.76 21.03 -53.14
N LEU P 58 -19.43 19.79 -53.54
CA LEU P 58 -18.33 19.61 -54.48
C LEU P 58 -18.69 20.15 -55.85
N CYS P 59 -19.94 20.00 -56.27
CA CYS P 59 -20.34 20.50 -57.58
C CYS P 59 -20.22 22.01 -57.69
N TYR P 60 -20.02 22.70 -56.57
CA TYR P 60 -19.83 24.14 -56.61
C TYR P 60 -18.40 24.54 -56.94
N TYR P 61 -17.48 23.57 -57.06
CA TYR P 61 -16.13 23.84 -57.50
C TYR P 61 -15.89 23.45 -58.95
N LYS P 62 -16.96 23.30 -59.74
CA LYS P 62 -16.88 23.06 -61.18
C LYS P 62 -16.08 21.79 -61.52
N ILE P 63 -16.41 20.70 -60.84
CA ILE P 63 -15.84 19.39 -61.17
C ILE P 63 -16.96 18.36 -61.18
N HIS P 64 -16.87 17.42 -62.10
CA HIS P 64 -17.91 16.42 -62.30
C HIS P 64 -17.68 15.26 -61.33
N THR P 65 -18.68 14.96 -60.52
CA THR P 65 -18.60 13.93 -59.50
C THR P 65 -19.55 12.78 -59.81
N PHE P 66 -19.15 11.57 -59.48
CA PHE P 66 -19.96 10.38 -59.71
C PHE P 66 -20.34 9.76 -58.38
N ARG P 67 -21.64 9.59 -58.16
CA ARG P 67 -22.16 8.79 -57.06
C ARG P 67 -23.31 7.95 -57.61
N ASP P 68 -23.47 6.74 -57.08
CA ASP P 68 -24.49 5.84 -57.59
C ASP P 68 -25.27 5.23 -56.45
N ASP P 69 -26.56 5.00 -56.69
CA ASP P 69 -27.46 4.42 -55.71
C ASP P 69 -28.13 3.13 -56.16
N ASP P 70 -28.08 2.80 -57.45
CA ASP P 70 -28.67 1.56 -57.94
C ASP P 70 -28.09 0.36 -57.23
N GLU P 71 -28.95 -0.49 -56.71
CA GLU P 71 -28.56 -1.65 -55.92
C GLU P 71 -27.90 -2.74 -56.76
N LEU P 72 -27.76 -2.54 -58.06
CA LEU P 72 -27.16 -3.53 -58.98
C LEU P 72 -27.90 -4.84 -58.81
N ARG P 73 -27.26 -5.90 -58.30
CA ARG P 73 -27.81 -7.25 -58.16
C ARG P 73 -28.19 -7.87 -59.48
N LYS P 74 -28.19 -7.12 -60.58
CA LYS P 74 -28.51 -7.66 -61.89
C LYS P 74 -27.31 -8.46 -62.40
N GLY P 75 -27.14 -9.62 -61.81
CA GLY P 75 -25.97 -10.44 -62.03
C GLY P 75 -25.11 -10.48 -60.78
N LYS P 76 -23.79 -10.38 -60.96
CA LYS P 76 -22.88 -10.28 -59.83
C LYS P 76 -21.92 -9.10 -59.91
N GLU P 77 -21.63 -8.59 -61.11
CA GLU P 77 -20.82 -7.39 -61.26
C GLU P 77 -21.12 -6.79 -62.63
N ILE P 78 -21.61 -5.55 -62.63
CA ILE P 78 -22.07 -4.89 -63.85
C ILE P 78 -20.87 -4.26 -64.53
N GLY P 79 -20.86 -4.26 -65.86
CA GLY P 79 -19.74 -3.76 -66.61
C GLY P 79 -19.88 -2.31 -67.01
N PRO P 80 -20.83 -2.02 -67.91
CA PRO P 80 -20.93 -0.66 -68.46
C PRO P 80 -21.20 0.41 -67.41
N ASN P 81 -21.55 0.03 -66.19
CA ASN P 81 -21.78 1.01 -65.14
C ASN P 81 -20.54 1.19 -64.28
N LEU P 82 -20.34 0.29 -63.31
CA LEU P 82 -19.24 0.45 -62.35
C LEU P 82 -17.89 0.26 -63.04
N LEU P 83 -17.72 -0.84 -63.77
CA LEU P 83 -16.42 -1.14 -64.36
C LEU P 83 -15.98 -0.03 -65.33
N ARG P 84 -16.93 0.61 -65.99
CA ARG P 84 -16.57 1.71 -66.89
C ARG P 84 -15.99 2.88 -66.11
N ALA P 85 -16.73 3.37 -65.11
CA ALA P 85 -16.31 4.58 -64.40
C ALA P 85 -15.07 4.34 -63.55
N ILE P 86 -14.84 3.10 -63.11
CA ILE P 86 -13.67 2.80 -62.30
C ILE P 86 -12.39 3.19 -63.05
N ASP P 87 -12.24 2.68 -64.27
CA ASP P 87 -11.08 3.04 -65.09
C ASP P 87 -11.13 4.49 -65.55
N GLN P 88 -12.31 5.12 -65.54
CA GLN P 88 -12.43 6.50 -65.97
C GLN P 88 -12.14 7.49 -64.85
N SER P 89 -12.21 7.06 -63.58
CA SER P 89 -12.02 7.96 -62.46
C SER P 89 -10.58 8.43 -62.37
N LYS P 90 -10.35 9.42 -61.52
CA LYS P 90 -9.00 9.98 -61.35
C LYS P 90 -8.53 9.97 -59.91
N ILE P 91 -9.40 10.24 -58.95
CA ILE P 91 -9.05 10.19 -57.53
C ILE P 91 -10.12 9.34 -56.83
N TYR P 92 -9.83 8.07 -56.62
CA TYR P 92 -10.76 7.22 -55.89
C TYR P 92 -10.80 7.64 -54.43
N VAL P 93 -11.97 8.06 -53.96
CA VAL P 93 -12.10 8.55 -52.59
C VAL P 93 -13.17 7.76 -51.85
N PRO P 94 -12.84 6.62 -51.24
CA PRO P 94 -13.83 5.90 -50.45
C PRO P 94 -14.20 6.66 -49.18
N ILE P 95 -15.24 6.18 -48.52
CA ILE P 95 -15.71 6.75 -47.26
C ILE P 95 -16.10 5.56 -46.38
N ILE P 96 -15.14 5.04 -45.61
CA ILE P 96 -15.41 3.90 -44.76
C ILE P 96 -16.30 4.33 -43.60
N SER P 97 -17.35 3.56 -43.33
CA SER P 97 -18.29 3.85 -42.26
C SER P 97 -18.17 2.81 -41.17
N SER P 98 -19.23 2.70 -40.36
CA SER P 98 -19.21 1.77 -39.24
C SER P 98 -19.66 0.37 -39.68
N GLY P 99 -20.63 0.30 -40.58
CA GLY P 99 -21.11 -0.98 -41.08
C GLY P 99 -20.77 -1.18 -42.53
N TYR P 100 -19.55 -0.78 -42.93
CA TYR P 100 -19.09 -0.92 -44.30
C TYR P 100 -18.62 -2.33 -44.62
N ALA P 101 -18.66 -3.26 -43.68
CA ALA P 101 -18.11 -4.59 -43.87
C ALA P 101 -19.18 -5.67 -43.99
N ASP P 102 -20.43 -5.30 -44.21
CA ASP P 102 -21.52 -6.26 -44.28
C ASP P 102 -22.05 -6.47 -45.69
N SER P 103 -22.20 -5.39 -46.45
CA SER P 103 -22.77 -5.50 -47.79
C SER P 103 -21.85 -6.30 -48.70
N LYS P 104 -22.38 -7.39 -49.25
CA LYS P 104 -21.60 -8.29 -50.09
C LYS P 104 -21.08 -7.62 -51.36
N TRP P 105 -21.62 -6.46 -51.73
CA TRP P 105 -21.17 -5.76 -52.92
C TRP P 105 -20.00 -4.83 -52.65
N CYS P 106 -20.02 -4.13 -51.51
CA CYS P 106 -19.04 -3.07 -51.28
C CYS P 106 -17.63 -3.63 -51.20
N LEU P 107 -17.40 -4.60 -50.33
CA LEU P 107 -16.05 -5.11 -50.11
C LEU P 107 -15.41 -5.57 -51.40
N MET P 108 -16.07 -6.51 -52.10
CA MET P 108 -15.50 -7.04 -53.34
C MET P 108 -15.33 -5.95 -54.38
N GLU P 109 -16.09 -4.86 -54.27
CA GLU P 109 -15.85 -3.71 -55.14
C GLU P 109 -14.61 -2.94 -54.71
N LEU P 110 -14.43 -2.78 -53.39
CA LEU P 110 -13.23 -2.12 -52.91
C LEU P 110 -11.98 -2.93 -53.27
N ALA P 111 -12.11 -4.25 -53.31
CA ALA P 111 -10.99 -5.08 -53.74
C ALA P 111 -10.59 -4.78 -55.18
N GLU P 112 -11.49 -4.18 -55.96
CA GLU P 112 -11.14 -3.76 -57.31
C GLU P 112 -10.56 -2.37 -57.36
N ILE P 113 -10.81 -1.54 -56.34
CA ILE P 113 -10.22 -0.22 -56.30
C ILE P 113 -8.73 -0.34 -56.00
N VAL P 114 -8.42 -0.84 -54.80
CA VAL P 114 -7.02 -0.82 -54.34
C VAL P 114 -6.16 -1.73 -55.20
N ARG P 115 -6.77 -2.68 -55.92
CA ARG P 115 -5.99 -3.53 -56.80
C ARG P 115 -5.59 -2.79 -58.07
N ARG P 116 -6.54 -2.08 -58.68
CA ARG P 116 -6.22 -1.27 -59.86
C ARG P 116 -5.24 -0.15 -59.52
N GLN P 117 -5.29 0.33 -58.28
CA GLN P 117 -4.39 1.41 -57.87
C GLN P 117 -2.95 0.93 -57.82
N GLU P 118 -2.73 -0.31 -57.35
CA GLU P 118 -1.36 -0.80 -57.19
C GLU P 118 -0.66 -1.04 -58.51
N GLU P 119 -1.40 -1.15 -59.62
CA GLU P 119 -0.76 -1.37 -60.91
C GLU P 119 -0.25 -0.06 -61.49
N ASP P 120 -1.06 0.99 -61.44
CA ASP P 120 -0.63 2.32 -61.88
C ASP P 120 -0.69 3.28 -60.70
N PRO P 121 0.45 3.71 -60.16
CA PRO P 121 0.42 4.63 -59.01
C PRO P 121 0.25 6.08 -59.42
N ARG P 122 -0.18 6.34 -60.66
CA ARG P 122 -0.45 7.71 -61.08
C ARG P 122 -1.61 8.31 -60.30
N ARG P 123 -2.55 7.49 -59.86
CA ARG P 123 -3.70 7.93 -59.08
C ARG P 123 -3.46 7.65 -57.60
N ILE P 124 -4.38 8.14 -56.77
CA ILE P 124 -4.20 8.15 -55.32
C ILE P 124 -5.50 7.71 -54.64
N ILE P 125 -5.46 7.67 -53.32
CA ILE P 125 -6.60 7.28 -52.48
C ILE P 125 -6.58 8.14 -51.23
N LEU P 126 -7.71 8.74 -50.89
CA LEU P 126 -7.81 9.65 -49.75
C LEU P 126 -8.95 9.21 -48.84
N PRO P 127 -8.77 8.10 -48.11
CA PRO P 127 -9.87 7.57 -47.29
C PRO P 127 -10.28 8.56 -46.20
N ILE P 128 -11.52 8.40 -45.74
CA ILE P 128 -12.07 9.26 -44.70
C ILE P 128 -12.78 8.37 -43.69
N PHE P 129 -12.14 8.11 -42.55
CA PHE P 129 -12.78 7.32 -41.52
C PHE P 129 -13.98 8.08 -40.96
N TYR P 130 -14.87 7.36 -40.31
CA TYR P 130 -16.16 7.94 -39.94
C TYR P 130 -16.70 7.19 -38.73
N MET P 131 -16.80 7.88 -37.59
CA MET P 131 -17.45 7.34 -36.40
C MET P 131 -16.85 6.02 -35.95
N VAL P 132 -15.62 5.74 -36.40
CA VAL P 132 -14.96 4.48 -36.08
C VAL P 132 -13.50 4.77 -35.78
N ASP P 133 -12.86 3.85 -35.09
CA ASP P 133 -11.45 4.03 -34.78
C ASP P 133 -10.59 3.69 -36.01
N PRO P 134 -9.44 4.31 -36.13
CA PRO P 134 -8.50 3.89 -37.18
C PRO P 134 -7.68 2.68 -36.74
N SER P 135 -8.27 1.86 -35.88
CA SER P 135 -7.67 0.60 -35.45
C SER P 135 -8.53 -0.61 -35.77
N ASP P 136 -9.85 -0.43 -35.86
CA ASP P 136 -10.76 -1.50 -36.25
C ASP P 136 -10.81 -1.70 -37.75
N VAL P 137 -9.87 -1.12 -38.49
CA VAL P 137 -9.86 -1.24 -39.93
C VAL P 137 -8.66 -2.02 -40.45
N ARG P 138 -7.65 -2.18 -39.59
CA ARG P 138 -6.39 -2.85 -40.02
C ARG P 138 -6.43 -4.33 -39.64
N HIS P 139 -7.36 -4.75 -38.75
CA HIS P 139 -7.42 -6.13 -38.29
C HIS P 139 -8.83 -6.67 -38.22
N GLN P 140 -9.82 -5.94 -38.74
CA GLN P 140 -11.19 -6.42 -38.89
C GLN P 140 -11.80 -6.91 -37.60
N THR P 141 -11.26 -6.51 -36.45
CA THR P 141 -11.79 -6.88 -35.16
C THR P 141 -12.71 -5.79 -34.64
N GLY P 142 -13.35 -6.06 -33.51
CA GLY P 142 -14.23 -5.07 -32.89
C GLY P 142 -15.67 -5.16 -33.42
N CYS P 143 -16.02 -4.23 -34.30
CA CYS P 143 -17.35 -4.16 -34.88
C CYS P 143 -17.47 -4.90 -36.20
N TYR P 144 -16.39 -5.54 -36.66
CA TYR P 144 -16.43 -6.32 -37.88
C TYR P 144 -16.39 -7.82 -37.61
N LYS P 145 -16.06 -8.21 -36.38
CA LYS P 145 -15.96 -9.65 -36.01
C LYS P 145 -17.28 -10.35 -36.39
N LYS P 146 -18.41 -9.77 -35.96
CA LYS P 146 -19.74 -10.37 -36.24
C LYS P 146 -19.93 -10.47 -37.76
N ALA P 147 -19.38 -9.50 -38.51
CA ALA P 147 -19.58 -9.48 -39.95
C ALA P 147 -18.92 -10.68 -40.62
N PHE P 148 -17.64 -10.91 -40.34
CA PHE P 148 -16.94 -12.04 -40.95
C PHE P 148 -17.19 -13.34 -40.21
N ARG P 149 -18.00 -13.33 -39.16
CA ARG P 149 -18.37 -14.57 -38.48
C ARG P 149 -19.39 -15.34 -39.29
N LYS P 150 -20.19 -14.61 -40.08
CA LYS P 150 -21.24 -15.26 -40.92
C LYS P 150 -20.76 -15.31 -42.37
N HIS P 151 -19.96 -14.35 -42.81
CA HIS P 151 -19.51 -14.33 -44.20
C HIS P 151 -18.63 -15.50 -44.55
N ALA P 152 -18.15 -16.26 -43.57
CA ALA P 152 -17.25 -17.38 -43.83
C ALA P 152 -17.99 -18.69 -44.08
N ASN P 153 -19.31 -18.69 -44.04
CA ASN P 153 -20.10 -19.89 -44.27
C ASN P 153 -20.65 -19.98 -45.68
N LYS P 154 -20.37 -18.99 -46.53
CA LYS P 154 -20.90 -18.96 -47.89
C LYS P 154 -19.80 -19.04 -48.95
N PHE P 155 -18.82 -18.15 -48.89
CA PHE P 155 -17.86 -17.98 -49.98
C PHE P 155 -16.65 -18.88 -49.78
N ASP P 156 -15.64 -18.68 -50.63
CA ASP P 156 -14.44 -19.50 -50.61
C ASP P 156 -13.61 -19.17 -49.35
N GLY P 157 -12.64 -20.02 -49.07
CA GLY P 157 -11.74 -19.78 -47.95
C GLY P 157 -10.53 -18.96 -48.36
N GLN P 158 -10.47 -18.58 -49.63
CA GLN P 158 -9.43 -17.70 -50.15
C GLN P 158 -9.94 -16.34 -50.56
N THR P 159 -11.19 -16.24 -51.03
CA THR P 159 -11.74 -14.93 -51.37
C THR P 159 -11.83 -14.03 -50.16
N ILE P 160 -12.11 -14.61 -48.99
CA ILE P 160 -12.18 -13.80 -47.77
C ILE P 160 -10.82 -13.25 -47.41
N GLN P 161 -9.78 -14.08 -47.51
CA GLN P 161 -8.42 -13.60 -47.29
C GLN P 161 -8.02 -12.55 -48.31
N ASN P 162 -8.66 -12.53 -49.47
CA ASN P 162 -8.38 -11.48 -50.45
C ASN P 162 -8.94 -10.14 -49.99
N TRP P 163 -10.11 -10.15 -49.35
CA TRP P 163 -10.68 -8.90 -48.84
C TRP P 163 -9.85 -8.36 -47.67
N LYS P 164 -9.57 -9.21 -46.69
CA LYS P 164 -8.83 -8.75 -45.51
C LYS P 164 -7.44 -8.26 -45.86
N ASP P 165 -6.89 -8.72 -47.00
CA ASP P 165 -5.61 -8.21 -47.44
C ASP P 165 -5.77 -6.84 -48.11
N ALA P 166 -6.89 -6.60 -48.77
CA ALA P 166 -7.11 -5.31 -49.41
C ALA P 166 -7.65 -4.29 -48.42
N LEU P 167 -8.59 -4.69 -47.57
CA LEU P 167 -9.16 -3.75 -46.61
C LEU P 167 -8.11 -3.25 -45.63
N LYS P 168 -7.06 -4.04 -45.38
CA LYS P 168 -6.04 -3.62 -44.43
C LYS P 168 -5.24 -2.45 -44.97
N LYS P 169 -4.76 -2.55 -46.21
CA LYS P 169 -3.84 -1.53 -46.72
C LYS P 169 -4.53 -0.18 -46.85
N VAL P 170 -5.86 -0.16 -46.94
CA VAL P 170 -6.56 1.12 -46.99
C VAL P 170 -6.38 1.87 -45.68
N GLY P 171 -6.34 1.15 -44.56
CA GLY P 171 -6.22 1.78 -43.26
C GLY P 171 -4.81 2.17 -42.87
N ASP P 172 -3.96 2.42 -43.85
CA ASP P 172 -2.61 2.90 -43.61
C ASP P 172 -2.31 4.25 -44.26
N LEU P 173 -3.08 4.67 -45.25
CA LEU P 173 -2.85 5.94 -45.90
C LEU P 173 -3.38 7.09 -45.02
N LYS P 174 -3.20 8.32 -45.52
CA LYS P 174 -3.65 9.52 -44.77
C LYS P 174 -5.17 9.57 -44.76
N GLY P 175 -5.75 10.17 -43.72
CA GLY P 175 -7.20 10.26 -43.60
C GLY P 175 -7.72 11.12 -42.47
N TRP P 176 -8.68 11.99 -42.79
CA TRP P 176 -9.32 12.83 -41.79
C TRP P 176 -10.26 12.01 -40.93
N HIS P 177 -9.90 11.81 -39.66
CA HIS P 177 -10.83 11.19 -38.72
C HIS P 177 -11.87 12.20 -38.29
N ILE P 178 -13.13 11.77 -38.23
CA ILE P 178 -14.25 12.62 -37.84
C ILE P 178 -14.79 12.07 -36.52
N GLY P 179 -14.47 12.75 -35.42
CA GLY P 179 -14.94 12.32 -34.13
C GLY P 179 -16.38 12.73 -33.87
N LYS P 180 -16.86 12.41 -32.67
CA LYS P 180 -18.25 12.69 -32.30
C LYS P 180 -18.56 14.18 -32.26
N ASP P 181 -17.57 15.05 -32.12
CA ASP P 181 -17.81 16.47 -31.96
C ASP P 181 -17.38 17.31 -33.14
N ASP P 182 -16.51 16.80 -34.01
CA ASP P 182 -16.03 17.59 -35.14
C ASP P 182 -17.20 18.04 -36.01
N GLU P 183 -17.08 19.25 -36.56
CA GLU P 183 -18.14 19.83 -37.35
C GLU P 183 -18.28 19.08 -38.67
N GLN P 184 -19.48 18.53 -38.92
CA GLN P 184 -19.74 17.86 -40.18
C GLN P 184 -19.69 18.81 -41.37
N GLY P 185 -19.53 20.11 -41.12
CA GLY P 185 -19.55 21.10 -42.21
C GLY P 185 -18.17 21.63 -42.54
N ALA P 186 -17.41 22.02 -41.51
CA ALA P 186 -16.05 22.59 -41.74
C ALA P 186 -15.14 21.55 -42.37
N ILE P 187 -15.28 20.28 -41.95
CA ILE P 187 -14.45 19.18 -42.54
C ILE P 187 -14.67 19.16 -44.05
N ALA P 188 -15.92 19.19 -44.50
CA ALA P 188 -16.25 19.13 -45.95
C ALA P 188 -15.45 20.20 -46.70
N ASP P 189 -15.49 21.46 -46.25
CA ASP P 189 -14.80 22.55 -46.98
C ASP P 189 -13.29 22.27 -47.00
N LYS P 190 -12.74 21.83 -45.86
CA LYS P 190 -11.28 21.56 -45.78
C LYS P 190 -10.91 20.41 -46.72
N VAL P 191 -11.74 19.36 -46.79
CA VAL P 191 -11.36 18.18 -47.61
C VAL P 191 -11.62 18.49 -49.09
N SER P 192 -12.60 19.33 -49.39
CA SER P 192 -12.91 19.56 -50.80
C SER P 192 -11.76 20.27 -51.50
N ALA P 193 -11.20 21.31 -50.86
CA ALA P 193 -10.11 22.05 -51.48
C ALA P 193 -8.90 21.16 -51.73
N ASP P 194 -8.66 20.19 -50.84
CA ASP P 194 -7.57 19.24 -51.07
C ASP P 194 -7.81 18.38 -52.29
N ILE P 195 -9.08 18.21 -52.67
CA ILE P 195 -9.37 17.54 -53.94
C ILE P 195 -9.29 18.52 -55.09
N TRP P 196 -9.56 19.80 -54.82
CA TRP P 196 -9.47 20.82 -55.85
C TRP P 196 -8.05 21.35 -56.03
N SER P 197 -7.18 21.16 -55.04
CA SER P 197 -5.80 21.60 -55.20
C SER P 197 -5.04 20.70 -56.17
N HIS P 198 -5.38 19.41 -56.22
CA HIS P 198 -4.70 18.49 -57.11
C HIS P 198 -5.24 18.55 -58.54
N ILE P 199 -6.16 19.47 -58.83
CA ILE P 199 -6.73 19.60 -60.17
C ILE P 199 -6.28 20.89 -60.84
N SER P 200 -6.35 22.02 -60.13
CA SER P 200 -5.94 23.29 -60.71
C SER P 200 -4.44 23.32 -60.96
N LYS P 201 -3.65 22.99 -59.94
CA LYS P 201 -2.19 22.95 -60.10
C LYS P 201 -1.72 21.75 -60.89
N GLU P 202 -2.51 20.69 -60.93
CA GLU P 202 -2.17 19.46 -61.67
C GLU P 202 -0.81 18.90 -61.23
N VAL Q 33 70.07 -37.43 16.83
CA VAL Q 33 71.37 -36.79 17.03
C VAL Q 33 71.39 -35.48 16.25
N GLU Q 34 70.55 -35.39 15.22
CA GLU Q 34 70.38 -34.17 14.44
C GLU Q 34 69.08 -33.49 14.84
N TYR Q 35 68.85 -32.31 14.27
CA TYR Q 35 67.69 -31.50 14.60
C TYR Q 35 66.53 -31.85 13.69
N ASP Q 36 65.35 -32.01 14.29
CA ASP Q 36 64.14 -32.29 13.53
C ASP Q 36 63.16 -31.12 13.50
N VAL Q 37 63.42 -30.05 14.26
CA VAL Q 37 62.55 -28.89 14.32
C VAL Q 37 63.40 -27.66 14.57
N PHE Q 38 63.16 -26.61 13.80
CA PHE Q 38 63.93 -25.37 13.92
C PHE Q 38 62.95 -24.21 14.04
N LEU Q 39 63.14 -23.36 15.04
CA LEU Q 39 62.24 -22.26 15.33
C LEU Q 39 62.81 -20.95 14.78
N SER Q 40 62.02 -19.88 14.92
CA SER Q 40 62.43 -18.54 14.54
C SER Q 40 61.39 -17.54 15.05
N PHE Q 41 61.84 -16.44 15.66
CA PHE Q 41 60.91 -15.56 16.34
C PHE Q 41 61.55 -14.18 16.48
N ARG Q 42 60.89 -13.31 17.24
CA ARG Q 42 61.37 -11.98 17.54
C ARG Q 42 62.26 -12.06 18.77
N GLY Q 43 63.08 -11.03 19.00
CA GLY Q 43 63.92 -10.98 20.16
C GLY Q 43 63.14 -10.72 21.44
N PRO Q 44 62.94 -9.44 21.77
CA PRO Q 44 62.41 -9.12 23.10
C PRO Q 44 60.94 -9.43 23.28
N ASP Q 45 60.21 -9.69 22.21
CA ASP Q 45 58.75 -9.79 22.29
C ASP Q 45 58.30 -11.10 22.92
N THR Q 46 58.60 -12.22 22.26
CA THR Q 46 58.09 -13.52 22.66
C THR Q 46 59.19 -14.50 23.05
N ARG Q 47 60.35 -14.01 23.47
CA ARG Q 47 61.44 -14.93 23.82
C ARG Q 47 61.20 -15.57 25.17
N LYS Q 48 60.55 -14.85 26.08
CA LYS Q 48 60.36 -15.35 27.44
C LYS Q 48 58.90 -15.57 27.81
N GLN Q 49 57.96 -15.34 26.91
CA GLN Q 49 56.54 -15.41 27.29
C GLN Q 49 55.88 -16.69 26.80
N PHE Q 50 55.76 -16.86 25.48
CA PHE Q 50 55.04 -18.00 24.93
C PHE Q 50 55.97 -19.02 24.28
N THR Q 51 56.97 -18.54 23.54
CA THR Q 51 57.86 -19.48 22.80
C THR Q 51 58.72 -20.30 23.78
N ASP Q 52 58.90 -19.83 25.02
CA ASP Q 52 59.77 -20.56 25.99
C ASP Q 52 59.05 -21.84 26.42
N PHE Q 53 57.77 -21.71 26.78
CA PHE Q 53 56.96 -22.88 27.18
C PHE Q 53 56.88 -23.86 26.01
N LEU Q 54 56.74 -23.34 24.79
CA LEU Q 54 56.59 -24.21 23.60
C LEU Q 54 57.87 -25.05 23.46
N TYR Q 55 59.03 -24.43 23.66
CA TYR Q 55 60.32 -25.17 23.61
C TYR Q 55 60.38 -26.22 24.73
N HIS Q 56 59.95 -25.85 25.94
CA HIS Q 56 60.07 -26.83 27.06
C HIS Q 56 59.07 -27.98 26.90
N PHE Q 57 57.77 -27.68 26.82
CA PHE Q 57 56.71 -28.66 26.61
C PHE Q 57 57.09 -29.64 25.51
N LEU Q 58 57.74 -29.15 24.46
CA LEU Q 58 58.06 -30.02 23.33
C LEU Q 58 59.08 -31.08 23.72
N CYS Q 59 60.05 -30.71 24.56
CA CYS Q 59 61.07 -31.67 24.96
C CYS Q 59 60.49 -32.84 25.74
N TYR Q 60 59.23 -32.74 26.17
CA TYR Q 60 58.59 -33.83 26.87
C TYR Q 60 58.04 -34.88 25.93
N TYR Q 61 58.11 -34.66 24.62
CA TYR Q 61 57.71 -35.65 23.63
C TYR Q 61 58.91 -36.33 22.98
N LYS Q 62 60.08 -36.26 23.62
CA LYS Q 62 61.27 -37.00 23.18
C LYS Q 62 61.68 -36.63 21.76
N ILE Q 63 61.75 -35.34 21.46
CA ILE Q 63 62.27 -34.86 20.20
C ILE Q 63 63.22 -33.70 20.46
N HIS Q 64 64.28 -33.63 19.68
CA HIS Q 64 65.33 -32.63 19.88
C HIS Q 64 64.94 -31.34 19.17
N THR Q 65 64.88 -30.24 19.91
CA THR Q 65 64.44 -28.95 19.38
C THR Q 65 65.60 -27.96 19.42
N PHE Q 66 65.64 -27.07 18.43
CA PHE Q 66 66.69 -26.07 18.32
C PHE Q 66 66.07 -24.69 18.46
N ARG Q 67 66.56 -23.91 19.42
CA ARG Q 67 66.26 -22.49 19.52
C ARG Q 67 67.55 -21.77 19.86
N ASP Q 68 67.72 -20.56 19.35
CA ASP Q 68 68.94 -19.82 19.54
C ASP Q 68 68.66 -18.39 19.97
N ASP Q 69 69.55 -17.86 20.81
CA ASP Q 69 69.40 -16.51 21.33
C ASP Q 69 70.61 -15.61 21.03
N ASP Q 70 71.73 -16.17 20.59
CA ASP Q 70 72.89 -15.36 20.24
C ASP Q 70 72.54 -14.34 19.18
N GLU Q 71 72.89 -13.09 19.44
CA GLU Q 71 72.56 -11.97 18.56
C GLU Q 71 73.35 -11.98 17.27
N LEU Q 72 74.23 -12.96 17.07
CA LEU Q 72 75.08 -13.05 15.87
C LEU Q 72 75.82 -11.73 15.70
N ARG Q 73 75.55 -10.96 14.65
CA ARG Q 73 76.24 -9.72 14.30
C ARG Q 73 77.72 -9.92 14.02
N LYS Q 74 78.28 -11.09 14.30
CA LYS Q 74 79.68 -11.37 14.02
C LYS Q 74 79.86 -11.61 12.52
N GLY Q 75 79.78 -10.51 11.79
CA GLY Q 75 79.73 -10.55 10.34
C GLY Q 75 78.37 -10.13 9.84
N LYS Q 76 77.86 -10.83 8.83
CA LYS Q 76 76.51 -10.60 8.35
C LYS Q 76 75.66 -11.86 8.27
N GLU Q 77 76.25 -13.04 8.15
CA GLU Q 77 75.52 -14.30 8.22
C GLU Q 77 76.49 -15.40 8.60
N ILE Q 78 76.22 -16.06 9.72
CA ILE Q 78 77.13 -17.06 10.27
C ILE Q 78 76.84 -18.39 9.59
N GLY Q 79 77.88 -19.19 9.38
CA GLY Q 79 77.77 -20.44 8.67
C GLY Q 79 77.56 -21.63 9.59
N PRO Q 80 78.59 -21.97 10.36
CA PRO Q 80 78.51 -23.21 11.17
C PRO Q 80 77.38 -23.23 12.18
N ASN Q 81 76.72 -22.08 12.41
CA ASN Q 81 75.60 -22.05 13.35
C ASN Q 81 74.28 -22.16 12.60
N LEU Q 82 73.80 -21.04 12.07
CA LEU Q 82 72.48 -21.02 11.45
C LEU Q 82 72.46 -21.86 10.17
N LEU Q 83 73.40 -21.59 9.26
CA LEU Q 83 73.39 -22.26 7.96
C LEU Q 83 73.50 -23.77 8.11
N ARG Q 84 74.20 -24.24 9.16
CA ARG Q 84 74.30 -25.67 9.37
C ARG Q 84 72.93 -26.26 9.74
N ALA Q 85 72.30 -25.72 10.77
CA ALA Q 85 71.05 -26.29 11.26
C ALA Q 85 69.90 -26.13 10.27
N ILE Q 86 69.95 -25.10 9.42
CA ILE Q 86 68.89 -24.88 8.44
C ILE Q 86 68.73 -26.11 7.55
N ASP Q 87 69.84 -26.56 6.94
CA ASP Q 87 69.80 -27.76 6.12
C ASP Q 87 69.59 -29.01 6.95
N GLN Q 88 69.88 -28.97 8.25
CA GLN Q 88 69.71 -30.14 9.10
C GLN Q 88 68.29 -30.27 9.63
N SER Q 89 67.51 -29.19 9.64
CA SER Q 89 66.17 -29.23 10.19
C SER Q 89 65.25 -30.09 9.34
N LYS Q 90 64.06 -30.37 9.88
CA LYS Q 90 63.09 -31.18 9.18
C LYS Q 90 61.73 -30.52 9.03
N ILE Q 91 61.26 -29.78 10.02
CA ILE Q 91 60.00 -29.04 9.94
C ILE Q 91 60.29 -27.62 10.39
N TYR Q 92 60.51 -26.72 9.44
CA TYR Q 92 60.71 -25.31 9.78
C TYR Q 92 59.40 -24.73 10.29
N VAL Q 93 59.40 -24.26 11.54
CA VAL Q 93 58.18 -23.74 12.15
C VAL Q 93 58.41 -22.32 12.65
N PRO Q 94 58.24 -21.30 11.81
CA PRO Q 94 58.37 -19.92 12.28
C PRO Q 94 57.23 -19.55 13.21
N ILE Q 95 57.39 -18.40 13.87
CA ILE Q 95 56.38 -17.85 14.77
C ILE Q 95 56.34 -16.35 14.51
N ILE Q 96 55.52 -15.92 13.56
CA ILE Q 96 55.43 -14.50 13.23
C ILE Q 96 54.75 -13.76 14.37
N SER Q 97 55.33 -12.65 14.78
CA SER Q 97 54.80 -11.83 15.87
C SER Q 97 54.30 -10.50 15.32
N SER Q 98 54.21 -9.52 16.22
CA SER Q 98 53.69 -8.21 15.83
C SER Q 98 54.82 -7.32 15.29
N GLY Q 99 56.01 -7.41 15.87
CA GLY Q 99 57.13 -6.63 15.41
C GLY Q 99 58.21 -7.49 14.78
N TYR Q 100 57.80 -8.49 14.01
CA TYR Q 100 58.73 -9.39 13.35
C TYR Q 100 59.33 -8.80 12.09
N ALA Q 101 58.98 -7.57 11.73
CA ALA Q 101 59.42 -6.99 10.46
C ALA Q 101 60.44 -5.88 10.64
N ASP Q 102 61.04 -5.76 11.82
CA ASP Q 102 61.98 -4.69 12.09
C ASP Q 102 63.43 -5.17 12.17
N SER Q 103 63.67 -6.31 12.80
CA SER Q 103 65.02 -6.81 12.98
C SER Q 103 65.65 -7.16 11.64
N LYS Q 104 66.77 -6.52 11.33
CA LYS Q 104 67.44 -6.71 10.05
C LYS Q 104 67.92 -8.14 9.83
N TRP Q 105 68.00 -8.95 10.89
CA TRP Q 105 68.45 -10.33 10.75
C TRP Q 105 67.31 -11.28 10.44
N CYS Q 106 66.14 -11.08 11.04
CA CYS Q 106 65.08 -12.08 10.94
C CYS Q 106 64.58 -12.22 9.50
N LEU Q 107 64.19 -11.11 8.88
CA LEU Q 107 63.59 -11.18 7.56
C LEU Q 107 64.51 -11.87 6.56
N MET Q 108 65.74 -11.37 6.41
CA MET Q 108 66.67 -11.97 5.46
C MET Q 108 66.97 -13.42 5.81
N GLU Q 109 66.80 -13.81 7.08
CA GLU Q 109 66.90 -15.21 7.42
C GLU Q 109 65.68 -15.99 6.98
N LEU Q 110 64.49 -15.40 7.14
CA LEU Q 110 63.28 -16.05 6.66
C LEU Q 110 63.32 -16.22 5.14
N ALA Q 111 63.95 -15.27 4.44
CA ALA Q 111 64.11 -15.40 3.00
C ALA Q 111 64.93 -16.63 2.64
N GLU Q 112 65.73 -17.14 3.58
CA GLU Q 112 66.47 -18.38 3.35
C GLU Q 112 65.67 -19.62 3.71
N ILE Q 113 64.64 -19.48 4.55
CA ILE Q 113 63.80 -20.62 4.88
C ILE Q 113 62.92 -20.95 3.68
N VAL Q 114 62.02 -20.02 3.32
CA VAL Q 114 61.02 -20.31 2.31
C VAL Q 114 61.68 -20.55 0.95
N ARG Q 115 62.91 -20.08 0.75
CA ARG Q 115 63.59 -20.32 -0.51
C ARG Q 115 64.10 -21.75 -0.59
N ARG Q 116 64.73 -22.22 0.50
CA ARG Q 116 65.18 -23.61 0.52
C ARG Q 116 64.01 -24.58 0.48
N GLN Q 117 62.86 -24.17 1.00
CA GLN Q 117 61.69 -25.03 1.00
C GLN Q 117 61.17 -25.26 -0.42
N GLU Q 118 61.20 -24.21 -1.26
CA GLU Q 118 60.64 -24.31 -2.60
C GLU Q 118 61.47 -25.22 -3.50
N GLU Q 119 62.72 -25.50 -3.15
CA GLU Q 119 63.53 -26.37 -4.00
C GLU Q 119 63.22 -27.84 -3.71
N ASP Q 120 63.13 -28.22 -2.44
CA ASP Q 120 62.74 -29.57 -2.05
C ASP Q 120 61.44 -29.51 -1.26
N PRO Q 121 60.32 -29.96 -1.82
CA PRO Q 121 59.07 -29.89 -1.07
C PRO Q 121 58.87 -31.08 -0.14
N ARG Q 122 59.94 -31.81 0.15
CA ARG Q 122 59.84 -32.91 1.11
C ARG Q 122 59.52 -32.40 2.51
N ARG Q 123 59.94 -31.18 2.84
CA ARG Q 123 59.67 -30.57 4.13
C ARG Q 123 58.51 -29.58 4.01
N ILE Q 124 58.08 -29.05 5.16
CA ILE Q 124 56.85 -28.28 5.25
C ILE Q 124 57.09 -27.05 6.12
N ILE Q 125 56.05 -26.24 6.27
CA ILE Q 125 56.08 -25.02 7.07
C ILE Q 125 54.72 -24.88 7.76
N LEU Q 126 54.73 -24.64 9.06
CA LEU Q 126 53.51 -24.55 9.87
C LEU Q 126 53.50 -23.23 10.64
N PRO Q 127 53.30 -22.11 9.96
CA PRO Q 127 53.37 -20.81 10.65
C PRO Q 127 52.30 -20.68 11.72
N ILE Q 128 52.57 -19.80 12.67
CA ILE Q 128 51.66 -19.54 13.77
C ILE Q 128 51.55 -18.04 13.98
N PHE Q 129 50.47 -17.45 13.49
CA PHE Q 129 50.26 -16.03 13.69
C PHE Q 129 50.07 -15.73 15.17
N TYR Q 130 50.26 -14.48 15.56
CA TYR Q 130 50.33 -14.15 16.98
C TYR Q 130 49.93 -12.69 17.15
N MET Q 131 48.81 -12.45 17.81
CA MET Q 131 48.37 -11.10 18.20
C MET Q 131 48.28 -10.16 16.99
N VAL Q 132 48.18 -10.73 15.80
CA VAL Q 132 48.14 -9.94 14.58
C VAL Q 132 47.11 -10.56 13.65
N ASP Q 133 46.63 -9.76 12.70
CA ASP Q 133 45.68 -10.27 11.74
C ASP Q 133 46.38 -11.11 10.69
N PRO Q 134 45.70 -12.08 10.11
CA PRO Q 134 46.25 -12.79 8.96
C PRO Q 134 46.02 -12.02 7.67
N SER Q 135 45.95 -10.70 7.77
CA SER Q 135 45.85 -9.81 6.62
C SER Q 135 46.99 -8.81 6.54
N ASP Q 136 47.60 -8.46 7.66
CA ASP Q 136 48.76 -7.58 7.70
C ASP Q 136 50.05 -8.31 7.38
N VAL Q 137 49.96 -9.53 6.86
CA VAL Q 137 51.15 -10.32 6.56
C VAL Q 137 51.31 -10.57 5.06
N ARG Q 138 50.23 -10.36 4.29
CA ARG Q 138 50.26 -10.65 2.84
C ARG Q 138 50.58 -9.37 2.06
N HIS Q 139 50.48 -8.19 2.68
CA HIS Q 139 50.69 -6.93 1.98
C HIS Q 139 51.53 -5.94 2.79
N GLN Q 140 52.09 -6.35 3.92
CA GLN Q 140 53.04 -5.56 4.69
C GLN Q 140 52.50 -4.20 5.09
N THR Q 141 51.18 -4.03 5.07
CA THR Q 141 50.57 -2.77 5.48
C THR Q 141 50.13 -2.85 6.93
N GLY Q 142 49.65 -1.73 7.46
CA GLY Q 142 49.16 -1.69 8.84
C GLY Q 142 50.28 -1.37 9.83
N CYS Q 143 50.75 -2.40 10.53
CA CYS Q 143 51.80 -2.25 11.53
C CYS Q 143 53.20 -2.47 10.97
N TYR Q 144 53.32 -2.74 9.67
CA TYR Q 144 54.62 -2.91 9.04
C TYR Q 144 55.00 -1.72 8.16
N LYS Q 145 54.06 -0.82 7.88
CA LYS Q 145 54.36 0.31 6.99
C LYS Q 145 55.47 1.18 7.55
N LYS Q 146 55.42 1.47 8.85
CA LYS Q 146 56.51 2.21 9.46
C LYS Q 146 57.82 1.46 9.35
N ALA Q 147 57.78 0.13 9.39
CA ALA Q 147 58.99 -0.66 9.33
C ALA Q 147 59.70 -0.50 8.00
N PHE Q 148 58.98 -0.69 6.89
CA PHE Q 148 59.60 -0.55 5.58
C PHE Q 148 59.66 0.90 5.11
N ARG Q 149 59.19 1.84 5.92
CA ARG Q 149 59.34 3.26 5.59
C ARG Q 149 60.77 3.72 5.81
N LYS Q 150 61.48 3.11 6.76
CA LYS Q 150 62.86 3.44 7.04
C LYS Q 150 63.84 2.40 6.54
N HIS Q 151 63.40 1.16 6.30
CA HIS Q 151 64.28 0.15 5.75
C HIS Q 151 64.63 0.40 4.28
N ALA Q 152 63.94 1.31 3.61
CA ALA Q 152 64.18 1.57 2.20
C ALA Q 152 65.25 2.63 1.96
N ASN Q 153 65.82 3.19 3.02
CA ASN Q 153 66.86 4.21 2.88
C ASN Q 153 68.26 3.65 3.05
N LYS Q 154 68.40 2.35 3.28
CA LYS Q 154 69.71 1.73 3.50
C LYS Q 154 70.07 0.72 2.42
N PHE Q 155 69.21 -0.27 2.18
CA PHE Q 155 69.55 -1.42 1.37
C PHE Q 155 69.22 -1.17 -0.10
N ASP Q 156 69.32 -2.22 -0.91
CA ASP Q 156 69.08 -2.12 -2.34
C ASP Q 156 67.58 -1.95 -2.60
N GLY Q 157 67.25 -1.57 -3.83
CA GLY Q 157 65.86 -1.45 -4.23
C GLY Q 157 65.29 -2.74 -4.75
N GLN Q 158 66.12 -3.79 -4.77
CA GLN Q 158 65.68 -5.12 -5.16
C GLN Q 158 65.68 -6.11 -4.01
N THR Q 159 66.59 -5.95 -3.03
CA THR Q 159 66.59 -6.84 -1.88
C THR Q 159 65.30 -6.71 -1.08
N ILE Q 160 64.74 -5.50 -1.03
CA ILE Q 160 63.49 -5.31 -0.30
C ILE Q 160 62.35 -6.02 -1.00
N GLN Q 161 62.29 -5.93 -2.33
CA GLN Q 161 61.30 -6.67 -3.08
C GLN Q 161 61.49 -8.18 -2.92
N ASN Q 162 62.70 -8.62 -2.59
CA ASN Q 162 62.92 -10.05 -2.34
C ASN Q 162 62.26 -10.48 -1.03
N TRP Q 163 62.29 -9.62 -0.01
CA TRP Q 163 61.65 -9.95 1.25
C TRP Q 163 60.14 -9.97 1.11
N LYS Q 164 59.57 -8.90 0.54
CA LYS Q 164 58.11 -8.82 0.41
C LYS Q 164 57.56 -9.94 -0.45
N ASP Q 165 58.37 -10.52 -1.33
CA ASP Q 165 57.94 -11.66 -2.11
C ASP Q 165 57.97 -12.93 -1.29
N ALA Q 166 58.91 -13.04 -0.35
CA ALA Q 166 59.00 -14.24 0.48
C ALA Q 166 58.06 -14.14 1.67
N LEU Q 167 57.98 -12.96 2.30
CA LEU Q 167 57.10 -12.81 3.47
C LEU Q 167 55.64 -13.01 3.09
N LYS Q 168 55.28 -12.75 1.83
CA LYS Q 168 53.89 -12.88 1.41
C LYS Q 168 53.47 -14.34 1.40
N LYS Q 169 54.26 -15.20 0.76
CA LYS Q 169 53.83 -16.58 0.57
C LYS Q 169 53.71 -17.32 1.89
N VAL Q 170 54.38 -16.85 2.93
CA VAL Q 170 54.22 -17.48 4.25
C VAL Q 170 52.80 -17.30 4.76
N GLY Q 171 52.19 -16.15 4.47
CA GLY Q 171 50.86 -15.86 4.96
C GLY Q 171 49.74 -16.46 4.13
N ASP Q 172 50.02 -17.58 3.46
CA ASP Q 172 49.01 -18.31 2.72
C ASP Q 172 48.83 -19.75 3.17
N LEU Q 173 49.80 -20.32 3.88
CA LEU Q 173 49.68 -21.69 4.35
C LEU Q 173 48.78 -21.74 5.57
N LYS Q 174 48.59 -22.96 6.09
CA LYS Q 174 47.72 -23.17 7.27
C LYS Q 174 48.39 -22.59 8.51
N GLY Q 175 47.59 -22.16 9.48
CA GLY Q 175 48.13 -21.57 10.70
C GLY Q 175 47.14 -21.28 11.80
N TRP Q 176 47.47 -21.68 13.03
CA TRP Q 176 46.63 -21.41 14.19
C TRP Q 176 46.73 -19.94 14.57
N HIS Q 177 45.65 -19.20 14.38
CA HIS Q 177 45.59 -17.83 14.89
C HIS Q 177 45.32 -17.87 16.39
N ILE Q 178 46.03 -17.02 17.12
CA ILE Q 178 45.89 -16.92 18.57
C ILE Q 178 45.32 -15.54 18.88
N GLY Q 179 44.03 -15.49 19.20
CA GLY Q 179 43.41 -14.22 19.52
C GLY Q 179 43.70 -13.78 20.94
N LYS Q 180 43.10 -12.65 21.33
CA LYS Q 180 43.34 -12.07 22.64
C LYS Q 180 42.85 -12.95 23.78
N ASP Q 181 41.93 -13.86 23.53
CA ASP Q 181 41.33 -14.65 24.59
C ASP Q 181 41.73 -16.12 24.57
N ASP Q 182 42.23 -16.64 23.44
CA ASP Q 182 42.57 -18.05 23.35
C ASP Q 182 43.61 -18.41 24.41
N GLU Q 183 43.49 -19.62 24.94
CA GLU Q 183 44.38 -20.07 26.01
C GLU Q 183 45.78 -20.27 25.47
N GLN Q 184 46.76 -19.56 26.04
CA GLN Q 184 48.14 -19.74 25.65
C GLN Q 184 48.68 -21.12 26.00
N GLY Q 185 47.88 -21.95 26.67
CA GLY Q 185 48.34 -23.27 27.11
C GLY Q 185 47.74 -24.39 26.28
N ALA Q 186 46.42 -24.36 26.06
CA ALA Q 186 45.75 -25.44 25.30
C ALA Q 186 46.26 -25.46 23.87
N ILE Q 187 46.51 -24.28 23.28
CA ILE Q 187 47.02 -24.20 21.89
C ILE Q 187 48.33 -24.99 21.80
N ALA Q 188 49.24 -24.77 22.75
CA ALA Q 188 50.56 -25.46 22.75
C ALA Q 188 50.35 -26.97 22.63
N ASP Q 189 49.50 -27.56 23.48
CA ASP Q 189 49.33 -29.03 23.46
C ASP Q 189 48.76 -29.46 22.11
N LYS Q 190 47.78 -28.71 21.59
CA LYS Q 190 47.15 -29.06 20.29
C LYS Q 190 48.19 -28.97 19.17
N VAL Q 191 49.05 -27.94 19.19
CA VAL Q 191 50.00 -27.76 18.06
C VAL Q 191 51.16 -28.75 18.22
N SER Q 192 51.52 -29.12 19.45
CA SER Q 192 52.68 -30.00 19.61
C SER Q 192 52.41 -31.37 19.01
N ALA Q 193 51.23 -31.94 19.28
CA ALA Q 193 50.91 -33.26 18.76
C ALA Q 193 50.91 -33.28 17.24
N ASP Q 194 50.49 -32.18 16.61
CA ASP Q 194 50.54 -32.09 15.16
C ASP Q 194 51.98 -32.12 14.64
N ILE Q 195 52.93 -31.72 15.48
CA ILE Q 195 54.33 -31.89 15.12
C ILE Q 195 54.80 -33.29 15.46
N TRP Q 196 54.19 -33.91 16.47
CA TRP Q 196 54.56 -35.27 16.85
C TRP Q 196 53.83 -36.32 16.01
N SER Q 197 52.73 -35.95 15.36
CA SER Q 197 52.03 -36.91 14.50
C SER Q 197 52.80 -37.17 13.23
N HIS Q 198 53.52 -36.16 12.73
CA HIS Q 198 54.30 -36.33 11.50
C HIS Q 198 55.64 -37.00 11.74
N ILE Q 199 55.92 -37.44 12.97
CA ILE Q 199 57.19 -38.09 13.29
C ILE Q 199 56.99 -39.58 13.59
N SER Q 200 56.01 -39.90 14.43
CA SER Q 200 55.75 -41.30 14.77
C SER Q 200 55.24 -42.07 13.56
N LYS Q 201 54.21 -41.57 12.89
CA LYS Q 201 53.67 -42.21 11.71
C LYS Q 201 54.57 -42.04 10.49
N GLU Q 202 55.40 -41.01 10.46
CA GLU Q 202 56.32 -40.74 9.36
C GLU Q 202 55.58 -40.63 8.03
N VAL R 33 41.37 -41.36 41.08
CA VAL R 33 39.96 -41.09 40.85
C VAL R 33 39.57 -39.82 41.60
N GLU R 34 40.34 -39.49 42.63
CA GLU R 34 40.17 -38.26 43.39
C GLU R 34 41.25 -37.26 42.99
N TYR R 35 41.15 -36.06 43.55
CA TYR R 35 42.05 -34.97 43.21
C TYR R 35 43.25 -34.98 44.13
N ASP R 36 44.44 -34.83 43.56
CA ASP R 36 45.67 -34.76 44.34
C ASP R 36 46.29 -33.37 44.36
N VAL R 37 45.78 -32.43 43.57
CA VAL R 37 46.31 -31.08 43.49
C VAL R 37 45.16 -30.12 43.20
N PHE R 38 45.11 -29.03 43.96
CA PHE R 38 44.05 -28.05 43.80
C PHE R 38 44.67 -26.67 43.67
N LEU R 39 44.28 -25.93 42.65
CA LEU R 39 44.86 -24.62 42.35
C LEU R 39 43.95 -23.51 42.85
N SER R 40 44.43 -22.27 42.71
CA SER R 40 43.68 -21.07 43.05
C SER R 40 44.42 -19.85 42.53
N PHE R 41 43.72 -18.93 41.90
CA PHE R 41 44.38 -17.83 41.20
C PHE R 41 43.40 -16.67 41.02
N ARG R 42 43.81 -15.68 40.25
CA ARG R 42 43.00 -14.52 39.92
C ARG R 42 42.19 -14.86 38.67
N GLY R 43 41.14 -14.09 38.43
CA GLY R 43 40.33 -14.29 37.24
C GLY R 43 41.04 -13.85 35.97
N PRO R 44 40.89 -12.58 35.61
CA PRO R 44 41.34 -12.14 34.29
C PRO R 44 42.85 -12.06 34.13
N ASP R 45 43.60 -12.09 35.23
CA ASP R 45 45.04 -11.80 35.15
C ASP R 45 45.83 -12.97 34.57
N THR R 46 45.82 -14.12 35.24
CA THR R 46 46.68 -15.23 34.87
C THR R 46 45.88 -16.48 34.50
N ARG R 47 44.63 -16.32 34.05
CA ARG R 47 43.83 -17.50 33.71
C ARG R 47 44.26 -18.08 32.37
N LYS R 48 44.73 -17.23 31.45
CA LYS R 48 45.06 -17.69 30.11
C LYS R 48 46.53 -17.52 29.76
N GLN R 49 47.36 -17.02 30.67
CA GLN R 49 48.75 -16.72 30.31
C GLN R 49 49.72 -17.77 30.84
N PHE R 50 49.86 -17.88 32.16
CA PHE R 50 50.84 -18.78 32.74
C PHE R 50 50.21 -19.99 33.40
N THR R 51 49.10 -19.79 34.12
CA THR R 51 48.48 -20.91 34.87
C THR R 51 47.89 -21.95 33.90
N ASP R 52 47.52 -21.54 32.68
CA ASP R 52 46.87 -22.51 31.76
C ASP R 52 47.92 -23.57 31.41
N PHE R 53 49.11 -23.11 31.06
CA PHE R 53 50.21 -24.03 30.70
C PHE R 53 50.61 -24.90 31.90
N LEU R 54 50.60 -24.31 33.11
CA LEU R 54 50.96 -25.07 34.33
C LEU R 54 49.97 -26.23 34.48
N TYR R 55 48.68 -25.96 34.26
CA TYR R 55 47.65 -27.04 34.31
C TYR R 55 47.89 -28.08 33.22
N HIS R 56 48.21 -27.65 31.99
CA HIS R 56 48.36 -28.62 30.87
C HIS R 56 49.63 -29.47 31.06
N PHE R 57 50.82 -28.86 31.04
CA PHE R 57 52.10 -29.53 31.28
C PHE R 57 51.98 -30.55 32.39
N LEU R 58 51.20 -30.23 33.43
CA LEU R 58 51.10 -31.14 34.57
C LEU R 58 50.41 -32.43 34.19
N CYS R 59 49.38 -32.35 33.34
CA CYS R 59 48.66 -33.56 32.94
C CYS R 59 49.55 -34.55 32.19
N TYR R 60 50.75 -34.12 31.77
CA TYR R 60 51.67 -35.01 31.11
C TYR R 60 52.47 -35.86 32.08
N TYR R 61 52.32 -35.63 33.38
CA TYR R 61 52.94 -36.48 34.39
C TYR R 61 51.96 -37.44 35.04
N LYS R 62 50.82 -37.70 34.40
CA LYS R 62 49.85 -38.71 34.83
C LYS R 62 49.35 -38.44 36.24
N ILE R 63 48.93 -37.21 36.50
CA ILE R 63 48.27 -36.86 37.76
C ILE R 63 47.06 -35.99 37.45
N HIS R 64 45.99 -36.20 38.22
CA HIS R 64 44.72 -35.52 37.98
C HIS R 64 44.75 -34.16 38.68
N THR R 65 44.53 -33.10 37.91
CA THR R 65 44.59 -31.74 38.41
C THR R 65 43.22 -31.08 38.34
N PHE R 66 42.92 -30.24 39.31
CA PHE R 66 41.65 -29.53 39.38
C PHE R 66 41.88 -28.04 39.21
N ARG R 67 41.22 -27.45 38.23
CA ARG R 67 41.12 -25.99 38.11
C ARG R 67 39.69 -25.65 37.75
N ASP R 68 39.21 -24.51 38.22
CA ASP R 68 37.83 -24.14 38.00
C ASP R 68 37.73 -22.69 37.54
N ASP R 69 36.75 -22.43 36.68
CA ASP R 69 36.53 -21.10 36.13
C ASP R 69 35.14 -20.55 36.39
N ASP R 70 34.19 -21.38 36.83
CA ASP R 70 32.85 -20.91 37.15
C ASP R 70 32.89 -19.81 38.19
N GLU R 71 32.23 -18.70 37.90
CA GLU R 71 32.24 -17.52 38.75
C GLU R 71 31.46 -17.71 40.04
N LEU R 72 30.85 -18.88 40.25
CA LEU R 72 30.05 -19.19 41.44
C LEU R 72 28.98 -18.10 41.58
N ARG R 73 29.01 -17.27 42.61
CA ARG R 73 28.02 -16.25 42.92
C ARG R 73 26.65 -16.83 43.19
N LYS R 74 26.42 -18.11 42.92
CA LYS R 74 25.13 -18.76 43.19
C LYS R 74 25.00 -19.00 44.69
N GLY R 75 24.76 -17.91 45.41
CA GLY R 75 24.80 -17.92 46.85
C GLY R 75 25.99 -17.14 47.36
N LYS R 76 26.65 -17.66 48.39
CA LYS R 76 27.88 -17.07 48.89
C LYS R 76 29.04 -18.05 49.00
N GLU R 77 28.77 -19.35 49.13
CA GLU R 77 29.83 -20.35 49.11
C GLU R 77 29.19 -21.69 48.74
N ILE R 78 29.64 -22.28 47.65
CA ILE R 78 29.04 -23.49 47.09
C ILE R 78 29.66 -24.69 47.81
N GLY R 79 28.86 -25.73 48.03
CA GLY R 79 29.29 -26.88 48.76
C GLY R 79 29.83 -27.99 47.87
N PRO R 80 28.95 -28.61 47.10
CA PRO R 80 29.36 -29.80 46.32
C PRO R 80 30.47 -29.52 45.32
N ASN R 81 30.80 -28.26 45.08
CA ASN R 81 31.89 -27.94 44.15
C ASN R 81 33.18 -27.69 44.91
N LEU R 82 33.34 -26.47 45.43
CA LEU R 82 34.60 -26.10 46.07
C LEU R 82 34.81 -26.87 47.37
N LEU R 83 33.81 -26.84 48.26
CA LEU R 83 33.98 -27.47 49.57
C LEU R 83 34.28 -28.95 49.45
N ARG R 84 33.76 -29.61 48.41
CA ARG R 84 34.04 -31.02 48.22
C ARG R 84 35.52 -31.24 47.89
N ALA R 85 36.02 -30.56 46.85
CA ALA R 85 37.37 -30.79 46.40
C ALA R 85 38.41 -30.31 47.39
N ILE R 86 38.08 -29.31 48.22
CA ILE R 86 39.02 -28.80 49.19
C ILE R 86 39.48 -29.92 50.12
N ASP R 87 38.52 -30.65 50.72
CA ASP R 87 38.87 -31.77 51.57
C ASP R 87 39.42 -32.94 50.78
N GLN R 88 39.15 -33.01 49.48
CA GLN R 88 39.65 -34.10 48.66
C GLN R 88 41.06 -33.86 48.14
N SER R 89 41.52 -32.62 48.12
CA SER R 89 42.84 -32.29 47.59
C SER R 89 43.94 -32.87 48.46
N LYS R 90 45.17 -32.83 47.95
CA LYS R 90 46.31 -33.35 48.68
C LYS R 90 47.44 -32.34 48.83
N ILE R 91 47.72 -31.53 47.83
CA ILE R 91 48.73 -30.48 47.92
C ILE R 91 48.08 -29.18 47.42
N TYR R 92 47.61 -28.36 48.34
CA TYR R 92 47.05 -27.07 47.97
C TYR R 92 48.17 -26.16 47.46
N VAL R 93 48.06 -25.73 46.21
CA VAL R 93 49.11 -24.91 45.62
C VAL R 93 48.52 -23.62 45.08
N PRO R 94 48.40 -22.58 45.90
CA PRO R 94 47.92 -21.29 45.40
C PRO R 94 48.93 -20.65 44.46
N ILE R 95 48.49 -19.59 43.79
CA ILE R 95 49.34 -18.81 42.88
C ILE R 95 48.96 -17.34 43.11
N ILE R 96 49.64 -16.69 44.06
CA ILE R 96 49.32 -15.30 44.36
C ILE R 96 49.81 -14.42 43.22
N SER R 97 48.95 -13.50 42.77
CA SER R 97 49.27 -12.61 41.67
C SER R 97 49.39 -11.18 42.19
N SER R 98 49.23 -10.22 41.28
CA SER R 98 49.37 -8.82 41.64
C SER R 98 48.05 -8.25 42.15
N GLY R 99 46.94 -8.66 41.56
CA GLY R 99 45.62 -8.20 41.98
C GLY R 99 44.82 -9.31 42.62
N TYR R 100 45.46 -10.15 43.42
CA TYR R 100 44.80 -11.26 44.09
C TYR R 100 44.03 -10.82 45.33
N ALA R 101 44.03 -9.54 45.67
CA ALA R 101 43.44 -9.07 46.91
C ALA R 101 42.15 -8.28 46.68
N ASP R 102 41.57 -8.34 45.50
CA ASP R 102 40.37 -7.57 45.20
C ASP R 102 39.12 -8.41 45.11
N SER R 103 39.20 -9.60 44.50
CA SER R 103 38.03 -10.44 44.31
C SER R 103 37.50 -10.92 45.66
N LYS R 104 36.24 -10.58 45.97
CA LYS R 104 35.64 -10.94 47.27
C LYS R 104 35.67 -12.46 47.49
N TRP R 105 35.69 -13.25 46.41
CA TRP R 105 35.63 -14.70 46.57
C TRP R 105 36.97 -15.31 46.93
N CYS R 106 38.05 -14.82 46.34
CA CYS R 106 39.35 -15.48 46.47
C CYS R 106 39.83 -15.47 47.92
N LEU R 107 39.90 -14.28 48.52
CA LEU R 107 40.47 -14.17 49.86
C LEU R 107 39.76 -15.07 50.85
N MET R 108 38.43 -14.91 50.97
CA MET R 108 37.68 -15.71 51.93
C MET R 108 37.77 -17.20 51.61
N GLU R 109 38.08 -17.55 50.36
CA GLU R 109 38.35 -18.94 50.03
C GLU R 109 39.73 -19.35 50.52
N LEU R 110 40.72 -18.47 50.35
CA LEU R 110 42.05 -18.77 50.87
C LEU R 110 42.03 -18.91 52.38
N ALA R 111 41.16 -18.15 53.05
CA ALA R 111 41.01 -18.30 54.49
C ALA R 111 40.54 -19.69 54.86
N GLU R 112 39.94 -20.42 53.93
CA GLU R 112 39.54 -21.79 54.19
C GLU R 112 40.65 -22.78 53.86
N ILE R 113 41.61 -22.40 53.03
CA ILE R 113 42.74 -23.27 52.74
C ILE R 113 43.65 -23.33 53.95
N VAL R 114 44.26 -22.20 54.30
CA VAL R 114 45.28 -22.19 55.34
C VAL R 114 44.69 -22.57 56.69
N ARG R 115 43.39 -22.44 56.86
CA ARG R 115 42.77 -22.83 58.12
C ARG R 115 42.65 -24.35 58.22
N ARG R 116 42.18 -24.99 57.14
CA ARG R 116 42.12 -26.45 57.14
C ARG R 116 43.50 -27.06 57.21
N GLN R 117 44.52 -26.37 56.70
CA GLN R 117 45.87 -26.90 56.74
C GLN R 117 46.40 -26.94 58.17
N GLU R 118 46.08 -25.93 58.99
CA GLU R 118 46.62 -25.86 60.33
C GLU R 118 46.06 -26.94 61.25
N GLU R 119 44.93 -27.55 60.89
CA GLU R 119 44.36 -28.59 61.74
C GLU R 119 45.05 -29.93 61.49
N ASP R 120 45.27 -30.28 60.23
CA ASP R 120 46.02 -31.49 59.88
C ASP R 120 47.26 -31.11 59.10
N PRO R 121 48.44 -31.22 59.68
CA PRO R 121 49.66 -30.84 58.95
C PRO R 121 50.18 -31.94 58.03
N ARG R 122 49.35 -32.95 57.75
CA ARG R 122 49.76 -33.99 56.81
C ARG R 122 49.96 -33.44 55.41
N ARG R 123 49.23 -32.38 55.06
CA ARG R 123 49.35 -31.75 53.75
C ARG R 123 50.20 -30.49 53.86
N ILE R 124 50.50 -29.89 52.71
CA ILE R 124 51.48 -28.81 52.62
C ILE R 124 50.93 -27.71 51.72
N ILE R 125 51.73 -26.65 51.57
CA ILE R 125 51.39 -25.50 50.73
C ILE R 125 52.66 -25.01 50.07
N LEU R 126 52.62 -24.81 48.75
CA LEU R 126 53.78 -24.40 47.97
C LEU R 126 53.46 -23.15 47.17
N PRO R 127 53.35 -22.00 47.83
CA PRO R 127 52.94 -20.78 47.11
C PRO R 127 53.96 -20.39 46.05
N ILE R 128 53.47 -19.63 45.07
CA ILE R 128 54.31 -19.17 43.97
C ILE R 128 54.02 -17.69 43.74
N PHE R 129 54.90 -16.83 44.23
CA PHE R 129 54.73 -15.40 44.00
C PHE R 129 54.86 -15.10 42.52
N TYR R 130 54.35 -13.94 42.10
CA TYR R 130 54.22 -13.66 40.68
C TYR R 130 54.21 -12.15 40.48
N MET R 131 55.25 -11.63 39.83
CA MET R 131 55.31 -10.23 39.41
C MET R 131 55.13 -9.28 40.59
N VAL R 132 55.36 -9.78 41.80
CA VAL R 132 55.17 -8.98 43.00
C VAL R 132 56.30 -9.29 43.96
N ASP R 133 56.53 -8.39 44.90
CA ASP R 133 57.58 -8.59 45.87
C ASP R 133 57.09 -9.57 46.95
N PRO R 134 58.01 -10.32 47.55
CA PRO R 134 57.64 -11.13 48.72
C PRO R 134 57.64 -10.30 49.99
N SER R 135 57.35 -9.02 49.85
CA SER R 135 57.19 -8.12 50.99
C SER R 135 55.83 -7.45 51.03
N ASP R 136 55.16 -7.29 49.89
CA ASP R 136 53.82 -6.75 49.83
C ASP R 136 52.76 -7.79 50.14
N VAL R 137 53.16 -8.94 50.68
CA VAL R 137 52.22 -10.01 51.00
C VAL R 137 52.10 -10.27 52.49
N ARG R 138 53.07 -9.76 53.27
CA ARG R 138 53.10 -10.02 54.73
C ARG R 138 52.44 -8.86 55.48
N HIS R 139 52.22 -7.71 54.83
CA HIS R 139 51.68 -6.54 55.49
C HIS R 139 50.62 -5.82 54.66
N GLN R 140 50.21 -6.39 53.53
CA GLN R 140 49.09 -5.90 52.73
C GLN R 140 49.26 -4.44 52.31
N THR R 141 50.49 -3.92 52.34
CA THR R 141 50.75 -2.56 51.92
C THR R 141 51.22 -2.55 50.47
N GLY R 142 51.40 -1.35 49.92
CA GLY R 142 51.88 -1.21 48.55
C GLY R 142 50.74 -1.21 47.54
N CYS R 143 50.56 -2.35 46.86
CA CYS R 143 49.53 -2.50 45.83
C CYS R 143 48.24 -3.07 46.39
N TYR R 144 48.17 -3.33 47.69
CA TYR R 144 46.95 -3.83 48.30
C TYR R 144 46.25 -2.77 49.15
N LYS R 145 46.90 -1.65 49.42
CA LYS R 145 46.31 -0.64 50.28
C LYS R 145 45.01 -0.10 49.70
N LYS R 146 45.01 0.17 48.39
CA LYS R 146 43.77 0.59 47.75
C LYS R 146 42.70 -0.48 47.85
N ALA R 147 43.11 -1.76 47.85
CA ALA R 147 42.14 -2.85 47.91
C ALA R 147 41.39 -2.85 49.23
N PHE R 148 42.11 -2.83 50.34
CA PHE R 148 41.47 -2.82 51.65
C PHE R 148 41.01 -1.44 52.09
N ARG R 149 41.22 -0.42 51.25
CA ARG R 149 40.69 0.91 51.56
C ARG R 149 39.20 0.97 51.31
N LYS R 150 38.70 0.17 50.37
CA LYS R 150 37.28 0.13 50.06
C LYS R 150 36.59 -1.14 50.57
N HIS R 151 37.35 -2.20 50.85
CA HIS R 151 36.77 -3.41 51.41
C HIS R 151 36.33 -3.24 52.85
N ALA R 152 36.75 -2.16 53.52
CA ALA R 152 36.41 -1.94 54.92
C ALA R 152 35.10 -1.21 55.12
N ASN R 153 34.41 -0.83 54.05
CA ASN R 153 33.14 -0.13 54.15
C ASN R 153 31.94 -1.04 53.97
N LYS R 154 32.17 -2.34 53.77
CA LYS R 154 31.07 -3.28 53.56
C LYS R 154 30.97 -4.34 54.64
N PHE R 155 32.06 -5.05 54.92
CA PHE R 155 32.01 -6.24 55.76
C PHE R 155 32.25 -5.89 57.22
N ASP R 156 32.41 -6.91 58.05
CA ASP R 156 32.59 -6.72 59.48
C ASP R 156 33.98 -6.15 59.75
N GLY R 157 34.19 -5.68 60.98
CA GLY R 157 35.49 -5.18 61.40
C GLY R 157 36.37 -6.27 61.94
N GLN R 158 35.85 -7.50 61.99
CA GLN R 158 36.63 -8.67 62.40
C GLN R 158 36.90 -9.64 61.27
N THR R 159 36.00 -9.74 60.29
CA THR R 159 36.26 -10.62 59.16
C THR R 159 37.48 -10.17 58.37
N ILE R 160 37.70 -8.85 58.29
CA ILE R 160 38.86 -8.34 57.58
C ILE R 160 40.14 -8.72 58.30
N GLN R 161 40.15 -8.58 59.63
CA GLN R 161 41.29 -9.03 60.41
C GLN R 161 41.51 -10.54 60.30
N ASN R 162 40.48 -11.29 59.95
CA ASN R 162 40.65 -12.73 59.73
C ASN R 162 41.41 -12.99 58.44
N TRP R 163 41.17 -12.18 57.40
CA TRP R 163 41.91 -12.36 56.16
C TRP R 163 43.37 -11.97 56.32
N LYS R 164 43.62 -10.78 56.87
CA LYS R 164 45.00 -10.31 57.02
C LYS R 164 45.82 -11.23 57.92
N ASP R 165 45.16 -11.98 58.79
CA ASP R 165 45.88 -12.96 59.60
C ASP R 165 46.20 -14.21 58.80
N ALA R 166 45.33 -14.58 57.86
CA ALA R 166 45.59 -15.76 57.05
C ALA R 166 46.49 -15.45 55.87
N LEU R 167 46.26 -14.30 55.22
CA LEU R 167 47.09 -13.94 54.07
C LEU R 167 48.54 -13.74 54.46
N LYS R 168 48.79 -13.37 55.71
CA LYS R 168 50.16 -13.12 56.15
C LYS R 168 50.96 -14.41 56.20
N LYS R 169 50.41 -15.44 56.86
CA LYS R 169 51.19 -16.65 57.08
C LYS R 169 51.53 -17.36 55.79
N VAL R 170 50.78 -17.10 54.72
CA VAL R 170 51.12 -17.69 53.43
C VAL R 170 52.45 -17.14 52.93
N GLY R 171 52.73 -15.87 53.19
CA GLY R 171 53.95 -15.25 52.72
C GLY R 171 55.17 -15.51 53.57
N ASP R 172 55.18 -16.65 54.27
CA ASP R 172 56.35 -17.08 55.03
C ASP R 172 56.90 -18.42 54.62
N LEU R 173 56.12 -19.24 53.91
CA LEU R 173 56.62 -20.54 53.46
C LEU R 173 57.53 -20.37 52.25
N LYS R 174 58.03 -21.51 51.77
CA LYS R 174 58.96 -21.50 50.60
C LYS R 174 58.17 -21.13 49.34
N GLY R 175 58.85 -20.53 48.37
CA GLY R 175 58.19 -20.12 47.13
C GLY R 175 59.10 -19.60 46.04
N TRP R 176 58.90 -20.09 44.82
CA TRP R 176 59.66 -19.64 43.66
C TRP R 176 59.19 -18.26 43.25
N HIS R 177 60.02 -17.24 43.44
CA HIS R 177 59.73 -15.92 42.90
C HIS R 177 60.02 -15.90 41.40
N ILE R 178 59.12 -15.29 40.64
CA ILE R 178 59.26 -15.18 39.19
C ILE R 178 59.44 -13.71 38.86
N GLY R 179 60.68 -13.32 38.55
CA GLY R 179 60.95 -11.94 38.22
C GLY R 179 60.58 -11.62 36.78
N LYS R 180 60.86 -10.38 36.38
CA LYS R 180 60.49 -9.90 35.05
C LYS R 180 61.23 -10.64 33.94
N ASP R 181 62.35 -11.28 34.22
CA ASP R 181 63.16 -11.89 33.18
C ASP R 181 63.16 -13.42 33.24
N ASP R 182 62.80 -14.02 34.37
CA ASP R 182 62.85 -15.47 34.48
C ASP R 182 61.97 -16.11 33.41
N GLU R 183 62.40 -17.27 32.92
CA GLU R 183 61.70 -17.96 31.85
C GLU R 183 60.38 -18.51 32.38
N GLN R 184 59.27 -18.10 31.77
CA GLN R 184 57.96 -18.63 32.15
C GLN R 184 57.82 -20.10 31.83
N GLY R 185 58.84 -20.70 31.18
CA GLY R 185 58.74 -22.11 30.77
C GLY R 185 59.60 -23.02 31.63
N ALA R 186 60.86 -22.64 31.86
CA ALA R 186 61.79 -23.47 32.65
C ALA R 186 61.27 -23.61 34.09
N ILE R 187 60.71 -22.52 34.63
CA ILE R 187 60.16 -22.56 36.02
C ILE R 187 59.11 -23.67 36.11
N ALA R 188 58.19 -23.72 35.14
CA ALA R 188 57.11 -24.73 35.15
C ALA R 188 57.71 -26.14 35.31
N ASP R 189 58.70 -26.49 34.48
CA ASP R 189 59.26 -27.86 34.52
C ASP R 189 59.90 -28.10 35.89
N LYS R 190 60.63 -27.10 36.40
CA LYS R 190 61.30 -27.24 37.72
C LYS R 190 60.25 -27.42 38.83
N VAL R 191 59.16 -26.66 38.77
CA VAL R 191 58.17 -26.72 39.89
C VAL R 191 57.32 -27.99 39.75
N SER R 192 57.10 -28.46 38.51
CA SER R 192 56.22 -29.61 38.35
C SER R 192 56.83 -30.85 38.99
N ALA R 193 58.11 -31.09 38.75
CA ALA R 193 58.77 -32.27 39.30
C ALA R 193 58.75 -32.27 40.82
N ASP R 194 58.84 -31.08 41.43
CA ASP R 194 58.75 -30.98 42.88
C ASP R 194 57.37 -31.38 43.37
N ILE R 195 56.35 -31.26 42.52
CA ILE R 195 55.04 -31.79 42.87
C ILE R 195 54.97 -33.28 42.55
N TRP R 196 55.73 -33.73 41.55
CA TRP R 196 55.75 -35.14 41.21
C TRP R 196 56.72 -35.94 42.08
N SER R 197 57.67 -35.29 42.74
CA SER R 197 58.58 -36.01 43.62
C SER R 197 57.89 -36.44 44.90
N HIS R 198 56.92 -35.66 45.36
CA HIS R 198 56.19 -36.00 46.58
C HIS R 198 55.08 -37.01 46.34
N ILE R 199 54.94 -37.53 45.13
CA ILE R 199 53.91 -38.51 44.79
C ILE R 199 54.51 -39.89 44.53
N SER R 200 55.56 -39.95 43.71
CA SER R 200 56.17 -41.24 43.41
C SER R 200 56.85 -41.83 44.64
N LYS R 201 57.69 -41.04 45.31
CA LYS R 201 58.36 -41.51 46.52
C LYS R 201 57.43 -41.56 47.71
N GLU R 202 56.35 -40.79 47.70
CA GLU R 202 55.38 -40.76 48.79
C GLU R 202 56.04 -40.43 50.13
N VAL S 33 53.70 -15.12 -24.95
CA VAL S 33 54.73 -14.26 -24.37
C VAL S 33 54.17 -12.84 -24.25
N GLU S 34 53.17 -12.53 -25.06
CA GLU S 34 52.47 -11.25 -25.00
C GLU S 34 51.11 -11.45 -24.33
N TYR S 35 50.41 -10.35 -24.12
CA TYR S 35 49.13 -10.34 -23.42
C TYR S 35 47.99 -10.56 -24.40
N ASP S 36 47.06 -11.45 -24.05
CA ASP S 36 45.90 -11.69 -24.87
C ASP S 36 44.61 -11.16 -24.26
N VAL S 37 44.64 -10.68 -23.02
CA VAL S 37 43.47 -10.18 -22.31
C VAL S 37 43.91 -9.08 -21.36
N PHE S 38 43.18 -7.96 -21.40
CA PHE S 38 43.52 -6.81 -20.56
C PHE S 38 42.27 -6.38 -19.83
N LEU S 39 42.36 -6.21 -18.51
CA LEU S 39 41.22 -5.88 -17.68
C LEU S 39 41.22 -4.40 -17.34
N SER S 40 40.17 -3.97 -16.64
CA SER S 40 40.03 -2.59 -16.16
C SER S 40 38.85 -2.53 -15.20
N PHE S 41 39.01 -1.86 -14.07
CA PHE S 41 38.00 -1.92 -13.01
C PHE S 41 38.17 -0.72 -12.09
N ARG S 42 37.43 -0.74 -10.98
CA ARG S 42 37.50 0.28 -9.95
C ARG S 42 38.58 -0.12 -8.96
N GLY S 43 39.04 0.83 -8.17
CA GLY S 43 40.03 0.55 -7.15
C GLY S 43 39.47 -0.26 -5.99
N PRO S 44 38.93 0.45 -4.99
CA PRO S 44 38.59 -0.23 -3.72
C PRO S 44 37.37 -1.13 -3.81
N ASP S 45 36.57 -1.00 -4.87
CA ASP S 45 35.27 -1.67 -4.90
C ASP S 45 35.40 -3.16 -5.18
N THR S 46 35.91 -3.53 -6.35
CA THR S 46 35.94 -4.92 -6.78
C THR S 46 37.34 -5.45 -7.00
N ARG S 47 38.35 -4.88 -6.34
CA ARG S 47 39.72 -5.34 -6.54
C ARG S 47 39.97 -6.65 -5.82
N LYS S 48 39.30 -6.87 -4.68
CA LYS S 48 39.55 -8.05 -3.87
C LYS S 48 38.33 -8.96 -3.74
N GLN S 49 37.22 -8.65 -4.38
CA GLN S 49 36.01 -9.44 -4.16
C GLN S 49 35.71 -10.38 -5.32
N PHE S 50 35.40 -9.82 -6.50
CA PHE S 50 35.01 -10.65 -7.63
C PHE S 50 36.08 -10.71 -8.72
N THR S 51 36.71 -9.57 -9.01
CA THR S 51 37.69 -9.54 -10.13
C THR S 51 38.93 -10.36 -9.77
N ASP S 52 39.23 -10.56 -8.49
CA ASP S 52 40.46 -11.32 -8.13
C ASP S 52 40.28 -12.75 -8.64
N PHE S 53 39.08 -13.30 -8.39
CA PHE S 53 38.77 -14.67 -8.85
C PHE S 53 38.81 -14.74 -10.37
N LEU S 54 38.32 -13.68 -11.04
CA LEU S 54 38.28 -13.69 -12.52
C LEU S 54 39.72 -13.81 -13.04
N TYR S 55 40.65 -13.08 -12.43
CA TYR S 55 42.08 -13.17 -12.81
C TYR S 55 42.64 -14.56 -12.50
N HIS S 56 42.31 -15.13 -11.34
CA HIS S 56 42.91 -16.44 -10.94
C HIS S 56 42.33 -17.59 -11.75
N PHE S 57 41.03 -17.90 -11.60
CA PHE S 57 40.34 -18.92 -12.37
C PHE S 57 40.79 -18.91 -13.82
N LEU S 58 41.04 -17.73 -14.37
CA LEU S 58 41.39 -17.64 -15.79
C LEU S 58 42.77 -18.26 -16.04
N CYS S 59 43.71 -18.08 -15.11
CA CYS S 59 45.04 -18.64 -15.31
C CYS S 59 45.03 -20.16 -15.36
N TYR S 60 43.92 -20.79 -15.00
CA TYR S 60 43.81 -22.24 -15.08
C TYR S 60 43.46 -22.71 -16.48
N TYR S 61 43.19 -21.80 -17.41
CA TYR S 61 42.97 -22.15 -18.81
C TYR S 61 44.17 -21.86 -19.69
N LYS S 62 45.35 -21.71 -19.09
CA LYS S 62 46.62 -21.57 -19.83
C LYS S 62 46.60 -20.37 -20.76
N ILE S 63 46.19 -19.22 -20.25
CA ILE S 63 46.28 -17.96 -20.99
C ILE S 63 46.82 -16.88 -20.07
N HIS S 64 47.64 -16.00 -20.63
CA HIS S 64 48.32 -14.98 -19.85
C HIS S 64 47.40 -13.77 -19.70
N THR S 65 47.14 -13.37 -18.47
CA THR S 65 46.22 -12.29 -18.16
C THR S 65 46.96 -11.12 -17.52
N PHE S 66 46.54 -9.91 -17.81
CA PHE S 66 47.15 -8.70 -17.28
C PHE S 66 46.15 -7.98 -16.38
N ARG S 67 46.54 -7.74 -15.14
CA ARG S 67 45.82 -6.84 -14.24
C ARG S 67 46.85 -6.00 -13.52
N ASP S 68 46.50 -4.75 -13.22
CA ASP S 68 47.45 -3.84 -12.60
C ASP S 68 46.79 -3.12 -11.43
N ASP S 69 47.61 -2.84 -10.41
CA ASP S 69 47.13 -2.17 -9.21
C ASP S 69 47.90 -0.90 -8.89
N ASP S 70 49.04 -0.64 -9.53
CA ASP S 70 49.79 0.59 -9.31
C ASP S 70 48.93 1.80 -9.60
N GLU S 71 48.88 2.73 -8.64
CA GLU S 71 48.05 3.91 -8.73
C GLU S 71 48.54 4.92 -9.76
N LEU S 72 49.64 4.63 -10.46
CA LEU S 72 50.22 5.52 -11.46
C LEU S 72 50.45 6.88 -10.82
N ARG S 73 49.75 7.94 -11.23
CA ARG S 73 49.90 9.32 -10.78
C ARG S 73 51.29 9.88 -11.08
N LYS S 74 52.25 9.05 -11.50
CA LYS S 74 53.58 9.52 -11.84
C LYS S 74 53.54 10.24 -13.18
N GLY S 75 52.97 11.44 -13.15
CA GLY S 75 52.67 12.17 -14.36
C GLY S 75 51.17 12.25 -14.58
N LYS S 76 50.73 12.09 -15.82
CA LYS S 76 49.30 12.02 -16.12
C LYS S 76 48.92 10.79 -16.94
N GLU S 77 49.84 10.19 -17.70
CA GLU S 77 49.57 8.95 -18.40
C GLU S 77 50.90 8.28 -18.70
N ILE S 78 51.08 7.07 -18.19
CA ILE S 78 52.35 6.36 -18.27
C ILE S 78 52.39 5.63 -19.60
N GLY S 79 53.58 5.55 -20.20
CA GLY S 79 53.73 4.95 -21.50
C GLY S 79 54.10 3.48 -21.45
N PRO S 80 55.32 3.18 -20.99
CA PRO S 80 55.80 1.79 -21.05
C PRO S 80 54.95 0.81 -20.27
N ASN S 81 54.02 1.28 -19.44
CA ASN S 81 53.15 0.38 -18.70
C ASN S 81 51.82 0.20 -19.42
N LEU S 82 50.90 1.15 -19.22
CA LEU S 82 49.56 1.00 -19.77
C LEU S 82 49.57 1.08 -21.29
N LEU S 83 50.18 2.13 -21.84
CA LEU S 83 50.15 2.33 -23.29
C LEU S 83 50.76 1.16 -24.04
N ARG S 84 51.76 0.50 -23.44
CA ARG S 84 52.36 -0.66 -24.08
C ARG S 84 51.36 -1.81 -24.17
N ALA S 85 50.78 -2.20 -23.04
CA ALA S 85 49.91 -3.37 -23.02
C ALA S 85 48.61 -3.14 -23.77
N ILE S 86 48.16 -1.88 -23.86
CA ILE S 86 46.92 -1.59 -24.57
C ILE S 86 47.01 -2.07 -26.01
N ASP S 87 48.06 -1.66 -26.72
CA ASP S 87 48.25 -2.13 -28.10
C ASP S 87 48.62 -3.59 -28.15
N GLN S 88 49.13 -4.16 -27.06
CA GLN S 88 49.51 -5.57 -27.05
C GLN S 88 48.34 -6.49 -26.73
N SER S 89 47.27 -5.98 -26.14
CA SER S 89 46.14 -6.82 -25.75
C SER S 89 45.40 -7.34 -26.98
N LYS S 90 44.51 -8.28 -26.74
CA LYS S 90 43.73 -8.89 -27.82
C LYS S 90 42.23 -8.81 -27.61
N ILE S 91 41.75 -8.98 -26.38
CA ILE S 91 40.31 -8.86 -26.07
C ILE S 91 40.21 -7.93 -24.86
N TYR S 92 39.94 -6.66 -25.11
CA TYR S 92 39.74 -5.72 -24.01
C TYR S 92 38.44 -6.04 -23.30
N VAL S 93 38.51 -6.38 -22.01
CA VAL S 93 37.34 -6.78 -21.26
C VAL S 93 37.18 -5.89 -20.02
N PRO S 94 36.53 -4.74 -20.13
CA PRO S 94 36.29 -3.92 -18.94
C PRO S 94 35.30 -4.58 -18.01
N ILE S 95 35.19 -4.01 -16.80
CA ILE S 95 34.25 -4.48 -15.78
C ILE S 95 33.68 -3.23 -15.13
N ILE S 96 32.59 -2.70 -15.68
CA ILE S 96 31.99 -1.49 -15.13
C ILE S 96 31.33 -1.81 -13.80
N SER S 97 31.59 -0.98 -12.80
CA SER S 97 31.04 -1.17 -11.47
C SER S 97 30.04 -0.06 -11.16
N SER S 98 29.81 0.15 -9.86
CA SER S 98 28.84 1.16 -9.44
C SER S 98 29.47 2.53 -9.33
N GLY S 99 30.72 2.59 -8.86
CA GLY S 99 31.43 3.85 -8.74
C GLY S 99 32.58 3.95 -9.72
N TYR S 100 32.37 3.47 -10.94
CA TYR S 100 33.40 3.51 -11.97
C TYR S 100 33.53 4.86 -12.63
N ALA S 101 32.74 5.86 -12.24
CA ALA S 101 32.72 7.14 -12.90
C ALA S 101 33.34 8.26 -12.08
N ASP S 102 34.08 7.93 -11.03
CA ASP S 102 34.66 8.94 -10.15
C ASP S 102 36.16 9.07 -10.33
N SER S 103 36.88 7.96 -10.46
CA SER S 103 38.32 8.01 -10.56
C SER S 103 38.76 8.71 -11.83
N LYS S 104 39.54 9.79 -11.68
CA LYS S 104 39.97 10.59 -12.81
C LYS S 104 40.84 9.82 -13.79
N TRP S 105 41.38 8.66 -13.39
CA TRP S 105 42.22 7.88 -14.28
C TRP S 105 41.41 6.91 -15.14
N CYS S 106 40.38 6.28 -14.57
CA CYS S 106 39.69 5.20 -15.26
C CYS S 106 39.02 5.69 -16.53
N LEU S 107 38.17 6.72 -16.42
CA LEU S 107 37.38 7.17 -17.56
C LEU S 107 38.27 7.53 -18.74
N MET S 108 39.22 8.45 -18.52
CA MET S 108 40.09 8.87 -19.61
C MET S 108 40.91 7.71 -20.16
N GLU S 109 41.11 6.66 -19.36
CA GLU S 109 41.74 5.46 -19.88
C GLU S 109 40.77 4.66 -20.73
N LEU S 110 39.51 4.57 -20.31
CA LEU S 110 38.50 3.90 -21.12
C LEU S 110 38.31 4.62 -22.44
N ALA S 111 38.45 5.94 -22.44
CA ALA S 111 38.38 6.69 -23.69
C ALA S 111 39.46 6.27 -24.67
N GLU S 112 40.54 5.68 -24.17
CA GLU S 112 41.58 5.17 -25.04
C GLU S 112 41.32 3.73 -25.50
N ILE S 113 40.49 2.99 -24.77
CA ILE S 113 40.13 1.64 -25.19
C ILE S 113 39.19 1.72 -26.38
N VAL S 114 38.00 2.27 -26.18
CA VAL S 114 36.97 2.24 -27.21
C VAL S 114 37.38 3.05 -28.43
N ARG S 115 38.33 3.97 -28.26
CA ARG S 115 38.81 4.73 -29.42
C ARG S 115 39.73 3.89 -30.28
N ARG S 116 40.68 3.19 -29.65
CA ARG S 116 41.56 2.31 -30.41
C ARG S 116 40.78 1.16 -31.05
N GLN S 117 39.68 0.76 -30.43
CA GLN S 117 38.87 -0.33 -30.98
C GLN S 117 38.20 0.09 -32.28
N GLU S 118 37.72 1.34 -32.35
CA GLU S 118 36.99 1.78 -33.53
C GLU S 118 37.86 1.90 -34.77
N GLU S 119 39.18 1.98 -34.59
CA GLU S 119 40.06 2.09 -35.76
C GLU S 119 40.31 0.72 -36.39
N ASP S 120 40.59 -0.29 -35.56
CA ASP S 120 40.74 -1.66 -36.05
C ASP S 120 39.67 -2.53 -35.42
N PRO S 121 38.67 -2.99 -36.16
CA PRO S 121 37.62 -3.82 -35.56
C PRO S 121 38.01 -5.29 -35.49
N ARG S 122 39.30 -5.61 -35.64
CA ARG S 122 39.74 -6.98 -35.50
C ARG S 122 39.54 -7.49 -34.07
N ARG S 123 39.60 -6.59 -33.09
CA ARG S 123 39.40 -6.94 -31.69
C ARG S 123 37.99 -6.57 -31.26
N ILE S 124 37.63 -6.98 -30.04
CA ILE S 124 36.25 -6.91 -29.55
C ILE S 124 36.26 -6.37 -28.13
N ILE S 125 35.05 -6.24 -27.58
CA ILE S 125 34.83 -5.75 -26.22
C ILE S 125 33.66 -6.52 -25.63
N LEU S 126 33.85 -7.06 -24.42
CA LEU S 126 32.83 -7.89 -23.76
C LEU S 126 32.54 -7.33 -22.36
N PRO S 127 31.86 -6.19 -22.27
CA PRO S 127 31.63 -5.57 -20.96
C PRO S 127 30.82 -6.46 -20.05
N ILE S 128 30.96 -6.22 -18.75
CA ILE S 128 30.24 -6.98 -17.74
C ILE S 128 29.70 -6.01 -16.70
N PHE S 129 28.40 -5.71 -16.80
CA PHE S 129 27.78 -4.82 -15.82
C PHE S 129 27.79 -5.49 -14.45
N TYR S 130 27.64 -4.69 -13.40
CA TYR S 130 27.86 -5.19 -12.05
C TYR S 130 27.06 -4.33 -11.08
N MET S 131 26.06 -4.95 -10.44
CA MET S 131 25.30 -4.30 -9.36
C MET S 131 24.68 -2.99 -9.80
N VAL S 132 24.54 -2.80 -11.11
CA VAL S 132 24.00 -1.55 -11.65
C VAL S 132 23.08 -1.89 -12.81
N ASP S 133 22.21 -0.96 -13.13
CA ASP S 133 21.29 -1.18 -14.23
C ASP S 133 22.02 -0.95 -15.56
N PRO S 134 21.59 -1.63 -16.62
CA PRO S 134 22.11 -1.32 -17.95
C PRO S 134 21.40 -0.13 -18.56
N SER S 135 20.94 0.78 -17.71
CA SER S 135 20.33 2.03 -18.14
C SER S 135 21.04 3.25 -17.59
N ASP S 136 21.71 3.14 -16.44
CA ASP S 136 22.50 4.21 -15.87
C ASP S 136 23.87 4.32 -16.51
N VAL S 137 24.10 3.66 -17.64
CA VAL S 137 25.38 3.69 -18.31
C VAL S 137 25.33 4.37 -19.66
N ARG S 138 24.12 4.55 -20.20
CA ARG S 138 23.96 5.14 -21.55
C ARG S 138 23.69 6.64 -21.44
N HIS S 139 23.34 7.14 -20.25
CA HIS S 139 22.99 8.55 -20.09
C HIS S 139 23.59 9.16 -18.83
N GLN S 140 24.46 8.44 -18.13
CA GLN S 140 25.24 8.97 -17.01
C GLN S 140 24.37 9.57 -15.91
N THR S 141 23.09 9.22 -15.87
CA THR S 141 22.18 9.70 -14.84
C THR S 141 22.09 8.69 -13.72
N GLY S 142 21.38 9.05 -12.66
CA GLY S 142 21.18 8.15 -11.53
C GLY S 142 22.30 8.26 -10.50
N CYS S 143 23.21 7.28 -10.50
CA CYS S 143 24.33 7.24 -9.56
C CYS S 143 25.58 7.91 -10.09
N TYR S 144 25.53 8.46 -11.30
CA TYR S 144 26.66 9.18 -11.88
C TYR S 144 26.47 10.69 -11.89
N LYS S 145 25.25 11.17 -11.62
CA LYS S 145 24.99 12.59 -11.70
C LYS S 145 25.84 13.37 -10.70
N LYS S 146 25.95 12.85 -9.47
CA LYS S 146 26.84 13.48 -8.50
C LYS S 146 28.28 13.47 -8.97
N ALA S 147 28.67 12.43 -9.73
CA ALA S 147 30.05 12.33 -10.19
C ALA S 147 30.40 13.46 -11.15
N PHE S 148 29.59 13.64 -12.19
CA PHE S 148 29.85 14.69 -13.16
C PHE S 148 29.34 16.07 -12.70
N ARG S 149 28.77 16.15 -11.50
CA ARG S 149 28.38 17.44 -10.96
C ARG S 149 29.59 18.21 -10.46
N LYS S 150 30.62 17.49 -10.02
CA LYS S 150 31.85 18.11 -9.55
C LYS S 150 33.01 17.98 -10.52
N HIS S 151 32.95 17.03 -11.45
CA HIS S 151 33.99 16.89 -12.46
C HIS S 151 33.97 18.01 -13.48
N ALA S 152 32.89 18.80 -13.53
CA ALA S 152 32.76 19.86 -14.52
C ALA S 152 33.36 21.17 -14.07
N ASN S 153 33.91 21.24 -12.86
CA ASN S 153 34.51 22.46 -12.35
C ASN S 153 36.03 22.48 -12.48
N LYS S 154 36.63 21.43 -13.05
CA LYS S 154 38.08 21.34 -13.18
C LYS S 154 38.54 21.30 -14.63
N PHE S 155 38.01 20.38 -15.43
CA PHE S 155 38.56 20.10 -16.75
C PHE S 155 37.88 20.96 -17.81
N ASP S 156 38.16 20.65 -19.07
CA ASP S 156 37.64 21.42 -20.20
C ASP S 156 36.14 21.13 -20.36
N GLY S 157 35.47 21.95 -21.15
CA GLY S 157 34.07 21.75 -21.44
C GLY S 157 33.87 20.84 -22.65
N GLN S 158 34.96 20.39 -23.24
CA GLN S 158 34.92 19.43 -24.34
C GLN S 158 35.47 18.07 -23.98
N THR S 159 36.44 17.99 -23.06
CA THR S 159 36.95 16.70 -22.63
C THR S 159 35.87 15.88 -21.95
N ILE S 160 34.96 16.54 -21.22
CA ILE S 160 33.88 15.81 -20.56
C ILE S 160 32.93 15.23 -21.59
N GLN S 161 32.59 16.01 -22.62
CA GLN S 161 31.77 15.48 -23.71
C GLN S 161 32.46 14.35 -24.44
N ASN S 162 33.79 14.29 -24.37
CA ASN S 162 34.49 13.16 -24.98
C ASN S 162 34.28 11.89 -24.19
N TRP S 163 34.23 11.99 -22.86
CA TRP S 163 33.99 10.81 -22.05
C TRP S 163 32.55 10.30 -22.23
N LYS S 164 31.57 11.19 -22.10
CA LYS S 164 30.18 10.78 -22.21
C LYS S 164 29.86 10.21 -23.58
N ASP S 165 30.64 10.56 -24.60
CA ASP S 165 30.45 9.97 -25.91
C ASP S 165 31.06 8.57 -25.97
N ALA S 166 32.15 8.34 -25.25
CA ALA S 166 32.77 7.02 -25.24
C ALA S 166 32.10 6.09 -24.25
N LEU S 167 31.76 6.59 -23.06
CA LEU S 167 31.12 5.74 -22.06
C LEU S 167 29.76 5.25 -22.54
N LYS S 168 29.10 6.01 -23.41
CA LYS S 168 27.78 5.61 -23.88
C LYS S 168 27.86 4.36 -24.75
N LYS S 169 28.75 4.37 -25.74
CA LYS S 169 28.77 3.28 -26.71
C LYS S 169 29.14 1.96 -26.08
N VAL S 170 29.82 1.98 -24.92
CA VAL S 170 30.13 0.74 -24.23
C VAL S 170 28.84 0.07 -23.75
N GLY S 171 27.85 0.85 -23.34
CA GLY S 171 26.62 0.29 -22.83
C GLY S 171 25.62 -0.12 -23.89
N ASP S 172 26.12 -0.48 -25.07
CA ASP S 172 25.27 -1.01 -26.13
C ASP S 172 25.67 -2.39 -26.60
N LEU S 173 26.88 -2.84 -26.32
CA LEU S 173 27.30 -4.17 -26.72
C LEU S 173 26.72 -5.23 -25.79
N LYS S 174 27.05 -6.49 -26.09
CA LYS S 174 26.53 -7.62 -25.27
C LYS S 174 27.20 -7.60 -23.90
N GLY S 175 26.51 -8.11 -22.88
CA GLY S 175 27.04 -8.14 -21.54
C GLY S 175 26.23 -8.89 -20.50
N TRP S 176 26.92 -9.73 -19.72
CA TRP S 176 26.28 -10.49 -18.65
C TRP S 176 25.96 -9.56 -17.49
N HIS S 177 24.67 -9.31 -17.25
CA HIS S 177 24.27 -8.58 -16.06
C HIS S 177 24.32 -9.53 -14.86
N ILE S 178 24.84 -9.03 -13.74
CA ILE S 178 24.96 -9.80 -12.51
C ILE S 178 24.04 -9.15 -11.48
N GLY S 179 22.90 -9.77 -11.24
CA GLY S 179 21.97 -9.23 -10.26
C GLY S 179 22.36 -9.58 -8.83
N LYS S 180 21.52 -9.16 -7.89
CA LYS S 180 21.80 -9.35 -6.47
C LYS S 180 21.86 -10.82 -6.06
N ASP S 181 21.25 -11.72 -6.84
CA ASP S 181 21.16 -13.12 -6.45
C ASP S 181 22.00 -14.05 -7.31
N ASP S 182 22.40 -13.62 -8.51
CA ASP S 182 23.16 -14.51 -9.38
C ASP S 182 24.45 -14.97 -8.69
N GLU S 183 24.84 -16.21 -8.96
CA GLU S 183 26.01 -16.79 -8.33
C GLU S 183 27.27 -16.12 -8.83
N GLN S 184 28.05 -15.54 -7.92
CA GLN S 184 29.32 -14.94 -8.29
C GLN S 184 30.33 -15.95 -8.79
N GLY S 185 29.98 -17.25 -8.74
CA GLY S 185 30.93 -18.31 -9.14
C GLY S 185 30.58 -18.91 -10.48
N ALA S 186 29.31 -19.27 -10.69
CA ALA S 186 28.89 -19.92 -11.96
C ALA S 186 29.09 -18.95 -13.12
N ILE S 187 28.82 -17.66 -12.90
CA ILE S 187 29.02 -16.64 -13.98
C ILE S 187 30.46 -16.70 -14.46
N ALA S 188 31.42 -16.70 -13.52
CA ALA S 188 32.86 -16.73 -13.88
C ALA S 188 33.13 -17.87 -14.86
N ASP S 189 32.70 -19.09 -14.53
CA ASP S 189 33.01 -20.25 -15.41
C ASP S 189 32.38 -20.05 -16.78
N LYS S 190 31.13 -19.57 -16.79
CA LYS S 190 30.41 -19.35 -18.08
C LYS S 190 31.13 -18.28 -18.91
N VAL S 191 31.59 -17.20 -18.27
CA VAL S 191 32.20 -16.09 -19.06
C VAL S 191 33.62 -16.48 -19.46
N SER S 192 34.31 -17.30 -18.65
CA SER S 192 35.70 -17.61 -18.99
C SER S 192 35.78 -18.41 -20.28
N ALA S 193 34.92 -19.42 -20.43
CA ALA S 193 34.96 -20.25 -21.63
C ALA S 193 34.67 -19.44 -22.89
N ASP S 194 33.81 -18.42 -22.77
CA ASP S 194 33.55 -17.55 -23.90
C ASP S 194 34.78 -16.74 -24.29
N ILE S 195 35.70 -16.54 -23.35
CA ILE S 195 36.99 -15.95 -23.68
C ILE S 195 37.94 -17.00 -24.20
N TRP S 196 37.78 -18.24 -23.75
CA TRP S 196 38.63 -19.34 -24.22
C TRP S 196 38.13 -19.94 -25.53
N SER S 197 36.86 -19.72 -25.89
CA SER S 197 36.37 -20.23 -27.16
C SER S 197 36.92 -19.43 -28.34
N HIS S 198 37.17 -18.14 -28.13
CA HIS S 198 37.70 -17.31 -29.20
C HIS S 198 39.22 -17.42 -29.34
N ILE S 199 39.85 -18.32 -28.60
CA ILE S 199 41.30 -18.51 -28.67
C ILE S 199 41.65 -19.87 -29.28
N SER S 200 41.00 -20.94 -28.83
CA SER S 200 41.29 -22.26 -29.37
C SER S 200 40.85 -22.38 -30.82
N LYS S 201 39.59 -22.01 -31.10
CA LYS S 201 39.08 -22.05 -32.46
C LYS S 201 39.62 -20.93 -33.33
N GLU S 202 40.05 -19.83 -32.72
CA GLU S 202 40.61 -18.67 -33.43
C GLU S 202 39.62 -18.14 -34.48
N VAL T 33 33.01 -41.61 -8.65
CA VAL T 33 31.57 -41.82 -8.71
C VAL T 33 30.96 -41.44 -7.36
N GLU T 34 31.78 -41.48 -6.32
CA GLU T 34 31.38 -41.05 -4.99
C GLU T 34 31.98 -39.68 -4.70
N TYR T 35 31.62 -39.13 -3.54
CA TYR T 35 32.04 -37.79 -3.15
C TYR T 35 33.34 -37.86 -2.38
N ASP T 36 34.27 -36.97 -2.73
CA ASP T 36 35.54 -36.89 -2.03
C ASP T 36 35.68 -35.63 -1.17
N VAL T 37 34.74 -34.70 -1.27
CA VAL T 37 34.78 -33.44 -0.53
C VAL T 37 33.36 -33.01 -0.22
N PHE T 38 33.11 -32.64 1.03
CA PHE T 38 31.79 -32.23 1.46
C PHE T 38 31.90 -30.90 2.18
N LEU T 39 31.07 -29.93 1.79
CA LEU T 39 31.13 -28.59 2.33
C LEU T 39 30.05 -28.38 3.37
N SER T 40 30.06 -27.20 4.00
CA SER T 40 29.06 -26.79 4.96
C SER T 40 29.24 -25.31 5.28
N PHE T 41 28.16 -24.54 5.30
CA PHE T 41 28.27 -23.09 5.40
C PHE T 41 26.97 -22.52 5.92
N ARG T 42 26.87 -21.20 5.89
CA ARG T 42 25.68 -20.46 6.29
C ARG T 42 24.78 -20.33 5.07
N GLY T 43 23.51 -20.02 5.28
CA GLY T 43 22.58 -19.82 4.20
C GLY T 43 22.83 -18.53 3.46
N PRO T 44 22.22 -17.43 3.92
CA PRO T 44 22.21 -16.21 3.10
C PRO T 44 23.54 -15.49 3.07
N ASP T 45 24.48 -15.83 3.95
CA ASP T 45 25.69 -15.04 4.09
C ASP T 45 26.68 -15.27 2.95
N THR T 46 27.18 -16.49 2.82
CA THR T 46 28.26 -16.80 1.88
C THR T 46 27.84 -17.81 0.82
N ARG T 47 26.55 -17.93 0.53
CA ARG T 47 26.11 -18.91 -0.46
C ARG T 47 26.42 -18.45 -1.87
N LYS T 48 26.41 -17.12 -2.07
CA LYS T 48 26.76 -16.56 -3.40
C LYS T 48 27.68 -15.35 -3.19
N GLN T 49 28.53 -15.39 -2.16
CA GLN T 49 29.49 -14.29 -1.91
C GLN T 49 30.94 -14.77 -2.08
N PHE T 50 31.18 -16.08 -1.96
CA PHE T 50 32.57 -16.61 -2.03
C PHE T 50 32.54 -18.13 -2.21
N THR T 51 31.80 -18.84 -1.36
CA THR T 51 31.74 -20.32 -1.43
C THR T 51 31.33 -20.77 -2.84
N ASP T 52 30.75 -19.87 -3.65
CA ASP T 52 30.26 -20.26 -5.01
C ASP T 52 31.45 -20.44 -5.97
N PHE T 53 32.30 -19.41 -6.08
CA PHE T 53 33.49 -19.50 -6.98
C PHE T 53 34.41 -20.63 -6.46
N LEU T 54 34.51 -20.77 -5.14
CA LEU T 54 35.39 -21.81 -4.56
C LEU T 54 34.89 -23.18 -5.02
N TYR T 55 33.57 -23.39 -5.00
CA TYR T 55 32.98 -24.67 -5.48
C TYR T 55 33.26 -24.84 -6.99
N HIS T 56 33.11 -23.76 -7.77
CA HIS T 56 33.29 -23.88 -9.24
C HIS T 56 34.77 -24.11 -9.59
N PHE T 57 35.65 -23.20 -9.16
CA PHE T 57 37.09 -23.33 -9.33
C PHE T 57 37.54 -24.75 -9.04
N LEU T 58 36.94 -25.39 -8.04
CA LEU T 58 37.38 -26.72 -7.65
C LEU T 58 37.07 -27.74 -8.73
N CYS T 59 35.93 -27.60 -9.41
CA CYS T 59 35.56 -28.55 -10.45
C CYS T 59 36.55 -28.52 -11.61
N TYR T 60 37.42 -27.52 -11.67
CA TYR T 60 38.42 -27.47 -12.72
C TYR T 60 39.64 -28.33 -12.42
N TYR T 61 39.70 -28.94 -11.24
CA TYR T 61 40.75 -29.88 -10.90
C TYR T 61 40.29 -31.34 -10.97
N LYS T 62 39.18 -31.59 -11.67
CA LYS T 62 38.70 -32.95 -11.94
C LYS T 62 38.44 -33.73 -10.65
N ILE T 63 37.71 -33.12 -9.72
CA ILE T 63 37.25 -33.81 -8.52
C ILE T 63 35.80 -33.46 -8.29
N HIS T 64 35.04 -34.44 -7.81
CA HIS T 64 33.59 -34.28 -7.63
C HIS T 64 33.33 -33.65 -6.27
N THR T 65 32.62 -32.53 -6.26
CA THR T 65 32.35 -31.78 -5.06
C THR T 65 30.85 -31.78 -4.76
N PHE T 66 30.51 -31.80 -3.48
CA PHE T 66 29.12 -31.81 -3.04
C PHE T 66 28.82 -30.52 -2.28
N ARG T 67 27.81 -29.79 -2.75
CA ARG T 67 27.25 -28.68 -1.99
C ARG T 67 25.73 -28.77 -2.12
N ASP T 68 25.02 -28.37 -1.07
CA ASP T 68 23.58 -28.49 -1.06
C ASP T 68 22.93 -27.21 -0.57
N ASP T 69 21.75 -26.91 -1.14
CA ASP T 69 21.02 -25.70 -0.81
C ASP T 69 19.61 -25.97 -0.29
N ASP T 70 19.09 -27.20 -0.46
CA ASP T 70 17.76 -27.52 0.04
C ASP T 70 17.67 -27.28 1.55
N GLU T 71 16.64 -26.53 1.95
CA GLU T 71 16.45 -26.14 3.33
C GLU T 71 16.05 -27.29 4.24
N LEU T 72 15.92 -28.50 3.70
CA LEU T 72 15.52 -29.69 4.47
C LEU T 72 14.21 -29.37 5.19
N ARG T 73 14.20 -29.32 6.52
CA ARG T 73 13.01 -29.11 7.35
C ARG T 73 11.98 -30.21 7.19
N LYS T 74 12.13 -31.11 6.21
CA LYS T 74 11.20 -32.21 6.01
C LYS T 74 11.48 -33.27 7.08
N GLY T 75 11.05 -32.95 8.30
CA GLY T 75 11.38 -33.75 9.46
C GLY T 75 12.34 -33.00 10.35
N LYS T 76 13.33 -33.70 10.90
CA LYS T 76 14.38 -33.06 11.68
C LYS T 76 15.79 -33.42 11.21
N GLU T 77 15.98 -34.55 10.55
CA GLU T 77 17.28 -34.89 9.95
C GLU T 77 17.04 -35.91 8.86
N ILE T 78 17.42 -35.58 7.63
CA ILE T 78 17.14 -36.39 6.46
C ILE T 78 18.24 -37.44 6.35
N GLY T 79 17.88 -38.63 5.89
CA GLY T 79 18.81 -39.73 5.82
C GLY T 79 19.47 -39.86 4.45
N PRO T 80 18.69 -40.23 3.44
CA PRO T 80 19.30 -40.52 2.12
C PRO T 80 20.03 -39.34 1.50
N ASN T 81 19.88 -38.14 2.06
CA ASN T 81 20.58 -36.99 1.53
C ASN T 81 21.86 -36.72 2.32
N LEU T 82 21.73 -36.04 3.46
CA LEU T 82 22.90 -35.64 4.23
C LEU T 82 23.60 -36.85 4.82
N LEU T 83 22.87 -37.70 5.54
CA LEU T 83 23.49 -38.83 6.22
C LEU T 83 24.22 -39.75 5.25
N ARG T 84 23.72 -39.86 4.03
CA ARG T 84 24.41 -40.70 3.04
C ARG T 84 25.77 -40.11 2.68
N ALA T 85 25.80 -38.84 2.26
CA ALA T 85 27.03 -38.24 1.78
C ALA T 85 28.04 -38.04 2.90
N ILE T 86 27.58 -37.88 4.14
CA ILE T 86 28.51 -37.69 5.25
C ILE T 86 29.47 -38.86 5.35
N ASP T 87 28.95 -40.08 5.39
CA ASP T 87 29.80 -41.26 5.42
C ASP T 87 30.53 -41.48 4.09
N GLN T 88 30.03 -40.91 3.00
CA GLN T 88 30.66 -41.07 1.71
C GLN T 88 31.78 -40.08 1.46
N SER T 89 31.82 -38.96 2.19
CA SER T 89 32.82 -37.92 1.98
C SER T 89 34.20 -38.42 2.38
N LYS T 90 35.21 -37.64 2.01
CA LYS T 90 36.59 -37.99 2.32
C LYS T 90 37.34 -36.90 3.07
N ILE T 91 37.12 -35.64 2.74
CA ILE T 91 37.74 -34.51 3.45
C ILE T 91 36.63 -33.54 3.80
N TYR T 92 36.12 -33.61 5.03
CA TYR T 92 35.11 -32.66 5.48
C TYR T 92 35.75 -31.28 5.63
N VAL T 93 35.25 -30.31 4.87
CA VAL T 93 35.84 -28.98 4.89
C VAL T 93 34.76 -27.95 5.22
N PRO T 94 34.49 -27.67 6.48
CA PRO T 94 33.53 -26.63 6.82
C PRO T 94 34.07 -25.25 6.47
N ILE T 95 33.18 -24.27 6.55
CA ILE T 95 33.52 -22.86 6.30
C ILE T 95 32.75 -22.04 7.34
N ILE T 96 33.36 -21.83 8.49
CA ILE T 96 32.70 -21.08 9.55
C ILE T 96 32.62 -19.61 9.17
N SER T 97 31.45 -19.02 9.32
CA SER T 97 31.22 -17.62 8.98
C SER T 97 30.99 -16.81 10.25
N SER T 98 30.34 -15.65 10.07
CA SER T 98 30.10 -14.76 11.20
C SER T 98 28.80 -15.13 11.90
N GLY T 99 27.78 -15.52 11.15
CA GLY T 99 26.51 -15.92 11.74
C GLY T 99 26.24 -17.39 11.57
N TYR T 100 27.28 -18.22 11.75
CA TYR T 100 27.15 -19.66 11.63
C TYR T 100 26.57 -20.31 12.86
N ALA T 101 26.23 -19.55 13.90
CA ALA T 101 25.78 -20.13 15.15
C ALA T 101 24.31 -19.91 15.42
N ASP T 102 23.54 -19.51 14.40
CA ASP T 102 22.12 -19.23 14.59
C ASP T 102 21.21 -20.29 13.99
N SER T 103 21.54 -20.79 12.80
CA SER T 103 20.69 -21.76 12.13
C SER T 103 20.63 -23.07 12.93
N LYS T 104 19.42 -23.46 13.32
CA LYS T 104 19.23 -24.65 14.13
C LYS T 104 19.67 -25.92 13.43
N TRP T 105 19.87 -25.89 12.11
CA TRP T 105 20.29 -27.08 11.39
C TRP T 105 21.82 -27.22 11.34
N CYS T 106 22.54 -26.11 11.18
CA CYS T 106 23.97 -26.19 10.92
C CYS T 106 24.72 -26.79 12.11
N LEU T 107 24.52 -26.22 13.30
CA LEU T 107 25.30 -26.65 14.46
C LEU T 107 25.13 -28.15 14.72
N MET T 108 23.88 -28.60 14.87
CA MET T 108 23.64 -30.01 15.15
C MET T 108 24.13 -30.90 14.02
N GLU T 109 24.26 -30.35 12.81
CA GLU T 109 24.89 -31.10 11.73
C GLU T 109 26.41 -31.14 11.91
N LEU T 110 27.01 -30.02 12.33
CA LEU T 110 28.43 -30.02 12.60
C LEU T 110 28.78 -30.97 13.74
N ALA T 111 27.86 -31.12 14.70
CA ALA T 111 28.07 -32.07 15.78
C ALA T 111 28.18 -33.49 15.24
N GLU T 112 27.64 -33.75 14.05
CA GLU T 112 27.78 -35.06 13.43
C GLU T 112 29.05 -35.19 12.61
N ILE T 113 29.64 -34.07 12.18
CA ILE T 113 30.90 -34.14 11.46
C ILE T 113 32.02 -34.51 12.43
N VAL T 114 32.29 -33.62 13.39
CA VAL T 114 33.45 -33.80 14.25
C VAL T 114 33.31 -35.05 15.11
N ARG T 115 32.09 -35.54 15.29
CA ARG T 115 31.90 -36.77 16.05
C ARG T 115 32.30 -37.99 15.24
N ARG T 116 31.85 -38.05 13.99
CA ARG T 116 32.26 -39.15 13.11
C ARG T 116 33.76 -39.12 12.85
N GLN T 117 34.36 -37.94 12.87
CA GLN T 117 35.80 -37.84 12.63
C GLN T 117 36.60 -38.46 13.76
N GLU T 118 36.14 -38.27 15.01
CA GLU T 118 36.90 -38.77 16.14
C GLU T 118 36.92 -40.29 16.23
N GLU T 119 36.00 -40.97 15.56
CA GLU T 119 35.98 -42.43 15.62
C GLU T 119 36.99 -43.02 14.65
N ASP T 120 37.04 -42.51 13.42
CA ASP T 120 38.05 -42.93 12.45
C ASP T 120 38.91 -41.73 12.07
N PRO T 121 40.17 -41.68 12.49
CA PRO T 121 41.02 -40.53 12.17
C PRO T 121 41.66 -40.66 10.79
N ARG T 122 41.15 -41.55 9.95
CA ARG T 122 41.67 -41.66 8.59
C ARG T 122 41.39 -40.39 7.78
N ARG T 123 40.31 -39.69 8.10
CA ARG T 123 39.93 -38.45 7.44
C ARG T 123 40.35 -37.26 8.28
N ILE T 124 40.19 -36.06 7.72
CA ILE T 124 40.73 -34.84 8.29
C ILE T 124 39.69 -33.74 8.21
N ILE T 125 40.05 -32.56 8.73
CA ILE T 125 39.19 -31.38 8.72
C ILE T 125 40.08 -30.16 8.51
N LEU T 126 39.70 -29.30 7.57
CA LEU T 126 40.49 -28.12 7.20
C LEU T 126 39.61 -26.88 7.28
N PRO T 127 39.28 -26.43 8.48
CA PRO T 127 38.37 -25.29 8.62
C PRO T 127 38.95 -24.03 8.02
N ILE T 128 38.07 -23.10 7.67
CA ILE T 128 38.46 -21.83 7.07
C ILE T 128 37.67 -20.72 7.75
N PHE T 129 38.31 -20.01 8.68
CA PHE T 129 37.65 -18.90 9.33
C PHE T 129 37.36 -17.81 8.31
N TYR T 130 36.44 -16.91 8.65
CA TYR T 130 35.93 -15.96 7.66
C TYR T 130 35.39 -14.74 8.39
N MET T 131 36.06 -13.60 8.19
CA MET T 131 35.58 -12.31 8.69
C MET T 131 35.35 -12.33 10.20
N VAL T 132 35.97 -13.28 10.88
CA VAL T 132 35.79 -13.42 12.32
C VAL T 132 37.13 -13.75 12.94
N ASP T 133 37.25 -13.50 14.24
CA ASP T 133 38.49 -13.80 14.93
C ASP T 133 38.58 -15.31 15.20
N PRO T 134 39.79 -15.84 15.26
CA PRO T 134 39.95 -17.23 15.72
C PRO T 134 39.95 -17.32 17.23
N SER T 135 39.24 -16.40 17.88
CA SER T 135 39.04 -16.42 19.32
C SER T 135 37.58 -16.46 19.72
N ASP T 136 36.67 -15.97 18.88
CA ASP T 136 35.25 -16.05 19.12
C ASP T 136 34.67 -17.40 18.73
N VAL T 137 35.52 -18.40 18.50
CA VAL T 137 35.06 -19.72 18.10
C VAL T 137 35.34 -20.79 19.15
N ARG T 138 36.24 -20.47 20.10
CA ARG T 138 36.64 -21.46 21.12
C ARG T 138 35.82 -21.27 22.40
N HIS T 139 35.12 -20.14 22.54
CA HIS T 139 34.37 -19.85 23.77
C HIS T 139 33.00 -19.25 23.49
N GLN T 140 32.57 -19.21 22.24
CA GLN T 140 31.21 -18.83 21.86
C GLN T 140 30.81 -17.45 22.38
N THR T 141 31.79 -16.62 22.73
CA THR T 141 31.51 -15.28 23.21
C THR T 141 31.63 -14.28 22.05
N GLY T 142 31.29 -13.03 22.33
CA GLY T 142 31.41 -11.98 21.32
C GLY T 142 30.15 -11.86 20.46
N CYS T 143 30.20 -12.40 19.24
CA CYS T 143 29.10 -12.32 18.31
C CYS T 143 28.19 -13.55 18.38
N TYR T 144 28.49 -14.49 19.27
CA TYR T 144 27.64 -15.67 19.46
C TYR T 144 26.83 -15.62 20.74
N LYS T 145 27.14 -14.68 21.64
CA LYS T 145 26.44 -14.64 22.92
C LYS T 145 24.95 -14.41 22.73
N LYS T 146 24.60 -13.49 21.83
CA LYS T 146 23.16 -13.27 21.52
C LYS T 146 22.56 -14.58 20.99
N ALA T 147 23.34 -15.35 20.23
CA ALA T 147 22.80 -16.55 19.60
C ALA T 147 22.38 -17.57 20.65
N PHE T 148 23.27 -17.89 21.58
CA PHE T 148 22.95 -18.87 22.61
C PHE T 148 22.18 -18.25 23.78
N ARG T 149 21.87 -16.96 23.71
CA ARG T 149 21.02 -16.34 24.73
C ARG T 149 19.57 -16.72 24.54
N LYS T 150 19.17 -16.99 23.29
CA LYS T 150 17.80 -17.39 22.98
C LYS T 150 17.69 -18.86 22.64
N HIS T 151 18.78 -19.52 22.25
CA HIS T 151 18.75 -20.95 21.98
C HIS T 151 18.59 -21.79 23.23
N ALA T 152 18.76 -21.20 24.42
CA ALA T 152 18.68 -21.94 25.67
C ALA T 152 17.28 -22.00 26.23
N ASN T 153 16.29 -21.40 25.57
CA ASN T 153 14.92 -21.42 26.04
C ASN T 153 14.06 -22.46 25.33
N LYS T 154 14.63 -23.22 24.41
CA LYS T 154 13.89 -24.22 23.65
C LYS T 154 14.36 -25.63 23.90
N PHE T 155 15.65 -25.90 23.72
CA PHE T 155 16.16 -27.27 23.70
C PHE T 155 16.58 -27.72 25.10
N ASP T 156 17.23 -28.87 25.17
CA ASP T 156 17.63 -29.47 26.43
C ASP T 156 18.79 -28.66 27.03
N GLY T 157 19.08 -28.91 28.29
CA GLY T 157 20.20 -28.27 28.96
C GLY T 157 21.48 -29.05 28.78
N GLN T 158 21.41 -30.18 28.08
CA GLN T 158 22.58 -30.98 27.75
C GLN T 158 22.91 -30.98 26.26
N THR T 159 21.91 -30.85 25.38
CA THR T 159 22.19 -30.78 23.96
C THR T 159 23.01 -29.54 23.62
N ILE T 160 22.78 -28.44 24.33
CA ILE T 160 23.55 -27.22 24.08
C ILE T 160 25.00 -27.42 24.48
N GLN T 161 25.24 -28.05 25.62
CA GLN T 161 26.60 -28.38 26.03
C GLN T 161 27.26 -29.34 25.05
N ASN T 162 26.47 -30.11 24.30
CA ASN T 162 27.05 -30.98 23.28
C ASN T 162 27.57 -30.16 22.11
N TRP T 163 26.87 -29.09 21.73
CA TRP T 163 27.35 -28.24 20.65
C TRP T 163 28.61 -27.49 21.03
N LYS T 164 28.58 -26.82 22.19
CA LYS T 164 29.73 -26.03 22.61
C LYS T 164 30.96 -26.89 22.82
N ASP T 165 30.79 -28.19 23.06
CA ASP T 165 31.93 -29.09 23.16
C ASP T 165 32.46 -29.45 21.78
N ALA T 166 31.58 -29.54 20.78
CA ALA T 166 32.03 -29.87 19.44
C ALA T 166 32.52 -28.63 18.69
N LEU T 167 31.80 -27.51 18.83
CA LEU T 167 32.21 -26.29 18.14
C LEU T 167 33.57 -25.81 18.61
N LYS T 168 33.95 -26.12 19.85
CA LYS T 168 35.22 -25.67 20.38
C LYS T 168 36.39 -26.34 19.68
N LYS T 169 36.34 -27.67 19.58
CA LYS T 169 37.50 -28.41 19.07
C LYS T 169 37.77 -28.07 17.61
N VAL T 170 36.77 -27.59 16.88
CA VAL T 170 37.00 -27.18 15.51
C VAL T 170 37.96 -26.00 15.45
N GLY T 171 37.86 -25.09 16.43
CA GLY T 171 38.69 -23.90 16.44
C GLY T 171 40.08 -24.10 17.00
N ASP T 172 40.60 -25.32 16.90
CA ASP T 172 41.97 -25.63 17.29
C ASP T 172 42.83 -26.17 16.16
N LEU T 173 42.23 -26.69 15.09
CA LEU T 173 43.00 -27.21 13.98
C LEU T 173 43.54 -26.07 13.12
N LYS T 174 44.27 -26.46 12.06
CA LYS T 174 44.89 -25.46 11.16
C LYS T 174 43.78 -24.78 10.34
N GLY T 175 44.00 -23.53 9.92
CA GLY T 175 43.02 -22.81 9.16
C GLY T 175 43.45 -21.47 8.60
N TRP T 176 43.17 -21.24 7.32
CA TRP T 176 43.49 -19.97 6.68
C TRP T 176 42.52 -18.90 7.14
N HIS T 177 43.01 -17.93 7.91
CA HIS T 177 42.21 -16.77 8.26
C HIS T 177 42.16 -15.82 7.07
N ILE T 178 40.98 -15.28 6.80
CA ILE T 178 40.77 -14.35 5.68
C ILE T 178 40.40 -13.00 6.29
N GLY T 179 41.35 -12.08 6.31
CA GLY T 179 41.09 -10.76 6.85
C GLY T 179 40.34 -9.88 5.87
N LYS T 180 40.11 -8.63 6.29
CA LYS T 180 39.36 -7.68 5.49
C LYS T 180 40.03 -7.33 4.17
N ASP T 181 41.34 -7.53 4.05
CA ASP T 181 42.08 -7.11 2.86
C ASP T 181 42.57 -8.26 2.00
N ASP T 182 42.67 -9.47 2.55
CA ASP T 182 43.19 -10.60 1.79
C ASP T 182 42.36 -10.81 0.53
N GLU T 183 43.03 -11.23 -0.54
CA GLU T 183 42.37 -11.42 -1.83
C GLU T 183 41.45 -12.62 -1.76
N GLN T 184 40.16 -12.40 -2.02
CA GLN T 184 39.21 -13.50 -2.06
C GLN T 184 39.49 -14.47 -3.20
N GLY T 185 40.47 -14.17 -4.05
CA GLY T 185 40.76 -15.02 -5.22
C GLY T 185 42.02 -15.84 -5.03
N ALA T 186 43.11 -15.21 -4.60
CA ALA T 186 44.40 -15.92 -4.43
C ALA T 186 44.27 -17.00 -3.36
N ILE T 187 43.51 -16.72 -2.30
CA ILE T 187 43.31 -17.72 -1.20
C ILE T 187 42.70 -19.00 -1.82
N ALA T 188 41.66 -18.84 -2.64
CA ALA T 188 40.99 -20.01 -3.27
C ALA T 188 42.03 -20.91 -3.95
N ASP T 189 42.88 -20.33 -4.81
CA ASP T 189 43.86 -21.17 -5.57
C ASP T 189 44.81 -21.86 -4.59
N LYS T 190 45.27 -21.13 -3.57
CA LYS T 190 46.22 -21.70 -2.57
C LYS T 190 45.53 -22.83 -1.81
N VAL T 191 44.27 -22.66 -1.43
CA VAL T 191 43.61 -23.70 -0.59
C VAL T 191 43.19 -24.88 -1.47
N SER T 192 42.88 -24.64 -2.75
CA SER T 192 42.40 -25.74 -3.58
C SER T 192 43.49 -26.78 -3.78
N ALA T 193 44.71 -26.33 -4.09
CA ALA T 193 45.82 -27.26 -4.33
C ALA T 193 46.11 -28.10 -3.10
N ASP T 194 45.95 -27.52 -1.90
CA ASP T 194 46.12 -28.30 -0.68
C ASP T 194 45.07 -29.38 -0.54
N ILE T 195 43.92 -29.22 -1.19
CA ILE T 195 42.95 -30.30 -1.26
C ILE T 195 43.30 -31.25 -2.39
N TRP T 196 43.94 -30.75 -3.43
CA TRP T 196 44.34 -31.59 -4.55
C TRP T 196 45.67 -32.29 -4.30
N SER T 197 46.48 -31.81 -3.35
CA SER T 197 47.73 -32.48 -3.05
C SER T 197 47.49 -33.78 -2.29
N HIS T 198 46.44 -33.83 -1.47
CA HIS T 198 46.14 -35.03 -0.71
C HIS T 198 45.37 -36.07 -1.52
N ILE T 199 45.17 -35.83 -2.81
CA ILE T 199 44.46 -36.77 -3.68
C ILE T 199 45.39 -37.42 -4.69
N SER T 200 46.21 -36.62 -5.37
CA SER T 200 47.14 -37.17 -6.36
C SER T 200 48.20 -38.03 -5.70
N LYS T 201 48.87 -37.49 -4.68
CA LYS T 201 49.89 -38.25 -3.96
C LYS T 201 49.30 -39.31 -3.05
N GLU T 202 48.05 -39.14 -2.63
CA GLU T 202 47.36 -40.09 -1.75
C GLU T 202 48.15 -40.34 -0.47
#